data_2M72
#
_entry.id   2M72
#
_entity_poly.entity_id   1
_entity_poly.type   'polypeptide(L)'
_entity_poly.pdbx_seq_one_letter_code
;MSLNTYAQLPAVSLKNIEGKTVQTNKLENAGKPMIISFFATNCKPCLRELKAIQEVYADWQDETGVRLIAVSIDEGQNAQ
KVKPLADGNGWEYEVLLDSNGDFKRAMNVSLIPAVFIVDGNGKIVYNHTGYTEGGEAELIKKVRELVKEGHHHHHH
;
_entity_poly.pdbx_strand_id   A
#
# COMPACT_ATOMS: atom_id res chain seq x y z
N ASN A 4 -15.19 -1.42 -10.87
CA ASN A 4 -14.06 -0.53 -10.65
C ASN A 4 -13.53 -0.67 -9.23
N THR A 5 -12.22 -0.80 -9.10
CA THR A 5 -11.57 -0.90 -7.80
C THR A 5 -10.10 -0.43 -7.91
N TYR A 6 -9.90 0.87 -8.06
CA TYR A 6 -8.55 1.42 -8.16
C TYR A 6 -8.06 1.83 -6.80
N ALA A 7 -7.34 2.91 -6.78
CA ALA A 7 -6.78 3.43 -5.57
C ALA A 7 -6.87 4.95 -5.56
N GLN A 8 -7.70 5.48 -6.48
CA GLN A 8 -7.91 6.94 -6.63
C GLN A 8 -6.57 7.67 -6.72
N LEU A 9 -5.66 7.11 -7.47
CA LEU A 9 -4.33 7.64 -7.60
C LEU A 9 -4.20 8.61 -8.78
N PRO A 10 -3.28 9.59 -8.69
CA PRO A 10 -3.01 10.55 -9.76
C PRO A 10 -2.49 9.87 -11.02
N ALA A 11 -2.66 10.51 -12.16
CA ALA A 11 -2.20 9.94 -13.43
C ALA A 11 -0.66 9.94 -13.51
N VAL A 12 -0.07 8.94 -12.88
CA VAL A 12 1.38 8.77 -12.86
C VAL A 12 1.74 7.36 -13.36
N SER A 13 2.72 7.29 -14.23
CA SER A 13 3.16 6.00 -14.76
C SER A 13 4.28 5.43 -13.90
N LEU A 14 4.00 4.28 -13.29
CA LEU A 14 4.96 3.62 -12.42
C LEU A 14 5.37 2.28 -12.99
N LYS A 15 6.34 1.64 -12.36
CA LYS A 15 6.81 0.36 -12.83
C LYS A 15 6.54 -0.71 -11.78
N ASN A 16 5.91 -1.81 -12.18
CA ASN A 16 5.59 -2.87 -11.24
C ASN A 16 6.70 -3.91 -11.21
N ILE A 17 6.47 -4.99 -10.46
CA ILE A 17 7.47 -6.05 -10.32
C ILE A 17 7.70 -6.79 -11.63
N GLU A 18 6.73 -6.71 -12.52
CA GLU A 18 6.82 -7.39 -13.80
C GLU A 18 7.65 -6.57 -14.80
N GLY A 19 7.95 -5.33 -14.42
CA GLY A 19 8.69 -4.45 -15.30
C GLY A 19 7.78 -3.86 -16.35
N LYS A 20 6.50 -3.86 -16.06
CA LYS A 20 5.50 -3.35 -16.95
C LYS A 20 5.10 -1.96 -16.48
N THR A 21 4.88 -1.08 -17.42
CA THR A 21 4.47 0.27 -17.10
C THR A 21 3.02 0.28 -16.70
N VAL A 22 2.78 0.53 -15.45
CA VAL A 22 1.44 0.57 -14.93
C VAL A 22 1.11 1.95 -14.44
N GLN A 23 -0.03 2.45 -14.84
CA GLN A 23 -0.45 3.74 -14.43
C GLN A 23 -1.27 3.62 -13.16
N THR A 24 -0.97 4.45 -12.20
CA THR A 24 -1.60 4.40 -10.90
C THR A 24 -3.09 4.75 -10.96
N ASN A 25 -3.44 5.60 -11.90
CA ASN A 25 -4.84 6.02 -12.08
C ASN A 25 -5.71 4.80 -12.44
N LYS A 26 -5.13 3.86 -13.19
CA LYS A 26 -5.85 2.66 -13.62
C LYS A 26 -5.46 1.44 -12.77
N LEU A 27 -4.71 1.66 -11.71
CA LEU A 27 -4.24 0.55 -10.89
C LEU A 27 -5.36 -0.10 -10.11
N GLU A 28 -5.62 -1.36 -10.41
CA GLU A 28 -6.65 -2.13 -9.74
C GLU A 28 -6.11 -3.46 -9.25
N ASN A 29 -6.56 -3.87 -8.07
CA ASN A 29 -6.16 -5.16 -7.51
C ASN A 29 -7.00 -6.28 -8.10
N ALA A 30 -8.24 -6.38 -7.62
CA ALA A 30 -9.17 -7.41 -8.07
C ALA A 30 -10.53 -7.23 -7.40
N GLY A 31 -10.87 -5.98 -7.07
CA GLY A 31 -12.13 -5.72 -6.40
C GLY A 31 -11.98 -5.67 -4.90
N LYS A 32 -10.75 -5.83 -4.43
CA LYS A 32 -10.45 -5.84 -3.01
C LYS A 32 -9.69 -4.58 -2.62
N PRO A 33 -9.83 -4.14 -1.34
CA PRO A 33 -9.16 -2.95 -0.82
C PRO A 33 -7.64 -3.10 -0.82
N MET A 34 -6.95 -1.99 -0.89
CA MET A 34 -5.49 -2.00 -0.98
C MET A 34 -4.87 -1.02 0.00
N ILE A 35 -3.69 -1.35 0.49
CA ILE A 35 -2.95 -0.48 1.39
C ILE A 35 -1.61 -0.20 0.76
N ILE A 36 -1.33 1.05 0.52
CA ILE A 36 -0.06 1.45 -0.09
C ILE A 36 0.91 1.92 0.98
N SER A 37 2.03 1.24 1.09
CA SER A 37 3.06 1.60 2.03
C SER A 37 4.20 2.31 1.32
N PHE A 38 4.44 3.56 1.70
CA PHE A 38 5.51 4.33 1.13
C PHE A 38 6.74 4.19 1.98
N PHE A 39 7.80 3.63 1.40
CA PHE A 39 9.01 3.39 2.15
C PHE A 39 10.25 3.61 1.27
N ALA A 40 11.39 3.76 1.91
CA ALA A 40 12.64 4.03 1.20
C ALA A 40 13.25 2.76 0.62
N THR A 41 14.34 2.92 -0.10
CA THR A 41 14.99 1.80 -0.76
C THR A 41 15.95 1.04 0.16
N ASN A 42 15.94 1.38 1.44
CA ASN A 42 16.75 0.66 2.43
C ASN A 42 16.24 0.94 3.84
N CYS A 43 15.21 0.21 4.24
CA CYS A 43 14.65 0.35 5.58
C CYS A 43 14.02 -0.96 6.04
N LYS A 44 14.08 -1.21 7.34
CA LYS A 44 13.46 -2.39 7.93
C LYS A 44 12.52 -2.02 9.10
N PRO A 45 13.03 -1.39 10.21
CA PRO A 45 12.19 -1.06 11.37
C PRO A 45 11.25 0.10 11.08
N CYS A 46 11.56 0.83 10.02
CA CYS A 46 10.75 1.94 9.60
C CYS A 46 9.42 1.42 9.03
N LEU A 47 9.46 0.18 8.54
CA LEU A 47 8.31 -0.45 7.94
C LEU A 47 7.46 -1.10 9.05
N ARG A 48 7.05 -0.27 9.99
CA ARG A 48 6.32 -0.73 11.14
C ARG A 48 4.97 -1.34 10.76
N GLU A 49 4.25 -0.68 9.89
CA GLU A 49 2.96 -1.17 9.43
C GLU A 49 3.13 -2.39 8.56
N LEU A 50 4.05 -2.30 7.63
CA LEU A 50 4.26 -3.34 6.66
C LEU A 50 4.66 -4.65 7.36
N LYS A 51 5.55 -4.54 8.34
CA LYS A 51 6.00 -5.69 9.11
C LYS A 51 4.84 -6.33 9.89
N ALA A 52 4.09 -5.50 10.60
CA ALA A 52 2.98 -5.97 11.42
C ALA A 52 1.90 -6.61 10.55
N ILE A 53 1.56 -5.94 9.47
CA ILE A 53 0.55 -6.44 8.56
C ILE A 53 1.02 -7.74 7.94
N GLN A 54 2.29 -7.80 7.55
CA GLN A 54 2.86 -9.01 6.95
C GLN A 54 2.63 -10.23 7.86
N GLU A 55 2.81 -10.05 9.17
CA GLU A 55 2.68 -11.14 10.12
C GLU A 55 1.23 -11.64 10.20
N VAL A 56 0.28 -10.72 10.13
CA VAL A 56 -1.15 -11.06 10.20
C VAL A 56 -1.85 -10.86 8.84
N TYR A 57 -1.05 -10.86 7.78
CA TYR A 57 -1.52 -10.59 6.41
C TYR A 57 -2.61 -11.57 5.97
N ALA A 58 -2.41 -12.85 6.24
CA ALA A 58 -3.39 -13.85 5.85
C ALA A 58 -4.72 -13.62 6.57
N ASP A 59 -4.64 -13.20 7.83
CA ASP A 59 -5.85 -12.90 8.61
C ASP A 59 -6.63 -11.76 7.99
N TRP A 60 -5.91 -10.75 7.53
CA TRP A 60 -6.55 -9.61 6.91
C TRP A 60 -7.15 -9.98 5.56
N GLN A 61 -6.42 -10.78 4.80
CA GLN A 61 -6.93 -11.28 3.53
C GLN A 61 -8.13 -12.16 3.74
N ASP A 62 -8.12 -12.86 4.85
CA ASP A 62 -9.20 -13.76 5.20
C ASP A 62 -10.49 -12.98 5.37
N GLU A 63 -10.36 -11.81 5.97
CA GLU A 63 -11.50 -10.96 6.24
C GLU A 63 -11.83 -10.05 5.07
N THR A 64 -11.19 -8.91 5.02
CA THR A 64 -11.46 -7.91 4.00
C THR A 64 -10.81 -8.25 2.67
N GLY A 65 -9.85 -9.15 2.72
CA GLY A 65 -9.13 -9.51 1.50
C GLY A 65 -8.20 -8.41 1.04
N VAL A 66 -7.88 -7.49 1.95
CA VAL A 66 -7.00 -6.36 1.63
C VAL A 66 -5.57 -6.82 1.26
N ARG A 67 -4.99 -6.16 0.26
CA ARG A 67 -3.62 -6.45 -0.16
C ARG A 67 -2.72 -5.27 0.12
N LEU A 68 -1.41 -5.50 0.09
CA LEU A 68 -0.45 -4.45 0.36
C LEU A 68 0.35 -4.10 -0.88
N ILE A 69 0.48 -2.84 -1.12
CA ILE A 69 1.26 -2.33 -2.21
C ILE A 69 2.48 -1.64 -1.66
N ALA A 70 3.63 -2.25 -1.87
CA ALA A 70 4.88 -1.70 -1.41
C ALA A 70 5.46 -0.80 -2.47
N VAL A 71 5.49 0.50 -2.23
CA VAL A 71 5.97 1.44 -3.24
C VAL A 71 7.25 2.13 -2.83
N SER A 72 8.17 2.16 -3.77
CA SER A 72 9.46 2.75 -3.57
C SER A 72 9.40 4.25 -3.84
N ILE A 73 9.74 5.04 -2.82
CA ILE A 73 9.77 6.50 -2.90
C ILE A 73 11.10 6.99 -3.49
N ASP A 74 11.62 6.24 -4.41
CA ASP A 74 12.91 6.54 -5.00
C ASP A 74 12.78 6.50 -6.51
N GLU A 75 13.89 6.50 -7.20
CA GLU A 75 13.89 6.37 -8.65
C GLU A 75 14.09 4.92 -9.01
N GLY A 76 13.82 4.57 -10.26
CA GLY A 76 13.91 3.19 -10.69
C GLY A 76 15.30 2.61 -10.53
N GLN A 77 16.31 3.41 -10.78
CA GLN A 77 17.69 2.96 -10.65
C GLN A 77 18.00 2.51 -9.22
N ASN A 78 17.52 3.27 -8.24
CA ASN A 78 17.76 2.97 -6.83
C ASN A 78 16.79 1.92 -6.33
N ALA A 79 15.59 1.94 -6.88
CA ALA A 79 14.52 1.03 -6.51
C ALA A 79 14.80 -0.41 -6.95
N GLN A 80 15.88 -0.60 -7.69
CA GLN A 80 16.29 -1.92 -8.11
C GLN A 80 16.61 -2.80 -6.89
N LYS A 81 16.74 -2.16 -5.73
CA LYS A 81 17.03 -2.88 -4.50
C LYS A 81 15.75 -3.23 -3.73
N VAL A 82 14.62 -2.66 -4.14
CA VAL A 82 13.35 -2.86 -3.43
C VAL A 82 12.85 -4.28 -3.59
N LYS A 83 12.87 -4.75 -4.81
CA LYS A 83 12.37 -6.06 -5.14
C LYS A 83 13.19 -7.19 -4.49
N PRO A 84 14.55 -7.13 -4.50
CA PRO A 84 15.36 -8.11 -3.80
C PRO A 84 15.06 -8.09 -2.29
N LEU A 85 14.71 -6.91 -1.75
CA LEU A 85 14.30 -6.80 -0.34
C LEU A 85 13.04 -7.61 -0.14
N ALA A 86 12.13 -7.46 -1.08
CA ALA A 86 10.85 -8.14 -1.05
C ALA A 86 11.03 -9.64 -1.04
N ASP A 87 11.92 -10.11 -1.90
CA ASP A 87 12.16 -11.54 -2.04
C ASP A 87 12.90 -12.08 -0.82
N GLY A 88 13.93 -11.37 -0.39
CA GLY A 88 14.73 -11.79 0.74
C GLY A 88 13.98 -11.79 2.04
N ASN A 89 13.29 -10.69 2.32
CA ASN A 89 12.52 -10.55 3.55
C ASN A 89 11.32 -11.49 3.58
N GLY A 90 10.73 -11.73 2.41
CA GLY A 90 9.59 -12.61 2.34
C GLY A 90 8.29 -11.86 2.30
N TRP A 91 8.17 -10.90 1.38
CA TRP A 91 6.95 -10.13 1.25
C TRP A 91 5.94 -10.86 0.37
N GLU A 92 4.71 -10.93 0.84
CA GLU A 92 3.65 -11.69 0.15
C GLU A 92 2.69 -10.75 -0.59
N TYR A 93 3.20 -9.64 -1.10
CA TYR A 93 2.35 -8.66 -1.75
C TYR A 93 3.06 -7.98 -2.91
N GLU A 94 2.35 -7.07 -3.57
CA GLU A 94 2.87 -6.43 -4.77
C GLU A 94 3.82 -5.29 -4.45
N VAL A 95 4.87 -5.16 -5.24
CA VAL A 95 5.86 -4.14 -5.05
C VAL A 95 5.96 -3.24 -6.29
N LEU A 96 6.01 -1.94 -6.06
CA LEU A 96 6.06 -0.94 -7.12
C LEU A 96 7.29 -0.09 -6.98
N LEU A 97 7.90 0.19 -8.10
CA LEU A 97 9.08 1.02 -8.13
C LEU A 97 8.73 2.33 -8.81
N ASP A 98 8.88 3.45 -8.11
CA ASP A 98 8.67 4.73 -8.78
C ASP A 98 9.86 5.01 -9.69
N SER A 99 9.60 5.10 -10.98
CA SER A 99 10.64 5.34 -11.95
C SER A 99 10.80 6.83 -12.27
N ASN A 100 10.03 7.66 -11.58
CA ASN A 100 10.06 9.09 -11.84
C ASN A 100 10.42 9.86 -10.56
N GLY A 101 9.91 9.40 -9.44
CA GLY A 101 10.17 10.03 -8.16
C GLY A 101 9.14 11.09 -7.83
N ASP A 102 8.09 11.14 -8.64
CA ASP A 102 7.04 12.14 -8.47
C ASP A 102 5.83 11.59 -7.74
N PHE A 103 5.72 10.25 -7.69
CA PHE A 103 4.58 9.60 -7.04
C PHE A 103 4.54 9.94 -5.55
N LYS A 104 5.71 9.89 -4.91
CA LYS A 104 5.83 10.26 -3.50
C LYS A 104 5.38 11.70 -3.27
N ARG A 105 5.68 12.56 -4.22
CA ARG A 105 5.33 13.97 -4.13
C ARG A 105 3.82 14.17 -4.30
N ALA A 106 3.26 13.41 -5.23
CA ALA A 106 1.84 13.47 -5.56
C ALA A 106 0.99 13.07 -4.38
N MET A 107 1.43 12.10 -3.61
CA MET A 107 0.66 11.65 -2.47
C MET A 107 1.16 12.31 -1.18
N ASN A 108 2.31 12.98 -1.28
CA ASN A 108 2.94 13.70 -0.16
C ASN A 108 3.45 12.75 0.92
N VAL A 109 4.70 12.39 0.81
CA VAL A 109 5.32 11.55 1.82
C VAL A 109 6.10 12.43 2.78
N SER A 110 5.39 12.98 3.76
CA SER A 110 5.99 13.86 4.75
C SER A 110 7.04 13.10 5.57
N LEU A 111 6.67 11.95 6.06
CA LEU A 111 7.54 11.11 6.84
C LEU A 111 7.16 9.66 6.66
N ILE A 112 8.15 8.82 6.42
CA ILE A 112 7.89 7.41 6.30
C ILE A 112 7.87 6.78 7.69
N PRO A 113 7.07 5.73 7.90
CA PRO A 113 6.23 5.13 6.84
C PRO A 113 4.96 5.95 6.54
N ALA A 114 4.52 5.92 5.29
CA ALA A 114 3.27 6.61 4.93
C ALA A 114 2.22 5.60 4.50
N VAL A 115 1.03 5.69 5.09
CA VAL A 115 0.00 4.70 4.84
C VAL A 115 -1.20 5.29 4.11
N PHE A 116 -1.52 4.73 2.97
CA PHE A 116 -2.70 5.09 2.23
C PHE A 116 -3.58 3.87 2.06
N ILE A 117 -4.76 3.90 2.64
CA ILE A 117 -5.66 2.77 2.59
C ILE A 117 -6.78 3.04 1.59
N VAL A 118 -7.00 2.08 0.75
CA VAL A 118 -8.01 2.15 -0.28
C VAL A 118 -9.16 1.22 0.05
N ASP A 119 -10.36 1.74 -0.01
CA ASP A 119 -11.58 1.00 0.28
C ASP A 119 -11.92 0.03 -0.86
N GLY A 120 -12.82 -0.92 -0.57
CA GLY A 120 -13.23 -1.90 -1.55
C GLY A 120 -13.82 -1.29 -2.81
N ASN A 121 -14.27 -0.05 -2.72
CA ASN A 121 -14.84 0.65 -3.87
C ASN A 121 -13.75 1.28 -4.73
N GLY A 122 -12.50 1.05 -4.36
CA GLY A 122 -11.39 1.56 -5.14
C GLY A 122 -11.15 3.03 -4.93
N LYS A 123 -11.41 3.49 -3.72
CA LYS A 123 -11.24 4.89 -3.39
C LYS A 123 -10.35 5.02 -2.17
N ILE A 124 -9.65 6.14 -2.04
CA ILE A 124 -8.80 6.36 -0.89
C ILE A 124 -9.68 6.70 0.31
N VAL A 125 -9.63 5.88 1.33
CA VAL A 125 -10.48 6.03 2.48
C VAL A 125 -9.72 6.53 3.72
N TYR A 126 -8.45 6.17 3.82
CA TYR A 126 -7.65 6.53 4.98
C TYR A 126 -6.23 6.89 4.60
N ASN A 127 -5.71 7.90 5.25
CA ASN A 127 -4.34 8.32 5.06
C ASN A 127 -3.69 8.62 6.39
N HIS A 128 -2.51 8.07 6.59
CA HIS A 128 -1.75 8.30 7.80
C HIS A 128 -0.29 8.41 7.44
N THR A 129 0.23 9.62 7.43
CA THR A 129 1.60 9.83 7.03
C THR A 129 2.49 10.09 8.25
N GLY A 130 3.47 9.23 8.43
CA GLY A 130 4.44 9.40 9.50
C GLY A 130 3.87 9.24 10.90
N TYR A 131 3.10 8.19 11.14
CA TYR A 131 2.58 7.93 12.48
C TYR A 131 3.74 7.56 13.41
N THR A 132 4.61 6.70 12.89
CA THR A 132 5.83 6.25 13.56
C THR A 132 5.56 5.58 14.93
N GLU A 133 5.30 4.26 14.89
CA GLU A 133 5.03 3.43 16.09
C GLU A 133 3.64 3.71 16.68
N GLY A 134 2.87 2.66 16.87
CA GLY A 134 1.55 2.80 17.47
C GLY A 134 0.47 3.03 16.44
N GLY A 135 0.91 3.31 15.23
CA GLY A 135 0.01 3.59 14.14
C GLY A 135 -0.70 2.36 13.65
N GLU A 136 -0.09 1.21 13.93
CA GLU A 136 -0.59 -0.09 13.49
C GLU A 136 -2.02 -0.31 13.97
N ALA A 137 -2.33 0.29 15.12
CA ALA A 137 -3.63 0.17 15.73
C ALA A 137 -4.68 0.78 14.83
N GLU A 138 -4.32 1.88 14.21
CA GLU A 138 -5.21 2.58 13.33
C GLU A 138 -5.41 1.80 12.03
N LEU A 139 -4.36 1.06 11.63
CA LEU A 139 -4.42 0.25 10.41
C LEU A 139 -5.52 -0.79 10.51
N ILE A 140 -5.49 -1.56 11.60
CA ILE A 140 -6.48 -2.61 11.82
C ILE A 140 -7.86 -2.03 12.09
N LYS A 141 -7.88 -0.88 12.74
CA LYS A 141 -9.12 -0.22 13.07
C LYS A 141 -9.89 0.16 11.82
N LYS A 142 -9.20 0.77 10.86
CA LYS A 142 -9.83 1.18 9.60
C LYS A 142 -10.26 -0.07 8.81
N VAL A 143 -9.50 -1.14 8.96
CA VAL A 143 -9.84 -2.41 8.31
C VAL A 143 -11.20 -2.89 8.81
N ARG A 144 -11.42 -2.76 10.10
CA ARG A 144 -12.68 -3.17 10.71
C ARG A 144 -13.82 -2.31 10.20
N GLU A 145 -13.52 -1.03 9.96
CA GLU A 145 -14.51 -0.09 9.43
C GLU A 145 -15.02 -0.59 8.08
N LEU A 146 -14.09 -1.09 7.27
CA LEU A 146 -14.42 -1.63 5.95
C LEU A 146 -15.29 -2.88 6.09
N VAL A 147 -14.97 -3.71 7.08
CA VAL A 147 -15.70 -4.94 7.34
C VAL A 147 -17.15 -4.65 7.71
N LYS A 148 -17.35 -3.69 8.61
CA LYS A 148 -18.69 -3.31 9.04
C LYS A 148 -19.49 -2.71 7.89
N GLU A 149 -18.83 -1.95 7.04
CA GLU A 149 -19.50 -1.34 5.90
C GLU A 149 -19.92 -2.42 4.89
N GLY A 150 -19.11 -3.48 4.80
CA GLY A 150 -19.44 -4.59 3.94
C GLY A 150 -20.55 -5.44 4.53
N HIS A 151 -21.77 -5.01 4.35
CA HIS A 151 -22.92 -5.72 4.87
C HIS A 151 -23.20 -6.96 4.02
N HIS A 152 -23.73 -8.00 4.66
CA HIS A 152 -23.97 -9.26 3.98
C HIS A 152 -25.25 -9.22 3.16
N HIS A 153 -25.09 -9.30 1.82
CA HIS A 153 -26.20 -9.35 0.86
C HIS A 153 -27.11 -8.12 0.94
N HIS A 154 -26.62 -7.06 1.54
CA HIS A 154 -27.40 -5.84 1.70
C HIS A 154 -26.46 -4.66 1.95
N HIS A 155 -26.99 -3.46 2.04
CA HIS A 155 -26.17 -2.29 2.26
C HIS A 155 -26.59 -1.54 3.54
N HIS A 156 -27.43 -2.17 4.33
CA HIS A 156 -27.91 -1.55 5.56
C HIS A 156 -28.01 -2.59 6.66
N ASN A 4 -15.34 0.04 -9.88
CA ASN A 4 -13.99 0.45 -10.21
C ASN A 4 -13.10 0.25 -9.01
N THR A 5 -12.32 -0.81 -9.02
CA THR A 5 -11.47 -1.12 -7.89
C THR A 5 -10.03 -0.69 -8.11
N TYR A 6 -9.83 0.62 -8.27
CA TYR A 6 -8.50 1.18 -8.37
C TYR A 6 -8.15 1.74 -7.00
N ALA A 7 -7.62 2.94 -7.02
CA ALA A 7 -7.31 3.69 -5.85
C ALA A 7 -7.45 5.16 -6.20
N GLN A 8 -7.69 6.01 -5.22
CA GLN A 8 -7.81 7.45 -5.51
C GLN A 8 -6.44 8.02 -5.77
N LEU A 9 -5.92 7.74 -6.95
CA LEU A 9 -4.59 8.13 -7.31
C LEU A 9 -4.56 9.09 -8.48
N PRO A 10 -3.68 10.09 -8.41
CA PRO A 10 -3.45 11.03 -9.50
C PRO A 10 -2.89 10.31 -10.72
N ALA A 11 -3.09 10.89 -11.89
CA ALA A 11 -2.61 10.29 -13.13
C ALA A 11 -1.08 10.33 -13.19
N VAL A 12 -0.45 9.28 -12.70
CA VAL A 12 1.00 9.18 -12.69
C VAL A 12 1.42 7.81 -13.20
N SER A 13 2.62 7.73 -13.73
CA SER A 13 3.18 6.49 -14.22
C SER A 13 4.10 5.90 -13.15
N LEU A 14 3.96 4.61 -12.89
CA LEU A 14 4.76 3.95 -11.89
C LEU A 14 5.33 2.66 -12.48
N LYS A 15 6.32 2.08 -11.82
CA LYS A 15 6.93 0.88 -12.35
C LYS A 15 6.64 -0.30 -11.43
N ASN A 16 6.16 -1.39 -12.01
CA ASN A 16 5.81 -2.59 -11.21
C ASN A 16 6.94 -3.60 -11.15
N ILE A 17 6.65 -4.75 -10.53
CA ILE A 17 7.63 -5.84 -10.38
C ILE A 17 7.98 -6.49 -11.71
N GLU A 18 7.13 -6.28 -12.70
CA GLU A 18 7.35 -6.86 -14.01
C GLU A 18 8.28 -6.00 -14.83
N GLY A 19 8.52 -4.79 -14.36
CA GLY A 19 9.32 -3.84 -15.10
C GLY A 19 8.49 -3.18 -16.16
N LYS A 20 7.20 -3.28 -15.98
CA LYS A 20 6.22 -2.74 -16.88
C LYS A 20 5.74 -1.38 -16.39
N THR A 21 5.45 -0.50 -17.33
CA THR A 21 4.94 0.80 -17.02
C THR A 21 3.44 0.72 -16.73
N VAL A 22 3.09 1.00 -15.49
CA VAL A 22 1.71 0.96 -15.08
C VAL A 22 1.27 2.31 -14.55
N GLN A 23 0.11 2.75 -14.98
CA GLN A 23 -0.41 4.02 -14.53
C GLN A 23 -1.22 3.82 -13.27
N THR A 24 -1.00 4.68 -12.30
CA THR A 24 -1.62 4.57 -11.00
C THR A 24 -3.14 4.76 -11.06
N ASN A 25 -3.59 5.56 -11.99
CA ASN A 25 -5.02 5.82 -12.17
C ASN A 25 -5.78 4.54 -12.56
N LYS A 26 -5.09 3.63 -13.24
CA LYS A 26 -5.69 2.40 -13.73
C LYS A 26 -5.23 1.17 -12.94
N LEU A 27 -4.65 1.39 -11.77
CA LEU A 27 -4.07 0.29 -11.01
C LEU A 27 -5.15 -0.51 -10.26
N GLU A 28 -5.51 -1.67 -10.81
CA GLU A 28 -6.47 -2.58 -10.19
C GLU A 28 -5.81 -3.93 -9.91
N ASN A 29 -5.83 -4.36 -8.65
CA ASN A 29 -5.23 -5.65 -8.28
C ASN A 29 -6.04 -6.84 -8.80
N ALA A 30 -7.37 -6.73 -8.67
CA ALA A 30 -8.31 -7.77 -9.09
C ALA A 30 -9.72 -7.35 -8.70
N GLY A 31 -9.82 -6.74 -7.53
CA GLY A 31 -11.12 -6.32 -7.03
C GLY A 31 -11.15 -6.32 -5.52
N LYS A 32 -10.00 -6.02 -4.91
CA LYS A 32 -9.86 -6.03 -3.47
C LYS A 32 -9.26 -4.73 -2.97
N PRO A 33 -9.58 -4.32 -1.72
CA PRO A 33 -9.04 -3.10 -1.12
C PRO A 33 -7.52 -3.15 -1.02
N MET A 34 -6.90 -1.98 -0.98
CA MET A 34 -5.43 -1.90 -1.06
C MET A 34 -4.85 -1.04 0.05
N ILE A 35 -3.62 -1.32 0.41
CA ILE A 35 -2.88 -0.51 1.36
C ILE A 35 -1.55 -0.16 0.73
N ILE A 36 -1.31 1.11 0.52
CA ILE A 36 -0.06 1.54 -0.08
C ILE A 36 0.91 1.97 1.00
N SER A 37 2.03 1.27 1.08
CA SER A 37 3.03 1.60 2.08
C SER A 37 4.20 2.30 1.41
N PHE A 38 4.42 3.56 1.79
CA PHE A 38 5.55 4.32 1.28
C PHE A 38 6.72 4.14 2.18
N PHE A 39 7.77 3.53 1.66
CA PHE A 39 8.94 3.24 2.48
C PHE A 39 10.24 3.53 1.75
N ALA A 40 11.32 3.52 2.50
CA ALA A 40 12.64 3.81 1.98
C ALA A 40 13.36 2.53 1.60
N THR A 41 14.43 2.68 0.88
CA THR A 41 15.22 1.57 0.46
C THR A 41 16.07 1.01 1.62
N ASN A 42 15.90 -0.28 1.84
CA ASN A 42 16.64 -1.05 2.85
C ASN A 42 16.48 -0.50 4.27
N CYS A 43 15.30 -0.01 4.58
CA CYS A 43 15.01 0.42 5.94
C CYS A 43 14.08 -0.58 6.60
N LYS A 44 14.69 -1.63 7.14
CA LYS A 44 13.95 -2.77 7.70
C LYS A 44 13.06 -2.41 8.92
N PRO A 45 13.64 -1.81 10.01
CA PRO A 45 12.88 -1.51 11.25
C PRO A 45 11.83 -0.44 11.05
N CYS A 46 12.00 0.35 10.01
CA CYS A 46 11.08 1.41 9.71
C CYS A 46 9.76 0.86 9.19
N LEU A 47 9.78 -0.39 8.73
CA LEU A 47 8.59 -1.01 8.17
C LEU A 47 7.75 -1.65 9.26
N ARG A 48 7.29 -0.84 10.20
CA ARG A 48 6.48 -1.31 11.30
C ARG A 48 5.14 -1.85 10.80
N GLU A 49 4.53 -1.09 9.90
CA GLU A 49 3.23 -1.42 9.37
C GLU A 49 3.28 -2.69 8.53
N LEU A 50 4.27 -2.76 7.66
CA LEU A 50 4.43 -3.89 6.80
C LEU A 50 4.69 -5.15 7.62
N LYS A 51 5.54 -5.01 8.63
CA LYS A 51 5.85 -6.12 9.54
C LYS A 51 4.62 -6.60 10.28
N ALA A 52 3.86 -5.67 10.85
CA ALA A 52 2.69 -6.01 11.62
C ALA A 52 1.66 -6.73 10.76
N ILE A 53 1.48 -6.23 9.54
CA ILE A 53 0.53 -6.83 8.63
C ILE A 53 0.97 -8.25 8.25
N GLN A 54 2.26 -8.43 7.98
CA GLN A 54 2.79 -9.77 7.64
C GLN A 54 2.45 -10.78 8.73
N GLU A 55 2.55 -10.36 9.97
CA GLU A 55 2.31 -11.22 11.11
C GLU A 55 0.83 -11.65 11.19
N VAL A 56 -0.06 -10.73 10.87
CA VAL A 56 -1.50 -11.01 10.90
C VAL A 56 -2.14 -10.92 9.51
N TYR A 57 -1.33 -11.16 8.48
CA TYR A 57 -1.77 -11.06 7.09
C TYR A 57 -2.95 -11.98 6.80
N ALA A 58 -2.92 -13.18 7.36
CA ALA A 58 -4.00 -14.13 7.18
C ALA A 58 -5.30 -13.59 7.77
N ASP A 59 -5.20 -12.90 8.91
CA ASP A 59 -6.37 -12.32 9.57
C ASP A 59 -7.00 -11.23 8.70
N TRP A 60 -6.16 -10.42 8.08
CA TRP A 60 -6.61 -9.36 7.19
C TRP A 60 -7.17 -9.95 5.88
N GLN A 61 -6.54 -11.01 5.42
CA GLN A 61 -6.97 -11.71 4.19
C GLN A 61 -8.14 -12.65 4.45
N ASP A 62 -8.47 -12.84 5.72
CA ASP A 62 -9.52 -13.77 6.14
C ASP A 62 -10.85 -13.48 5.44
N GLU A 63 -11.38 -12.28 5.62
CA GLU A 63 -12.62 -11.91 4.96
C GLU A 63 -12.51 -10.54 4.31
N THR A 64 -11.40 -9.88 4.49
CA THR A 64 -11.19 -8.58 3.90
C THR A 64 -10.42 -8.72 2.58
N GLY A 65 -9.49 -9.67 2.53
CA GLY A 65 -8.68 -9.89 1.34
C GLY A 65 -7.89 -8.66 0.92
N VAL A 66 -7.50 -7.84 1.89
CA VAL A 66 -6.82 -6.60 1.61
C VAL A 66 -5.37 -6.81 1.10
N ARG A 67 -5.07 -6.17 -0.01
CA ARG A 67 -3.76 -6.30 -0.67
C ARG A 67 -2.82 -5.20 -0.23
N LEU A 68 -1.52 -5.47 -0.26
CA LEU A 68 -0.53 -4.48 0.10
C LEU A 68 0.28 -4.06 -1.10
N ILE A 69 0.39 -2.78 -1.27
CA ILE A 69 1.18 -2.22 -2.32
C ILE A 69 2.40 -1.57 -1.71
N ALA A 70 3.52 -2.20 -1.86
CA ALA A 70 4.76 -1.70 -1.32
C ALA A 70 5.46 -0.84 -2.35
N VAL A 71 5.56 0.45 -2.09
CA VAL A 71 6.15 1.36 -3.05
C VAL A 71 7.33 2.11 -2.45
N SER A 72 8.42 2.12 -3.17
CA SER A 72 9.60 2.81 -2.75
C SER A 72 9.58 4.26 -3.23
N ILE A 73 10.08 5.13 -2.39
CA ILE A 73 10.17 6.56 -2.68
C ILE A 73 11.34 6.88 -3.61
N ASP A 74 12.22 5.90 -3.76
CA ASP A 74 13.39 6.04 -4.61
C ASP A 74 13.04 5.72 -6.06
N GLU A 75 13.81 6.30 -6.98
CA GLU A 75 13.61 6.05 -8.42
C GLU A 75 13.98 4.63 -8.75
N GLY A 76 13.62 4.20 -9.95
CA GLY A 76 13.83 2.83 -10.36
C GLY A 76 15.26 2.35 -10.24
N GLN A 77 16.21 3.20 -10.60
CA GLN A 77 17.62 2.83 -10.54
C GLN A 77 18.06 2.53 -9.10
N ASN A 78 17.57 3.31 -8.16
CA ASN A 78 17.88 3.12 -6.75
C ASN A 78 16.99 2.06 -6.14
N ALA A 79 15.77 1.98 -6.64
CA ALA A 79 14.75 1.09 -6.13
C ALA A 79 14.92 -0.35 -6.61
N GLN A 80 15.92 -0.60 -7.45
CA GLN A 80 16.17 -1.97 -7.93
C GLN A 80 16.42 -2.93 -6.75
N LYS A 81 16.69 -2.36 -5.58
CA LYS A 81 16.95 -3.12 -4.36
C LYS A 81 15.63 -3.50 -3.64
N VAL A 82 14.53 -2.85 -4.01
CA VAL A 82 13.24 -3.05 -3.34
C VAL A 82 12.71 -4.45 -3.52
N LYS A 83 12.74 -4.88 -4.75
CA LYS A 83 12.21 -6.17 -5.11
C LYS A 83 12.99 -7.35 -4.52
N PRO A 84 14.34 -7.34 -4.52
CA PRO A 84 15.11 -8.40 -3.88
C PRO A 84 14.82 -8.47 -2.37
N LEU A 85 14.47 -7.30 -1.78
CA LEU A 85 14.05 -7.26 -0.39
C LEU A 85 12.77 -8.05 -0.23
N ALA A 86 11.88 -7.86 -1.20
CA ALA A 86 10.58 -8.51 -1.21
C ALA A 86 10.71 -10.02 -1.17
N ASP A 87 11.54 -10.56 -2.04
CA ASP A 87 11.70 -12.01 -2.11
C ASP A 87 12.50 -12.57 -0.95
N GLY A 88 13.50 -11.80 -0.51
CA GLY A 88 14.33 -12.24 0.59
C GLY A 88 13.57 -12.31 1.91
N ASN A 89 12.86 -11.24 2.23
CA ASN A 89 12.09 -11.17 3.46
C ASN A 89 10.82 -12.02 3.40
N GLY A 90 10.23 -12.10 2.22
CA GLY A 90 9.03 -12.89 2.06
C GLY A 90 7.78 -12.03 2.01
N TRP A 91 7.73 -11.12 1.06
CA TRP A 91 6.57 -10.25 0.89
C TRP A 91 5.62 -10.85 -0.15
N GLU A 92 4.41 -11.17 0.29
CA GLU A 92 3.41 -11.85 -0.56
C GLU A 92 2.38 -10.90 -1.14
N TYR A 93 2.82 -9.80 -1.69
CA TYR A 93 1.92 -8.80 -2.27
C TYR A 93 2.59 -8.08 -3.43
N GLU A 94 1.98 -7.02 -3.91
CA GLU A 94 2.50 -6.31 -5.05
C GLU A 94 3.49 -5.22 -4.65
N VAL A 95 4.60 -5.16 -5.37
CA VAL A 95 5.63 -4.19 -5.08
C VAL A 95 5.82 -3.26 -6.28
N LEU A 96 5.86 -1.98 -6.00
CA LEU A 96 6.02 -0.97 -7.03
C LEU A 96 7.12 -0.03 -6.66
N LEU A 97 7.81 0.44 -7.62
CA LEU A 97 8.87 1.35 -7.38
C LEU A 97 8.68 2.60 -8.24
N ASP A 98 8.72 3.77 -7.58
CA ASP A 98 8.57 5.03 -8.31
C ASP A 98 9.71 5.17 -9.32
N SER A 99 9.37 5.55 -10.54
CA SER A 99 10.35 5.61 -11.60
C SER A 99 10.57 7.05 -12.08
N ASN A 100 9.97 8.01 -11.38
CA ASN A 100 10.08 9.42 -11.77
C ASN A 100 10.17 10.33 -10.55
N GLY A 101 9.53 9.93 -9.45
CA GLY A 101 9.56 10.72 -8.24
C GLY A 101 8.33 11.59 -8.11
N ASP A 102 7.48 11.56 -9.13
CA ASP A 102 6.26 12.37 -9.13
C ASP A 102 5.22 11.78 -8.19
N PHE A 103 5.14 10.44 -8.13
CA PHE A 103 4.09 9.76 -7.36
C PHE A 103 4.14 10.07 -5.87
N LYS A 104 5.30 9.97 -5.25
CA LYS A 104 5.42 10.28 -3.83
C LYS A 104 5.04 11.74 -3.55
N ARG A 105 5.38 12.62 -4.49
CA ARG A 105 5.06 14.04 -4.38
C ARG A 105 3.56 14.24 -4.54
N ALA A 106 2.99 13.53 -5.51
CA ALA A 106 1.59 13.63 -5.83
C ALA A 106 0.73 13.21 -4.66
N MET A 107 1.17 12.20 -3.94
CA MET A 107 0.45 11.74 -2.77
C MET A 107 0.78 12.60 -1.57
N ASN A 108 1.95 13.25 -1.65
CA ASN A 108 2.46 14.14 -0.59
C ASN A 108 2.92 13.35 0.62
N VAL A 109 4.13 12.83 0.54
CA VAL A 109 4.70 12.07 1.63
C VAL A 109 5.60 12.96 2.48
N SER A 110 5.07 13.42 3.60
CA SER A 110 5.80 14.27 4.51
C SER A 110 6.87 13.46 5.25
N LEU A 111 6.45 12.58 6.12
CA LEU A 111 7.35 11.75 6.87
C LEU A 111 7.14 10.30 6.49
N ILE A 112 8.21 9.60 6.19
CA ILE A 112 8.13 8.20 5.88
C ILE A 112 8.26 7.40 7.17
N PRO A 113 7.56 6.28 7.29
CA PRO A 113 6.67 5.75 6.25
C PRO A 113 5.28 6.44 6.22
N ALA A 114 4.59 6.29 5.09
CA ALA A 114 3.26 6.87 4.92
C ALA A 114 2.26 5.77 4.53
N VAL A 115 1.01 5.88 5.01
CA VAL A 115 0.02 4.84 4.77
C VAL A 115 -1.22 5.38 4.06
N PHE A 116 -1.61 4.69 2.99
CA PHE A 116 -2.83 5.00 2.26
C PHE A 116 -3.69 3.74 2.17
N ILE A 117 -4.93 3.82 2.62
CA ILE A 117 -5.80 2.65 2.60
C ILE A 117 -6.97 2.86 1.64
N VAL A 118 -7.18 1.88 0.79
CA VAL A 118 -8.23 1.89 -0.22
C VAL A 118 -9.32 0.90 0.15
N ASP A 119 -10.57 1.34 0.06
CA ASP A 119 -11.72 0.48 0.40
C ASP A 119 -12.29 -0.20 -0.85
N GLY A 120 -13.43 -0.87 -0.68
CA GLY A 120 -14.06 -1.60 -1.79
C GLY A 120 -14.50 -0.72 -2.95
N ASN A 121 -14.74 0.56 -2.69
CA ASN A 121 -15.18 1.49 -3.72
C ASN A 121 -14.03 1.87 -4.66
N GLY A 122 -12.83 1.35 -4.36
CA GLY A 122 -11.68 1.61 -5.19
C GLY A 122 -11.15 3.01 -5.00
N LYS A 123 -11.33 3.53 -3.80
CA LYS A 123 -10.89 4.87 -3.48
C LYS A 123 -10.13 4.85 -2.16
N ILE A 124 -9.46 5.96 -1.83
CA ILE A 124 -8.68 6.00 -0.60
C ILE A 124 -9.53 6.51 0.55
N VAL A 125 -9.80 5.63 1.49
CA VAL A 125 -10.63 5.96 2.63
C VAL A 125 -9.80 6.50 3.80
N TYR A 126 -8.57 6.02 3.93
CA TYR A 126 -7.71 6.44 5.04
C TYR A 126 -6.40 7.01 4.53
N ASN A 127 -6.05 8.17 5.03
CA ASN A 127 -4.81 8.84 4.67
C ASN A 127 -4.05 9.27 5.90
N HIS A 128 -2.84 8.77 6.03
CA HIS A 128 -1.96 9.17 7.11
C HIS A 128 -0.54 9.21 6.62
N THR A 129 -0.05 10.40 6.37
CA THR A 129 1.29 10.57 5.91
C THR A 129 2.18 11.03 7.05
N GLY A 130 3.01 10.15 7.52
CA GLY A 130 3.92 10.51 8.58
C GLY A 130 3.65 9.82 9.88
N TYR A 131 3.93 8.54 9.93
CA TYR A 131 3.86 7.81 11.18
C TYR A 131 5.23 7.22 11.41
N THR A 132 5.57 6.91 12.63
CA THR A 132 6.89 6.38 12.88
C THR A 132 6.82 5.06 13.67
N GLU A 133 5.95 5.02 14.67
CA GLU A 133 5.70 3.81 15.44
C GLU A 133 4.46 3.96 16.29
N GLY A 134 3.52 3.06 16.12
CA GLY A 134 2.29 3.11 16.87
C GLY A 134 1.13 3.51 16.00
N GLY A 135 1.43 3.81 14.75
CA GLY A 135 0.40 4.21 13.81
C GLY A 135 -0.32 3.02 13.22
N GLU A 136 0.31 1.85 13.33
CA GLU A 136 -0.23 0.59 12.79
C GLU A 136 -1.59 0.25 13.44
N ALA A 137 -1.83 0.84 14.60
CA ALA A 137 -3.05 0.56 15.34
C ALA A 137 -4.26 1.02 14.58
N GLU A 138 -4.14 2.15 13.93
CA GLU A 138 -5.21 2.70 13.16
C GLU A 138 -5.45 1.88 11.91
N LEU A 139 -4.37 1.29 11.37
CA LEU A 139 -4.46 0.49 10.16
C LEU A 139 -5.35 -0.72 10.37
N ILE A 140 -5.14 -1.45 11.48
CA ILE A 140 -5.97 -2.61 11.76
C ILE A 140 -7.40 -2.19 12.10
N LYS A 141 -7.54 -1.10 12.83
CA LYS A 141 -8.84 -0.59 13.20
C LYS A 141 -9.63 -0.25 11.96
N LYS A 142 -8.98 0.45 11.03
CA LYS A 142 -9.64 0.89 9.81
C LYS A 142 -10.03 -0.30 8.94
N VAL A 143 -9.22 -1.34 8.93
CA VAL A 143 -9.52 -2.56 8.19
C VAL A 143 -10.82 -3.17 8.72
N ARG A 144 -10.94 -3.17 10.03
CA ARG A 144 -12.15 -3.65 10.69
C ARG A 144 -13.34 -2.74 10.32
N GLU A 145 -13.07 -1.44 10.16
CA GLU A 145 -14.09 -0.46 9.78
C GLU A 145 -14.68 -0.81 8.42
N LEU A 146 -13.83 -1.33 7.53
CA LEU A 146 -14.28 -1.74 6.20
C LEU A 146 -15.27 -2.91 6.34
N VAL A 147 -14.98 -3.80 7.28
CA VAL A 147 -15.85 -4.95 7.56
C VAL A 147 -17.19 -4.48 8.12
N LYS A 148 -17.18 -3.32 8.78
CA LYS A 148 -18.37 -2.73 9.37
C LYS A 148 -19.45 -2.49 8.33
N GLU A 149 -19.03 -2.08 7.14
CA GLU A 149 -19.98 -1.74 6.08
C GLU A 149 -20.64 -3.00 5.49
N GLY A 150 -20.31 -4.16 6.04
CA GLY A 150 -20.96 -5.38 5.63
C GLY A 150 -22.45 -5.32 5.94
N HIS A 151 -22.76 -4.63 7.03
CA HIS A 151 -24.14 -4.41 7.43
C HIS A 151 -24.42 -2.92 7.52
N HIS A 152 -25.54 -2.51 6.96
CA HIS A 152 -25.91 -1.10 6.92
C HIS A 152 -26.48 -0.63 8.24
N HIS A 153 -26.61 0.69 8.38
CA HIS A 153 -27.10 1.33 9.60
C HIS A 153 -26.05 1.27 10.71
N HIS A 154 -25.77 0.06 11.19
CA HIS A 154 -24.78 -0.15 12.23
C HIS A 154 -24.36 -1.61 12.22
N HIS A 155 -23.06 -1.88 12.33
CA HIS A 155 -22.54 -3.26 12.32
C HIS A 155 -23.10 -4.06 13.49
N HIS A 156 -23.07 -3.47 14.66
CA HIS A 156 -23.60 -4.12 15.85
C HIS A 156 -25.08 -3.80 15.99
N ASN A 4 -14.36 -0.43 -10.86
CA ASN A 4 -13.80 0.89 -10.55
C ASN A 4 -12.87 0.82 -9.36
N THR A 5 -12.52 -0.39 -8.99
CA THR A 5 -11.65 -0.62 -7.86
C THR A 5 -10.18 -0.39 -8.24
N TYR A 6 -9.78 0.88 -8.24
CA TYR A 6 -8.38 1.23 -8.53
C TYR A 6 -7.65 1.57 -7.27
N ALA A 7 -7.86 2.81 -6.81
CA ALA A 7 -7.21 3.37 -5.62
C ALA A 7 -7.41 4.89 -5.56
N GLN A 8 -7.90 5.47 -6.68
CA GLN A 8 -8.15 6.93 -6.78
C GLN A 8 -6.84 7.70 -6.67
N LEU A 9 -5.84 7.22 -7.37
CA LEU A 9 -4.49 7.79 -7.33
C LEU A 9 -4.26 8.72 -8.51
N PRO A 10 -3.28 9.63 -8.39
CA PRO A 10 -2.87 10.49 -9.50
C PRO A 10 -2.35 9.63 -10.64
N ALA A 11 -2.55 10.07 -11.87
CA ALA A 11 -2.10 9.31 -13.01
C ALA A 11 -0.58 9.40 -13.17
N VAL A 12 0.12 8.55 -12.45
CA VAL A 12 1.56 8.49 -12.52
C VAL A 12 1.96 7.11 -13.01
N SER A 13 2.86 7.07 -13.96
CA SER A 13 3.31 5.82 -14.53
C SER A 13 4.49 5.26 -13.74
N LEU A 14 4.25 4.17 -13.02
CA LEU A 14 5.28 3.53 -12.23
C LEU A 14 5.54 2.13 -12.76
N LYS A 15 6.52 1.45 -12.18
CA LYS A 15 6.81 0.08 -12.57
C LYS A 15 6.28 -0.87 -11.53
N ASN A 16 5.71 -1.96 -11.98
CA ASN A 16 5.24 -2.98 -11.06
C ASN A 16 6.24 -4.12 -11.04
N ILE A 17 5.92 -5.19 -10.34
CA ILE A 17 6.83 -6.33 -10.23
C ILE A 17 7.10 -7.00 -11.56
N GLU A 18 6.19 -6.83 -12.50
CA GLU A 18 6.32 -7.43 -13.82
C GLU A 18 7.30 -6.63 -14.69
N GLY A 19 7.66 -5.42 -14.23
CA GLY A 19 8.54 -4.56 -14.99
C GLY A 19 7.80 -3.81 -16.06
N LYS A 20 6.50 -3.87 -15.97
CA LYS A 20 5.64 -3.20 -16.91
C LYS A 20 5.22 -1.87 -16.35
N THR A 21 5.15 -0.88 -17.21
CA THR A 21 4.77 0.44 -16.81
C THR A 21 3.27 0.45 -16.55
N VAL A 22 2.93 0.69 -15.30
CA VAL A 22 1.56 0.73 -14.89
C VAL A 22 1.23 2.06 -14.27
N GLN A 23 0.15 2.63 -14.70
CA GLN A 23 -0.30 3.85 -14.14
C GLN A 23 -1.19 3.55 -12.95
N THR A 24 -0.96 4.26 -11.88
CA THR A 24 -1.64 4.05 -10.63
C THR A 24 -3.15 4.31 -10.72
N ASN A 25 -3.55 5.19 -11.61
CA ASN A 25 -4.96 5.52 -11.78
C ASN A 25 -5.73 4.40 -12.53
N LYS A 26 -4.98 3.44 -13.10
CA LYS A 26 -5.59 2.34 -13.85
C LYS A 26 -5.11 0.98 -13.34
N LEU A 27 -4.48 0.99 -12.18
CA LEU A 27 -3.85 -0.21 -11.65
C LEU A 27 -4.81 -1.37 -11.38
N GLU A 28 -5.93 -1.08 -10.68
CA GLU A 28 -6.93 -2.10 -10.24
C GLU A 28 -6.32 -3.46 -9.91
N ASN A 29 -6.11 -3.64 -8.65
CA ASN A 29 -5.43 -4.82 -8.12
C ASN A 29 -6.21 -6.10 -8.35
N ALA A 30 -7.44 -6.16 -7.82
CA ALA A 30 -8.26 -7.38 -7.96
C ALA A 30 -9.68 -7.20 -7.42
N GLY A 31 -10.12 -5.95 -7.29
CA GLY A 31 -11.46 -5.72 -6.76
C GLY A 31 -11.48 -5.74 -5.24
N LYS A 32 -10.32 -5.87 -4.64
CA LYS A 32 -10.18 -5.89 -3.20
C LYS A 32 -9.44 -4.65 -2.74
N PRO A 33 -9.73 -4.18 -1.51
CA PRO A 33 -9.08 -3.00 -0.94
C PRO A 33 -7.58 -3.16 -0.83
N MET A 34 -6.86 -2.07 -0.92
CA MET A 34 -5.40 -2.13 -0.91
C MET A 34 -4.83 -1.13 0.06
N ILE A 35 -3.65 -1.41 0.54
CA ILE A 35 -2.93 -0.50 1.39
C ILE A 35 -1.60 -0.21 0.74
N ILE A 36 -1.33 1.05 0.50
CA ILE A 36 -0.08 1.44 -0.12
C ILE A 36 0.92 1.84 0.94
N SER A 37 2.06 1.18 0.95
CA SER A 37 3.09 1.45 1.91
C SER A 37 4.23 2.23 1.26
N PHE A 38 4.48 3.43 1.75
CA PHE A 38 5.59 4.22 1.26
C PHE A 38 6.78 4.01 2.15
N PHE A 39 7.85 3.45 1.59
CA PHE A 39 9.02 3.11 2.39
C PHE A 39 10.32 3.37 1.64
N ALA A 40 11.43 3.26 2.37
CA ALA A 40 12.75 3.45 1.80
C ALA A 40 13.49 2.12 1.72
N THR A 41 14.33 1.97 0.72
CA THR A 41 15.09 0.74 0.50
C THR A 41 16.29 0.63 1.44
N ASN A 42 16.63 1.72 2.09
CA ASN A 42 17.81 1.76 2.94
C ASN A 42 17.49 1.68 4.43
N CYS A 43 16.24 1.39 4.78
CA CYS A 43 15.89 1.28 6.18
C CYS A 43 14.85 0.18 6.42
N LYS A 44 15.21 -0.78 7.26
CA LYS A 44 14.32 -1.90 7.60
C LYS A 44 13.36 -1.56 8.79
N PRO A 45 13.90 -1.01 9.93
CA PRO A 45 13.07 -0.68 11.11
C PRO A 45 12.04 0.40 10.80
N CYS A 46 12.28 1.16 9.75
CA CYS A 46 11.34 2.17 9.32
C CYS A 46 10.09 1.50 8.76
N LEU A 47 10.20 0.21 8.42
CA LEU A 47 9.07 -0.54 7.89
C LEU A 47 8.24 -1.09 9.03
N ARG A 48 8.06 -0.26 10.05
CA ARG A 48 7.26 -0.58 11.22
C ARG A 48 5.85 -0.94 10.76
N GLU A 49 5.38 -0.18 9.79
CA GLU A 49 4.08 -0.37 9.21
C GLU A 49 3.99 -1.68 8.44
N LEU A 50 4.90 -1.86 7.50
CA LEU A 50 4.88 -3.03 6.64
C LEU A 50 5.07 -4.32 7.45
N LYS A 51 5.97 -4.28 8.43
CA LYS A 51 6.21 -5.44 9.28
C LYS A 51 4.96 -5.81 10.06
N ALA A 52 4.30 -4.81 10.63
CA ALA A 52 3.10 -5.05 11.43
C ALA A 52 2.04 -5.74 10.60
N ILE A 53 1.82 -5.24 9.40
CA ILE A 53 0.85 -5.83 8.51
C ILE A 53 1.28 -7.24 8.11
N GLN A 54 2.56 -7.40 7.81
CA GLN A 54 3.12 -8.72 7.44
C GLN A 54 2.82 -9.77 8.52
N GLU A 55 2.95 -9.37 9.76
CA GLU A 55 2.73 -10.27 10.89
C GLU A 55 1.27 -10.70 11.00
N VAL A 56 0.36 -9.79 10.71
CA VAL A 56 -1.08 -10.09 10.80
C VAL A 56 -1.74 -10.12 9.41
N TYR A 57 -0.94 -10.27 8.37
CA TYR A 57 -1.43 -10.24 7.00
C TYR A 57 -2.46 -11.34 6.72
N ALA A 58 -2.19 -12.54 7.23
CA ALA A 58 -3.10 -13.65 7.04
C ALA A 58 -4.46 -13.36 7.65
N ASP A 59 -4.45 -12.70 8.81
CA ASP A 59 -5.69 -12.31 9.51
C ASP A 59 -6.48 -11.32 8.67
N TRP A 60 -5.78 -10.37 8.07
CA TRP A 60 -6.43 -9.35 7.26
C TRP A 60 -6.93 -9.95 5.93
N GLN A 61 -6.12 -10.79 5.31
CA GLN A 61 -6.49 -11.47 4.07
C GLN A 61 -7.62 -12.44 4.32
N ASP A 62 -7.73 -12.87 5.56
CA ASP A 62 -8.76 -13.79 5.98
C ASP A 62 -10.14 -13.24 5.73
N GLU A 63 -10.34 -12.00 6.11
CA GLU A 63 -11.65 -11.42 6.06
C GLU A 63 -11.84 -10.47 4.89
N THR A 64 -11.19 -9.33 4.93
CA THR A 64 -11.37 -8.34 3.89
C THR A 64 -10.59 -8.71 2.62
N GLY A 65 -9.58 -9.55 2.78
CA GLY A 65 -8.74 -9.92 1.64
C GLY A 65 -7.93 -8.73 1.12
N VAL A 66 -7.56 -7.82 2.02
CA VAL A 66 -6.80 -6.62 1.65
C VAL A 66 -5.40 -6.93 1.06
N ARG A 67 -5.07 -6.22 0.00
CA ARG A 67 -3.78 -6.37 -0.69
C ARG A 67 -2.86 -5.23 -0.31
N LEU A 68 -1.56 -5.42 -0.42
CA LEU A 68 -0.60 -4.37 -0.10
C LEU A 68 0.18 -3.95 -1.31
N ILE A 69 0.28 -2.67 -1.49
CA ILE A 69 1.04 -2.11 -2.56
C ILE A 69 2.27 -1.44 -1.98
N ALA A 70 3.39 -2.09 -2.10
CA ALA A 70 4.62 -1.59 -1.56
C ALA A 70 5.32 -0.75 -2.59
N VAL A 71 5.50 0.53 -2.31
CA VAL A 71 6.12 1.40 -3.27
C VAL A 71 7.38 2.07 -2.70
N SER A 72 8.42 2.04 -3.50
CA SER A 72 9.67 2.63 -3.14
C SER A 72 9.68 4.11 -3.47
N ILE A 73 10.27 4.88 -2.57
CA ILE A 73 10.37 6.32 -2.72
C ILE A 73 11.52 6.70 -3.66
N ASP A 74 12.41 5.75 -3.90
CA ASP A 74 13.55 5.96 -4.77
C ASP A 74 13.17 5.75 -6.22
N GLU A 75 13.97 6.30 -7.13
CA GLU A 75 13.70 6.24 -8.56
C GLU A 75 13.98 4.83 -9.10
N GLY A 76 13.73 4.64 -10.39
CA GLY A 76 13.81 3.32 -10.99
C GLY A 76 15.13 2.59 -10.81
N GLN A 77 16.25 3.25 -11.08
CA GLN A 77 17.55 2.60 -10.96
C GLN A 77 17.85 2.23 -9.51
N ASN A 78 17.52 3.13 -8.59
CA ASN A 78 17.71 2.89 -7.17
C ASN A 78 16.76 1.80 -6.66
N ALA A 79 15.53 1.85 -7.16
CA ALA A 79 14.47 0.94 -6.75
C ALA A 79 14.66 -0.48 -7.26
N GLN A 80 15.68 -0.71 -8.07
CA GLN A 80 15.95 -2.06 -8.56
C GLN A 80 16.23 -3.04 -7.41
N LYS A 81 16.47 -2.50 -6.22
CA LYS A 81 16.74 -3.29 -5.07
C LYS A 81 15.44 -3.60 -4.26
N VAL A 82 14.32 -2.96 -4.60
CA VAL A 82 13.06 -3.14 -3.83
C VAL A 82 12.51 -4.54 -4.00
N LYS A 83 12.47 -4.99 -5.22
CA LYS A 83 11.91 -6.28 -5.55
C LYS A 83 12.72 -7.45 -4.92
N PRO A 84 14.08 -7.44 -4.99
CA PRO A 84 14.87 -8.47 -4.33
C PRO A 84 14.63 -8.45 -2.81
N LEU A 85 14.36 -7.25 -2.25
CA LEU A 85 14.00 -7.14 -0.84
C LEU A 85 12.72 -7.91 -0.59
N ALA A 86 11.77 -7.73 -1.49
CA ALA A 86 10.48 -8.39 -1.41
C ALA A 86 10.66 -9.90 -1.48
N ASP A 87 11.53 -10.31 -2.39
CA ASP A 87 11.81 -11.72 -2.62
C ASP A 87 12.43 -12.36 -1.37
N GLY A 88 13.47 -11.74 -0.84
CA GLY A 88 14.15 -12.26 0.33
C GLY A 88 13.35 -12.15 1.62
N ASN A 89 12.75 -10.99 1.84
CA ASN A 89 11.98 -10.73 3.05
C ASN A 89 10.72 -11.57 3.12
N GLY A 90 10.12 -11.82 1.97
CA GLY A 90 8.91 -12.62 1.93
C GLY A 90 7.66 -11.76 1.87
N TRP A 91 7.70 -10.72 1.07
CA TRP A 91 6.55 -9.85 0.90
C TRP A 91 5.59 -10.46 -0.13
N GLU A 92 4.46 -10.96 0.35
CA GLU A 92 3.49 -11.65 -0.50
C GLU A 92 2.45 -10.70 -1.12
N TYR A 93 2.91 -9.55 -1.60
CA TYR A 93 2.02 -8.56 -2.18
C TYR A 93 2.71 -7.81 -3.30
N GLU A 94 1.97 -6.91 -3.95
CA GLU A 94 2.48 -6.21 -5.10
C GLU A 94 3.47 -5.13 -4.74
N VAL A 95 4.54 -5.04 -5.51
CA VAL A 95 5.58 -4.08 -5.28
C VAL A 95 5.72 -3.17 -6.51
N LEU A 96 5.78 -1.89 -6.25
CA LEU A 96 5.88 -0.89 -7.29
C LEU A 96 7.07 -0.01 -7.04
N LEU A 97 7.70 0.40 -8.10
CA LEU A 97 8.85 1.27 -7.98
C LEU A 97 8.47 2.63 -8.51
N ASP A 98 8.59 3.68 -7.70
CA ASP A 98 8.34 5.00 -8.23
C ASP A 98 9.48 5.34 -9.19
N SER A 99 9.14 5.49 -10.45
CA SER A 99 10.12 5.67 -11.49
C SER A 99 10.57 7.12 -11.63
N ASN A 100 9.83 8.04 -11.05
CA ASN A 100 10.18 9.46 -11.18
C ASN A 100 10.44 10.08 -9.83
N GLY A 101 9.77 9.57 -8.83
CA GLY A 101 9.91 10.10 -7.50
C GLY A 101 8.84 11.12 -7.18
N ASP A 102 7.94 11.35 -8.13
CA ASP A 102 6.89 12.34 -7.92
C ASP A 102 5.62 11.72 -7.34
N PHE A 103 5.53 10.39 -7.37
CA PHE A 103 4.36 9.71 -6.81
C PHE A 103 4.27 9.93 -5.31
N LYS A 104 5.40 9.79 -4.62
CA LYS A 104 5.45 10.01 -3.18
C LYS A 104 5.11 11.46 -2.85
N ARG A 105 5.59 12.38 -3.68
CA ARG A 105 5.32 13.80 -3.51
C ARG A 105 3.85 14.10 -3.76
N ALA A 106 3.27 13.39 -4.70
CA ALA A 106 1.85 13.52 -5.01
C ALA A 106 1.02 13.19 -3.77
N MET A 107 1.48 12.22 -3.00
CA MET A 107 0.81 11.83 -1.77
C MET A 107 1.24 12.71 -0.60
N ASN A 108 2.37 13.39 -0.78
CA ASN A 108 2.95 14.27 0.24
C ASN A 108 3.45 13.44 1.43
N VAL A 109 4.61 12.85 1.27
CA VAL A 109 5.18 12.03 2.31
C VAL A 109 6.31 12.77 3.01
N SER A 110 5.95 13.51 4.06
CA SER A 110 6.93 14.22 4.85
C SER A 110 7.81 13.24 5.64
N LEU A 111 7.17 12.25 6.25
CA LEU A 111 7.86 11.24 7.01
C LEU A 111 7.31 9.86 6.71
N ILE A 112 8.19 8.92 6.50
CA ILE A 112 7.81 7.54 6.28
C ILE A 112 7.79 6.81 7.63
N PRO A 113 7.04 5.70 7.76
CA PRO A 113 6.23 5.12 6.68
C PRO A 113 4.94 5.90 6.44
N ALA A 114 4.44 5.86 5.21
CA ALA A 114 3.18 6.52 4.90
C ALA A 114 2.14 5.49 4.49
N VAL A 115 0.96 5.57 5.10
CA VAL A 115 -0.08 4.60 4.84
C VAL A 115 -1.23 5.22 4.09
N PHE A 116 -1.60 4.61 2.99
CA PHE A 116 -2.75 5.02 2.22
C PHE A 116 -3.62 3.81 1.98
N ILE A 117 -4.83 3.83 2.53
CA ILE A 117 -5.73 2.68 2.45
C ILE A 117 -6.86 2.94 1.46
N VAL A 118 -7.08 1.96 0.62
CA VAL A 118 -8.10 2.00 -0.40
C VAL A 118 -9.20 1.02 -0.04
N ASP A 119 -10.45 1.46 -0.17
CA ASP A 119 -11.60 0.60 0.14
C ASP A 119 -12.05 -0.18 -1.11
N GLY A 120 -13.18 -0.87 -1.00
CA GLY A 120 -13.70 -1.67 -2.09
C GLY A 120 -14.07 -0.84 -3.32
N ASN A 121 -14.48 0.41 -3.10
CA ASN A 121 -14.88 1.31 -4.19
C ASN A 121 -13.64 1.70 -5.01
N GLY A 122 -12.46 1.43 -4.46
CA GLY A 122 -11.25 1.76 -5.14
C GLY A 122 -10.87 3.20 -4.94
N LYS A 123 -11.23 3.73 -3.79
CA LYS A 123 -10.93 5.11 -3.46
C LYS A 123 -10.13 5.17 -2.17
N ILE A 124 -9.42 6.25 -1.99
CA ILE A 124 -8.62 6.46 -0.80
C ILE A 124 -9.52 6.80 0.38
N VAL A 125 -9.78 5.81 1.21
CA VAL A 125 -10.64 5.98 2.35
C VAL A 125 -9.89 6.47 3.59
N TYR A 126 -8.67 5.97 3.79
CA TYR A 126 -7.90 6.33 4.95
C TYR A 126 -6.47 6.71 4.58
N ASN A 127 -5.98 7.78 5.19
CA ASN A 127 -4.62 8.24 4.98
C ASN A 127 -3.94 8.50 6.32
N HIS A 128 -2.71 8.03 6.45
CA HIS A 128 -1.95 8.24 7.67
C HIS A 128 -0.48 8.31 7.33
N THR A 129 0.06 9.50 7.31
CA THR A 129 1.43 9.69 6.90
C THR A 129 2.35 9.92 8.09
N GLY A 130 3.31 9.02 8.24
CA GLY A 130 4.33 9.15 9.26
C GLY A 130 3.84 8.90 10.69
N TYR A 131 3.06 7.83 10.91
CA TYR A 131 2.64 7.54 12.29
C TYR A 131 3.84 7.09 13.11
N THR A 132 4.71 6.35 12.45
CA THR A 132 5.99 5.84 12.97
C THR A 132 5.79 4.63 13.89
N GLU A 133 5.06 4.81 14.97
CA GLU A 133 4.77 3.70 15.86
C GLU A 133 3.41 3.87 16.51
N GLY A 134 2.69 2.77 16.69
CA GLY A 134 1.36 2.82 17.26
C GLY A 134 0.34 3.20 16.22
N GLY A 135 0.71 3.03 14.97
CA GLY A 135 -0.14 3.41 13.87
C GLY A 135 -1.03 2.29 13.40
N GLU A 136 -0.59 1.05 13.61
CA GLU A 136 -1.33 -0.12 13.16
C GLU A 136 -2.70 -0.21 13.79
N ALA A 137 -2.87 0.46 14.92
CA ALA A 137 -4.13 0.46 15.63
C ALA A 137 -5.21 1.10 14.77
N GLU A 138 -4.86 2.18 14.12
CA GLU A 138 -5.78 2.88 13.26
C GLU A 138 -6.01 2.09 11.98
N LEU A 139 -4.94 1.46 11.48
CA LEU A 139 -5.02 0.65 10.26
C LEU A 139 -5.95 -0.54 10.44
N ILE A 140 -5.79 -1.25 11.56
CA ILE A 140 -6.63 -2.42 11.82
C ILE A 140 -8.08 -2.00 12.02
N LYS A 141 -8.27 -0.83 12.62
CA LYS A 141 -9.60 -0.30 12.84
C LYS A 141 -10.34 -0.20 11.51
N LYS A 142 -9.73 0.49 10.56
CA LYS A 142 -10.36 0.71 9.26
C LYS A 142 -10.55 -0.59 8.46
N VAL A 143 -9.64 -1.54 8.62
CA VAL A 143 -9.71 -2.78 7.87
C VAL A 143 -10.98 -3.52 8.22
N ARG A 144 -11.28 -3.55 9.50
CA ARG A 144 -12.44 -4.25 9.97
C ARG A 144 -13.69 -3.37 9.88
N GLU A 145 -13.48 -2.06 9.77
CA GLU A 145 -14.59 -1.13 9.56
C GLU A 145 -15.16 -1.30 8.16
N LEU A 146 -14.31 -1.70 7.22
CA LEU A 146 -14.73 -1.88 5.83
C LEU A 146 -15.81 -2.97 5.75
N VAL A 147 -15.62 -4.04 6.53
CA VAL A 147 -16.59 -5.12 6.59
C VAL A 147 -17.89 -4.62 7.23
N LYS A 148 -17.73 -3.85 8.30
CA LYS A 148 -18.85 -3.23 9.02
C LYS A 148 -19.65 -2.30 8.11
N GLU A 149 -18.93 -1.50 7.35
CA GLU A 149 -19.54 -0.55 6.43
C GLU A 149 -20.06 -1.25 5.17
N GLY A 150 -20.04 -2.57 5.21
CA GLY A 150 -20.52 -3.38 4.11
C GLY A 150 -22.03 -3.29 3.95
N HIS A 151 -22.70 -2.57 4.88
CA HIS A 151 -24.13 -2.32 4.84
C HIS A 151 -24.57 -1.78 3.46
N HIS A 152 -23.64 -1.14 2.74
CA HIS A 152 -23.91 -0.64 1.40
C HIS A 152 -24.37 -1.78 0.50
N HIS A 153 -23.78 -2.94 0.68
CA HIS A 153 -24.16 -4.14 -0.06
C HIS A 153 -25.39 -4.72 0.61
N HIS A 154 -25.22 -5.10 1.87
CA HIS A 154 -26.28 -5.62 2.70
C HIS A 154 -25.89 -5.42 4.16
N HIS A 155 -26.86 -5.39 5.03
CA HIS A 155 -26.61 -5.16 6.44
C HIS A 155 -25.99 -6.39 7.11
N HIS A 156 -24.66 -6.34 7.28
CA HIS A 156 -23.89 -7.40 7.96
C HIS A 156 -24.11 -8.78 7.35
N ASN A 4 -13.13 -1.28 -12.00
CA ASN A 4 -13.57 -0.68 -10.76
C ASN A 4 -12.64 -1.08 -9.65
N THR A 5 -12.69 -0.36 -8.54
CA THR A 5 -11.82 -0.62 -7.41
C THR A 5 -10.34 -0.35 -7.78
N TYR A 6 -9.98 0.93 -7.85
CA TYR A 6 -8.61 1.33 -8.14
C TYR A 6 -7.92 1.70 -6.85
N ALA A 7 -7.80 3.01 -6.59
CA ALA A 7 -7.15 3.50 -5.38
C ALA A 7 -7.19 5.03 -5.28
N GLN A 8 -7.98 5.69 -6.14
CA GLN A 8 -8.10 7.16 -6.15
C GLN A 8 -6.70 7.82 -6.28
N LEU A 9 -5.84 7.17 -7.02
CA LEU A 9 -4.47 7.61 -7.18
C LEU A 9 -4.32 8.59 -8.35
N PRO A 10 -3.34 9.51 -8.26
CA PRO A 10 -3.04 10.46 -9.34
C PRO A 10 -2.57 9.75 -10.60
N ALA A 11 -2.81 10.36 -11.74
CA ALA A 11 -2.40 9.79 -13.00
C ALA A 11 -0.88 9.95 -13.21
N VAL A 12 -0.11 9.03 -12.65
CA VAL A 12 1.34 9.06 -12.77
C VAL A 12 1.83 7.76 -13.42
N SER A 13 2.76 7.88 -14.34
CA SER A 13 3.34 6.71 -14.94
C SER A 13 4.38 6.10 -14.00
N LEU A 14 4.22 4.83 -13.70
CA LEU A 14 5.07 4.15 -12.75
C LEU A 14 5.52 2.80 -13.31
N LYS A 15 6.42 2.13 -12.60
CA LYS A 15 6.94 0.85 -13.05
C LYS A 15 6.55 -0.23 -12.06
N ASN A 16 6.04 -1.35 -12.56
CA ASN A 16 5.64 -2.44 -11.68
C ASN A 16 6.73 -3.49 -11.58
N ILE A 17 6.47 -4.53 -10.81
CA ILE A 17 7.43 -5.60 -10.60
C ILE A 17 7.74 -6.37 -11.87
N GLU A 18 6.84 -6.32 -12.84
CA GLU A 18 7.04 -7.04 -14.08
C GLU A 18 8.03 -6.30 -14.99
N GLY A 19 8.25 -5.04 -14.68
CA GLY A 19 9.08 -4.21 -15.53
C GLY A 19 8.26 -3.62 -16.64
N LYS A 20 6.97 -3.60 -16.43
CA LYS A 20 6.03 -3.07 -17.38
C LYS A 20 5.58 -1.69 -16.94
N THR A 21 5.44 -0.80 -17.89
CA THR A 21 5.02 0.55 -17.60
C THR A 21 3.53 0.57 -17.31
N VAL A 22 3.20 0.94 -16.09
CA VAL A 22 1.84 0.99 -15.68
C VAL A 22 1.49 2.34 -15.12
N GLN A 23 0.23 2.67 -15.15
CA GLN A 23 -0.23 3.91 -14.59
C GLN A 23 -0.88 3.62 -13.27
N THR A 24 -0.57 4.40 -12.27
CA THR A 24 -1.08 4.17 -10.94
C THR A 24 -2.61 4.38 -10.82
N ASN A 25 -3.21 5.05 -11.80
CA ASN A 25 -4.66 5.33 -11.76
C ASN A 25 -5.48 4.24 -12.50
N LYS A 26 -4.83 3.16 -12.91
CA LYS A 26 -5.53 2.08 -13.62
C LYS A 26 -5.09 0.71 -13.10
N LEU A 27 -4.46 0.70 -11.95
CA LEU A 27 -3.90 -0.53 -11.38
C LEU A 27 -4.98 -1.60 -11.15
N GLU A 28 -5.88 -1.33 -10.19
CA GLU A 28 -6.95 -2.28 -9.82
C GLU A 28 -6.41 -3.57 -9.22
N ASN A 29 -7.32 -4.43 -8.78
CA ASN A 29 -6.99 -5.72 -8.22
C ASN A 29 -7.96 -6.76 -8.71
N ALA A 30 -9.14 -6.75 -8.10
CA ALA A 30 -10.21 -7.69 -8.39
C ALA A 30 -11.44 -7.33 -7.57
N GLY A 31 -11.61 -6.04 -7.30
CA GLY A 31 -12.69 -5.60 -6.46
C GLY A 31 -12.37 -5.77 -4.99
N LYS A 32 -11.10 -5.59 -4.65
CA LYS A 32 -10.62 -5.78 -3.28
C LYS A 32 -9.94 -4.51 -2.75
N PRO A 33 -10.08 -4.24 -1.44
CA PRO A 33 -9.44 -3.07 -0.80
C PRO A 33 -7.92 -3.22 -0.76
N MET A 34 -7.22 -2.08 -0.71
CA MET A 34 -5.76 -2.08 -0.77
C MET A 34 -5.15 -1.20 0.30
N ILE A 35 -3.88 -1.44 0.57
CA ILE A 35 -3.11 -0.61 1.48
C ILE A 35 -1.77 -0.29 0.81
N ILE A 36 -1.50 0.97 0.60
CA ILE A 36 -0.24 1.36 -0.01
C ILE A 36 0.71 1.82 1.07
N SER A 37 1.83 1.12 1.19
CA SER A 37 2.83 1.46 2.17
C SER A 37 4.01 2.14 1.49
N PHE A 38 4.31 3.34 1.94
CA PHE A 38 5.42 4.09 1.41
C PHE A 38 6.63 3.85 2.25
N PHE A 39 7.64 3.22 1.64
CA PHE A 39 8.84 2.87 2.38
C PHE A 39 10.09 3.21 1.59
N ALA A 40 11.23 3.11 2.25
CA ALA A 40 12.50 3.43 1.65
C ALA A 40 13.38 2.18 1.52
N THR A 41 14.27 2.21 0.56
CA THR A 41 15.17 1.08 0.30
C THR A 41 16.21 0.88 1.42
N ASN A 42 16.47 1.94 2.19
CA ASN A 42 17.46 1.87 3.27
C ASN A 42 16.80 1.54 4.61
N CYS A 43 15.55 1.12 4.56
CA CYS A 43 14.82 0.81 5.78
C CYS A 43 14.22 -0.59 5.73
N LYS A 44 14.52 -1.39 6.76
CA LYS A 44 13.94 -2.73 6.85
C LYS A 44 13.06 -2.89 8.11
N PRO A 45 13.60 -2.68 9.35
CA PRO A 45 12.82 -2.82 10.58
C PRO A 45 11.94 -1.61 10.86
N CYS A 46 12.31 -0.48 10.29
CA CYS A 46 11.58 0.77 10.50
C CYS A 46 10.30 0.80 9.68
N LEU A 47 10.09 -0.24 8.88
CA LEU A 47 8.90 -0.33 8.05
C LEU A 47 7.64 -0.39 8.90
N ARG A 48 7.73 -1.11 10.03
CA ARG A 48 6.63 -1.23 11.01
C ARG A 48 5.35 -1.85 10.42
N GLU A 49 4.57 -1.03 9.72
CA GLU A 49 3.28 -1.46 9.15
C GLU A 49 3.40 -2.72 8.31
N LEU A 50 4.32 -2.70 7.35
CA LEU A 50 4.48 -3.82 6.44
C LEU A 50 4.88 -5.09 7.22
N LYS A 51 5.79 -4.94 8.17
CA LYS A 51 6.23 -6.07 8.99
C LYS A 51 5.10 -6.58 9.91
N ALA A 52 4.41 -5.66 10.57
CA ALA A 52 3.34 -6.03 11.49
C ALA A 52 2.20 -6.73 10.76
N ILE A 53 1.83 -6.18 9.61
CA ILE A 53 0.81 -6.78 8.80
C ILE A 53 1.26 -8.14 8.32
N GLN A 54 2.53 -8.25 7.93
CA GLN A 54 3.08 -9.52 7.45
C GLN A 54 2.89 -10.64 8.49
N GLU A 55 3.02 -10.28 9.77
CA GLU A 55 2.86 -11.24 10.85
C GLU A 55 1.40 -11.68 11.00
N VAL A 56 0.47 -10.74 10.84
CA VAL A 56 -0.98 -11.05 11.00
C VAL A 56 -1.75 -10.88 9.69
N TYR A 57 -1.05 -11.06 8.59
CA TYR A 57 -1.62 -10.87 7.25
C TYR A 57 -2.79 -11.82 7.02
N ALA A 58 -2.72 -13.02 7.57
CA ALA A 58 -3.80 -13.99 7.44
C ALA A 58 -5.07 -13.45 8.09
N ASP A 59 -4.92 -12.75 9.21
CA ASP A 59 -6.05 -12.16 9.92
C ASP A 59 -6.71 -11.08 9.08
N TRP A 60 -5.90 -10.26 8.44
CA TRP A 60 -6.40 -9.19 7.59
C TRP A 60 -7.05 -9.76 6.31
N GLN A 61 -6.45 -10.83 5.81
CA GLN A 61 -6.94 -11.53 4.62
C GLN A 61 -8.06 -12.50 4.95
N ASP A 62 -8.30 -12.67 6.23
CA ASP A 62 -9.33 -13.58 6.74
C ASP A 62 -10.71 -13.23 6.21
N GLU A 63 -11.07 -11.97 6.31
CA GLU A 63 -12.39 -11.54 5.91
C GLU A 63 -12.37 -10.31 5.01
N THR A 64 -11.54 -9.34 5.38
CA THR A 64 -11.46 -8.12 4.61
C THR A 64 -10.94 -8.40 3.19
N GLY A 65 -9.98 -9.31 3.07
CA GLY A 65 -9.40 -9.62 1.78
C GLY A 65 -8.64 -8.44 1.21
N VAL A 66 -7.91 -7.76 2.07
CA VAL A 66 -7.15 -6.58 1.68
C VAL A 66 -5.71 -6.94 1.28
N ARG A 67 -5.26 -6.41 0.16
CA ARG A 67 -3.89 -6.67 -0.31
C ARG A 67 -3.00 -5.47 -0.02
N LEU A 68 -1.70 -5.70 0.00
CA LEU A 68 -0.75 -4.64 0.28
C LEU A 68 0.00 -4.24 -0.96
N ILE A 69 0.19 -2.96 -1.12
CA ILE A 69 0.94 -2.42 -2.21
C ILE A 69 2.18 -1.74 -1.66
N ALA A 70 3.32 -2.30 -1.92
CA ALA A 70 4.56 -1.75 -1.43
C ALA A 70 5.15 -0.83 -2.49
N VAL A 71 5.22 0.45 -2.19
CA VAL A 71 5.74 1.41 -3.17
C VAL A 71 7.06 2.01 -2.73
N SER A 72 7.99 2.00 -3.66
CA SER A 72 9.32 2.50 -3.43
C SER A 72 9.37 3.98 -3.76
N ILE A 73 9.73 4.76 -2.75
CA ILE A 73 9.85 6.21 -2.90
C ILE A 73 11.18 6.53 -3.60
N ASP A 74 12.07 5.56 -3.58
CA ASP A 74 13.36 5.67 -4.21
C ASP A 74 13.22 5.60 -5.72
N GLU A 75 14.07 6.33 -6.43
CA GLU A 75 14.00 6.40 -7.89
C GLU A 75 14.56 5.17 -8.55
N GLY A 76 14.63 5.23 -9.88
CA GLY A 76 15.06 4.11 -10.70
C GLY A 76 16.26 3.34 -10.18
N GLN A 77 17.38 4.02 -10.00
CA GLN A 77 18.60 3.34 -9.56
C GLN A 77 18.46 2.78 -8.13
N ASN A 78 17.93 3.58 -7.24
CA ASN A 78 17.75 3.19 -5.84
C ASN A 78 16.75 2.05 -5.67
N ALA A 79 15.65 2.11 -6.40
CA ALA A 79 14.56 1.14 -6.28
C ALA A 79 14.92 -0.22 -6.88
N GLN A 80 16.08 -0.32 -7.51
CA GLN A 80 16.52 -1.60 -8.04
C GLN A 80 16.80 -2.57 -6.89
N LYS A 81 16.80 -2.03 -5.68
CA LYS A 81 17.07 -2.78 -4.49
C LYS A 81 15.75 -3.27 -3.82
N VAL A 82 14.61 -2.76 -4.28
CA VAL A 82 13.31 -3.06 -3.61
C VAL A 82 12.88 -4.50 -3.78
N LYS A 83 12.89 -4.95 -4.99
CA LYS A 83 12.44 -6.27 -5.30
C LYS A 83 13.34 -7.37 -4.70
N PRO A 84 14.70 -7.20 -4.71
CA PRO A 84 15.58 -8.13 -4.01
C PRO A 84 15.24 -8.18 -2.52
N LEU A 85 14.82 -7.02 -1.97
CA LEU A 85 14.35 -6.95 -0.59
C LEU A 85 13.11 -7.79 -0.43
N ALA A 86 12.23 -7.67 -1.41
CA ALA A 86 10.98 -8.40 -1.44
C ALA A 86 11.24 -9.90 -1.45
N ASP A 87 12.19 -10.32 -2.26
CA ASP A 87 12.53 -11.73 -2.35
C ASP A 87 13.27 -12.19 -1.09
N GLY A 88 14.16 -11.35 -0.59
CA GLY A 88 14.93 -11.68 0.60
C GLY A 88 14.08 -11.78 1.86
N ASN A 89 13.14 -10.84 2.03
CA ASN A 89 12.27 -10.83 3.19
C ASN A 89 11.02 -11.66 2.94
N GLY A 90 10.78 -11.96 1.68
CA GLY A 90 9.64 -12.77 1.30
C GLY A 90 8.32 -12.06 1.50
N TRP A 91 8.12 -10.94 0.80
CA TRP A 91 6.87 -10.20 0.91
C TRP A 91 5.80 -10.82 -0.01
N GLU A 92 4.60 -10.98 0.52
CA GLU A 92 3.48 -11.62 -0.20
C GLU A 92 2.60 -10.58 -0.91
N TYR A 93 3.17 -9.46 -1.33
CA TYR A 93 2.35 -8.36 -1.86
C TYR A 93 2.90 -7.84 -3.17
N GLU A 94 2.13 -6.96 -3.81
CA GLU A 94 2.56 -6.35 -5.04
C GLU A 94 3.48 -5.17 -4.74
N VAL A 95 4.58 -5.07 -5.48
CA VAL A 95 5.56 -4.02 -5.23
C VAL A 95 5.66 -3.07 -6.43
N LEU A 96 5.87 -1.82 -6.14
CA LEU A 96 5.92 -0.77 -7.16
C LEU A 96 7.21 0.01 -7.06
N LEU A 97 7.75 0.38 -8.20
CA LEU A 97 8.96 1.16 -8.26
C LEU A 97 8.67 2.52 -8.86
N ASP A 98 8.88 3.58 -8.09
CA ASP A 98 8.72 4.90 -8.65
C ASP A 98 10.01 5.24 -9.41
N SER A 99 9.88 5.37 -10.70
CA SER A 99 11.02 5.63 -11.55
C SER A 99 11.18 7.12 -11.83
N ASN A 100 10.21 7.91 -11.42
CA ASN A 100 10.23 9.34 -11.70
C ASN A 100 10.43 10.14 -10.43
N GLY A 101 9.95 9.62 -9.32
CA GLY A 101 10.04 10.32 -8.07
C GLY A 101 8.88 11.28 -7.90
N ASP A 102 7.88 11.10 -8.74
CA ASP A 102 6.71 11.97 -8.76
C ASP A 102 5.58 11.41 -7.91
N PHE A 103 5.54 10.08 -7.76
CA PHE A 103 4.44 9.44 -7.04
C PHE A 103 4.40 9.90 -5.58
N LYS A 104 5.57 9.90 -4.96
CA LYS A 104 5.70 10.31 -3.57
C LYS A 104 5.30 11.79 -3.39
N ARG A 105 5.68 12.62 -4.35
CA ARG A 105 5.35 14.03 -4.30
C ARG A 105 3.87 14.25 -4.53
N ALA A 106 3.31 13.51 -5.47
CA ALA A 106 1.88 13.58 -5.77
C ALA A 106 1.05 13.12 -4.58
N MET A 107 1.59 12.18 -3.81
CA MET A 107 0.91 11.68 -2.61
C MET A 107 1.21 12.54 -1.38
N ASN A 108 2.17 13.46 -1.54
CA ASN A 108 2.55 14.39 -0.45
C ASN A 108 3.09 13.62 0.77
N VAL A 109 4.05 12.76 0.52
CA VAL A 109 4.66 11.98 1.58
C VAL A 109 5.61 12.85 2.38
N SER A 110 5.08 13.49 3.41
CA SER A 110 5.86 14.36 4.27
C SER A 110 6.85 13.57 5.12
N LEU A 111 6.37 12.48 5.69
CA LEU A 111 7.20 11.61 6.51
C LEU A 111 6.86 10.16 6.24
N ILE A 112 7.86 9.31 6.24
CA ILE A 112 7.67 7.88 6.03
C ILE A 112 7.74 7.16 7.38
N PRO A 113 7.09 6.01 7.52
CA PRO A 113 6.30 5.39 6.44
C PRO A 113 4.93 6.05 6.27
N ALA A 114 4.36 5.96 5.07
CA ALA A 114 3.06 6.56 4.82
C ALA A 114 2.03 5.49 4.46
N VAL A 115 0.84 5.61 5.04
CA VAL A 115 -0.22 4.62 4.83
C VAL A 115 -1.41 5.20 4.10
N PHE A 116 -1.81 4.54 3.04
CA PHE A 116 -3.00 4.91 2.31
C PHE A 116 -3.89 3.68 2.14
N ILE A 117 -5.05 3.72 2.76
CA ILE A 117 -5.97 2.59 2.71
C ILE A 117 -7.10 2.87 1.74
N VAL A 118 -7.31 1.92 0.85
CA VAL A 118 -8.32 2.00 -0.17
C VAL A 118 -9.49 1.09 0.17
N ASP A 119 -10.68 1.65 0.14
CA ASP A 119 -11.90 0.89 0.38
C ASP A 119 -12.24 0.07 -0.86
N GLY A 120 -13.09 -0.93 -0.69
CA GLY A 120 -13.47 -1.82 -1.79
C GLY A 120 -14.00 -1.09 -3.01
N ASN A 121 -14.50 0.13 -2.83
CA ASN A 121 -15.02 0.90 -3.97
C ASN A 121 -13.89 1.42 -4.87
N GLY A 122 -12.67 1.42 -4.36
CA GLY A 122 -11.55 1.90 -5.14
C GLY A 122 -11.11 3.30 -4.76
N LYS A 123 -11.53 3.75 -3.61
CA LYS A 123 -11.18 5.08 -3.13
C LYS A 123 -10.46 5.03 -1.81
N ILE A 124 -9.63 6.04 -1.60
CA ILE A 124 -8.86 6.16 -0.37
C ILE A 124 -9.77 6.62 0.76
N VAL A 125 -10.00 5.72 1.71
CA VAL A 125 -10.88 6.03 2.82
C VAL A 125 -10.06 6.43 4.06
N TYR A 126 -8.79 6.07 4.06
CA TYR A 126 -7.91 6.42 5.17
C TYR A 126 -6.53 6.72 4.67
N ASN A 127 -5.99 7.84 5.09
CA ASN A 127 -4.64 8.22 4.71
C ASN A 127 -3.90 8.79 5.90
N HIS A 128 -2.72 8.28 6.16
CA HIS A 128 -1.90 8.74 7.27
C HIS A 128 -0.45 8.84 6.85
N THR A 129 0.07 10.04 6.78
CA THR A 129 1.44 10.25 6.38
C THR A 129 2.37 10.36 7.59
N GLY A 130 3.14 9.30 7.83
CA GLY A 130 4.10 9.32 8.91
C GLY A 130 3.51 9.00 10.27
N TYR A 131 2.89 7.82 10.41
CA TYR A 131 2.38 7.39 11.72
C TYR A 131 3.56 7.14 12.66
N THR A 132 4.63 6.63 12.06
CA THR A 132 5.92 6.33 12.69
C THR A 132 5.87 5.15 13.68
N GLU A 133 5.57 5.42 14.93
CA GLU A 133 5.54 4.36 15.93
C GLU A 133 4.15 4.21 16.56
N GLY A 134 3.56 3.02 16.40
CA GLY A 134 2.24 2.76 16.96
C GLY A 134 1.13 3.22 16.05
N GLY A 135 1.35 3.11 14.75
CA GLY A 135 0.38 3.54 13.78
C GLY A 135 -0.58 2.42 13.40
N GLU A 136 -0.10 1.19 13.51
CA GLU A 136 -0.84 -0.01 13.11
C GLU A 136 -2.21 -0.12 13.78
N ALA A 137 -2.36 0.50 14.94
CA ALA A 137 -3.58 0.43 15.71
C ALA A 137 -4.74 1.04 14.93
N GLU A 138 -4.49 2.18 14.35
CA GLU A 138 -5.48 2.87 13.59
C GLU A 138 -5.74 2.15 12.27
N LEU A 139 -4.69 1.53 11.72
CA LEU A 139 -4.82 0.80 10.46
C LEU A 139 -5.77 -0.38 10.59
N ILE A 140 -5.53 -1.24 11.59
CA ILE A 140 -6.35 -2.44 11.80
C ILE A 140 -7.79 -2.06 12.17
N LYS A 141 -7.92 -1.00 12.94
CA LYS A 141 -9.22 -0.52 13.34
C LYS A 141 -10.03 -0.08 12.10
N LYS A 142 -9.38 0.66 11.21
CA LYS A 142 -10.01 1.10 9.97
C LYS A 142 -10.30 -0.08 9.04
N VAL A 143 -9.43 -1.11 9.10
CA VAL A 143 -9.62 -2.33 8.31
C VAL A 143 -10.94 -2.97 8.65
N ARG A 144 -11.24 -3.00 9.94
CA ARG A 144 -12.50 -3.53 10.40
C ARG A 144 -13.66 -2.69 9.88
N GLU A 145 -13.44 -1.37 9.79
CA GLU A 145 -14.44 -0.46 9.27
C GLU A 145 -14.77 -0.80 7.81
N LEU A 146 -13.78 -1.30 7.08
CA LEU A 146 -13.97 -1.68 5.68
C LEU A 146 -15.00 -2.79 5.57
N VAL A 147 -14.90 -3.74 6.50
CA VAL A 147 -15.83 -4.86 6.55
C VAL A 147 -17.22 -4.34 6.87
N LYS A 148 -17.28 -3.42 7.81
CA LYS A 148 -18.52 -2.77 8.24
C LYS A 148 -19.18 -2.01 7.09
N GLU A 149 -18.37 -1.26 6.35
CA GLU A 149 -18.84 -0.43 5.26
C GLU A 149 -19.37 -1.30 4.11
N GLY A 150 -18.75 -2.43 3.89
CA GLY A 150 -19.19 -3.32 2.84
C GLY A 150 -19.65 -4.64 3.39
N HIS A 151 -20.66 -4.61 4.25
CA HIS A 151 -21.14 -5.84 4.85
C HIS A 151 -22.59 -6.08 4.51
N HIS A 152 -23.43 -5.15 4.91
CA HIS A 152 -24.84 -5.25 4.66
C HIS A 152 -25.21 -4.40 3.46
N HIS A 153 -26.24 -4.81 2.75
CA HIS A 153 -26.72 -4.09 1.57
C HIS A 153 -27.16 -2.68 1.94
N HIS A 154 -27.85 -2.57 3.05
CA HIS A 154 -28.36 -1.28 3.52
C HIS A 154 -27.47 -0.74 4.64
N HIS A 155 -26.44 -1.53 5.02
CA HIS A 155 -25.55 -1.22 6.15
C HIS A 155 -26.29 -1.44 7.47
N HIS A 156 -25.58 -1.92 8.50
CA HIS A 156 -26.15 -2.15 9.85
C HIS A 156 -27.10 -3.34 9.88
N ASN A 4 -13.65 -0.59 -11.20
CA ASN A 4 -13.56 0.71 -10.52
C ASN A 4 -12.84 0.55 -9.20
N THR A 5 -12.23 -0.60 -9.00
CA THR A 5 -11.53 -0.90 -7.79
C THR A 5 -10.06 -0.50 -7.92
N TYR A 6 -9.82 0.80 -8.08
CA TYR A 6 -8.48 1.31 -8.19
C TYR A 6 -8.01 1.72 -6.81
N ALA A 7 -7.38 2.85 -6.71
CA ALA A 7 -6.90 3.35 -5.45
C ALA A 7 -7.01 4.86 -5.37
N GLN A 8 -7.87 5.44 -6.24
CA GLN A 8 -8.12 6.90 -6.28
C GLN A 8 -6.79 7.68 -6.40
N LEU A 9 -5.90 7.13 -7.20
CA LEU A 9 -4.57 7.66 -7.36
C LEU A 9 -4.49 8.64 -8.55
N PRO A 10 -3.42 9.49 -8.59
CA PRO A 10 -3.18 10.42 -9.69
C PRO A 10 -2.74 9.68 -10.95
N ALA A 11 -2.71 10.37 -12.06
CA ALA A 11 -2.28 9.79 -13.32
C ALA A 11 -0.76 9.73 -13.38
N VAL A 12 -0.18 8.75 -12.71
CA VAL A 12 1.27 8.57 -12.69
C VAL A 12 1.62 7.16 -13.15
N SER A 13 2.60 7.05 -14.01
CA SER A 13 3.04 5.76 -14.51
C SER A 13 4.25 5.27 -13.71
N LEU A 14 4.08 4.17 -13.01
CA LEU A 14 5.15 3.60 -12.21
C LEU A 14 5.56 2.26 -12.81
N LYS A 15 6.57 1.65 -12.23
CA LYS A 15 7.06 0.40 -12.74
C LYS A 15 6.72 -0.75 -11.80
N ASN A 16 6.09 -1.79 -12.32
CA ASN A 16 5.72 -2.94 -11.47
C ASN A 16 6.83 -3.98 -11.43
N ILE A 17 6.54 -5.10 -10.78
CA ILE A 17 7.51 -6.18 -10.61
C ILE A 17 7.79 -6.91 -11.90
N GLU A 18 6.95 -6.72 -12.90
CA GLU A 18 7.12 -7.40 -14.18
C GLU A 18 7.91 -6.53 -15.16
N GLY A 19 8.27 -5.32 -14.73
CA GLY A 19 8.98 -4.42 -15.60
C GLY A 19 8.05 -3.78 -16.60
N LYS A 20 6.79 -3.75 -16.24
CA LYS A 20 5.76 -3.17 -17.05
C LYS A 20 5.42 -1.79 -16.52
N THR A 21 5.21 -0.85 -17.41
CA THR A 21 4.85 0.48 -17.01
C THR A 21 3.35 0.53 -16.73
N VAL A 22 3.01 0.67 -15.48
CA VAL A 22 1.63 0.70 -15.06
C VAL A 22 1.23 2.05 -14.54
N GLN A 23 0.02 2.44 -14.85
CA GLN A 23 -0.48 3.72 -14.42
C GLN A 23 -1.36 3.55 -13.19
N THR A 24 -1.12 4.38 -12.20
CA THR A 24 -1.81 4.29 -10.93
C THR A 24 -3.28 4.65 -11.02
N ASN A 25 -3.61 5.55 -11.90
CA ASN A 25 -4.98 6.00 -12.04
C ASN A 25 -5.87 4.91 -12.63
N LYS A 26 -5.25 3.91 -13.25
CA LYS A 26 -5.99 2.81 -13.84
C LYS A 26 -5.62 1.50 -13.17
N LEU A 27 -4.88 1.58 -12.08
CA LEU A 27 -4.39 0.40 -11.41
C LEU A 27 -5.45 -0.23 -10.53
N GLU A 28 -5.98 -1.34 -11.00
CA GLU A 28 -6.93 -2.14 -10.26
C GLU A 28 -6.25 -3.42 -9.81
N ASN A 29 -6.54 -3.84 -8.58
CA ASN A 29 -5.98 -5.09 -8.07
C ASN A 29 -6.69 -6.29 -8.68
N ALA A 30 -7.91 -6.53 -8.18
CA ALA A 30 -8.74 -7.64 -8.64
C ALA A 30 -10.10 -7.54 -7.96
N GLY A 31 -10.55 -6.31 -7.73
CA GLY A 31 -11.79 -6.10 -7.02
C GLY A 31 -11.60 -6.27 -5.51
N LYS A 32 -10.38 -5.97 -5.08
CA LYS A 32 -10.00 -6.13 -3.68
C LYS A 32 -9.51 -4.81 -3.11
N PRO A 33 -9.71 -4.56 -1.80
CA PRO A 33 -9.20 -3.36 -1.14
C PRO A 33 -7.68 -3.36 -1.12
N MET A 34 -7.08 -2.18 -1.14
CA MET A 34 -5.63 -2.08 -1.22
C MET A 34 -5.06 -1.09 -0.22
N ILE A 35 -3.89 -1.38 0.29
CA ILE A 35 -3.19 -0.50 1.18
C ILE A 35 -1.83 -0.21 0.58
N ILE A 36 -1.54 1.05 0.43
CA ILE A 36 -0.29 1.45 -0.16
C ILE A 36 0.70 1.84 0.92
N SER A 37 1.84 1.17 0.92
CA SER A 37 2.87 1.44 1.89
C SER A 37 4.03 2.19 1.24
N PHE A 38 4.26 3.41 1.67
CA PHE A 38 5.36 4.22 1.15
C PHE A 38 6.56 4.06 2.03
N PHE A 39 7.63 3.54 1.46
CA PHE A 39 8.84 3.34 2.23
C PHE A 39 10.09 3.53 1.40
N ALA A 40 11.21 3.64 2.08
CA ALA A 40 12.50 3.79 1.43
C ALA A 40 13.20 2.44 1.38
N THR A 41 13.97 2.21 0.34
CA THR A 41 14.66 0.94 0.19
C THR A 41 15.84 0.82 1.17
N ASN A 42 16.22 1.94 1.77
CA ASN A 42 17.34 1.97 2.71
C ASN A 42 16.84 1.81 4.17
N CYS A 43 15.54 1.63 4.35
CA CYS A 43 15.00 1.51 5.69
C CYS A 43 14.20 0.22 5.87
N LYS A 44 14.63 -0.62 6.80
CA LYS A 44 13.93 -1.86 7.10
C LYS A 44 13.12 -1.78 8.44
N PRO A 45 13.74 -1.31 9.57
CA PRO A 45 13.04 -1.22 10.87
C PRO A 45 12.02 -0.10 10.90
N CYS A 46 12.04 0.72 9.88
CA CYS A 46 11.07 1.79 9.75
C CYS A 46 9.75 1.23 9.25
N LEU A 47 9.80 0.01 8.70
CA LEU A 47 8.62 -0.63 8.13
C LEU A 47 7.81 -1.33 9.22
N ARG A 48 7.41 -0.57 10.22
CA ARG A 48 6.64 -1.12 11.33
C ARG A 48 5.29 -1.62 10.82
N GLU A 49 4.73 -0.85 9.91
CA GLU A 49 3.43 -1.10 9.31
C GLU A 49 3.42 -2.39 8.50
N LEU A 50 4.34 -2.49 7.56
CA LEU A 50 4.42 -3.65 6.70
C LEU A 50 4.71 -4.90 7.51
N LYS A 51 5.60 -4.78 8.49
CA LYS A 51 5.96 -5.90 9.34
C LYS A 51 4.76 -6.40 10.15
N ALA A 52 4.03 -5.48 10.78
CA ALA A 52 2.91 -5.85 11.62
C ALA A 52 1.82 -6.50 10.79
N ILE A 53 1.59 -5.97 9.61
CA ILE A 53 0.63 -6.55 8.73
C ILE A 53 1.08 -7.93 8.31
N GLN A 54 2.37 -8.08 8.01
CA GLN A 54 2.95 -9.36 7.62
C GLN A 54 2.77 -10.38 8.74
N GLU A 55 2.76 -9.89 9.99
CA GLU A 55 2.56 -10.74 11.15
C GLU A 55 1.22 -11.44 11.06
N VAL A 56 0.17 -10.67 10.75
CA VAL A 56 -1.19 -11.21 10.68
C VAL A 56 -1.85 -11.01 9.31
N TYR A 57 -1.03 -11.00 8.27
CA TYR A 57 -1.51 -10.76 6.90
C TYR A 57 -2.56 -11.77 6.47
N ALA A 58 -2.40 -13.01 6.92
CA ALA A 58 -3.36 -14.05 6.60
C ALA A 58 -4.75 -13.67 7.13
N ASP A 59 -4.80 -13.09 8.32
CA ASP A 59 -6.05 -12.64 8.91
C ASP A 59 -6.65 -11.51 8.10
N TRP A 60 -5.82 -10.59 7.67
CA TRP A 60 -6.27 -9.46 6.86
C TRP A 60 -6.80 -9.95 5.49
N GLN A 61 -6.14 -10.96 4.95
CA GLN A 61 -6.51 -11.56 3.67
C GLN A 61 -7.60 -12.60 3.83
N ASP A 62 -7.91 -12.93 5.08
CA ASP A 62 -8.89 -13.97 5.39
C ASP A 62 -10.23 -13.73 4.69
N GLU A 63 -10.90 -12.65 5.04
CA GLU A 63 -12.17 -12.33 4.43
C GLU A 63 -12.17 -10.95 3.81
N THR A 64 -11.40 -10.04 4.40
CA THR A 64 -11.27 -8.71 3.87
C THR A 64 -10.62 -8.75 2.49
N GLY A 65 -9.61 -9.61 2.35
CA GLY A 65 -8.92 -9.74 1.08
C GLY A 65 -8.15 -8.49 0.72
N VAL A 66 -7.65 -7.80 1.73
CA VAL A 66 -6.94 -6.56 1.49
C VAL A 66 -5.53 -6.82 0.96
N ARG A 67 -5.19 -6.11 -0.09
CA ARG A 67 -3.92 -6.26 -0.77
C ARG A 67 -2.98 -5.12 -0.39
N LEU A 68 -1.71 -5.43 -0.22
CA LEU A 68 -0.74 -4.40 0.08
C LEU A 68 0.05 -4.05 -1.16
N ILE A 69 0.27 -2.77 -1.34
CA ILE A 69 1.07 -2.30 -2.43
C ILE A 69 2.32 -1.64 -1.88
N ALA A 70 3.45 -2.23 -2.15
CA ALA A 70 4.72 -1.75 -1.65
C ALA A 70 5.36 -0.86 -2.69
N VAL A 71 5.48 0.42 -2.39
CA VAL A 71 6.04 1.34 -3.35
C VAL A 71 7.27 2.05 -2.79
N SER A 72 8.31 2.07 -3.59
CA SER A 72 9.53 2.73 -3.22
C SER A 72 9.51 4.18 -3.62
N ILE A 73 9.86 5.03 -2.68
CA ILE A 73 9.93 6.47 -2.88
C ILE A 73 11.18 6.87 -3.64
N ASP A 74 12.13 5.95 -3.69
CA ASP A 74 13.39 6.19 -4.38
C ASP A 74 13.22 5.97 -5.85
N GLU A 75 14.14 6.50 -6.66
CA GLU A 75 14.06 6.39 -8.10
C GLU A 75 14.30 4.97 -8.55
N GLY A 76 14.08 4.72 -9.84
CA GLY A 76 14.20 3.39 -10.38
C GLY A 76 15.53 2.72 -10.14
N GLN A 77 16.62 3.48 -10.28
CA GLN A 77 17.95 2.93 -10.08
C GLN A 77 18.15 2.44 -8.65
N ASN A 78 17.70 3.22 -7.69
CA ASN A 78 17.79 2.84 -6.27
C ASN A 78 16.79 1.74 -5.95
N ALA A 79 15.60 1.86 -6.53
CA ALA A 79 14.49 0.94 -6.29
C ALA A 79 14.76 -0.47 -6.82
N GLN A 80 15.86 -0.67 -7.51
CA GLN A 80 16.20 -1.98 -8.01
C GLN A 80 16.43 -2.96 -6.84
N LYS A 81 16.48 -2.42 -5.62
CA LYS A 81 16.67 -3.22 -4.42
C LYS A 81 15.34 -3.58 -3.73
N VAL A 82 14.23 -2.96 -4.15
CA VAL A 82 12.92 -3.17 -3.45
C VAL A 82 12.46 -4.62 -3.56
N LYS A 83 12.53 -5.12 -4.76
CA LYS A 83 12.05 -6.46 -5.07
C LYS A 83 12.92 -7.57 -4.46
N PRO A 84 14.27 -7.48 -4.52
CA PRO A 84 15.13 -8.46 -3.85
C PRO A 84 14.88 -8.44 -2.33
N LEU A 85 14.51 -7.26 -1.79
CA LEU A 85 14.11 -7.16 -0.39
C LEU A 85 12.84 -7.95 -0.19
N ALA A 86 11.96 -7.83 -1.16
CA ALA A 86 10.67 -8.52 -1.16
C ALA A 86 10.87 -10.02 -1.13
N ASP A 87 11.86 -10.49 -1.89
CA ASP A 87 12.19 -11.92 -1.92
C ASP A 87 12.80 -12.37 -0.60
N GLY A 88 13.75 -11.58 -0.12
CA GLY A 88 14.46 -11.92 1.09
C GLY A 88 13.60 -11.92 2.34
N ASN A 89 12.75 -10.93 2.48
CA ASN A 89 11.92 -10.81 3.69
C ASN A 89 10.61 -11.59 3.56
N GLY A 90 10.26 -11.96 2.34
CA GLY A 90 9.04 -12.72 2.13
C GLY A 90 7.82 -11.83 1.94
N TRP A 91 7.99 -10.74 1.23
CA TRP A 91 6.91 -9.81 0.97
C TRP A 91 6.15 -10.20 -0.28
N GLU A 92 4.96 -10.77 -0.10
CA GLU A 92 4.14 -11.14 -1.26
C GLU A 92 3.08 -10.07 -1.49
N TYR A 93 3.50 -8.93 -2.00
CA TYR A 93 2.59 -7.86 -2.27
C TYR A 93 2.92 -7.25 -3.61
N GLU A 94 2.03 -6.42 -4.11
CA GLU A 94 2.26 -5.74 -5.36
C GLU A 94 3.34 -4.69 -5.15
N VAL A 95 4.56 -4.98 -5.60
CA VAL A 95 5.66 -4.08 -5.41
C VAL A 95 5.81 -3.18 -6.63
N LEU A 96 5.86 -1.89 -6.37
CA LEU A 96 5.97 -0.89 -7.41
C LEU A 96 7.16 -0.01 -7.16
N LEU A 97 7.87 0.28 -8.20
CA LEU A 97 9.03 1.13 -8.13
C LEU A 97 8.70 2.46 -8.76
N ASP A 98 8.74 3.54 -8.00
CA ASP A 98 8.53 4.83 -8.63
C ASP A 98 9.83 5.21 -9.33
N SER A 99 9.76 5.30 -10.64
CA SER A 99 10.93 5.55 -11.44
C SER A 99 11.32 7.03 -11.53
N ASN A 100 10.46 7.89 -11.04
CA ASN A 100 10.74 9.33 -11.11
C ASN A 100 10.59 10.02 -9.75
N GLY A 101 9.84 9.41 -8.84
CA GLY A 101 9.71 9.94 -7.49
C GLY A 101 8.64 11.01 -7.36
N ASP A 102 7.72 11.07 -8.29
CA ASP A 102 6.65 12.07 -8.25
C ASP A 102 5.40 11.54 -7.57
N PHE A 103 5.25 10.23 -7.54
CA PHE A 103 4.09 9.62 -6.92
C PHE A 103 4.04 9.94 -5.43
N LYS A 104 5.20 9.83 -4.77
CA LYS A 104 5.32 10.18 -3.36
C LYS A 104 5.01 11.67 -3.15
N ARG A 105 5.36 12.48 -4.15
CA ARG A 105 5.16 13.91 -4.10
C ARG A 105 3.68 14.23 -4.19
N ALA A 106 2.98 13.48 -5.03
CA ALA A 106 1.53 13.63 -5.20
C ALA A 106 0.82 13.32 -3.89
N MET A 107 1.35 12.33 -3.16
CA MET A 107 0.78 11.94 -1.88
C MET A 107 1.37 12.75 -0.74
N ASN A 108 2.33 13.62 -1.07
CA ASN A 108 2.96 14.52 -0.10
C ASN A 108 3.63 13.74 1.02
N VAL A 109 4.33 12.69 0.65
CA VAL A 109 5.02 11.86 1.61
C VAL A 109 6.25 12.57 2.15
N SER A 110 6.10 13.20 3.30
CA SER A 110 7.19 13.90 3.93
C SER A 110 7.99 12.96 4.83
N LEU A 111 7.30 12.37 5.80
CA LEU A 111 7.93 11.43 6.70
C LEU A 111 7.36 10.06 6.47
N ILE A 112 8.25 9.10 6.27
CA ILE A 112 7.86 7.73 6.10
C ILE A 112 7.77 7.06 7.48
N PRO A 113 7.01 5.97 7.62
CA PRO A 113 6.24 5.37 6.53
C PRO A 113 4.90 6.08 6.32
N ALA A 114 4.42 6.08 5.09
CA ALA A 114 3.12 6.67 4.79
C ALA A 114 2.13 5.59 4.43
N VAL A 115 0.94 5.69 5.00
CA VAL A 115 -0.07 4.67 4.82
C VAL A 115 -1.31 5.24 4.13
N PHE A 116 -1.72 4.59 3.06
CA PHE A 116 -2.94 4.95 2.36
C PHE A 116 -3.81 3.71 2.19
N ILE A 117 -4.99 3.72 2.79
CA ILE A 117 -5.88 2.57 2.76
C ILE A 117 -7.04 2.80 1.80
N VAL A 118 -7.24 1.83 0.94
CA VAL A 118 -8.28 1.85 -0.06
C VAL A 118 -9.31 0.76 0.23
N ASP A 119 -10.59 1.12 0.16
CA ASP A 119 -11.67 0.19 0.48
C ASP A 119 -12.06 -0.66 -0.73
N GLY A 120 -13.14 -1.43 -0.60
CA GLY A 120 -13.60 -2.30 -1.66
C GLY A 120 -14.07 -1.56 -2.90
N ASN A 121 -14.44 -0.29 -2.75
CA ASN A 121 -14.91 0.52 -3.87
C ASN A 121 -13.74 1.13 -4.61
N GLY A 122 -12.53 0.82 -4.17
CA GLY A 122 -11.35 1.33 -4.82
C GLY A 122 -11.13 2.80 -4.53
N LYS A 123 -11.59 3.25 -3.38
CA LYS A 123 -11.44 4.63 -2.99
C LYS A 123 -10.55 4.74 -1.77
N ILE A 124 -9.90 5.87 -1.61
CA ILE A 124 -9.04 6.08 -0.45
C ILE A 124 -9.89 6.48 0.74
N VAL A 125 -9.90 5.62 1.75
CA VAL A 125 -10.72 5.84 2.92
C VAL A 125 -9.86 6.29 4.12
N TYR A 126 -8.57 6.03 4.05
CA TYR A 126 -7.66 6.41 5.13
C TYR A 126 -6.31 6.82 4.56
N ASN A 127 -5.77 7.90 5.09
CA ASN A 127 -4.47 8.36 4.68
C ASN A 127 -3.71 8.96 5.85
N HIS A 128 -2.46 8.61 5.98
CA HIS A 128 -1.64 9.14 7.07
C HIS A 128 -0.16 9.03 6.70
N THR A 129 0.52 10.15 6.73
CA THR A 129 1.93 10.19 6.40
C THR A 129 2.78 10.32 7.66
N GLY A 130 3.54 9.26 7.97
CA GLY A 130 4.43 9.31 9.11
C GLY A 130 3.74 9.14 10.45
N TYR A 131 3.16 7.95 10.69
CA TYR A 131 2.52 7.68 11.99
C TYR A 131 3.58 7.59 13.09
N THR A 132 4.69 6.96 12.74
CA THR A 132 5.85 6.77 13.60
C THR A 132 5.50 6.09 14.94
N GLU A 133 5.39 4.74 14.87
CA GLU A 133 5.06 3.88 16.02
C GLU A 133 3.64 4.12 16.55
N GLY A 134 2.83 3.07 16.54
CA GLY A 134 1.47 3.17 17.03
C GLY A 134 0.51 3.58 15.93
N GLY A 135 0.95 3.44 14.71
CA GLY A 135 0.13 3.80 13.58
C GLY A 135 -0.69 2.64 13.10
N GLU A 136 -0.08 1.45 13.14
CA GLU A 136 -0.72 0.21 12.67
C GLU A 136 -1.99 -0.10 13.44
N ALA A 137 -2.15 0.52 14.59
CA ALA A 137 -3.32 0.31 15.42
C ALA A 137 -4.56 0.78 14.69
N GLU A 138 -4.42 1.92 14.05
CA GLU A 138 -5.50 2.49 13.30
C GLU A 138 -5.74 1.72 12.02
N LEU A 139 -4.65 1.16 11.47
CA LEU A 139 -4.74 0.38 10.24
C LEU A 139 -5.62 -0.85 10.44
N ILE A 140 -5.38 -1.59 11.51
CA ILE A 140 -6.19 -2.77 11.80
C ILE A 140 -7.60 -2.36 12.17
N LYS A 141 -7.71 -1.25 12.91
CA LYS A 141 -9.00 -0.71 13.28
C LYS A 141 -9.79 -0.38 12.03
N LYS A 142 -9.13 0.29 11.08
CA LYS A 142 -9.78 0.70 9.85
C LYS A 142 -10.19 -0.51 9.01
N VAL A 143 -9.38 -1.57 9.03
CA VAL A 143 -9.70 -2.79 8.29
C VAL A 143 -11.01 -3.39 8.78
N ARG A 144 -11.16 -3.47 10.09
CA ARG A 144 -12.39 -3.94 10.69
C ARG A 144 -13.51 -2.92 10.46
N GLU A 145 -13.11 -1.66 10.51
CA GLU A 145 -14.00 -0.54 10.29
C GLU A 145 -14.58 -0.56 8.87
N LEU A 146 -13.86 -1.17 7.93
CA LEU A 146 -14.33 -1.31 6.55
C LEU A 146 -15.61 -2.15 6.55
N VAL A 147 -15.62 -3.16 7.40
CA VAL A 147 -16.78 -4.03 7.56
C VAL A 147 -17.97 -3.21 8.07
N LYS A 148 -17.70 -2.34 9.05
CA LYS A 148 -18.71 -1.46 9.62
C LYS A 148 -19.05 -0.28 8.72
N GLU A 149 -18.25 -0.09 7.67
CA GLU A 149 -18.53 0.96 6.70
C GLU A 149 -19.82 0.62 5.97
N GLY A 150 -20.02 -0.66 5.72
CA GLY A 150 -21.24 -1.12 5.13
C GLY A 150 -22.33 -1.22 6.18
N HIS A 151 -23.59 -1.18 5.74
CA HIS A 151 -24.74 -1.23 6.66
C HIS A 151 -24.86 0.08 7.45
N HIS A 152 -24.12 1.10 7.01
CA HIS A 152 -24.16 2.42 7.64
C HIS A 152 -25.56 3.03 7.52
N HIS A 153 -26.32 2.94 8.62
CA HIS A 153 -27.71 3.38 8.66
C HIS A 153 -28.53 2.61 7.62
N HIS A 154 -29.03 1.44 8.03
CA HIS A 154 -29.80 0.55 7.13
C HIS A 154 -28.91 -0.07 6.06
N HIS A 155 -29.48 -0.98 5.28
CA HIS A 155 -28.74 -1.63 4.20
C HIS A 155 -29.36 -1.27 2.86
N HIS A 156 -28.55 -1.30 1.83
CA HIS A 156 -29.00 -0.95 0.49
C HIS A 156 -29.39 -2.20 -0.27
N ASN A 4 -15.09 -0.11 -10.63
CA ASN A 4 -14.20 1.03 -10.40
C ASN A 4 -13.31 0.79 -9.18
N THR A 5 -12.94 -0.45 -8.96
CA THR A 5 -12.13 -0.79 -7.82
C THR A 5 -10.64 -0.63 -8.12
N TYR A 6 -10.16 0.59 -7.95
CA TYR A 6 -8.74 0.91 -8.14
C TYR A 6 -8.18 1.36 -6.81
N ALA A 7 -7.68 2.57 -6.79
CA ALA A 7 -7.14 3.15 -5.58
C ALA A 7 -7.29 4.66 -5.62
N GLN A 8 -8.11 5.17 -6.56
CA GLN A 8 -8.36 6.62 -6.73
C GLN A 8 -7.04 7.41 -6.79
N LEU A 9 -6.03 6.79 -7.36
CA LEU A 9 -4.71 7.37 -7.44
C LEU A 9 -4.58 8.37 -8.57
N PRO A 10 -3.62 9.32 -8.46
CA PRO A 10 -3.33 10.29 -9.50
C PRO A 10 -2.84 9.61 -10.77
N ALA A 11 -3.03 10.25 -11.91
CA ALA A 11 -2.59 9.68 -13.17
C ALA A 11 -1.07 9.72 -13.31
N VAL A 12 -0.40 8.78 -12.68
CA VAL A 12 1.04 8.68 -12.73
C VAL A 12 1.44 7.32 -13.28
N SER A 13 2.38 7.33 -14.21
CA SER A 13 2.86 6.10 -14.79
C SER A 13 4.09 5.61 -14.04
N LEU A 14 3.90 4.57 -13.23
CA LEU A 14 4.97 3.99 -12.45
C LEU A 14 5.41 2.69 -13.07
N LYS A 15 6.40 2.07 -12.49
CA LYS A 15 6.93 0.84 -13.00
C LYS A 15 6.54 -0.32 -12.09
N ASN A 16 6.09 -1.44 -12.67
CA ASN A 16 5.70 -2.59 -11.87
C ASN A 16 6.89 -3.54 -11.69
N ILE A 17 6.67 -4.64 -10.98
CA ILE A 17 7.73 -5.58 -10.69
C ILE A 17 8.22 -6.32 -11.95
N GLU A 18 7.47 -6.20 -13.03
CA GLU A 18 7.82 -6.88 -14.27
C GLU A 18 8.60 -5.96 -15.21
N GLY A 19 8.75 -4.72 -14.80
CA GLY A 19 9.46 -3.75 -15.63
C GLY A 19 8.58 -3.16 -16.71
N LYS A 20 7.28 -3.24 -16.52
CA LYS A 20 6.34 -2.67 -17.46
C LYS A 20 5.70 -1.44 -16.85
N THR A 21 5.34 -0.50 -17.70
CA THR A 21 4.76 0.74 -17.24
C THR A 21 3.30 0.52 -16.83
N VAL A 22 3.01 0.85 -15.59
CA VAL A 22 1.68 0.75 -15.07
C VAL A 22 1.22 2.08 -14.51
N GLN A 23 0.00 2.45 -14.81
CA GLN A 23 -0.51 3.70 -14.35
C GLN A 23 -1.31 3.48 -13.08
N THR A 24 -1.07 4.32 -12.10
CA THR A 24 -1.71 4.21 -10.80
C THR A 24 -3.22 4.49 -10.86
N ASN A 25 -3.63 5.29 -11.82
CA ASN A 25 -5.04 5.62 -12.00
C ASN A 25 -5.83 4.35 -12.36
N LYS A 26 -5.19 3.46 -13.09
CA LYS A 26 -5.83 2.22 -13.53
C LYS A 26 -5.33 1.02 -12.72
N LEU A 27 -4.65 1.29 -11.63
CA LEU A 27 -4.03 0.23 -10.85
C LEU A 27 -5.03 -0.45 -9.91
N GLU A 28 -5.13 -1.76 -10.05
CA GLU A 28 -5.97 -2.58 -9.20
C GLU A 28 -5.31 -3.94 -9.02
N ASN A 29 -5.89 -4.76 -8.16
CA ASN A 29 -5.35 -6.10 -7.91
C ASN A 29 -6.29 -7.18 -8.43
N ALA A 30 -7.53 -7.15 -7.96
CA ALA A 30 -8.56 -8.12 -8.34
C ALA A 30 -9.89 -7.72 -7.73
N GLY A 31 -10.17 -6.42 -7.72
CA GLY A 31 -11.41 -5.91 -7.14
C GLY A 31 -11.42 -6.01 -5.62
N LYS A 32 -10.24 -5.99 -5.02
CA LYS A 32 -10.11 -6.10 -3.57
C LYS A 32 -9.50 -4.82 -2.98
N PRO A 33 -9.79 -4.51 -1.71
CA PRO A 33 -9.25 -3.32 -1.03
C PRO A 33 -7.72 -3.39 -0.94
N MET A 34 -7.08 -2.23 -0.90
CA MET A 34 -5.61 -2.18 -0.92
C MET A 34 -5.05 -1.20 0.07
N ILE A 35 -3.82 -1.45 0.48
CA ILE A 35 -3.09 -0.55 1.34
C ILE A 35 -1.76 -0.27 0.68
N ILE A 36 -1.46 0.99 0.49
CA ILE A 36 -0.21 1.37 -0.12
C ILE A 36 0.77 1.80 0.94
N SER A 37 1.88 1.10 1.04
CA SER A 37 2.88 1.42 2.01
C SER A 37 4.05 2.16 1.37
N PHE A 38 4.35 3.33 1.88
CA PHE A 38 5.44 4.13 1.38
C PHE A 38 6.66 3.91 2.23
N PHE A 39 7.70 3.35 1.62
CA PHE A 39 8.91 3.05 2.36
C PHE A 39 10.15 3.42 1.56
N ALA A 40 11.27 3.45 2.24
CA ALA A 40 12.54 3.80 1.63
C ALA A 40 13.44 2.59 1.54
N THR A 41 14.43 2.67 0.68
CA THR A 41 15.40 1.60 0.50
C THR A 41 16.22 1.36 1.76
N ASN A 42 16.48 2.44 2.49
CA ASN A 42 17.23 2.36 3.74
C ASN A 42 16.28 2.25 4.93
N CYS A 43 15.54 1.16 4.97
CA CYS A 43 14.57 0.93 6.02
C CYS A 43 15.23 0.87 7.40
N LYS A 44 14.70 1.67 8.32
CA LYS A 44 15.22 1.74 9.68
C LYS A 44 14.20 1.28 10.76
N PRO A 45 12.86 1.61 10.64
CA PRO A 45 11.89 1.24 11.66
C PRO A 45 11.35 -0.17 11.46
N CYS A 46 12.10 -1.00 10.73
CA CYS A 46 11.72 -2.38 10.43
C CYS A 46 10.42 -2.44 9.63
N LEU A 47 10.03 -1.28 9.05
CA LEU A 47 8.77 -1.16 8.30
C LEU A 47 7.64 -1.78 9.10
N ARG A 48 7.25 -1.09 10.15
CA ARG A 48 6.32 -1.61 11.14
C ARG A 48 4.99 -2.01 10.51
N GLU A 49 4.43 -1.13 9.69
CA GLU A 49 3.16 -1.37 9.04
C GLU A 49 3.22 -2.64 8.18
N LEU A 50 4.16 -2.66 7.26
CA LEU A 50 4.26 -3.73 6.30
C LEU A 50 4.61 -5.05 6.98
N LYS A 51 5.55 -4.99 7.94
CA LYS A 51 5.98 -6.18 8.65
C LYS A 51 4.86 -6.78 9.50
N ALA A 52 4.18 -5.93 10.25
CA ALA A 52 3.11 -6.40 11.12
C ALA A 52 1.99 -7.01 10.32
N ILE A 53 1.65 -6.39 9.20
CA ILE A 53 0.63 -6.90 8.34
C ILE A 53 1.09 -8.22 7.74
N GLN A 54 2.36 -8.29 7.32
CA GLN A 54 2.93 -9.52 6.77
C GLN A 54 2.73 -10.70 7.74
N GLU A 55 2.91 -10.42 9.02
CA GLU A 55 2.75 -11.44 10.07
C GLU A 55 1.31 -11.97 10.11
N VAL A 56 0.35 -11.06 10.08
CA VAL A 56 -1.06 -11.43 10.15
C VAL A 56 -1.78 -11.21 8.82
N TYR A 57 -1.03 -11.28 7.74
CA TYR A 57 -1.57 -11.02 6.40
C TYR A 57 -2.68 -12.00 6.07
N ALA A 58 -2.50 -13.24 6.46
CA ALA A 58 -3.51 -14.25 6.22
C ALA A 58 -4.82 -13.88 6.92
N ASP A 59 -4.69 -13.31 8.12
CA ASP A 59 -5.86 -12.87 8.90
C ASP A 59 -6.58 -11.70 8.22
N TRP A 60 -5.81 -10.74 7.72
CA TRP A 60 -6.39 -9.60 7.01
C TRP A 60 -7.03 -10.06 5.70
N GLN A 61 -6.36 -10.97 5.01
CA GLN A 61 -6.86 -11.55 3.77
C GLN A 61 -8.00 -12.52 4.02
N ASP A 62 -8.13 -12.94 5.26
CA ASP A 62 -9.13 -13.90 5.68
C ASP A 62 -10.53 -13.39 5.41
N GLU A 63 -10.80 -12.16 5.77
CA GLU A 63 -12.12 -11.60 5.62
C GLU A 63 -12.14 -10.48 4.61
N THR A 64 -11.50 -9.40 4.95
CA THR A 64 -11.49 -8.21 4.13
C THR A 64 -10.81 -8.46 2.78
N GLY A 65 -9.84 -9.37 2.76
CA GLY A 65 -9.11 -9.65 1.52
C GLY A 65 -8.34 -8.44 1.03
N VAL A 66 -7.64 -7.77 1.93
CA VAL A 66 -6.93 -6.56 1.59
C VAL A 66 -5.50 -6.84 1.10
N ARG A 67 -5.15 -6.22 -0.02
CA ARG A 67 -3.83 -6.37 -0.65
C ARG A 67 -2.90 -5.24 -0.24
N LEU A 68 -1.59 -5.46 -0.38
CA LEU A 68 -0.61 -4.45 -0.01
C LEU A 68 0.25 -4.08 -1.18
N ILE A 69 0.36 -2.80 -1.42
CA ILE A 69 1.20 -2.29 -2.45
C ILE A 69 2.40 -1.60 -1.82
N ALA A 70 3.55 -2.21 -1.93
CA ALA A 70 4.76 -1.67 -1.36
C ALA A 70 5.48 -0.83 -2.39
N VAL A 71 5.45 0.48 -2.22
CA VAL A 71 6.02 1.37 -3.21
C VAL A 71 7.33 1.99 -2.74
N SER A 72 8.32 1.92 -3.61
CA SER A 72 9.60 2.50 -3.36
C SER A 72 9.56 3.97 -3.73
N ILE A 73 9.98 4.80 -2.80
CA ILE A 73 10.03 6.24 -2.99
C ILE A 73 11.31 6.65 -3.71
N ASP A 74 12.26 5.75 -3.75
CA ASP A 74 13.55 6.03 -4.37
C ASP A 74 13.49 5.78 -5.86
N GLU A 75 14.34 6.50 -6.59
CA GLU A 75 14.36 6.47 -8.05
C GLU A 75 14.64 5.06 -8.60
N GLY A 76 14.50 4.93 -9.91
CA GLY A 76 14.58 3.62 -10.55
C GLY A 76 15.84 2.81 -10.28
N GLN A 77 17.00 3.41 -10.43
CA GLN A 77 18.25 2.69 -10.23
C GLN A 77 18.41 2.29 -8.76
N ASN A 78 18.09 3.22 -7.87
CA ASN A 78 18.17 2.97 -6.43
C ASN A 78 17.16 1.93 -5.99
N ALA A 79 15.96 2.00 -6.58
CA ALA A 79 14.87 1.10 -6.26
C ALA A 79 15.09 -0.31 -6.78
N GLN A 80 16.17 -0.52 -7.53
CA GLN A 80 16.50 -1.85 -8.01
C GLN A 80 16.77 -2.82 -6.85
N LYS A 81 16.87 -2.27 -5.64
CA LYS A 81 17.13 -3.05 -4.44
C LYS A 81 15.82 -3.45 -3.75
N VAL A 82 14.70 -2.86 -4.17
CA VAL A 82 13.40 -3.11 -3.55
C VAL A 82 12.94 -4.54 -3.71
N LYS A 83 13.00 -5.00 -4.93
CA LYS A 83 12.52 -6.31 -5.26
C LYS A 83 13.40 -7.45 -4.71
N PRO A 84 14.75 -7.32 -4.72
CA PRO A 84 15.60 -8.32 -4.07
C PRO A 84 15.31 -8.39 -2.58
N LEU A 85 14.86 -7.26 -1.99
CA LEU A 85 14.42 -7.25 -0.59
C LEU A 85 13.25 -8.19 -0.45
N ALA A 86 12.31 -8.05 -1.39
CA ALA A 86 11.08 -8.83 -1.42
C ALA A 86 11.39 -10.32 -1.55
N ASP A 87 12.41 -10.62 -2.32
CA ASP A 87 12.86 -11.98 -2.53
C ASP A 87 13.38 -12.60 -1.22
N GLY A 88 13.96 -11.77 -0.36
CA GLY A 88 14.51 -12.26 0.89
C GLY A 88 13.52 -12.28 2.05
N ASN A 89 12.74 -11.21 2.20
CA ASN A 89 11.76 -11.10 3.30
C ASN A 89 10.46 -11.83 3.00
N GLY A 90 10.24 -12.14 1.74
CA GLY A 90 9.05 -12.87 1.35
C GLY A 90 7.80 -12.01 1.34
N TRP A 91 7.80 -10.96 0.53
CA TRP A 91 6.61 -10.13 0.38
C TRP A 91 5.64 -10.83 -0.55
N GLU A 92 4.50 -11.25 0.00
CA GLU A 92 3.51 -12.01 -0.74
C GLU A 92 2.39 -11.09 -1.27
N TYR A 93 2.78 -9.89 -1.65
CA TYR A 93 1.87 -8.90 -2.20
C TYR A 93 2.56 -8.15 -3.34
N GLU A 94 1.93 -7.10 -3.84
CA GLU A 94 2.50 -6.43 -4.99
C GLU A 94 3.47 -5.32 -4.60
N VAL A 95 4.56 -5.27 -5.32
CA VAL A 95 5.58 -4.28 -5.09
C VAL A 95 5.53 -3.24 -6.21
N LEU A 96 5.71 -2.00 -5.85
CA LEU A 96 5.57 -0.91 -6.79
C LEU A 96 6.87 -0.16 -6.86
N LEU A 97 7.33 0.10 -8.05
CA LEU A 97 8.59 0.74 -8.21
C LEU A 97 8.41 2.15 -8.79
N ASP A 98 8.36 3.18 -7.92
CA ASP A 98 8.31 4.54 -8.47
C ASP A 98 9.70 4.92 -8.92
N SER A 99 9.86 5.14 -10.20
CA SER A 99 11.16 5.43 -10.78
C SER A 99 11.45 6.93 -10.79
N ASN A 100 10.45 7.75 -10.58
CA ASN A 100 10.63 9.19 -10.62
C ASN A 100 10.64 9.78 -9.21
N GLY A 101 9.78 9.24 -8.36
CA GLY A 101 9.63 9.77 -7.03
C GLY A 101 8.55 10.85 -7.00
N ASP A 102 7.69 10.81 -8.02
CA ASP A 102 6.62 11.80 -8.17
C ASP A 102 5.36 11.35 -7.47
N PHE A 103 5.18 10.04 -7.39
CA PHE A 103 3.99 9.46 -6.80
C PHE A 103 3.85 9.87 -5.34
N LYS A 104 4.95 9.84 -4.61
CA LYS A 104 4.94 10.26 -3.21
C LYS A 104 4.57 11.74 -3.08
N ARG A 105 5.06 12.56 -4.02
CA ARG A 105 4.77 13.99 -4.01
C ARG A 105 3.29 14.20 -4.26
N ALA A 106 2.76 13.45 -5.20
CA ALA A 106 1.36 13.49 -5.57
C ALA A 106 0.48 13.03 -4.40
N MET A 107 0.99 12.07 -3.64
CA MET A 107 0.28 11.52 -2.50
C MET A 107 0.51 12.34 -1.23
N ASN A 108 1.39 13.36 -1.32
CA ASN A 108 1.67 14.27 -0.20
C ASN A 108 2.46 13.58 0.91
N VAL A 109 3.36 12.69 0.53
CA VAL A 109 4.17 11.97 1.50
C VAL A 109 5.38 12.80 1.93
N SER A 110 5.35 13.29 3.16
CA SER A 110 6.44 14.07 3.69
C SER A 110 7.32 13.21 4.60
N LEU A 111 6.75 12.75 5.71
CA LEU A 111 7.48 11.90 6.63
C LEU A 111 7.19 10.45 6.31
N ILE A 112 8.23 9.69 6.12
CA ILE A 112 8.11 8.28 5.87
C ILE A 112 8.25 7.53 7.18
N PRO A 113 7.56 6.39 7.34
CA PRO A 113 6.70 5.79 6.30
C PRO A 113 5.30 6.40 6.25
N ALA A 114 4.56 6.12 5.19
CA ALA A 114 3.20 6.66 5.03
C ALA A 114 2.21 5.56 4.65
N VAL A 115 0.99 5.64 5.21
CA VAL A 115 -0.02 4.61 4.97
C VAL A 115 -1.22 5.18 4.21
N PHE A 116 -1.57 4.54 3.13
CA PHE A 116 -2.76 4.90 2.37
C PHE A 116 -3.65 3.67 2.20
N ILE A 117 -4.85 3.74 2.72
CA ILE A 117 -5.77 2.61 2.66
C ILE A 117 -6.88 2.87 1.66
N VAL A 118 -7.12 1.90 0.83
CA VAL A 118 -8.12 1.95 -0.20
C VAL A 118 -9.27 1.04 0.18
N ASP A 119 -10.48 1.58 0.08
CA ASP A 119 -11.70 0.89 0.50
C ASP A 119 -12.11 -0.19 -0.49
N GLY A 120 -13.22 -0.86 -0.18
CA GLY A 120 -13.75 -1.92 -1.03
C GLY A 120 -14.21 -1.41 -2.38
N ASN A 121 -14.67 -0.16 -2.41
CA ASN A 121 -15.12 0.45 -3.67
C ASN A 121 -13.93 0.64 -4.60
N GLY A 122 -12.82 1.09 -4.04
CA GLY A 122 -11.63 1.34 -4.81
C GLY A 122 -11.17 2.77 -4.68
N LYS A 123 -11.59 3.41 -3.60
CA LYS A 123 -11.23 4.80 -3.34
C LYS A 123 -10.36 4.89 -2.09
N ILE A 124 -9.69 6.01 -1.93
CA ILE A 124 -8.83 6.23 -0.79
C ILE A 124 -9.67 6.61 0.42
N VAL A 125 -9.76 5.72 1.38
CA VAL A 125 -10.58 5.92 2.55
C VAL A 125 -9.78 6.45 3.75
N TYR A 126 -8.58 5.93 3.93
CA TYR A 126 -7.76 6.36 5.05
C TYR A 126 -6.37 6.76 4.57
N ASN A 127 -6.00 7.98 4.86
CA ASN A 127 -4.68 8.46 4.49
C ASN A 127 -3.96 9.04 5.70
N HIS A 128 -2.82 8.49 6.01
CA HIS A 128 -2.03 8.95 7.15
C HIS A 128 -0.56 9.03 6.79
N THR A 129 -0.08 10.23 6.62
CA THR A 129 1.30 10.46 6.25
C THR A 129 2.14 10.77 7.47
N GLY A 130 3.19 9.99 7.67
CA GLY A 130 4.08 10.27 8.75
C GLY A 130 3.76 9.53 10.04
N TYR A 131 3.53 8.22 9.96
CA TYR A 131 3.35 7.45 11.18
C TYR A 131 4.73 6.97 11.59
N THR A 132 5.05 7.06 12.84
CA THR A 132 6.37 6.70 13.26
C THR A 132 6.34 5.63 14.35
N GLU A 133 5.93 4.42 13.92
CA GLU A 133 5.82 3.22 14.78
C GLU A 133 4.67 3.34 15.78
N GLY A 134 3.72 2.42 15.69
CA GLY A 134 2.56 2.46 16.55
C GLY A 134 1.34 2.95 15.79
N GLY A 135 1.48 3.07 14.49
CA GLY A 135 0.39 3.55 13.67
C GLY A 135 -0.46 2.43 13.13
N GLU A 136 0.07 1.20 13.15
CA GLU A 136 -0.67 0.03 12.63
C GLU A 136 -1.98 -0.20 13.36
N ALA A 137 -2.10 0.37 14.55
CA ALA A 137 -3.28 0.18 15.37
C ALA A 137 -4.49 0.75 14.65
N GLU A 138 -4.29 1.89 14.01
CA GLU A 138 -5.34 2.55 13.29
C GLU A 138 -5.68 1.78 12.02
N LEU A 139 -4.67 1.16 11.42
CA LEU A 139 -4.84 0.42 10.18
C LEU A 139 -5.81 -0.73 10.34
N ILE A 140 -5.60 -1.57 11.35
CA ILE A 140 -6.48 -2.72 11.57
C ILE A 140 -7.86 -2.22 12.03
N LYS A 141 -7.85 -1.17 12.85
CA LYS A 141 -9.08 -0.58 13.35
C LYS A 141 -9.93 -0.10 12.19
N LYS A 142 -9.32 0.63 11.27
CA LYS A 142 -10.02 1.15 10.12
C LYS A 142 -10.50 0.03 9.19
N VAL A 143 -9.75 -1.09 9.17
CA VAL A 143 -10.15 -2.25 8.38
C VAL A 143 -11.52 -2.73 8.85
N ARG A 144 -11.68 -2.79 10.16
CA ARG A 144 -12.95 -3.18 10.76
C ARG A 144 -14.01 -2.09 10.51
N GLU A 145 -13.56 -0.83 10.56
CA GLU A 145 -14.46 0.32 10.35
C GLU A 145 -15.09 0.27 8.98
N LEU A 146 -14.32 -0.20 8.01
CA LEU A 146 -14.79 -0.24 6.63
C LEU A 146 -16.03 -1.10 6.52
N VAL A 147 -16.00 -2.22 7.21
CA VAL A 147 -17.11 -3.15 7.19
C VAL A 147 -18.35 -2.51 7.84
N LYS A 148 -18.11 -1.88 8.98
CA LYS A 148 -19.17 -1.27 9.77
C LYS A 148 -19.76 -0.03 9.09
N GLU A 149 -18.87 0.83 8.62
CA GLU A 149 -19.27 2.09 8.02
C GLU A 149 -19.89 1.90 6.64
N GLY A 150 -19.36 0.94 5.88
CA GLY A 150 -19.91 0.66 4.57
C GLY A 150 -19.02 1.12 3.45
N HIS A 151 -18.71 2.41 3.44
CA HIS A 151 -17.82 2.97 2.42
C HIS A 151 -16.67 3.73 3.05
N HIS A 152 -16.94 4.93 3.53
CA HIS A 152 -15.90 5.77 4.13
C HIS A 152 -16.24 6.11 5.56
N HIS A 153 -17.47 6.51 5.77
CA HIS A 153 -17.99 6.84 7.11
C HIS A 153 -19.46 6.49 7.18
N HIS A 154 -20.14 6.65 6.07
CA HIS A 154 -21.55 6.37 5.97
C HIS A 154 -21.75 5.29 4.91
N HIS A 155 -22.95 4.71 4.84
CA HIS A 155 -23.26 3.70 3.83
C HIS A 155 -23.14 4.31 2.44
N HIS A 156 -23.49 5.58 2.33
CA HIS A 156 -23.36 6.31 1.09
C HIS A 156 -21.90 6.68 0.85
N ASN A 4 -14.39 -1.00 -10.46
CA ASN A 4 -13.77 0.19 -9.92
C ASN A 4 -13.12 -0.12 -8.58
N THR A 5 -11.84 -0.49 -8.63
CA THR A 5 -11.10 -0.80 -7.42
C THR A 5 -9.64 -0.38 -7.56
N TYR A 6 -9.43 0.93 -7.66
CA TYR A 6 -8.09 1.51 -7.74
C TYR A 6 -7.71 1.96 -6.34
N ALA A 7 -7.18 3.15 -6.24
CA ALA A 7 -6.78 3.69 -4.95
C ALA A 7 -7.01 5.20 -4.91
N GLN A 8 -7.90 5.70 -5.78
CA GLN A 8 -8.22 7.14 -5.89
C GLN A 8 -6.92 7.95 -5.97
N LEU A 9 -5.97 7.40 -6.70
CA LEU A 9 -4.66 7.98 -6.79
C LEU A 9 -4.43 8.71 -8.10
N PRO A 10 -3.62 9.78 -8.06
CA PRO A 10 -3.28 10.58 -9.24
C PRO A 10 -2.69 9.74 -10.37
N ALA A 11 -2.98 10.15 -11.60
CA ALA A 11 -2.51 9.44 -12.78
C ALA A 11 -1.01 9.63 -12.99
N VAL A 12 -0.24 8.74 -12.43
CA VAL A 12 1.20 8.78 -12.57
C VAL A 12 1.69 7.50 -13.23
N SER A 13 2.54 7.64 -14.23
CA SER A 13 3.10 6.49 -14.90
C SER A 13 4.21 5.88 -14.05
N LEU A 14 3.86 4.81 -13.35
CA LEU A 14 4.78 4.16 -12.44
C LEU A 14 5.29 2.85 -13.04
N LYS A 15 6.18 2.18 -12.34
CA LYS A 15 6.68 0.93 -12.82
C LYS A 15 6.35 -0.20 -11.86
N ASN A 16 5.94 -1.34 -12.40
CA ASN A 16 5.63 -2.49 -11.56
C ASN A 16 6.80 -3.47 -11.53
N ILE A 17 6.61 -4.58 -10.82
CA ILE A 17 7.66 -5.59 -10.70
C ILE A 17 7.93 -6.28 -12.03
N GLU A 18 6.98 -6.19 -12.93
CA GLU A 18 7.10 -6.80 -14.25
C GLU A 18 7.95 -5.89 -15.18
N GLY A 19 8.19 -4.67 -14.72
CA GLY A 19 8.94 -3.71 -15.52
C GLY A 19 8.06 -3.08 -16.57
N LYS A 20 6.77 -3.20 -16.37
CA LYS A 20 5.80 -2.65 -17.27
C LYS A 20 5.34 -1.31 -16.78
N THR A 21 5.22 -0.37 -17.70
CA THR A 21 4.79 0.96 -17.37
C THR A 21 3.30 0.93 -17.11
N VAL A 22 2.93 0.93 -15.86
CA VAL A 22 1.55 0.88 -15.50
C VAL A 22 1.17 2.13 -14.74
N GLN A 23 0.07 2.72 -15.14
CA GLN A 23 -0.36 3.95 -14.53
C GLN A 23 -1.12 3.66 -13.26
N THR A 24 -0.83 4.43 -12.24
CA THR A 24 -1.41 4.24 -10.94
C THR A 24 -2.92 4.45 -10.94
N ASN A 25 -3.40 5.40 -11.73
CA ASN A 25 -4.83 5.70 -11.79
C ASN A 25 -5.62 4.58 -12.45
N LYS A 26 -4.94 3.71 -13.16
CA LYS A 26 -5.59 2.59 -13.84
C LYS A 26 -5.25 1.28 -13.17
N LEU A 27 -4.55 1.35 -12.07
CA LEU A 27 -4.12 0.16 -11.39
C LEU A 27 -5.20 -0.33 -10.45
N GLU A 28 -5.77 -1.47 -10.74
CA GLU A 28 -6.82 -2.05 -9.93
C GLU A 28 -6.48 -3.47 -9.51
N ASN A 29 -7.06 -3.88 -8.40
CA ASN A 29 -6.83 -5.22 -7.88
C ASN A 29 -7.80 -6.23 -8.50
N ALA A 30 -9.08 -6.09 -8.15
CA ALA A 30 -10.13 -7.01 -8.62
C ALA A 30 -11.47 -6.68 -7.94
N GLY A 31 -11.39 -6.02 -6.79
CA GLY A 31 -12.59 -5.68 -6.06
C GLY A 31 -12.32 -5.64 -4.57
N LYS A 32 -11.18 -6.16 -4.18
CA LYS A 32 -10.78 -6.17 -2.77
C LYS A 32 -9.97 -4.92 -2.44
N PRO A 33 -10.08 -4.42 -1.19
CA PRO A 33 -9.37 -3.22 -0.74
C PRO A 33 -7.85 -3.39 -0.71
N MET A 34 -7.14 -2.28 -0.79
CA MET A 34 -5.68 -2.29 -0.84
C MET A 34 -5.09 -1.20 0.03
N ILE A 35 -3.84 -1.34 0.39
CA ILE A 35 -3.15 -0.36 1.19
C ILE A 35 -1.82 -0.04 0.52
N ILE A 36 -1.55 1.23 0.32
CA ILE A 36 -0.29 1.66 -0.28
C ILE A 36 0.65 2.12 0.82
N SER A 37 1.81 1.49 0.89
CA SER A 37 2.77 1.82 1.92
C SER A 37 4.04 2.39 1.30
N PHE A 38 4.40 3.59 1.70
CA PHE A 38 5.62 4.21 1.24
C PHE A 38 6.75 3.82 2.16
N PHE A 39 7.73 3.12 1.62
CA PHE A 39 8.84 2.65 2.41
C PHE A 39 10.15 2.90 1.71
N ALA A 40 11.24 2.75 2.43
CA ALA A 40 12.55 2.96 1.89
C ALA A 40 13.30 1.63 1.78
N THR A 41 14.15 1.54 0.81
CA THR A 41 14.91 0.33 0.52
C THR A 41 15.85 -0.07 1.66
N ASN A 42 16.38 0.91 2.36
CA ASN A 42 17.33 0.64 3.45
C ASN A 42 16.66 0.67 4.84
N CYS A 43 15.35 0.73 4.87
CA CYS A 43 14.64 0.77 6.12
C CYS A 43 14.00 -0.57 6.46
N LYS A 44 14.11 -0.97 7.73
CA LYS A 44 13.50 -2.22 8.20
C LYS A 44 12.67 -2.00 9.48
N PRO A 45 13.27 -1.46 10.59
CA PRO A 45 12.54 -1.24 11.86
C PRO A 45 11.51 -0.15 11.71
N CYS A 46 11.76 0.74 10.76
CA CYS A 46 10.89 1.85 10.48
C CYS A 46 9.57 1.33 9.93
N LEU A 47 9.60 0.13 9.36
CA LEU A 47 8.42 -0.45 8.76
C LEU A 47 7.59 -1.21 9.79
N ARG A 48 7.12 -0.49 10.80
CA ARG A 48 6.25 -1.10 11.83
C ARG A 48 5.00 -1.65 11.18
N GLU A 49 4.47 -0.85 10.28
CA GLU A 49 3.32 -1.18 9.48
C GLU A 49 3.51 -2.50 8.77
N LEU A 50 4.49 -2.54 7.89
CA LEU A 50 4.75 -3.71 7.09
C LEU A 50 5.15 -4.90 7.96
N LYS A 51 5.97 -4.66 8.97
CA LYS A 51 6.44 -5.72 9.88
C LYS A 51 5.26 -6.36 10.64
N ALA A 52 4.40 -5.52 11.20
CA ALA A 52 3.24 -6.02 11.94
C ALA A 52 2.26 -6.73 11.02
N ILE A 53 2.04 -6.15 9.85
CA ILE A 53 1.13 -6.76 8.88
C ILE A 53 1.69 -8.08 8.40
N GLN A 54 2.99 -8.12 8.15
CA GLN A 54 3.66 -9.35 7.71
C GLN A 54 3.35 -10.52 8.66
N GLU A 55 3.13 -10.19 9.92
CA GLU A 55 2.82 -11.18 10.94
C GLU A 55 1.32 -11.56 10.93
N VAL A 56 0.45 -10.57 10.69
CA VAL A 56 -1.01 -10.81 10.73
C VAL A 56 -1.70 -10.59 9.36
N TYR A 57 -0.95 -10.71 8.30
CA TYR A 57 -1.47 -10.48 6.95
C TYR A 57 -2.57 -11.48 6.61
N ALA A 58 -2.43 -12.70 7.09
CA ALA A 58 -3.44 -13.72 6.90
C ALA A 58 -4.77 -13.31 7.55
N ASP A 59 -4.67 -12.68 8.72
CA ASP A 59 -5.87 -12.21 9.44
C ASP A 59 -6.61 -11.16 8.64
N TRP A 60 -5.87 -10.25 8.06
CA TRP A 60 -6.43 -9.20 7.23
C TRP A 60 -7.00 -9.81 5.92
N GLN A 61 -6.35 -10.86 5.46
CA GLN A 61 -6.76 -11.58 4.26
C GLN A 61 -7.90 -12.56 4.50
N ASP A 62 -8.28 -12.73 5.78
CA ASP A 62 -9.37 -13.66 6.15
C ASP A 62 -10.62 -13.44 5.34
N GLU A 63 -11.08 -12.20 5.28
CA GLU A 63 -12.28 -11.89 4.52
C GLU A 63 -12.15 -10.58 3.78
N THR A 64 -11.45 -9.64 4.38
CA THR A 64 -11.22 -8.35 3.77
C THR A 64 -10.47 -8.54 2.45
N GLY A 65 -9.47 -9.41 2.46
CA GLY A 65 -8.69 -9.66 1.26
C GLY A 65 -7.87 -8.45 0.86
N VAL A 66 -7.51 -7.65 1.83
CA VAL A 66 -6.79 -6.42 1.60
C VAL A 66 -5.31 -6.72 1.29
N ARG A 67 -4.83 -6.19 0.19
CA ARG A 67 -3.45 -6.41 -0.19
C ARG A 67 -2.62 -5.16 0.03
N LEU A 68 -1.32 -5.33 0.05
CA LEU A 68 -0.43 -4.21 0.24
C LEU A 68 0.30 -3.88 -1.04
N ILE A 69 0.26 -2.61 -1.39
CA ILE A 69 0.99 -2.10 -2.53
C ILE A 69 2.23 -1.41 -2.00
N ALA A 70 3.37 -2.05 -2.19
CA ALA A 70 4.61 -1.53 -1.66
C ALA A 70 5.32 -0.68 -2.67
N VAL A 71 5.43 0.60 -2.40
CA VAL A 71 6.04 1.52 -3.35
C VAL A 71 7.36 2.06 -2.82
N SER A 72 8.38 1.95 -3.64
CA SER A 72 9.69 2.44 -3.31
C SER A 72 9.79 3.92 -3.61
N ILE A 73 10.28 4.66 -2.62
CA ILE A 73 10.47 6.09 -2.72
C ILE A 73 11.65 6.42 -3.65
N ASP A 74 12.56 5.49 -3.78
CA ASP A 74 13.70 5.65 -4.65
C ASP A 74 13.34 5.35 -6.09
N GLU A 75 13.99 6.07 -7.01
CA GLU A 75 13.72 5.93 -8.45
C GLU A 75 14.00 4.54 -8.95
N GLY A 76 13.47 4.22 -10.12
CA GLY A 76 13.57 2.88 -10.66
C GLY A 76 14.98 2.33 -10.73
N GLN A 77 15.95 3.15 -11.09
CA GLN A 77 17.34 2.72 -11.18
C GLN A 77 17.86 2.28 -9.80
N ASN A 78 17.49 3.02 -8.78
CA ASN A 78 17.86 2.70 -7.39
C ASN A 78 16.96 1.59 -6.85
N ALA A 79 15.69 1.65 -7.24
CA ALA A 79 14.64 0.73 -6.82
C ALA A 79 14.88 -0.69 -7.31
N GLN A 80 15.91 -0.89 -8.10
CA GLN A 80 16.26 -2.22 -8.59
C GLN A 80 16.59 -3.15 -7.42
N LYS A 81 16.73 -2.58 -6.22
CA LYS A 81 17.04 -3.32 -5.02
C LYS A 81 15.76 -3.65 -4.21
N VAL A 82 14.63 -3.03 -4.58
CA VAL A 82 13.36 -3.22 -3.83
C VAL A 82 12.85 -4.64 -3.96
N LYS A 83 12.84 -5.10 -5.17
CA LYS A 83 12.33 -6.41 -5.49
C LYS A 83 13.14 -7.55 -4.84
N PRO A 84 14.50 -7.52 -4.87
CA PRO A 84 15.30 -8.52 -4.17
C PRO A 84 15.05 -8.47 -2.66
N LEU A 85 14.73 -7.27 -2.14
CA LEU A 85 14.35 -7.11 -0.73
C LEU A 85 13.11 -7.89 -0.45
N ALA A 86 12.17 -7.83 -1.38
CA ALA A 86 10.91 -8.53 -1.26
C ALA A 86 11.16 -10.02 -1.11
N ASP A 87 12.09 -10.54 -1.90
CA ASP A 87 12.47 -11.94 -1.83
C ASP A 87 13.20 -12.25 -0.52
N GLY A 88 14.16 -11.41 -0.17
CA GLY A 88 14.97 -11.61 1.01
C GLY A 88 14.20 -11.51 2.32
N ASN A 89 13.25 -10.59 2.38
CA ASN A 89 12.49 -10.36 3.60
C ASN A 89 11.22 -11.20 3.63
N GLY A 90 10.88 -11.81 2.50
CA GLY A 90 9.68 -12.64 2.43
C GLY A 90 8.40 -11.83 2.33
N TRP A 91 8.46 -10.75 1.57
CA TRP A 91 7.31 -9.89 1.38
C TRP A 91 6.38 -10.45 0.31
N GLU A 92 5.21 -10.89 0.74
CA GLU A 92 4.22 -11.48 -0.14
C GLU A 92 3.19 -10.45 -0.58
N TYR A 93 3.65 -9.40 -1.24
CA TYR A 93 2.75 -8.34 -1.68
C TYR A 93 3.13 -7.90 -3.08
N GLU A 94 2.42 -6.91 -3.59
CA GLU A 94 2.71 -6.38 -4.90
C GLU A 94 3.60 -5.16 -4.77
N VAL A 95 4.79 -5.24 -5.32
CA VAL A 95 5.78 -4.21 -5.17
C VAL A 95 5.80 -3.28 -6.40
N LEU A 96 5.93 -2.01 -6.13
CA LEU A 96 5.95 -0.99 -7.15
C LEU A 96 7.19 -0.14 -7.00
N LEU A 97 7.74 0.26 -8.11
CA LEU A 97 8.92 1.07 -8.11
C LEU A 97 8.58 2.43 -8.67
N ASP A 98 8.79 3.50 -7.91
CA ASP A 98 8.57 4.82 -8.47
C ASP A 98 9.70 5.12 -9.44
N SER A 99 9.36 5.23 -10.71
CA SER A 99 10.34 5.45 -11.74
C SER A 99 10.48 6.93 -12.08
N ASN A 100 9.63 7.75 -11.50
CA ASN A 100 9.61 9.15 -11.82
C ASN A 100 9.95 10.01 -10.62
N GLY A 101 9.44 9.61 -9.47
CA GLY A 101 9.60 10.39 -8.26
C GLY A 101 8.41 11.28 -8.04
N ASP A 102 7.54 11.33 -9.04
CA ASP A 102 6.35 12.13 -9.02
C ASP A 102 5.32 11.58 -8.06
N PHE A 103 5.33 10.26 -7.89
CA PHE A 103 4.34 9.59 -7.05
C PHE A 103 4.44 10.08 -5.61
N LYS A 104 5.67 10.20 -5.10
CA LYS A 104 5.89 10.70 -3.74
C LYS A 104 5.33 12.12 -3.59
N ARG A 105 5.57 12.94 -4.61
CA ARG A 105 5.12 14.32 -4.62
C ARG A 105 3.60 14.40 -4.75
N ALA A 106 3.06 13.55 -5.61
CA ALA A 106 1.63 13.51 -5.88
C ALA A 106 0.84 13.07 -4.66
N MET A 107 1.33 12.06 -3.96
CA MET A 107 0.63 11.55 -2.80
C MET A 107 0.96 12.37 -1.55
N ASN A 108 2.13 13.02 -1.58
CA ASN A 108 2.64 13.84 -0.46
C ASN A 108 3.16 12.97 0.67
N VAL A 109 4.47 12.82 0.73
CA VAL A 109 5.10 11.99 1.74
C VAL A 109 5.79 12.85 2.79
N SER A 110 5.56 12.54 4.06
CA SER A 110 6.15 13.30 5.14
C SER A 110 7.58 12.82 5.46
N LEU A 111 7.68 11.96 6.46
CA LEU A 111 8.98 11.45 6.90
C LEU A 111 9.07 9.95 6.75
N ILE A 112 8.01 9.35 6.18
CA ILE A 112 7.86 7.88 5.97
C ILE A 112 7.88 7.11 7.30
N PRO A 113 7.20 5.94 7.37
CA PRO A 113 6.41 5.39 6.25
C PRO A 113 5.07 6.10 6.07
N ALA A 114 4.49 6.01 4.88
CA ALA A 114 3.20 6.64 4.62
C ALA A 114 2.14 5.58 4.33
N VAL A 115 0.96 5.74 4.92
CA VAL A 115 -0.11 4.74 4.79
C VAL A 115 -1.32 5.30 4.06
N PHE A 116 -1.74 4.60 3.04
CA PHE A 116 -2.96 4.93 2.33
C PHE A 116 -3.87 3.70 2.30
N ILE A 117 -4.99 3.78 2.98
CA ILE A 117 -5.92 2.65 3.02
C ILE A 117 -7.06 2.89 2.06
N VAL A 118 -7.27 1.93 1.18
CA VAL A 118 -8.25 2.04 0.13
C VAL A 118 -9.33 0.97 0.26
N ASP A 119 -10.57 1.41 0.14
CA ASP A 119 -11.76 0.54 0.21
C ASP A 119 -11.96 -0.20 -1.12
N GLY A 120 -12.79 -1.24 -1.11
CA GLY A 120 -13.06 -2.04 -2.31
C GLY A 120 -13.64 -1.22 -3.44
N ASN A 121 -14.22 -0.07 -3.11
CA ASN A 121 -14.78 0.83 -4.10
C ASN A 121 -13.66 1.54 -4.89
N GLY A 122 -12.42 1.31 -4.45
CA GLY A 122 -11.27 1.91 -5.11
C GLY A 122 -11.04 3.32 -4.65
N LYS A 123 -11.60 3.64 -3.50
CA LYS A 123 -11.47 4.97 -2.96
C LYS A 123 -10.71 4.92 -1.64
N ILE A 124 -10.02 6.00 -1.31
CA ILE A 124 -9.25 6.05 -0.08
C ILE A 124 -10.18 6.32 1.10
N VAL A 125 -10.08 5.49 2.12
CA VAL A 125 -10.92 5.64 3.29
C VAL A 125 -10.09 6.21 4.46
N TYR A 126 -8.79 5.94 4.47
CA TYR A 126 -7.91 6.42 5.52
C TYR A 126 -6.56 6.84 4.96
N ASN A 127 -6.09 8.00 5.35
CA ASN A 127 -4.80 8.51 4.90
C ASN A 127 -4.03 9.12 6.05
N HIS A 128 -2.82 8.64 6.26
CA HIS A 128 -1.97 9.15 7.32
C HIS A 128 -0.51 8.97 6.92
N THR A 129 0.17 10.07 6.67
CA THR A 129 1.55 10.01 6.28
C THR A 129 2.48 10.16 7.48
N GLY A 130 3.19 9.08 7.80
CA GLY A 130 4.11 9.13 8.92
C GLY A 130 3.45 8.89 10.25
N TYR A 131 2.96 7.68 10.47
CA TYR A 131 2.32 7.32 11.74
C TYR A 131 3.35 7.28 12.89
N THR A 132 4.52 6.76 12.58
CA THR A 132 5.66 6.67 13.50
C THR A 132 5.32 5.97 14.85
N GLU A 133 5.29 4.62 14.83
CA GLU A 133 4.96 3.78 16.00
C GLU A 133 3.57 4.07 16.58
N GLY A 134 2.65 3.14 16.38
CA GLY A 134 1.30 3.33 16.86
C GLY A 134 0.33 3.50 15.71
N GLY A 135 0.90 3.51 14.52
CA GLY A 135 0.11 3.65 13.32
C GLY A 135 -0.69 2.42 13.00
N GLU A 136 -0.07 1.26 13.17
CA GLU A 136 -0.68 -0.03 12.86
C GLU A 136 -2.03 -0.20 13.55
N ALA A 137 -2.24 0.50 14.65
CA ALA A 137 -3.46 0.43 15.41
C ALA A 137 -4.64 0.97 14.61
N GLU A 138 -4.40 2.08 13.94
CA GLU A 138 -5.43 2.72 13.16
C GLU A 138 -5.70 1.93 11.88
N LEU A 139 -4.66 1.30 11.36
CA LEU A 139 -4.77 0.51 10.14
C LEU A 139 -5.72 -0.67 10.34
N ILE A 140 -5.54 -1.41 11.44
CA ILE A 140 -6.40 -2.55 11.72
C ILE A 140 -7.82 -2.07 12.01
N LYS A 141 -7.93 -0.90 12.62
CA LYS A 141 -9.22 -0.30 12.91
C LYS A 141 -10.00 -0.11 11.61
N LYS A 142 -9.35 0.53 10.65
CA LYS A 142 -9.98 0.83 9.37
C LYS A 142 -10.24 -0.44 8.55
N VAL A 143 -9.35 -1.42 8.65
CA VAL A 143 -9.51 -2.69 7.92
C VAL A 143 -10.82 -3.39 8.30
N ARG A 144 -11.07 -3.44 9.59
CA ARG A 144 -12.31 -4.03 10.09
C ARG A 144 -13.50 -3.12 9.80
N GLU A 145 -13.23 -1.82 9.75
CA GLU A 145 -14.22 -0.82 9.38
C GLU A 145 -14.68 -1.01 7.93
N LEU A 146 -13.77 -1.52 7.09
CA LEU A 146 -14.06 -1.75 5.67
C LEU A 146 -15.20 -2.73 5.52
N VAL A 147 -15.19 -3.74 6.37
CA VAL A 147 -16.22 -4.75 6.38
C VAL A 147 -17.57 -4.11 6.66
N LYS A 148 -17.59 -3.26 7.68
CA LYS A 148 -18.78 -2.53 8.09
C LYS A 148 -19.19 -1.51 7.02
N GLU A 149 -18.20 -0.94 6.35
CA GLU A 149 -18.42 0.07 5.34
C GLU A 149 -19.17 -0.51 4.14
N GLY A 150 -18.84 -1.74 3.77
CA GLY A 150 -19.51 -2.38 2.65
C GLY A 150 -20.99 -2.60 2.90
N HIS A 151 -21.31 -3.16 4.05
CA HIS A 151 -22.70 -3.38 4.43
C HIS A 151 -22.94 -2.85 5.83
N HIS A 152 -23.51 -1.66 5.90
CA HIS A 152 -23.79 -1.02 7.18
C HIS A 152 -24.92 -1.74 7.90
N HIS A 153 -25.92 -2.13 7.14
CA HIS A 153 -27.06 -2.85 7.69
C HIS A 153 -26.88 -4.33 7.49
N HIS A 154 -26.27 -4.99 8.49
CA HIS A 154 -26.02 -6.44 8.47
C HIS A 154 -25.06 -6.83 7.33
N HIS A 155 -23.85 -7.24 7.70
CA HIS A 155 -22.81 -7.58 6.74
C HIS A 155 -23.24 -8.71 5.79
N HIS A 156 -23.76 -9.79 6.35
CA HIS A 156 -24.23 -10.91 5.53
C HIS A 156 -25.15 -11.80 6.34
N ASN A 4 -15.27 -1.26 -10.41
CA ASN A 4 -14.59 -0.06 -9.95
C ASN A 4 -13.86 -0.35 -8.65
N THR A 5 -12.60 -0.71 -8.77
CA THR A 5 -11.78 -1.01 -7.61
C THR A 5 -10.33 -0.57 -7.85
N TYR A 6 -10.12 0.73 -7.80
CA TYR A 6 -8.79 1.28 -7.97
C TYR A 6 -8.23 1.65 -6.63
N ALA A 7 -7.67 2.85 -6.56
CA ALA A 7 -7.08 3.32 -5.34
C ALA A 7 -7.18 4.84 -5.24
N GLN A 8 -7.93 5.44 -6.17
CA GLN A 8 -8.09 6.90 -6.23
C GLN A 8 -6.73 7.61 -6.12
N LEU A 9 -5.93 7.43 -7.14
CA LEU A 9 -4.57 7.95 -7.15
C LEU A 9 -4.39 8.95 -8.29
N PRO A 10 -3.34 9.80 -8.20
CA PRO A 10 -3.01 10.75 -9.26
C PRO A 10 -2.56 10.04 -10.53
N ALA A 11 -2.63 10.73 -11.65
CA ALA A 11 -2.24 10.15 -12.93
C ALA A 11 -0.71 10.06 -13.03
N VAL A 12 -0.16 9.03 -12.43
CA VAL A 12 1.27 8.80 -12.42
C VAL A 12 1.59 7.43 -13.01
N SER A 13 2.59 7.36 -13.84
CA SER A 13 2.98 6.12 -14.45
C SER A 13 4.16 5.50 -13.70
N LEU A 14 3.93 4.34 -13.10
CA LEU A 14 4.97 3.64 -12.36
C LEU A 14 5.15 2.24 -12.93
N LYS A 15 6.10 1.50 -12.38
CA LYS A 15 6.35 0.13 -12.80
C LYS A 15 5.86 -0.84 -11.76
N ASN A 16 5.28 -1.93 -12.22
CA ASN A 16 4.85 -3.00 -11.31
C ASN A 16 5.98 -4.02 -11.17
N ILE A 17 5.73 -5.13 -10.48
CA ILE A 17 6.75 -6.15 -10.29
C ILE A 17 7.13 -6.84 -11.59
N GLU A 18 6.33 -6.65 -12.62
CA GLU A 18 6.61 -7.26 -13.91
C GLU A 18 7.46 -6.31 -14.77
N GLY A 19 7.60 -5.07 -14.31
CA GLY A 19 8.35 -4.09 -15.06
C GLY A 19 7.49 -3.50 -16.16
N LYS A 20 6.20 -3.65 -15.98
CA LYS A 20 5.22 -3.16 -16.91
C LYS A 20 4.79 -1.78 -16.48
N THR A 21 4.45 -0.97 -17.45
CA THR A 21 4.02 0.36 -17.18
C THR A 21 2.58 0.37 -16.72
N VAL A 22 2.38 0.67 -15.47
CA VAL A 22 1.07 0.73 -14.89
C VAL A 22 0.81 2.11 -14.35
N GLN A 23 -0.37 2.61 -14.60
CA GLN A 23 -0.71 3.92 -14.14
C GLN A 23 -1.44 3.80 -12.83
N THR A 24 -1.05 4.60 -11.88
CA THR A 24 -1.61 4.56 -10.55
C THR A 24 -3.08 4.94 -10.52
N ASN A 25 -3.47 5.83 -11.41
CA ASN A 25 -4.86 6.27 -11.49
C ASN A 25 -5.77 5.12 -11.89
N LYS A 26 -5.24 4.20 -12.70
CA LYS A 26 -6.01 3.06 -13.16
C LYS A 26 -5.63 1.78 -12.41
N LEU A 27 -4.82 1.94 -11.36
CA LEU A 27 -4.34 0.80 -10.60
C LEU A 27 -5.50 0.12 -9.90
N GLU A 28 -5.70 -1.16 -10.19
CA GLU A 28 -6.85 -1.90 -9.68
C GLU A 28 -6.44 -3.23 -9.11
N ASN A 29 -7.29 -3.75 -8.25
CA ASN A 29 -7.07 -5.05 -7.64
C ASN A 29 -7.91 -6.10 -8.36
N ALA A 30 -9.18 -6.19 -7.95
CA ALA A 30 -10.15 -7.19 -8.47
C ALA A 30 -11.44 -7.19 -7.64
N GLY A 31 -11.73 -6.07 -6.98
CA GLY A 31 -12.89 -6.01 -6.11
C GLY A 31 -12.51 -6.04 -4.64
N LYS A 32 -11.22 -6.17 -4.38
CA LYS A 32 -10.73 -6.22 -3.01
C LYS A 32 -9.95 -4.95 -2.67
N PRO A 33 -9.95 -4.55 -1.38
CA PRO A 33 -9.25 -3.34 -0.91
C PRO A 33 -7.72 -3.48 -0.98
N MET A 34 -7.04 -2.34 -0.98
CA MET A 34 -5.57 -2.31 -1.08
C MET A 34 -4.98 -1.27 -0.15
N ILE A 35 -3.76 -1.48 0.27
CA ILE A 35 -3.05 -0.53 1.10
C ILE A 35 -1.70 -0.24 0.48
N ILE A 36 -1.40 1.01 0.30
CA ILE A 36 -0.13 1.41 -0.29
C ILE A 36 0.84 1.82 0.80
N SER A 37 2.00 1.19 0.82
CA SER A 37 3.00 1.47 1.82
C SER A 37 4.23 2.12 1.17
N PHE A 38 4.59 3.30 1.65
CA PHE A 38 5.78 3.98 1.17
C PHE A 38 6.93 3.66 2.08
N PHE A 39 7.99 3.10 1.51
CA PHE A 39 9.14 2.70 2.30
C PHE A 39 10.45 3.02 1.58
N ALA A 40 11.54 2.98 2.33
CA ALA A 40 12.86 3.21 1.79
C ALA A 40 13.61 1.89 1.70
N THR A 41 14.51 1.81 0.74
CA THR A 41 15.26 0.59 0.46
C THR A 41 16.42 0.33 1.45
N ASN A 42 16.27 0.78 2.68
CA ASN A 42 17.32 0.58 3.70
C ASN A 42 16.74 0.68 5.11
N CYS A 43 15.74 1.54 5.28
CA CYS A 43 15.13 1.77 6.58
C CYS A 43 14.15 0.64 6.94
N LYS A 44 14.68 -0.57 7.15
CA LYS A 44 13.86 -1.74 7.48
C LYS A 44 13.09 -1.61 8.81
N PRO A 45 13.76 -1.22 9.94
CA PRO A 45 13.09 -1.07 11.25
C PRO A 45 12.11 0.09 11.25
N CYS A 46 12.26 0.96 10.28
CA CYS A 46 11.36 2.08 10.14
C CYS A 46 10.05 1.62 9.51
N LEU A 47 10.06 0.41 8.93
CA LEU A 47 8.89 -0.13 8.26
C LEU A 47 7.93 -0.73 9.28
N ARG A 48 7.50 0.08 10.23
CA ARG A 48 6.54 -0.35 11.24
C ARG A 48 5.26 -0.83 10.59
N GLU A 49 4.82 -0.08 9.59
CA GLU A 49 3.61 -0.40 8.86
C GLU A 49 3.67 -1.81 8.30
N LEU A 50 4.60 -2.02 7.39
CA LEU A 50 4.74 -3.27 6.69
C LEU A 50 5.04 -4.42 7.65
N LYS A 51 5.90 -4.17 8.63
CA LYS A 51 6.30 -5.20 9.60
C LYS A 51 5.09 -5.71 10.40
N ALA A 52 4.30 -4.80 10.92
CA ALA A 52 3.15 -5.18 11.73
C ALA A 52 2.08 -5.85 10.87
N ILE A 53 1.83 -5.28 9.69
CA ILE A 53 0.85 -5.83 8.80
C ILE A 53 1.26 -7.21 8.34
N GLN A 54 2.55 -7.38 8.04
CA GLN A 54 3.08 -8.67 7.59
C GLN A 54 2.70 -9.78 8.57
N GLU A 55 2.81 -9.49 9.86
CA GLU A 55 2.49 -10.45 10.89
C GLU A 55 1.02 -10.84 10.90
N VAL A 56 0.14 -9.86 10.73
CA VAL A 56 -1.31 -10.12 10.76
C VAL A 56 -1.94 -10.08 9.36
N TYR A 57 -1.11 -10.14 8.34
CA TYR A 57 -1.55 -10.05 6.94
C TYR A 57 -2.52 -11.15 6.59
N ALA A 58 -2.27 -12.34 7.10
CA ALA A 58 -3.14 -13.47 6.85
C ALA A 58 -4.54 -13.22 7.42
N ASP A 59 -4.60 -12.56 8.57
CA ASP A 59 -5.87 -12.25 9.22
C ASP A 59 -6.62 -11.17 8.44
N TRP A 60 -5.88 -10.22 7.89
CA TRP A 60 -6.48 -9.17 7.07
C TRP A 60 -6.99 -9.77 5.76
N GLN A 61 -6.22 -10.72 5.22
CA GLN A 61 -6.58 -11.44 4.00
C GLN A 61 -7.63 -12.50 4.30
N ASP A 62 -7.87 -12.75 5.57
CA ASP A 62 -8.83 -13.75 6.01
C ASP A 62 -10.23 -13.44 5.53
N GLU A 63 -10.60 -12.16 5.58
CA GLU A 63 -11.92 -11.76 5.12
C GLU A 63 -11.87 -10.51 4.26
N THR A 64 -11.12 -9.53 4.70
CA THR A 64 -11.02 -8.28 3.97
C THR A 64 -10.44 -8.53 2.56
N GLY A 65 -9.44 -9.40 2.49
CA GLY A 65 -8.81 -9.69 1.22
C GLY A 65 -7.97 -8.52 0.73
N VAL A 66 -7.56 -7.69 1.67
CA VAL A 66 -6.79 -6.49 1.35
C VAL A 66 -5.32 -6.84 1.10
N ARG A 67 -4.78 -6.36 -0.01
CA ARG A 67 -3.38 -6.60 -0.32
C ARG A 67 -2.57 -5.34 -0.08
N LEU A 68 -1.26 -5.49 -0.04
CA LEU A 68 -0.38 -4.36 0.19
C LEU A 68 0.39 -4.04 -1.07
N ILE A 69 0.54 -2.76 -1.32
CA ILE A 69 1.30 -2.28 -2.43
C ILE A 69 2.52 -1.55 -1.89
N ALA A 70 3.67 -2.17 -1.99
CA ALA A 70 4.88 -1.60 -1.44
C ALA A 70 5.61 -0.81 -2.50
N VAL A 71 5.68 0.49 -2.33
CA VAL A 71 6.29 1.35 -3.33
C VAL A 71 7.60 1.96 -2.85
N SER A 72 8.60 1.86 -3.69
CA SER A 72 9.90 2.41 -3.44
C SER A 72 9.90 3.88 -3.75
N ILE A 73 10.59 4.64 -2.93
CA ILE A 73 10.68 6.08 -3.06
C ILE A 73 11.96 6.48 -3.82
N ASP A 74 12.80 5.51 -4.09
CA ASP A 74 14.05 5.75 -4.79
C ASP A 74 13.89 5.52 -6.29
N GLU A 75 14.71 6.22 -7.08
CA GLU A 75 14.62 6.18 -8.55
C GLU A 75 14.89 4.79 -9.10
N GLY A 76 14.71 4.64 -10.41
CA GLY A 76 14.78 3.34 -11.05
C GLY A 76 16.08 2.57 -10.83
N GLN A 77 17.21 3.26 -10.92
CA GLN A 77 18.48 2.60 -10.74
C GLN A 77 18.63 2.07 -9.31
N ASN A 78 18.29 2.90 -8.34
CA ASN A 78 18.35 2.52 -6.93
C ASN A 78 17.26 1.50 -6.59
N ALA A 79 16.07 1.73 -7.13
CA ALA A 79 14.92 0.90 -6.85
C ALA A 79 15.03 -0.48 -7.47
N GLN A 80 16.06 -0.71 -8.25
CA GLN A 80 16.24 -1.99 -8.85
C GLN A 80 16.51 -3.05 -7.76
N LYS A 81 16.82 -2.58 -6.56
CA LYS A 81 17.09 -3.43 -5.41
C LYS A 81 15.84 -3.66 -4.56
N VAL A 82 14.74 -2.98 -4.88
CA VAL A 82 13.49 -3.10 -4.09
C VAL A 82 12.91 -4.49 -4.14
N LYS A 83 12.82 -5.00 -5.34
CA LYS A 83 12.22 -6.29 -5.58
C LYS A 83 13.05 -7.45 -5.00
N PRO A 84 14.41 -7.46 -5.15
CA PRO A 84 15.22 -8.49 -4.50
C PRO A 84 15.08 -8.43 -2.96
N LEU A 85 14.81 -7.22 -2.44
CA LEU A 85 14.53 -7.04 -1.01
C LEU A 85 13.25 -7.77 -0.67
N ALA A 86 12.28 -7.64 -1.57
CA ALA A 86 10.99 -8.31 -1.41
C ALA A 86 11.19 -9.80 -1.32
N ASP A 87 12.03 -10.32 -2.20
CA ASP A 87 12.37 -11.74 -2.21
C ASP A 87 13.14 -12.14 -0.95
N GLY A 88 14.06 -11.27 -0.54
CA GLY A 88 14.89 -11.54 0.62
C GLY A 88 14.11 -11.55 1.94
N ASN A 89 13.21 -10.60 2.11
CA ASN A 89 12.46 -10.51 3.35
C ASN A 89 11.17 -11.32 3.30
N GLY A 90 10.78 -11.73 2.12
CA GLY A 90 9.58 -12.53 1.97
C GLY A 90 8.33 -11.68 1.93
N TRP A 91 8.42 -10.52 1.28
CA TRP A 91 7.29 -9.62 1.17
C TRP A 91 6.32 -10.11 0.09
N GLU A 92 5.28 -10.82 0.50
CA GLU A 92 4.30 -11.35 -0.41
C GLU A 92 3.22 -10.34 -0.75
N TYR A 93 3.61 -9.30 -1.47
CA TYR A 93 2.68 -8.25 -1.87
C TYR A 93 3.07 -7.78 -3.26
N GLU A 94 2.30 -6.86 -3.82
CA GLU A 94 2.66 -6.32 -5.11
C GLU A 94 3.53 -5.09 -4.92
N VAL A 95 4.76 -5.21 -5.33
CA VAL A 95 5.73 -4.15 -5.16
C VAL A 95 5.60 -3.16 -6.30
N LEU A 96 5.66 -1.90 -5.95
CA LEU A 96 5.47 -0.83 -6.89
C LEU A 96 6.77 -0.08 -6.99
N LEU A 97 7.21 0.16 -8.17
CA LEU A 97 8.46 0.81 -8.34
C LEU A 97 8.25 2.26 -8.77
N ASP A 98 8.37 3.22 -7.84
CA ASP A 98 8.31 4.62 -8.27
C ASP A 98 9.66 4.98 -8.87
N SER A 99 9.65 5.26 -10.15
CA SER A 99 10.88 5.59 -10.84
C SER A 99 10.93 7.07 -11.20
N ASN A 100 9.84 7.75 -10.94
CA ASN A 100 9.74 9.15 -11.24
C ASN A 100 10.13 9.95 -10.01
N GLY A 101 9.66 9.49 -8.87
CA GLY A 101 9.90 10.18 -7.62
C GLY A 101 8.85 11.24 -7.37
N ASP A 102 7.83 11.25 -8.21
CA ASP A 102 6.76 12.23 -8.11
C ASP A 102 5.55 11.66 -7.39
N PHE A 103 5.43 10.34 -7.39
CA PHE A 103 4.31 9.68 -6.72
C PHE A 103 4.34 9.96 -5.22
N LYS A 104 5.52 9.86 -4.63
CA LYS A 104 5.70 10.18 -3.21
C LYS A 104 5.42 11.68 -2.97
N ARG A 105 5.75 12.50 -3.97
CA ARG A 105 5.54 13.94 -3.90
C ARG A 105 4.04 14.25 -3.93
N ALA A 106 3.33 13.53 -4.78
CA ALA A 106 1.89 13.67 -4.90
C ALA A 106 1.21 13.31 -3.59
N MET A 107 1.75 12.29 -2.93
CA MET A 107 1.21 11.84 -1.66
C MET A 107 1.75 12.65 -0.50
N ASN A 108 2.75 13.50 -0.79
CA ASN A 108 3.37 14.37 0.20
C ASN A 108 4.01 13.54 1.33
N VAL A 109 4.76 12.53 0.94
CA VAL A 109 5.41 11.65 1.90
C VAL A 109 6.58 12.36 2.59
N SER A 110 6.32 12.91 3.76
CA SER A 110 7.34 13.58 4.54
C SER A 110 8.18 12.56 5.31
N LEU A 111 7.52 11.74 6.11
CA LEU A 111 8.17 10.71 6.87
C LEU A 111 7.60 9.37 6.48
N ILE A 112 8.42 8.35 6.54
CA ILE A 112 7.99 7.01 6.26
C ILE A 112 7.86 6.25 7.58
N PRO A 113 7.02 5.21 7.64
CA PRO A 113 6.21 4.73 6.51
C PRO A 113 4.99 5.61 6.24
N ALA A 114 4.53 5.61 5.00
CA ALA A 114 3.32 6.34 4.66
C ALA A 114 2.22 5.37 4.28
N VAL A 115 1.09 5.47 4.97
CA VAL A 115 0.01 4.50 4.80
C VAL A 115 -1.18 5.09 4.07
N PHE A 116 -1.63 4.40 3.05
CA PHE A 116 -2.83 4.77 2.32
C PHE A 116 -3.74 3.56 2.15
N ILE A 117 -4.89 3.60 2.80
CA ILE A 117 -5.83 2.49 2.76
C ILE A 117 -6.94 2.76 1.76
N VAL A 118 -7.19 1.79 0.90
CA VAL A 118 -8.18 1.88 -0.14
C VAL A 118 -9.30 0.87 0.15
N ASP A 119 -10.54 1.32 0.04
CA ASP A 119 -11.71 0.48 0.33
C ASP A 119 -12.11 -0.36 -0.89
N GLY A 120 -13.21 -1.10 -0.75
CA GLY A 120 -13.69 -1.97 -1.82
C GLY A 120 -14.08 -1.20 -3.08
N ASN A 121 -14.54 0.03 -2.90
CA ASN A 121 -14.95 0.88 -4.02
C ASN A 121 -13.72 1.39 -4.77
N GLY A 122 -12.55 1.10 -4.23
CA GLY A 122 -11.33 1.50 -4.88
C GLY A 122 -11.00 2.94 -4.66
N LYS A 123 -11.32 3.45 -3.49
CA LYS A 123 -11.02 4.82 -3.16
C LYS A 123 -10.25 4.86 -1.84
N ILE A 124 -9.49 5.92 -1.62
CA ILE A 124 -8.71 6.04 -0.41
C ILE A 124 -9.60 6.41 0.77
N VAL A 125 -9.73 5.49 1.71
CA VAL A 125 -10.56 5.70 2.88
C VAL A 125 -9.73 6.24 4.05
N TYR A 126 -8.44 5.90 4.06
CA TYR A 126 -7.56 6.36 5.12
C TYR A 126 -6.21 6.75 4.56
N ASN A 127 -5.77 7.93 4.88
CA ASN A 127 -4.47 8.38 4.44
C ASN A 127 -3.71 8.99 5.61
N HIS A 128 -2.53 8.49 5.86
CA HIS A 128 -1.71 9.02 6.93
C HIS A 128 -0.25 8.98 6.52
N THR A 129 0.30 10.13 6.21
CA THR A 129 1.65 10.21 5.76
C THR A 129 2.63 10.34 6.92
N GLY A 130 3.35 9.27 7.17
CA GLY A 130 4.38 9.29 8.18
C GLY A 130 3.89 8.96 9.56
N TYR A 131 3.68 7.69 9.84
CA TYR A 131 3.39 7.29 11.19
C TYR A 131 4.63 6.66 11.74
N THR A 132 4.89 6.87 12.99
CA THR A 132 6.13 6.40 13.54
C THR A 132 5.93 5.16 14.41
N GLU A 133 4.99 5.23 15.33
CA GLU A 133 4.69 4.09 16.19
C GLU A 133 3.26 4.14 16.67
N GLY A 134 2.68 2.96 16.85
CA GLY A 134 1.31 2.86 17.32
C GLY A 134 0.32 3.34 16.28
N GLY A 135 0.70 3.21 15.02
CA GLY A 135 -0.14 3.67 13.94
C GLY A 135 -1.06 2.58 13.42
N GLU A 136 -0.56 1.33 13.46
CA GLU A 136 -1.29 0.16 12.96
C GLU A 136 -2.65 0.00 13.61
N ALA A 137 -2.84 0.61 14.77
CA ALA A 137 -4.09 0.54 15.50
C ALA A 137 -5.21 1.19 14.69
N GLU A 138 -4.90 2.34 14.12
CA GLU A 138 -5.84 3.09 13.33
C GLU A 138 -6.10 2.38 12.01
N LEU A 139 -5.05 1.78 11.46
CA LEU A 139 -5.15 1.07 10.20
C LEU A 139 -6.10 -0.11 10.30
N ILE A 140 -5.95 -0.91 11.34
CA ILE A 140 -6.76 -2.09 11.52
C ILE A 140 -8.21 -1.69 11.83
N LYS A 141 -8.38 -0.57 12.51
CA LYS A 141 -9.69 -0.08 12.89
C LYS A 141 -10.55 0.18 11.64
N LYS A 142 -9.99 0.92 10.69
CA LYS A 142 -10.69 1.21 9.44
C LYS A 142 -10.87 -0.02 8.55
N VAL A 143 -9.93 -0.96 8.65
CA VAL A 143 -10.04 -2.20 7.87
C VAL A 143 -11.32 -2.94 8.24
N ARG A 144 -11.59 -3.02 9.54
CA ARG A 144 -12.79 -3.67 10.04
C ARG A 144 -14.04 -2.87 9.69
N GLU A 145 -13.91 -1.54 9.67
CA GLU A 145 -15.02 -0.66 9.29
C GLU A 145 -15.53 -1.03 7.89
N LEU A 146 -14.59 -1.32 7.01
CA LEU A 146 -14.89 -1.67 5.62
C LEU A 146 -15.69 -2.99 5.53
N VAL A 147 -15.29 -3.96 6.35
CA VAL A 147 -15.89 -5.30 6.34
C VAL A 147 -17.36 -5.27 6.77
N LYS A 148 -17.72 -4.24 7.51
CA LYS A 148 -19.07 -4.09 8.06
C LYS A 148 -20.15 -4.02 6.96
N GLU A 149 -19.76 -3.62 5.76
CA GLU A 149 -20.72 -3.55 4.65
C GLU A 149 -20.68 -4.81 3.78
N GLY A 150 -19.75 -5.70 4.08
CA GLY A 150 -19.63 -6.92 3.31
C GLY A 150 -18.82 -6.73 2.05
N HIS A 151 -18.88 -7.69 1.16
CA HIS A 151 -18.14 -7.62 -0.11
C HIS A 151 -19.01 -7.07 -1.23
N HIS A 152 -20.25 -6.77 -0.92
CA HIS A 152 -21.16 -6.21 -1.90
C HIS A 152 -21.82 -4.97 -1.35
N HIS A 153 -23.00 -5.14 -0.80
CA HIS A 153 -23.73 -4.04 -0.20
C HIS A 153 -24.70 -4.59 0.81
N HIS A 154 -24.69 -4.03 2.02
CA HIS A 154 -25.59 -4.46 3.10
C HIS A 154 -25.39 -5.96 3.37
N HIS A 155 -24.17 -6.46 3.04
CA HIS A 155 -23.78 -7.89 3.14
C HIS A 155 -24.82 -8.83 2.50
N HIS A 156 -25.61 -8.29 1.60
CA HIS A 156 -26.65 -9.05 0.93
C HIS A 156 -26.11 -9.65 -0.35
N ASN A 4 -13.66 -1.50 -11.88
CA ASN A 4 -13.66 -0.16 -11.33
C ASN A 4 -13.46 -0.22 -9.84
N THR A 5 -12.26 -0.54 -9.45
CA THR A 5 -11.90 -0.63 -8.06
C THR A 5 -10.41 -0.36 -7.92
N TYR A 6 -10.03 0.88 -8.21
CA TYR A 6 -8.63 1.27 -8.19
C TYR A 6 -8.26 1.73 -6.79
N ALA A 7 -7.77 2.95 -6.70
CA ALA A 7 -7.44 3.53 -5.43
C ALA A 7 -7.57 5.03 -5.52
N GLN A 8 -8.27 5.51 -6.55
CA GLN A 8 -8.47 6.94 -6.80
C GLN A 8 -7.13 7.69 -6.77
N LEU A 9 -6.12 7.07 -7.36
CA LEU A 9 -4.77 7.59 -7.35
C LEU A 9 -4.51 8.56 -8.50
N PRO A 10 -3.53 9.47 -8.33
CA PRO A 10 -3.09 10.41 -9.37
C PRO A 10 -2.51 9.66 -10.56
N ALA A 11 -2.52 10.28 -11.72
CA ALA A 11 -2.01 9.65 -12.93
C ALA A 11 -0.49 9.64 -12.97
N VAL A 12 0.11 8.64 -12.35
CA VAL A 12 1.55 8.51 -12.29
C VAL A 12 1.98 7.13 -12.79
N SER A 13 3.05 7.08 -13.57
CA SER A 13 3.53 5.81 -14.10
C SER A 13 4.57 5.17 -13.17
N LEU A 14 4.20 4.04 -12.61
CA LEU A 14 5.05 3.27 -11.72
C LEU A 14 5.53 2.01 -12.42
N LYS A 15 6.50 1.35 -11.85
CA LYS A 15 7.03 0.14 -12.42
C LYS A 15 6.69 -1.04 -11.52
N ASN A 16 6.05 -2.07 -12.10
CA ASN A 16 5.64 -3.23 -11.30
C ASN A 16 6.75 -4.27 -11.23
N ILE A 17 6.43 -5.46 -10.74
CA ILE A 17 7.46 -6.49 -10.56
C ILE A 17 7.85 -7.13 -11.89
N GLU A 18 7.05 -6.87 -12.93
CA GLU A 18 7.33 -7.42 -14.25
C GLU A 18 8.26 -6.50 -15.04
N GLY A 19 8.46 -5.31 -14.52
CA GLY A 19 9.26 -4.32 -15.24
C GLY A 19 8.41 -3.60 -16.25
N LYS A 20 7.11 -3.75 -16.11
CA LYS A 20 6.16 -3.12 -16.99
C LYS A 20 5.72 -1.79 -16.41
N THR A 21 5.55 -0.82 -17.27
CA THR A 21 5.09 0.47 -16.86
C THR A 21 3.60 0.42 -16.60
N VAL A 22 3.23 0.67 -15.38
CA VAL A 22 1.85 0.70 -14.98
C VAL A 22 1.47 2.07 -14.49
N GLN A 23 0.21 2.33 -14.44
CA GLN A 23 -0.27 3.62 -14.05
C GLN A 23 -1.13 3.48 -12.81
N THR A 24 -0.88 4.32 -11.84
CA THR A 24 -1.57 4.27 -10.56
C THR A 24 -3.04 4.61 -10.66
N ASN A 25 -3.38 5.50 -11.57
CA ASN A 25 -4.76 5.92 -11.76
C ASN A 25 -5.65 4.74 -12.20
N LYS A 26 -5.09 3.87 -13.03
CA LYS A 26 -5.83 2.72 -13.54
C LYS A 26 -5.42 1.43 -12.83
N LEU A 27 -4.70 1.56 -11.75
CA LEU A 27 -4.19 0.40 -11.07
C LEU A 27 -5.22 -0.17 -10.11
N GLU A 28 -5.55 -1.43 -10.30
CA GLU A 28 -6.43 -2.12 -9.40
C GLU A 28 -6.08 -3.57 -9.31
N ASN A 29 -6.57 -4.20 -8.27
CA ASN A 29 -6.33 -5.62 -8.06
C ASN A 29 -7.35 -6.44 -8.83
N ALA A 30 -8.59 -6.43 -8.33
CA ALA A 30 -9.69 -7.19 -8.92
C ALA A 30 -10.96 -6.97 -8.12
N GLY A 31 -11.26 -5.71 -7.81
CA GLY A 31 -12.46 -5.40 -7.04
C GLY A 31 -12.27 -5.63 -5.54
N LYS A 32 -11.04 -5.52 -5.08
CA LYS A 32 -10.71 -5.74 -3.66
C LYS A 32 -10.03 -4.51 -3.06
N PRO A 33 -10.20 -4.31 -1.74
CA PRO A 33 -9.60 -3.17 -1.03
C PRO A 33 -8.08 -3.34 -0.89
N MET A 34 -7.37 -2.24 -0.76
CA MET A 34 -5.91 -2.28 -0.81
C MET A 34 -5.28 -1.36 0.22
N ILE A 35 -4.00 -1.56 0.45
CA ILE A 35 -3.23 -0.69 1.31
C ILE A 35 -1.87 -0.43 0.65
N ILE A 36 -1.53 0.81 0.47
CA ILE A 36 -0.27 1.19 -0.15
C ILE A 36 0.72 1.63 0.91
N SER A 37 1.93 1.09 0.86
CA SER A 37 2.95 1.42 1.84
C SER A 37 4.17 2.06 1.18
N PHE A 38 4.50 3.26 1.63
CA PHE A 38 5.65 3.99 1.12
C PHE A 38 6.84 3.74 2.00
N PHE A 39 7.93 3.29 1.39
CA PHE A 39 9.15 3.02 2.13
C PHE A 39 10.37 3.52 1.37
N ALA A 40 11.51 3.51 2.05
CA ALA A 40 12.76 4.00 1.47
C ALA A 40 13.41 2.97 0.56
N THR A 41 14.63 3.22 0.17
CA THR A 41 15.36 2.34 -0.69
C THR A 41 15.72 1.02 0.02
N ASN A 42 16.13 1.14 1.28
CA ASN A 42 16.53 0.00 2.09
C ASN A 42 16.19 0.28 3.55
N CYS A 43 15.10 -0.30 4.01
CA CYS A 43 14.68 -0.10 5.37
C CYS A 43 13.88 -1.31 5.87
N LYS A 44 13.89 -1.53 7.18
CA LYS A 44 13.13 -2.63 7.78
C LYS A 44 12.29 -2.20 9.03
N PRO A 45 12.93 -1.74 10.14
CA PRO A 45 12.22 -1.42 11.40
C PRO A 45 11.33 -0.19 11.31
N CYS A 46 11.61 0.69 10.38
CA CYS A 46 10.78 1.86 10.22
C CYS A 46 9.46 1.47 9.61
N LEU A 47 9.44 0.31 8.95
CA LEU A 47 8.24 -0.21 8.32
C LEU A 47 7.42 -0.94 9.38
N ARG A 48 6.89 -0.17 10.30
CA ARG A 48 6.14 -0.69 11.43
C ARG A 48 4.90 -1.46 10.98
N GLU A 49 4.17 -0.89 10.05
CA GLU A 49 2.93 -1.48 9.57
C GLU A 49 3.20 -2.67 8.68
N LEU A 50 4.14 -2.51 7.77
CA LEU A 50 4.45 -3.55 6.82
C LEU A 50 4.93 -4.80 7.55
N LYS A 51 5.77 -4.60 8.56
CA LYS A 51 6.28 -5.71 9.36
C LYS A 51 5.14 -6.40 10.11
N ALA A 52 4.28 -5.60 10.75
CA ALA A 52 3.17 -6.13 11.53
C ALA A 52 2.15 -6.84 10.63
N ILE A 53 1.77 -6.19 9.55
CA ILE A 53 0.80 -6.73 8.62
C ILE A 53 1.35 -7.99 7.98
N GLN A 54 2.65 -8.04 7.81
CA GLN A 54 3.29 -9.20 7.20
C GLN A 54 2.99 -10.46 8.03
N GLU A 55 2.98 -10.31 9.34
CA GLU A 55 2.70 -11.41 10.24
C GLU A 55 1.21 -11.78 10.24
N VAL A 56 0.34 -10.78 10.19
CA VAL A 56 -1.11 -11.01 10.27
C VAL A 56 -1.82 -10.82 8.93
N TYR A 57 -1.07 -10.83 7.85
CA TYR A 57 -1.61 -10.59 6.50
C TYR A 57 -2.67 -11.61 6.14
N ALA A 58 -2.47 -12.86 6.54
CA ALA A 58 -3.43 -13.91 6.26
C ALA A 58 -4.81 -13.57 6.86
N ASP A 59 -4.81 -13.00 8.04
CA ASP A 59 -6.05 -12.58 8.71
C ASP A 59 -6.72 -11.44 7.95
N TRP A 60 -5.92 -10.49 7.49
CA TRP A 60 -6.45 -9.35 6.74
C TRP A 60 -6.98 -9.80 5.37
N GLN A 61 -6.30 -10.77 4.79
CA GLN A 61 -6.70 -11.35 3.49
C GLN A 61 -7.75 -12.44 3.66
N ASP A 62 -8.03 -12.79 4.91
CA ASP A 62 -8.99 -13.85 5.23
C ASP A 62 -10.33 -13.62 4.56
N GLU A 63 -10.97 -12.50 4.88
CA GLU A 63 -12.28 -12.21 4.30
C GLU A 63 -12.33 -10.81 3.76
N THR A 64 -11.60 -9.90 4.39
CA THR A 64 -11.57 -8.53 3.96
C THR A 64 -10.99 -8.45 2.55
N GLY A 65 -9.94 -9.23 2.30
CA GLY A 65 -9.32 -9.25 0.99
C GLY A 65 -8.34 -8.11 0.82
N VAL A 66 -7.71 -7.72 1.90
CA VAL A 66 -6.76 -6.62 1.89
C VAL A 66 -5.49 -6.96 1.09
N ARG A 67 -5.20 -6.16 0.08
CA ARG A 67 -4.02 -6.32 -0.74
C ARG A 67 -3.01 -5.20 -0.48
N LEU A 68 -1.77 -5.56 -0.24
CA LEU A 68 -0.74 -4.55 0.01
C LEU A 68 0.06 -4.25 -1.24
N ILE A 69 0.40 -2.98 -1.39
CA ILE A 69 1.23 -2.53 -2.48
C ILE A 69 2.44 -1.81 -1.90
N ALA A 70 3.63 -2.35 -2.14
CA ALA A 70 4.84 -1.78 -1.60
C ALA A 70 5.53 -0.92 -2.64
N VAL A 71 5.62 0.37 -2.37
CA VAL A 71 6.21 1.29 -3.33
C VAL A 71 7.37 2.05 -2.70
N SER A 72 8.49 2.01 -3.37
CA SER A 72 9.66 2.72 -2.93
C SER A 72 9.66 4.11 -3.52
N ILE A 73 10.23 5.04 -2.77
CA ILE A 73 10.31 6.42 -3.15
C ILE A 73 11.30 6.64 -4.29
N ASP A 74 12.17 5.68 -4.51
CA ASP A 74 13.16 5.78 -5.58
C ASP A 74 12.61 5.27 -6.89
N GLU A 75 13.29 5.62 -7.98
CA GLU A 75 12.84 5.27 -9.32
C GLU A 75 13.39 3.96 -9.84
N GLY A 76 14.55 4.01 -10.48
CA GLY A 76 15.14 2.82 -11.03
C GLY A 76 16.48 2.53 -10.45
N GLN A 77 17.44 3.38 -10.78
CA GLN A 77 18.83 3.27 -10.31
C GLN A 77 18.90 2.90 -8.83
N ASN A 78 18.44 3.77 -7.99
CA ASN A 78 18.46 3.55 -6.54
C ASN A 78 17.54 2.39 -6.13
N ALA A 79 16.36 2.35 -6.73
CA ALA A 79 15.31 1.40 -6.36
C ALA A 79 15.61 -0.05 -6.76
N GLN A 80 16.73 -0.28 -7.43
CA GLN A 80 17.12 -1.63 -7.82
C GLN A 80 17.23 -2.55 -6.59
N LYS A 81 17.39 -1.95 -5.41
CA LYS A 81 17.53 -2.68 -4.16
C LYS A 81 16.16 -3.07 -3.57
N VAL A 82 15.10 -2.48 -4.10
CA VAL A 82 13.74 -2.69 -3.57
C VAL A 82 13.27 -4.12 -3.73
N LYS A 83 13.43 -4.64 -4.91
CA LYS A 83 12.96 -5.97 -5.21
C LYS A 83 13.75 -7.07 -4.48
N PRO A 84 15.10 -6.98 -4.34
CA PRO A 84 15.85 -7.94 -3.55
C PRO A 84 15.35 -7.93 -2.11
N LEU A 85 14.91 -6.76 -1.64
CA LEU A 85 14.30 -6.65 -0.32
C LEU A 85 13.02 -7.44 -0.27
N ALA A 86 12.25 -7.35 -1.36
CA ALA A 86 11.00 -8.06 -1.48
C ALA A 86 11.20 -9.55 -1.27
N ASP A 87 12.23 -10.09 -1.90
CA ASP A 87 12.55 -11.51 -1.77
C ASP A 87 13.16 -11.82 -0.40
N GLY A 88 14.12 -10.99 0.00
CA GLY A 88 14.82 -11.20 1.27
C GLY A 88 13.91 -11.12 2.47
N ASN A 89 13.06 -10.11 2.50
CA ASN A 89 12.13 -9.92 3.60
C ASN A 89 10.96 -10.90 3.51
N GLY A 90 10.60 -11.28 2.29
CA GLY A 90 9.48 -12.20 2.10
C GLY A 90 8.17 -11.47 1.92
N TRP A 91 8.18 -10.46 1.07
CA TRP A 91 6.99 -9.67 0.81
C TRP A 91 6.09 -10.39 -0.19
N GLU A 92 4.90 -10.73 0.26
CA GLU A 92 3.94 -11.44 -0.56
C GLU A 92 2.95 -10.45 -1.21
N TYR A 93 3.42 -9.24 -1.40
CA TYR A 93 2.58 -8.19 -1.95
C TYR A 93 3.14 -7.72 -3.27
N GLU A 94 2.47 -6.76 -3.89
CA GLU A 94 2.96 -6.24 -5.13
C GLU A 94 3.98 -5.17 -4.84
N VAL A 95 5.13 -5.29 -5.46
CA VAL A 95 6.19 -4.34 -5.23
C VAL A 95 6.34 -3.43 -6.44
N LEU A 96 6.36 -2.16 -6.17
CA LEU A 96 6.39 -1.14 -7.21
C LEU A 96 7.46 -0.12 -6.93
N LEU A 97 7.99 0.41 -7.99
CA LEU A 97 9.00 1.44 -7.91
C LEU A 97 8.45 2.67 -8.60
N ASP A 98 8.42 3.82 -7.90
CA ASP A 98 7.98 5.04 -8.58
C ASP A 98 9.01 5.41 -9.63
N SER A 99 8.62 5.33 -10.88
CA SER A 99 9.54 5.57 -11.96
C SER A 99 9.58 7.04 -12.36
N ASN A 100 8.69 7.83 -11.79
CA ASN A 100 8.66 9.25 -12.08
C ASN A 100 9.23 10.04 -10.94
N GLY A 101 9.15 9.47 -9.76
CA GLY A 101 9.63 10.13 -8.57
C GLY A 101 8.69 11.25 -8.18
N ASP A 102 7.46 11.16 -8.66
CA ASP A 102 6.46 12.19 -8.42
C ASP A 102 5.33 11.69 -7.54
N PHE A 103 5.17 10.37 -7.46
CA PHE A 103 4.10 9.75 -6.71
C PHE A 103 4.25 10.09 -5.22
N LYS A 104 5.50 10.09 -4.75
CA LYS A 104 5.82 10.53 -3.38
C LYS A 104 5.22 11.93 -3.11
N ARG A 105 5.43 12.85 -4.06
CA ARG A 105 4.97 14.22 -3.94
C ARG A 105 3.46 14.31 -4.08
N ALA A 106 2.94 13.53 -5.01
CA ALA A 106 1.51 13.49 -5.30
C ALA A 106 0.72 13.09 -4.08
N MET A 107 1.21 12.12 -3.34
CA MET A 107 0.49 11.66 -2.16
C MET A 107 0.98 12.39 -0.92
N ASN A 108 2.09 13.12 -1.10
CA ASN A 108 2.74 13.92 -0.04
C ASN A 108 3.21 13.05 1.12
N VAL A 109 4.43 12.55 1.00
CA VAL A 109 5.02 11.71 2.03
C VAL A 109 5.83 12.57 3.01
N SER A 110 5.58 12.38 4.30
CA SER A 110 6.27 13.16 5.33
C SER A 110 7.70 12.63 5.60
N LEU A 111 7.84 11.78 6.62
CA LEU A 111 9.16 11.23 6.98
C LEU A 111 9.19 9.72 6.79
N ILE A 112 8.10 9.17 6.23
CA ILE A 112 7.89 7.70 6.04
C ILE A 112 7.89 6.96 7.40
N PRO A 113 7.19 5.83 7.52
CA PRO A 113 6.42 5.19 6.42
C PRO A 113 5.09 5.91 6.12
N ALA A 114 4.54 5.69 4.93
CA ALA A 114 3.24 6.29 4.58
C ALA A 114 2.22 5.20 4.24
N VAL A 115 1.03 5.30 4.83
CA VAL A 115 0.00 4.29 4.65
C VAL A 115 -1.22 4.88 3.96
N PHE A 116 -1.67 4.21 2.92
CA PHE A 116 -2.88 4.62 2.21
C PHE A 116 -3.82 3.43 2.11
N ILE A 117 -4.98 3.52 2.75
CA ILE A 117 -5.93 2.42 2.75
C ILE A 117 -7.05 2.69 1.75
N VAL A 118 -7.33 1.68 0.96
CA VAL A 118 -8.30 1.75 -0.10
C VAL A 118 -9.57 0.99 0.28
N ASP A 119 -10.69 1.67 0.18
CA ASP A 119 -12.02 1.14 0.47
C ASP A 119 -12.44 0.14 -0.60
N GLY A 120 -13.44 -0.68 -0.28
CA GLY A 120 -13.92 -1.72 -1.19
C GLY A 120 -14.36 -1.18 -2.55
N ASN A 121 -14.68 0.10 -2.62
CA ASN A 121 -15.12 0.72 -3.86
C ASN A 121 -13.92 1.20 -4.69
N GLY A 122 -12.72 0.86 -4.24
CA GLY A 122 -11.51 1.24 -4.96
C GLY A 122 -11.20 2.70 -4.83
N LYS A 123 -11.39 3.23 -3.65
CA LYS A 123 -11.13 4.63 -3.38
C LYS A 123 -10.34 4.77 -2.09
N ILE A 124 -9.57 5.83 -1.96
CA ILE A 124 -8.80 6.05 -0.74
C ILE A 124 -9.75 6.41 0.40
N VAL A 125 -9.64 5.69 1.51
CA VAL A 125 -10.50 5.93 2.65
C VAL A 125 -9.70 6.32 3.90
N TYR A 126 -8.40 6.06 3.88
CA TYR A 126 -7.55 6.41 5.00
C TYR A 126 -6.14 6.71 4.53
N ASN A 127 -5.62 7.85 4.93
CA ASN A 127 -4.27 8.21 4.58
C ASN A 127 -3.47 8.58 5.82
N HIS A 128 -2.40 7.86 6.04
CA HIS A 128 -1.55 8.11 7.17
C HIS A 128 -0.16 8.42 6.65
N THR A 129 0.17 9.68 6.62
CA THR A 129 1.42 10.08 6.06
C THR A 129 2.48 10.30 7.13
N GLY A 130 3.42 9.36 7.20
CA GLY A 130 4.52 9.48 8.12
C GLY A 130 4.13 9.21 9.56
N TYR A 131 3.71 7.99 9.86
CA TYR A 131 3.43 7.65 11.23
C TYR A 131 4.65 6.99 11.82
N THR A 132 4.78 7.07 13.12
CA THR A 132 5.96 6.53 13.77
C THR A 132 5.57 5.90 15.12
N GLU A 133 5.23 4.59 15.08
CA GLU A 133 4.77 3.83 16.27
C GLU A 133 3.39 4.26 16.76
N GLY A 134 2.54 3.27 16.99
CA GLY A 134 1.21 3.52 17.47
C GLY A 134 0.23 3.71 16.34
N GLY A 135 0.72 3.57 15.13
CA GLY A 135 -0.09 3.77 13.97
C GLY A 135 -0.73 2.49 13.48
N GLU A 136 -0.12 1.36 13.84
CA GLU A 136 -0.58 0.03 13.41
C GLU A 136 -2.02 -0.18 13.87
N ALA A 137 -2.29 0.29 15.06
CA ALA A 137 -3.61 0.16 15.68
C ALA A 137 -4.66 0.85 14.84
N GLU A 138 -4.31 1.99 14.29
CA GLU A 138 -5.22 2.78 13.51
C GLU A 138 -5.56 2.06 12.20
N LEU A 139 -4.56 1.40 11.62
CA LEU A 139 -4.75 0.67 10.35
C LEU A 139 -5.72 -0.49 10.50
N ILE A 140 -5.52 -1.33 11.51
CA ILE A 140 -6.38 -2.49 11.70
C ILE A 140 -7.80 -2.08 12.06
N LYS A 141 -7.89 -1.04 12.88
CA LYS A 141 -9.17 -0.52 13.29
C LYS A 141 -9.95 -0.04 12.07
N LYS A 142 -9.27 0.69 11.19
CA LYS A 142 -9.92 1.22 10.00
C LYS A 142 -10.34 0.10 9.04
N VAL A 143 -9.58 -1.02 9.03
CA VAL A 143 -9.93 -2.15 8.17
C VAL A 143 -11.25 -2.70 8.62
N ARG A 144 -11.38 -2.77 9.93
CA ARG A 144 -12.56 -3.27 10.56
C ARG A 144 -13.71 -2.25 10.46
N GLU A 145 -13.36 -0.98 10.31
CA GLU A 145 -14.35 0.07 10.10
C GLU A 145 -15.11 -0.20 8.82
N LEU A 146 -14.38 -0.68 7.80
CA LEU A 146 -14.97 -0.99 6.51
C LEU A 146 -16.01 -2.11 6.66
N VAL A 147 -15.67 -3.09 7.48
CA VAL A 147 -16.56 -4.23 7.75
C VAL A 147 -17.85 -3.75 8.41
N LYS A 148 -17.70 -2.88 9.39
CA LYS A 148 -18.84 -2.32 10.12
C LYS A 148 -19.71 -1.46 9.21
N GLU A 149 -19.07 -0.76 8.29
CA GLU A 149 -19.76 0.12 7.35
C GLU A 149 -20.69 -0.69 6.44
N GLY A 150 -20.24 -1.86 6.02
CA GLY A 150 -21.07 -2.71 5.17
C GLY A 150 -21.81 -3.74 5.98
N HIS A 151 -23.04 -3.43 6.38
CA HIS A 151 -23.80 -4.31 7.24
C HIS A 151 -25.07 -4.82 6.54
N HIS A 152 -25.65 -3.98 5.72
CA HIS A 152 -26.88 -4.34 5.04
C HIS A 152 -26.64 -4.51 3.55
N HIS A 153 -27.31 -5.51 2.98
CA HIS A 153 -27.21 -5.82 1.55
C HIS A 153 -25.78 -6.25 1.18
N HIS A 154 -24.92 -5.28 0.89
CA HIS A 154 -23.54 -5.55 0.55
C HIS A 154 -22.61 -4.62 1.32
N HIS A 155 -22.76 -3.32 1.09
CA HIS A 155 -21.92 -2.33 1.76
C HIS A 155 -22.80 -1.19 2.30
N HIS A 156 -24.07 -1.48 2.48
CA HIS A 156 -25.01 -0.48 2.95
C HIS A 156 -25.10 -0.53 4.48
N ASN A 4 -13.32 -1.46 -11.36
CA ASN A 4 -13.64 -0.14 -10.82
C ASN A 4 -13.00 0.05 -9.46
N THR A 5 -12.33 -0.97 -9.01
CA THR A 5 -11.70 -0.97 -7.71
C THR A 5 -10.22 -0.56 -7.84
N TYR A 6 -10.00 0.72 -8.18
CA TYR A 6 -8.65 1.25 -8.32
C TYR A 6 -8.02 1.47 -6.96
N ALA A 7 -7.81 2.73 -6.63
CA ALA A 7 -7.20 3.10 -5.39
C ALA A 7 -7.23 4.63 -5.22
N GLN A 8 -7.67 5.33 -6.29
CA GLN A 8 -7.78 6.80 -6.30
C GLN A 8 -6.39 7.47 -6.26
N LEU A 9 -5.60 7.21 -7.29
CA LEU A 9 -4.24 7.74 -7.37
C LEU A 9 -4.10 8.70 -8.54
N PRO A 10 -3.06 9.56 -8.52
CA PRO A 10 -2.77 10.47 -9.61
C PRO A 10 -2.28 9.71 -10.83
N ALA A 11 -2.39 10.32 -12.00
CA ALA A 11 -1.96 9.68 -13.23
C ALA A 11 -0.45 9.67 -13.35
N VAL A 12 0.18 8.72 -12.69
CA VAL A 12 1.61 8.57 -12.70
C VAL A 12 1.97 7.16 -13.16
N SER A 13 2.91 7.06 -14.07
CA SER A 13 3.32 5.77 -14.57
C SER A 13 4.46 5.20 -13.73
N LEU A 14 4.18 4.15 -12.98
CA LEU A 14 5.18 3.51 -12.14
C LEU A 14 5.58 2.18 -12.74
N LYS A 15 6.57 1.56 -12.15
CA LYS A 15 7.05 0.29 -12.65
C LYS A 15 6.75 -0.80 -11.63
N ASN A 16 6.10 -1.88 -12.06
CA ASN A 16 5.74 -2.95 -11.13
C ASN A 16 6.75 -4.09 -11.16
N ILE A 17 6.47 -5.14 -10.40
CA ILE A 17 7.37 -6.28 -10.27
C ILE A 17 7.59 -7.00 -11.60
N GLU A 18 6.67 -6.84 -12.54
CA GLU A 18 6.82 -7.49 -13.84
C GLU A 18 7.75 -6.69 -14.75
N GLY A 19 8.13 -5.49 -14.31
CA GLY A 19 8.96 -4.63 -15.12
C GLY A 19 8.12 -3.95 -16.17
N LYS A 20 6.83 -4.01 -15.97
CA LYS A 20 5.87 -3.43 -16.87
C LYS A 20 5.40 -2.10 -16.31
N THR A 21 5.26 -1.14 -17.17
CA THR A 21 4.82 0.17 -16.77
C THR A 21 3.35 0.16 -16.45
N VAL A 22 3.04 0.47 -15.22
CA VAL A 22 1.68 0.53 -14.77
C VAL A 22 1.34 1.90 -14.25
N GLN A 23 0.24 2.43 -14.70
CA GLN A 23 -0.16 3.73 -14.26
C GLN A 23 -1.07 3.57 -13.07
N THR A 24 -0.84 4.36 -12.06
CA THR A 24 -1.57 4.28 -10.83
C THR A 24 -3.04 4.67 -10.99
N ASN A 25 -3.31 5.55 -11.95
CA ASN A 25 -4.66 6.00 -12.23
C ASN A 25 -5.54 4.84 -12.73
N LYS A 26 -4.93 3.93 -13.49
CA LYS A 26 -5.65 2.80 -14.07
C LYS A 26 -5.41 1.51 -13.29
N LEU A 27 -4.71 1.63 -12.17
CA LEU A 27 -4.36 0.46 -11.39
C LEU A 27 -5.48 0.05 -10.46
N GLU A 28 -5.94 -1.17 -10.62
CA GLU A 28 -6.98 -1.71 -9.78
C GLU A 28 -6.63 -3.11 -9.32
N ASN A 29 -7.17 -3.48 -8.19
CA ASN A 29 -6.88 -4.77 -7.60
C ASN A 29 -7.69 -5.88 -8.26
N ALA A 30 -8.95 -6.00 -7.83
CA ALA A 30 -9.86 -7.05 -8.31
C ALA A 30 -11.15 -7.03 -7.49
N GLY A 31 -11.50 -5.86 -6.97
CA GLY A 31 -12.65 -5.75 -6.11
C GLY A 31 -12.26 -5.81 -4.65
N LYS A 32 -10.97 -5.96 -4.41
CA LYS A 32 -10.43 -6.04 -3.06
C LYS A 32 -9.75 -4.73 -2.67
N PRO A 33 -9.76 -4.41 -1.39
CA PRO A 33 -9.13 -3.21 -0.86
C PRO A 33 -7.61 -3.36 -0.79
N MET A 34 -6.90 -2.24 -0.74
CA MET A 34 -5.43 -2.27 -0.75
C MET A 34 -4.84 -1.23 0.17
N ILE A 35 -3.60 -1.43 0.55
CA ILE A 35 -2.89 -0.50 1.40
C ILE A 35 -1.57 -0.15 0.73
N ILE A 36 -1.32 1.12 0.53
CA ILE A 36 -0.09 1.57 -0.07
C ILE A 36 0.89 2.00 1.01
N SER A 37 2.03 1.35 1.07
CA SER A 37 3.04 1.67 2.04
C SER A 37 4.22 2.37 1.37
N PHE A 38 4.51 3.58 1.82
CA PHE A 38 5.62 4.36 1.29
C PHE A 38 6.84 4.13 2.13
N PHE A 39 7.89 3.58 1.51
CA PHE A 39 9.12 3.27 2.24
C PHE A 39 10.36 3.62 1.42
N ALA A 40 11.50 3.67 2.09
CA ALA A 40 12.76 4.02 1.48
C ALA A 40 13.52 2.79 1.01
N THR A 41 14.51 3.01 0.16
CA THR A 41 15.34 1.94 -0.31
C THR A 41 16.15 1.34 0.84
N ASN A 42 15.92 0.06 1.10
CA ASN A 42 16.60 -0.68 2.16
C ASN A 42 16.28 -0.14 3.55
N CYS A 43 15.21 -0.64 4.12
CA CYS A 43 14.78 -0.31 5.46
C CYS A 43 13.91 -1.43 5.99
N LYS A 44 13.90 -1.64 7.30
CA LYS A 44 13.08 -2.71 7.87
C LYS A 44 12.39 -2.28 9.18
N PRO A 45 13.12 -1.74 10.20
CA PRO A 45 12.49 -1.27 11.47
C PRO A 45 11.48 -0.17 11.21
N CYS A 46 11.73 0.61 10.18
CA CYS A 46 10.83 1.68 9.80
C CYS A 46 9.53 1.11 9.22
N LEU A 47 9.56 -0.17 8.86
CA LEU A 47 8.42 -0.82 8.24
C LEU A 47 7.64 -1.63 9.28
N ARG A 48 7.28 -0.98 10.36
CA ARG A 48 6.54 -1.62 11.42
C ARG A 48 5.19 -2.12 10.95
N GLU A 49 4.54 -1.34 10.11
CA GLU A 49 3.26 -1.70 9.54
C GLU A 49 3.38 -3.00 8.75
N LEU A 50 4.36 -3.03 7.85
CA LEU A 50 4.58 -4.16 6.98
C LEU A 50 4.95 -5.39 7.80
N LYS A 51 5.78 -5.18 8.81
CA LYS A 51 6.23 -6.25 9.68
C LYS A 51 5.06 -6.92 10.39
N ALA A 52 4.19 -6.12 10.97
CA ALA A 52 3.07 -6.63 11.72
C ALA A 52 2.01 -7.25 10.81
N ILE A 53 1.76 -6.59 9.68
CA ILE A 53 0.81 -7.11 8.73
C ILE A 53 1.30 -8.43 8.17
N GLN A 54 2.59 -8.52 7.88
CA GLN A 54 3.19 -9.74 7.36
C GLN A 54 2.86 -10.93 8.27
N GLU A 55 2.82 -10.67 9.57
CA GLU A 55 2.52 -11.68 10.57
C GLU A 55 1.06 -12.15 10.49
N VAL A 56 0.14 -11.20 10.40
CA VAL A 56 -1.31 -11.52 10.41
C VAL A 56 -1.98 -11.22 9.06
N TYR A 57 -1.19 -11.26 8.00
CA TYR A 57 -1.70 -10.94 6.65
C TYR A 57 -2.82 -11.87 6.24
N ALA A 58 -2.69 -13.15 6.56
CA ALA A 58 -3.74 -14.12 6.23
C ALA A 58 -5.04 -13.76 6.95
N ASP A 59 -4.94 -13.33 8.20
CA ASP A 59 -6.10 -12.93 8.99
C ASP A 59 -6.78 -11.70 8.37
N TRP A 60 -5.99 -10.76 7.91
CA TRP A 60 -6.52 -9.56 7.25
C TRP A 60 -7.18 -9.95 5.93
N GLN A 61 -6.56 -10.89 5.24
CA GLN A 61 -7.08 -11.40 3.97
C GLN A 61 -8.33 -12.24 4.19
N ASP A 62 -8.48 -12.73 5.40
CA ASP A 62 -9.58 -13.59 5.78
C ASP A 62 -10.93 -12.90 5.56
N GLU A 63 -11.05 -11.68 6.06
CA GLU A 63 -12.29 -10.95 5.93
C GLU A 63 -12.21 -9.88 4.88
N THR A 64 -11.44 -8.89 5.18
CA THR A 64 -11.29 -7.73 4.33
C THR A 64 -10.68 -8.09 2.97
N GLY A 65 -9.81 -9.10 2.96
CA GLY A 65 -9.15 -9.48 1.71
C GLY A 65 -8.26 -8.36 1.17
N VAL A 66 -7.56 -7.69 2.06
CA VAL A 66 -6.76 -6.52 1.69
C VAL A 66 -5.32 -6.90 1.32
N ARG A 67 -4.85 -6.36 0.19
CA ARG A 67 -3.47 -6.60 -0.24
C ARG A 67 -2.62 -5.37 0.03
N LEU A 68 -1.31 -5.53 0.01
CA LEU A 68 -0.40 -4.43 0.29
C LEU A 68 0.35 -4.02 -0.96
N ILE A 69 0.47 -2.73 -1.14
CA ILE A 69 1.22 -2.17 -2.23
C ILE A 69 2.47 -1.50 -1.67
N ALA A 70 3.61 -2.09 -1.94
CA ALA A 70 4.86 -1.55 -1.44
C ALA A 70 5.50 -0.69 -2.52
N VAL A 71 5.65 0.59 -2.25
CA VAL A 71 6.18 1.50 -3.25
C VAL A 71 7.44 2.22 -2.76
N SER A 72 8.44 2.20 -3.62
CA SER A 72 9.68 2.88 -3.33
C SER A 72 9.58 4.32 -3.75
N ILE A 73 10.05 5.19 -2.88
CA ILE A 73 10.02 6.62 -3.07
C ILE A 73 11.26 7.10 -3.85
N ASP A 74 12.16 6.18 -4.10
CA ASP A 74 13.40 6.51 -4.81
C ASP A 74 13.26 6.20 -6.30
N GLU A 75 14.10 6.86 -7.11
CA GLU A 75 14.05 6.74 -8.58
C GLU A 75 14.36 5.31 -9.06
N GLY A 76 14.33 5.12 -10.38
CA GLY A 76 14.48 3.80 -10.95
C GLY A 76 15.79 3.11 -10.62
N GLN A 77 16.90 3.84 -10.71
CA GLN A 77 18.20 3.27 -10.39
C GLN A 77 18.26 2.82 -8.94
N ASN A 78 17.78 3.67 -8.07
CA ASN A 78 17.76 3.40 -6.65
C ASN A 78 16.79 2.26 -6.33
N ALA A 79 15.66 2.25 -7.03
CA ALA A 79 14.61 1.27 -6.80
C ALA A 79 15.01 -0.14 -7.23
N GLN A 80 16.13 -0.24 -7.90
CA GLN A 80 16.62 -1.52 -8.35
C GLN A 80 16.83 -2.48 -7.17
N LYS A 81 16.98 -1.91 -5.99
CA LYS A 81 17.21 -2.69 -4.77
C LYS A 81 15.87 -3.06 -4.08
N VAL A 82 14.78 -2.43 -4.50
CA VAL A 82 13.47 -2.63 -3.84
C VAL A 82 12.96 -4.03 -3.99
N LYS A 83 12.96 -4.50 -5.20
CA LYS A 83 12.42 -5.79 -5.53
C LYS A 83 13.24 -6.97 -4.94
N PRO A 84 14.59 -6.93 -4.99
CA PRO A 84 15.39 -7.98 -4.35
C PRO A 84 15.12 -8.02 -2.84
N LEU A 85 14.79 -6.86 -2.26
CA LEU A 85 14.41 -6.79 -0.84
C LEU A 85 13.14 -7.59 -0.64
N ALA A 86 12.22 -7.43 -1.58
CA ALA A 86 10.93 -8.11 -1.53
C ALA A 86 11.12 -9.61 -1.49
N ASP A 87 11.99 -10.11 -2.35
CA ASP A 87 12.28 -11.54 -2.40
C ASP A 87 12.95 -12.01 -1.11
N GLY A 88 13.94 -11.25 -0.66
CA GLY A 88 14.70 -11.62 0.52
C GLY A 88 13.89 -11.55 1.80
N ASN A 89 13.07 -10.51 1.93
CA ASN A 89 12.30 -10.29 3.14
C ASN A 89 10.96 -11.01 3.10
N GLY A 90 10.68 -11.67 1.97
CA GLY A 90 9.45 -12.43 1.84
C GLY A 90 8.21 -11.57 1.75
N TRP A 91 8.26 -10.54 0.93
CA TRP A 91 7.12 -9.66 0.77
C TRP A 91 6.12 -10.25 -0.21
N GLU A 92 5.07 -10.83 0.33
CA GLU A 92 4.02 -11.49 -0.45
C GLU A 92 2.98 -10.48 -0.93
N TYR A 93 3.44 -9.36 -1.47
CA TYR A 93 2.53 -8.30 -1.91
C TYR A 93 2.99 -7.75 -3.24
N GLU A 94 2.22 -6.83 -3.78
CA GLU A 94 2.60 -6.18 -5.02
C GLU A 94 3.57 -5.04 -4.74
N VAL A 95 4.70 -5.07 -5.40
CA VAL A 95 5.73 -4.08 -5.17
C VAL A 95 5.86 -3.16 -6.38
N LEU A 96 5.87 -1.88 -6.13
CA LEU A 96 5.94 -0.86 -7.16
C LEU A 96 7.15 0.00 -6.97
N LEU A 97 7.84 0.23 -8.05
CA LEU A 97 9.01 1.05 -8.04
C LEU A 97 8.70 2.35 -8.77
N ASP A 98 8.75 3.49 -8.08
CA ASP A 98 8.55 4.72 -8.80
C ASP A 98 9.84 5.09 -9.52
N SER A 99 9.78 5.08 -10.82
CA SER A 99 10.93 5.38 -11.64
C SER A 99 11.07 6.89 -11.86
N ASN A 100 10.02 7.62 -11.52
CA ASN A 100 9.99 9.06 -11.74
C ASN A 100 10.52 9.80 -10.52
N GLY A 101 10.05 9.37 -9.35
CA GLY A 101 10.37 10.07 -8.13
C GLY A 101 9.32 11.12 -7.86
N ASP A 102 8.28 11.09 -8.66
CA ASP A 102 7.19 12.05 -8.61
C ASP A 102 6.02 11.54 -7.78
N PHE A 103 5.89 10.22 -7.67
CA PHE A 103 4.75 9.62 -6.97
C PHE A 103 4.72 10.03 -5.50
N LYS A 104 5.89 10.00 -4.86
CA LYS A 104 6.00 10.44 -3.47
C LYS A 104 5.54 11.90 -3.32
N ARG A 105 5.90 12.72 -4.29
CA ARG A 105 5.53 14.13 -4.31
C ARG A 105 4.04 14.29 -4.61
N ALA A 106 3.56 13.50 -5.55
CA ALA A 106 2.16 13.54 -5.97
C ALA A 106 1.24 13.20 -4.80
N MET A 107 1.55 12.13 -4.11
CA MET A 107 0.77 11.72 -2.94
C MET A 107 1.09 12.60 -1.75
N ASN A 108 2.30 13.17 -1.77
CA ASN A 108 2.80 14.10 -0.74
C ASN A 108 3.17 13.38 0.55
N VAL A 109 4.44 13.05 0.67
CA VAL A 109 4.94 12.37 1.85
C VAL A 109 5.82 13.32 2.66
N SER A 110 5.38 13.63 3.86
CA SER A 110 6.14 14.49 4.74
C SER A 110 7.21 13.68 5.47
N LEU A 111 6.74 12.68 6.17
CA LEU A 111 7.57 11.80 6.93
C LEU A 111 7.21 10.36 6.62
N ILE A 112 8.22 9.54 6.40
CA ILE A 112 8.00 8.14 6.14
C ILE A 112 7.95 7.39 7.48
N PRO A 113 7.22 6.28 7.56
CA PRO A 113 6.47 5.71 6.43
C PRO A 113 5.09 6.36 6.24
N ALA A 114 4.52 6.19 5.06
CA ALA A 114 3.18 6.75 4.79
C ALA A 114 2.21 5.65 4.43
N VAL A 115 0.99 5.72 4.98
CA VAL A 115 0.00 4.68 4.77
C VAL A 115 -1.25 5.24 4.08
N PHE A 116 -1.62 4.63 2.97
CA PHE A 116 -2.84 4.97 2.26
C PHE A 116 -3.70 3.71 2.13
N ILE A 117 -4.88 3.73 2.72
CA ILE A 117 -5.74 2.55 2.67
C ILE A 117 -6.89 2.75 1.71
N VAL A 118 -7.07 1.77 0.86
CA VAL A 118 -8.09 1.78 -0.17
C VAL A 118 -9.22 0.84 0.23
N ASP A 119 -10.45 1.30 0.04
CA ASP A 119 -11.64 0.53 0.41
C ASP A 119 -12.08 -0.39 -0.73
N GLY A 120 -13.22 -1.06 -0.54
CA GLY A 120 -13.74 -1.97 -1.54
C GLY A 120 -14.19 -1.27 -2.82
N ASN A 121 -14.42 0.03 -2.74
CA ASN A 121 -14.85 0.80 -3.91
C ASN A 121 -13.65 1.31 -4.70
N GLY A 122 -12.46 1.07 -4.17
CA GLY A 122 -11.26 1.49 -4.85
C GLY A 122 -10.88 2.94 -4.58
N LYS A 123 -11.25 3.44 -3.42
CA LYS A 123 -10.88 4.80 -3.03
C LYS A 123 -10.13 4.82 -1.72
N ILE A 124 -9.33 5.84 -1.53
CA ILE A 124 -8.55 6.02 -0.32
C ILE A 124 -9.48 6.37 0.85
N VAL A 125 -9.80 5.38 1.64
CA VAL A 125 -10.67 5.55 2.79
C VAL A 125 -9.91 6.06 4.02
N TYR A 126 -8.65 5.67 4.13
CA TYR A 126 -7.83 6.10 5.25
C TYR A 126 -6.50 6.64 4.76
N ASN A 127 -6.16 7.81 5.22
CA ASN A 127 -4.90 8.45 4.85
C ASN A 127 -4.18 8.97 6.06
N HIS A 128 -2.98 8.49 6.25
CA HIS A 128 -2.15 8.94 7.34
C HIS A 128 -0.71 8.94 6.91
N THR A 129 -0.20 10.10 6.60
CA THR A 129 1.16 10.23 6.17
C THR A 129 2.07 10.57 7.34
N GLY A 130 2.98 9.67 7.64
CA GLY A 130 3.92 9.92 8.70
C GLY A 130 3.53 9.32 10.03
N TYR A 131 3.21 8.03 10.04
CA TYR A 131 2.96 7.37 11.31
C TYR A 131 4.30 7.01 11.90
N THR A 132 4.48 7.19 13.17
CA THR A 132 5.77 6.95 13.74
C THR A 132 5.76 5.93 14.88
N GLU A 133 4.58 5.64 15.44
CA GLU A 133 4.49 4.67 16.54
C GLU A 133 3.27 3.77 16.44
N GLY A 134 2.24 4.07 17.23
CA GLY A 134 1.06 3.21 17.29
C GLY A 134 0.08 3.43 16.15
N GLY A 135 0.59 3.83 15.01
CA GLY A 135 -0.26 4.03 13.85
C GLY A 135 -0.85 2.74 13.33
N GLU A 136 -0.15 1.65 13.61
CA GLU A 136 -0.57 0.31 13.17
C GLU A 136 -1.96 -0.02 13.72
N ALA A 137 -2.27 0.54 14.87
CA ALA A 137 -3.55 0.32 15.53
C ALA A 137 -4.68 0.84 14.67
N GLU A 138 -4.45 1.98 14.06
CA GLU A 138 -5.44 2.62 13.24
C GLU A 138 -5.69 1.82 11.98
N LEU A 139 -4.62 1.19 11.47
CA LEU A 139 -4.73 0.37 10.27
C LEU A 139 -5.69 -0.80 10.48
N ILE A 140 -5.45 -1.58 11.53
CA ILE A 140 -6.30 -2.76 11.80
C ILE A 140 -7.71 -2.34 12.21
N LYS A 141 -7.80 -1.29 13.00
CA LYS A 141 -9.08 -0.77 13.44
C LYS A 141 -9.94 -0.38 12.25
N LYS A 142 -9.35 0.36 11.33
CA LYS A 142 -10.07 0.81 10.14
C LYS A 142 -10.41 -0.37 9.23
N VAL A 143 -9.55 -1.40 9.23
CA VAL A 143 -9.75 -2.59 8.41
C VAL A 143 -11.08 -3.24 8.73
N ARG A 144 -11.38 -3.36 10.02
CA ARG A 144 -12.63 -3.97 10.43
C ARG A 144 -13.80 -2.99 10.26
N GLU A 145 -13.50 -1.69 10.28
CA GLU A 145 -14.52 -0.66 10.05
C GLU A 145 -15.08 -0.77 8.65
N LEU A 146 -14.23 -1.17 7.72
CA LEU A 146 -14.59 -1.28 6.32
C LEU A 146 -15.68 -2.35 6.13
N VAL A 147 -15.53 -3.47 6.83
CA VAL A 147 -16.50 -4.57 6.74
C VAL A 147 -17.82 -4.17 7.38
N LYS A 148 -17.74 -3.24 8.30
CA LYS A 148 -18.90 -2.75 9.05
C LYS A 148 -19.88 -1.98 8.15
N GLU A 149 -19.35 -1.33 7.11
CA GLU A 149 -20.17 -0.53 6.20
C GLU A 149 -21.18 -1.40 5.43
N GLY A 150 -20.77 -2.60 5.06
CA GLY A 150 -21.65 -3.50 4.35
C GLY A 150 -21.88 -3.12 2.89
N HIS A 151 -23.12 -2.76 2.56
CA HIS A 151 -23.55 -2.37 1.20
C HIS A 151 -23.60 -3.58 0.23
N HIS A 152 -22.75 -4.56 0.45
CA HIS A 152 -22.72 -5.76 -0.42
C HIS A 152 -24.08 -6.43 -0.43
N HIS A 153 -24.68 -6.54 0.74
CA HIS A 153 -26.05 -7.04 0.86
C HIS A 153 -26.88 -6.01 1.60
N HIS A 154 -27.33 -4.99 0.85
CA HIS A 154 -28.10 -3.84 1.39
C HIS A 154 -27.45 -3.26 2.66
N HIS A 155 -28.20 -2.46 3.40
CA HIS A 155 -27.68 -1.89 4.62
C HIS A 155 -28.13 -2.70 5.82
N HIS A 156 -27.18 -3.22 6.55
CA HIS A 156 -27.44 -4.03 7.72
C HIS A 156 -27.83 -3.15 8.89
N ASN A 4 -14.57 -0.67 -11.21
CA ASN A 4 -14.53 0.69 -10.65
C ASN A 4 -13.55 0.76 -9.50
N THR A 5 -12.81 -0.31 -9.35
CA THR A 5 -11.82 -0.42 -8.32
C THR A 5 -10.51 0.18 -8.75
N TYR A 6 -9.97 1.06 -7.94
CA TYR A 6 -8.61 1.61 -8.12
C TYR A 6 -8.09 1.97 -6.77
N ALA A 7 -7.42 3.07 -6.69
CA ALA A 7 -6.87 3.52 -5.45
C ALA A 7 -6.98 5.02 -5.32
N GLN A 8 -7.80 5.64 -6.20
CA GLN A 8 -8.03 7.10 -6.19
C GLN A 8 -6.68 7.83 -6.18
N LEU A 9 -5.82 7.46 -7.09
CA LEU A 9 -4.47 7.98 -7.14
C LEU A 9 -4.27 8.96 -8.27
N PRO A 10 -3.28 9.88 -8.11
CA PRO A 10 -2.89 10.83 -9.15
C PRO A 10 -2.34 10.10 -10.37
N ALA A 11 -2.46 10.71 -11.53
CA ALA A 11 -1.97 10.11 -12.76
C ALA A 11 -0.44 10.09 -12.82
N VAL A 12 0.13 9.04 -12.26
CA VAL A 12 1.58 8.85 -12.26
C VAL A 12 1.90 7.47 -12.84
N SER A 13 2.91 7.41 -13.69
CA SER A 13 3.29 6.14 -14.30
C SER A 13 4.46 5.51 -13.54
N LEU A 14 4.20 4.38 -12.89
CA LEU A 14 5.23 3.67 -12.15
C LEU A 14 5.48 2.30 -12.76
N LYS A 15 6.44 1.58 -12.24
CA LYS A 15 6.73 0.23 -12.71
C LYS A 15 6.21 -0.80 -11.73
N ASN A 16 5.66 -1.87 -12.26
CA ASN A 16 5.20 -2.96 -11.42
C ASN A 16 6.28 -4.01 -11.27
N ILE A 17 5.95 -5.11 -10.62
CA ILE A 17 6.92 -6.18 -10.40
C ILE A 17 7.27 -6.90 -11.70
N GLU A 18 6.51 -6.61 -12.74
CA GLU A 18 6.75 -7.22 -14.04
C GLU A 18 7.68 -6.33 -14.88
N GLY A 19 7.83 -5.07 -14.47
CA GLY A 19 8.67 -4.14 -15.19
C GLY A 19 7.90 -3.43 -16.28
N LYS A 20 6.59 -3.50 -16.19
CA LYS A 20 5.71 -2.85 -17.13
C LYS A 20 5.21 -1.56 -16.53
N THR A 21 5.01 -0.57 -17.35
CA THR A 21 4.54 0.70 -16.88
C THR A 21 3.08 0.63 -16.50
N VAL A 22 2.79 0.92 -15.26
CA VAL A 22 1.46 0.94 -14.77
C VAL A 22 1.14 2.28 -14.17
N GLN A 23 0.02 2.82 -14.56
CA GLN A 23 -0.39 4.09 -14.04
C GLN A 23 -1.27 3.87 -12.83
N THR A 24 -1.02 4.63 -11.80
CA THR A 24 -1.70 4.48 -10.53
C THR A 24 -3.19 4.85 -10.59
N ASN A 25 -3.57 5.64 -11.59
CA ASN A 25 -4.96 6.06 -11.74
C ASN A 25 -5.80 4.94 -12.39
N LYS A 26 -5.12 3.90 -12.88
CA LYS A 26 -5.79 2.79 -13.56
C LYS A 26 -5.41 1.45 -12.95
N LEU A 27 -4.85 1.47 -11.76
CA LEU A 27 -4.38 0.26 -11.14
C LEU A 27 -5.37 -0.26 -10.12
N GLU A 28 -5.76 -1.52 -10.28
CA GLU A 28 -6.65 -2.16 -9.34
C GLU A 28 -6.27 -3.60 -9.13
N ASN A 29 -6.71 -4.14 -8.02
CA ASN A 29 -6.44 -5.53 -7.69
C ASN A 29 -7.41 -6.45 -8.41
N ALA A 30 -8.67 -6.44 -7.97
CA ALA A 30 -9.73 -7.30 -8.56
C ALA A 30 -11.04 -7.14 -7.79
N GLY A 31 -11.36 -5.92 -7.38
CA GLY A 31 -12.57 -5.71 -6.60
C GLY A 31 -12.32 -5.79 -5.10
N LYS A 32 -11.05 -5.96 -4.75
CA LYS A 32 -10.64 -6.08 -3.36
C LYS A 32 -9.92 -4.82 -2.90
N PRO A 33 -9.97 -4.50 -1.60
CA PRO A 33 -9.31 -3.32 -1.02
C PRO A 33 -7.79 -3.41 -1.09
N MET A 34 -7.14 -2.27 -1.07
CA MET A 34 -5.69 -2.22 -1.18
C MET A 34 -5.11 -1.19 -0.24
N ILE A 35 -3.91 -1.42 0.23
CA ILE A 35 -3.26 -0.47 1.10
C ILE A 35 -1.87 -0.18 0.55
N ILE A 36 -1.58 1.08 0.36
CA ILE A 36 -0.30 1.48 -0.18
C ILE A 36 0.68 1.74 0.94
N SER A 37 1.83 1.09 0.86
CA SER A 37 2.85 1.24 1.86
C SER A 37 4.05 1.99 1.29
N PHE A 38 4.28 3.18 1.79
CA PHE A 38 5.46 3.93 1.42
C PHE A 38 6.57 3.52 2.33
N PHE A 39 7.53 2.79 1.78
CA PHE A 39 8.59 2.26 2.59
C PHE A 39 9.94 2.65 2.04
N ALA A 40 10.93 2.64 2.89
CA ALA A 40 12.27 3.01 2.51
C ALA A 40 12.97 1.90 1.77
N THR A 41 13.81 2.31 0.86
CA THR A 41 14.54 1.39 0.01
C THR A 41 15.50 0.47 0.82
N ASN A 42 16.20 1.04 1.78
CA ASN A 42 17.22 0.28 2.53
C ASN A 42 17.00 0.30 4.06
N CYS A 43 15.76 0.45 4.50
CA CYS A 43 15.50 0.48 5.94
C CYS A 43 14.32 -0.42 6.33
N LYS A 44 14.50 -1.19 7.41
CA LYS A 44 13.45 -2.09 7.92
C LYS A 44 12.69 -1.54 9.17
N PRO A 45 13.40 -1.01 10.22
CA PRO A 45 12.74 -0.54 11.47
C PRO A 45 11.81 0.64 11.24
N CYS A 46 12.04 1.37 10.17
CA CYS A 46 11.15 2.47 9.83
C CYS A 46 9.86 1.95 9.23
N LEU A 47 9.86 0.68 8.84
CA LEU A 47 8.68 0.09 8.24
C LEU A 47 7.81 -0.55 9.30
N ARG A 48 7.34 0.27 10.24
CA ARG A 48 6.49 -0.21 11.32
C ARG A 48 5.22 -0.82 10.75
N GLU A 49 4.67 -0.12 9.79
CA GLU A 49 3.44 -0.51 9.13
C GLU A 49 3.61 -1.82 8.39
N LEU A 50 4.58 -1.87 7.52
CA LEU A 50 4.81 -3.04 6.69
C LEU A 50 5.17 -4.24 7.57
N LYS A 51 5.98 -4.01 8.60
CA LYS A 51 6.40 -5.06 9.51
C LYS A 51 5.21 -5.64 10.29
N ALA A 52 4.39 -4.76 10.86
CA ALA A 52 3.24 -5.18 11.66
C ALA A 52 2.24 -5.94 10.79
N ILE A 53 1.98 -5.42 9.61
CA ILE A 53 1.07 -6.06 8.70
C ILE A 53 1.62 -7.40 8.27
N GLN A 54 2.93 -7.45 8.02
CA GLN A 54 3.60 -8.69 7.61
C GLN A 54 3.29 -9.82 8.59
N GLU A 55 3.28 -9.50 9.88
CA GLU A 55 3.03 -10.50 10.90
C GLU A 55 1.57 -10.97 10.90
N VAL A 56 0.63 -10.05 10.72
CA VAL A 56 -0.81 -10.38 10.77
C VAL A 56 -1.49 -10.32 9.39
N TYR A 57 -0.70 -10.36 8.34
CA TYR A 57 -1.21 -10.25 6.96
C TYR A 57 -2.22 -11.35 6.64
N ALA A 58 -1.98 -12.53 7.20
CA ALA A 58 -2.91 -13.64 7.00
C ALA A 58 -4.28 -13.31 7.58
N ASP A 59 -4.31 -12.60 8.70
CA ASP A 59 -5.58 -12.19 9.33
C ASP A 59 -6.29 -11.16 8.47
N TRP A 60 -5.54 -10.23 7.90
CA TRP A 60 -6.09 -9.20 7.03
C TRP A 60 -6.62 -9.83 5.74
N GLN A 61 -5.90 -10.82 5.24
CA GLN A 61 -6.29 -11.55 4.04
C GLN A 61 -7.32 -12.63 4.36
N ASP A 62 -7.54 -12.86 5.63
CA ASP A 62 -8.48 -13.87 6.10
C ASP A 62 -9.89 -13.61 5.61
N GLU A 63 -10.36 -12.38 5.78
CA GLU A 63 -11.71 -12.05 5.37
C GLU A 63 -11.81 -10.56 5.02
N THR A 64 -11.10 -10.16 3.99
CA THR A 64 -11.11 -8.80 3.50
C THR A 64 -10.56 -8.75 2.07
N GLY A 65 -9.52 -9.55 1.83
CA GLY A 65 -8.90 -9.61 0.51
C GLY A 65 -8.02 -8.41 0.23
N VAL A 66 -7.59 -7.73 1.28
CA VAL A 66 -6.79 -6.53 1.14
C VAL A 66 -5.31 -6.86 0.90
N ARG A 67 -4.74 -6.31 -0.17
CA ARG A 67 -3.32 -6.52 -0.46
C ARG A 67 -2.56 -5.23 -0.22
N LEU A 68 -1.26 -5.36 -0.01
CA LEU A 68 -0.43 -4.20 0.18
C LEU A 68 0.29 -3.83 -1.09
N ILE A 69 0.26 -2.57 -1.40
CA ILE A 69 0.95 -2.04 -2.53
C ILE A 69 2.21 -1.35 -2.02
N ALA A 70 3.32 -2.02 -2.15
CA ALA A 70 4.57 -1.51 -1.62
C ALA A 70 5.25 -0.65 -2.66
N VAL A 71 5.53 0.59 -2.31
CA VAL A 71 6.15 1.50 -3.25
C VAL A 71 7.49 2.02 -2.74
N SER A 72 8.49 1.92 -3.60
CA SER A 72 9.82 2.40 -3.32
C SER A 72 9.90 3.88 -3.59
N ILE A 73 10.47 4.58 -2.61
CA ILE A 73 10.57 6.03 -2.56
C ILE A 73 11.82 6.60 -3.27
N ASP A 74 12.43 5.84 -4.14
CA ASP A 74 13.64 6.34 -4.82
C ASP A 74 13.45 6.31 -6.33
N GLU A 75 14.56 6.32 -7.06
CA GLU A 75 14.51 6.28 -8.51
C GLU A 75 14.69 4.86 -9.00
N GLY A 76 14.66 4.69 -10.32
CA GLY A 76 14.72 3.38 -10.92
C GLY A 76 15.98 2.59 -10.62
N GLN A 77 17.14 3.26 -10.70
CA GLN A 77 18.41 2.55 -10.50
C GLN A 77 18.54 2.00 -9.07
N ASN A 78 18.13 2.79 -8.09
CA ASN A 78 18.22 2.38 -6.69
C ASN A 78 17.12 1.41 -6.33
N ALA A 79 15.93 1.64 -6.86
CA ALA A 79 14.76 0.83 -6.55
C ALA A 79 14.82 -0.57 -7.17
N GLN A 80 15.84 -0.84 -7.98
CA GLN A 80 16.00 -2.17 -8.55
C GLN A 80 16.19 -3.21 -7.45
N LYS A 81 16.66 -2.77 -6.30
CA LYS A 81 16.90 -3.63 -5.16
C LYS A 81 15.62 -3.88 -4.33
N VAL A 82 14.58 -3.13 -4.63
CA VAL A 82 13.32 -3.21 -3.88
C VAL A 82 12.64 -4.54 -4.04
N LYS A 83 12.54 -4.96 -5.26
CA LYS A 83 11.85 -6.18 -5.59
C LYS A 83 12.56 -7.45 -5.05
N PRO A 84 13.91 -7.55 -5.14
CA PRO A 84 14.62 -8.65 -4.53
C PRO A 84 14.44 -8.66 -3.00
N LEU A 85 14.24 -7.46 -2.42
CA LEU A 85 13.94 -7.35 -0.98
C LEU A 85 12.63 -8.04 -0.70
N ALA A 86 11.68 -7.82 -1.58
CA ALA A 86 10.35 -8.39 -1.47
C ALA A 86 10.43 -9.91 -1.45
N ASP A 87 11.26 -10.45 -2.33
CA ASP A 87 11.43 -11.90 -2.43
C ASP A 87 12.23 -12.45 -1.25
N GLY A 88 13.33 -11.78 -0.92
CA GLY A 88 14.19 -12.24 0.16
C GLY A 88 13.53 -12.16 1.53
N ASN A 89 12.84 -11.07 1.79
CA ASN A 89 12.16 -10.89 3.08
C ASN A 89 10.89 -11.72 3.15
N GLY A 90 10.35 -12.05 1.98
CA GLY A 90 9.13 -12.83 1.93
C GLY A 90 7.91 -11.98 2.22
N TRP A 91 7.94 -10.75 1.72
CA TRP A 91 6.84 -9.80 1.92
C TRP A 91 5.52 -10.33 1.36
N GLU A 92 5.59 -10.92 0.18
CA GLU A 92 4.42 -11.54 -0.47
C GLU A 92 3.34 -10.53 -0.89
N TYR A 93 3.72 -9.30 -1.16
CA TYR A 93 2.74 -8.31 -1.62
C TYR A 93 3.03 -7.95 -3.06
N GLU A 94 2.40 -6.90 -3.54
CA GLU A 94 2.66 -6.40 -4.86
C GLU A 94 3.50 -5.14 -4.73
N VAL A 95 4.59 -5.09 -5.46
CA VAL A 95 5.53 -4.00 -5.30
C VAL A 95 5.57 -3.10 -6.53
N LEU A 96 5.56 -1.82 -6.26
CA LEU A 96 5.61 -0.78 -7.26
C LEU A 96 6.89 -0.02 -7.12
N LEU A 97 7.53 0.20 -8.22
CA LEU A 97 8.80 0.84 -8.24
C LEU A 97 8.66 2.24 -8.83
N ASP A 98 8.85 3.28 -8.00
CA ASP A 98 8.83 4.63 -8.54
C ASP A 98 10.19 4.90 -9.18
N SER A 99 10.19 5.34 -10.41
CA SER A 99 11.42 5.58 -11.14
C SER A 99 11.64 7.08 -11.35
N ASN A 100 10.72 7.88 -10.86
CA ASN A 100 10.81 9.32 -11.01
C ASN A 100 11.00 9.98 -9.66
N GLY A 101 10.37 9.42 -8.65
CA GLY A 101 10.43 10.00 -7.32
C GLY A 101 9.34 11.03 -7.14
N ASP A 102 8.46 11.12 -8.14
CA ASP A 102 7.39 12.10 -8.14
C ASP A 102 6.15 11.60 -7.42
N PHE A 103 6.03 10.29 -7.29
CA PHE A 103 4.85 9.71 -6.65
C PHE A 103 4.81 10.12 -5.18
N LYS A 104 5.98 10.23 -4.58
CA LYS A 104 6.09 10.65 -3.18
C LYS A 104 5.50 12.06 -3.03
N ARG A 105 5.84 12.94 -3.97
CA ARG A 105 5.35 14.30 -3.97
C ARG A 105 3.88 14.35 -4.31
N ALA A 106 3.49 13.51 -5.24
CA ALA A 106 2.11 13.42 -5.69
C ALA A 106 1.19 13.05 -4.54
N MET A 107 1.65 12.17 -3.66
CA MET A 107 0.84 11.78 -2.53
C MET A 107 1.12 12.66 -1.31
N ASN A 108 2.18 13.47 -1.42
CA ASN A 108 2.59 14.38 -0.34
C ASN A 108 3.04 13.59 0.89
N VAL A 109 4.16 12.91 0.78
CA VAL A 109 4.70 12.10 1.85
C VAL A 109 5.82 12.84 2.58
N SER A 110 5.63 13.04 3.87
CA SER A 110 6.63 13.71 4.68
C SER A 110 7.53 12.68 5.39
N LEU A 111 7.00 12.05 6.43
CA LEU A 111 7.71 11.04 7.16
C LEU A 111 7.26 9.67 6.67
N ILE A 112 8.06 8.66 6.92
CA ILE A 112 7.72 7.31 6.56
C ILE A 112 7.57 6.48 7.82
N PRO A 113 6.77 5.40 7.79
CA PRO A 113 6.04 4.97 6.60
C PRO A 113 4.76 5.78 6.34
N ALA A 114 4.32 5.80 5.10
CA ALA A 114 3.08 6.48 4.75
C ALA A 114 2.04 5.47 4.33
N VAL A 115 0.82 5.61 4.82
CA VAL A 115 -0.22 4.61 4.59
C VAL A 115 -1.42 5.18 3.87
N PHE A 116 -1.84 4.50 2.83
CA PHE A 116 -3.06 4.84 2.12
C PHE A 116 -3.96 3.62 2.05
N ILE A 117 -5.08 3.66 2.74
CA ILE A 117 -5.99 2.53 2.76
C ILE A 117 -7.13 2.76 1.80
N VAL A 118 -7.28 1.82 0.88
CA VAL A 118 -8.29 1.89 -0.15
C VAL A 118 -9.44 0.95 0.15
N ASP A 119 -10.64 1.50 0.13
CA ASP A 119 -11.90 0.80 0.40
C ASP A 119 -12.22 -0.17 -0.73
N GLY A 120 -13.13 -1.11 -0.46
CA GLY A 120 -13.53 -2.12 -1.44
C GLY A 120 -14.12 -1.52 -2.71
N ASN A 121 -14.56 -0.27 -2.64
CA ASN A 121 -15.13 0.41 -3.80
C ASN A 121 -14.04 1.07 -4.64
N GLY A 122 -12.78 0.89 -4.23
CA GLY A 122 -11.67 1.41 -5.00
C GLY A 122 -11.36 2.86 -4.73
N LYS A 123 -11.70 3.33 -3.54
CA LYS A 123 -11.44 4.72 -3.18
C LYS A 123 -10.63 4.78 -1.88
N ILE A 124 -9.92 5.88 -1.67
CA ILE A 124 -9.13 6.01 -0.45
C ILE A 124 -10.02 6.40 0.72
N VAL A 125 -10.11 5.51 1.69
CA VAL A 125 -10.94 5.73 2.86
C VAL A 125 -10.13 6.31 4.01
N TYR A 126 -8.90 5.85 4.15
CA TYR A 126 -8.04 6.33 5.22
C TYR A 126 -6.66 6.63 4.68
N ASN A 127 -6.16 7.80 4.98
CA ASN A 127 -4.84 8.19 4.55
C ASN A 127 -4.06 8.76 5.72
N HIS A 128 -2.87 8.24 5.92
CA HIS A 128 -2.03 8.71 6.99
C HIS A 128 -0.60 8.81 6.49
N THR A 129 -0.18 10.01 6.21
CA THR A 129 1.15 10.22 5.69
C THR A 129 2.16 10.44 6.78
N GLY A 130 2.93 9.40 7.07
CA GLY A 130 3.98 9.52 8.02
C GLY A 130 3.57 9.29 9.46
N TYR A 131 3.93 8.15 9.98
CA TYR A 131 3.76 7.86 11.38
C TYR A 131 5.00 7.14 11.85
N THR A 132 5.20 7.08 13.13
CA THR A 132 6.44 6.52 13.62
C THR A 132 6.22 5.16 14.29
N GLU A 133 5.17 5.05 15.08
CA GLU A 133 4.77 3.78 15.70
C GLU A 133 3.45 3.94 16.40
N GLY A 134 2.69 2.87 16.50
CA GLY A 134 1.37 2.94 17.10
C GLY A 134 0.37 3.47 16.11
N GLY A 135 0.77 3.49 14.84
CA GLY A 135 -0.08 3.99 13.80
C GLY A 135 -0.95 2.90 13.21
N GLU A 136 -0.40 1.68 13.16
CA GLU A 136 -1.09 0.52 12.60
C GLU A 136 -2.38 0.18 13.35
N ALA A 137 -2.52 0.74 14.54
CA ALA A 137 -3.69 0.49 15.36
C ALA A 137 -4.94 0.99 14.65
N GLU A 138 -4.80 2.13 14.01
CA GLU A 138 -5.90 2.72 13.30
C GLU A 138 -6.07 2.07 11.93
N LEU A 139 -4.95 1.54 11.40
CA LEU A 139 -4.98 0.84 10.13
C LEU A 139 -5.86 -0.38 10.20
N ILE A 140 -5.67 -1.20 11.23
CA ILE A 140 -6.47 -2.40 11.41
C ILE A 140 -7.91 -2.01 11.76
N LYS A 141 -8.05 -0.93 12.52
CA LYS A 141 -9.36 -0.44 12.90
C LYS A 141 -10.19 -0.12 11.65
N LYS A 142 -9.59 0.64 10.73
CA LYS A 142 -10.27 1.01 9.49
C LYS A 142 -10.55 -0.19 8.59
N VAL A 143 -9.62 -1.16 8.57
CA VAL A 143 -9.80 -2.36 7.74
C VAL A 143 -11.06 -3.10 8.19
N ARG A 144 -11.22 -3.24 9.49
CA ARG A 144 -12.37 -3.93 10.03
C ARG A 144 -13.64 -3.09 9.88
N GLU A 145 -13.48 -1.76 9.78
CA GLU A 145 -14.60 -0.87 9.54
C GLU A 145 -15.19 -1.16 8.16
N LEU A 146 -14.32 -1.49 7.21
CA LEU A 146 -14.75 -1.81 5.85
C LEU A 146 -15.64 -3.04 5.87
N VAL A 147 -15.23 -4.03 6.65
CA VAL A 147 -15.99 -5.26 6.81
C VAL A 147 -17.28 -4.97 7.56
N LYS A 148 -17.17 -4.11 8.56
CA LYS A 148 -18.29 -3.75 9.41
C LYS A 148 -19.42 -3.10 8.61
N GLU A 149 -19.08 -2.25 7.66
CA GLU A 149 -20.08 -1.62 6.82
C GLU A 149 -20.41 -2.48 5.61
N GLY A 150 -19.58 -3.48 5.38
CA GLY A 150 -19.79 -4.42 4.31
C GLY A 150 -20.69 -5.56 4.73
N HIS A 151 -21.94 -5.50 4.33
CA HIS A 151 -22.92 -6.51 4.70
C HIS A 151 -23.39 -7.26 3.48
N HIS A 152 -24.31 -8.21 3.71
CA HIS A 152 -24.93 -8.95 2.63
C HIS A 152 -25.73 -7.96 1.78
N HIS A 153 -26.36 -7.02 2.47
CA HIS A 153 -27.09 -5.94 1.83
C HIS A 153 -26.20 -4.73 1.70
N HIS A 154 -26.57 -3.79 0.85
CA HIS A 154 -25.76 -2.60 0.61
C HIS A 154 -25.77 -1.65 1.81
N HIS A 155 -24.81 -1.88 2.73
CA HIS A 155 -24.62 -1.08 3.95
C HIS A 155 -25.74 -1.24 4.98
N HIS A 156 -26.96 -1.21 4.52
CA HIS A 156 -28.11 -1.32 5.41
C HIS A 156 -29.08 -2.34 4.88
N ASN A 4 -14.76 0.37 -10.73
CA ASN A 4 -14.00 -0.72 -10.15
C ASN A 4 -13.24 -0.25 -8.91
N THR A 5 -12.64 -1.17 -8.18
CA THR A 5 -11.87 -0.82 -7.01
C THR A 5 -10.44 -0.41 -7.39
N TYR A 6 -10.26 0.88 -7.65
CA TYR A 6 -8.96 1.39 -8.04
C TYR A 6 -8.13 1.75 -6.83
N ALA A 7 -8.25 3.02 -6.42
CA ALA A 7 -7.50 3.58 -5.33
C ALA A 7 -7.70 5.08 -5.28
N GLN A 8 -8.03 5.66 -6.45
CA GLN A 8 -8.18 7.11 -6.62
C GLN A 8 -6.84 7.79 -6.42
N LEU A 9 -6.05 7.81 -7.46
CA LEU A 9 -4.70 8.34 -7.38
C LEU A 9 -4.42 9.29 -8.55
N PRO A 10 -3.31 10.07 -8.48
CA PRO A 10 -2.89 10.96 -9.57
C PRO A 10 -2.47 10.17 -10.79
N ALA A 11 -2.46 10.82 -11.95
CA ALA A 11 -2.08 10.15 -13.19
C ALA A 11 -0.55 9.98 -13.27
N VAL A 12 -0.05 8.92 -12.65
CA VAL A 12 1.38 8.65 -12.63
C VAL A 12 1.64 7.22 -13.12
N SER A 13 2.63 7.07 -13.98
CA SER A 13 2.97 5.77 -14.54
C SER A 13 4.15 5.15 -13.80
N LEU A 14 3.91 4.07 -13.08
CA LEU A 14 4.97 3.38 -12.34
C LEU A 14 5.13 1.95 -12.88
N LYS A 15 6.10 1.23 -12.36
CA LYS A 15 6.31 -0.16 -12.77
C LYS A 15 5.90 -1.11 -11.66
N ASN A 16 5.19 -2.17 -12.01
CA ASN A 16 4.78 -3.17 -11.03
C ASN A 16 5.88 -4.22 -10.89
N ILE A 17 5.61 -5.30 -10.17
CA ILE A 17 6.60 -6.35 -9.98
C ILE A 17 6.92 -7.07 -11.27
N GLU A 18 6.01 -7.04 -12.23
CA GLU A 18 6.23 -7.70 -13.50
C GLU A 18 7.16 -6.86 -14.37
N GLY A 19 7.08 -5.55 -14.21
CA GLY A 19 7.88 -4.65 -15.02
C GLY A 19 7.05 -3.97 -16.06
N LYS A 20 5.74 -4.04 -15.89
CA LYS A 20 4.81 -3.42 -16.79
C LYS A 20 4.47 -2.06 -16.27
N THR A 21 4.20 -1.14 -17.16
CA THR A 21 3.82 0.18 -16.76
C THR A 21 2.39 0.19 -16.27
N VAL A 22 2.22 0.50 -15.02
CA VAL A 22 0.93 0.62 -14.42
C VAL A 22 0.70 2.01 -13.99
N GLN A 23 -0.43 2.52 -14.34
CA GLN A 23 -0.77 3.87 -14.04
C GLN A 23 -1.63 3.88 -12.80
N THR A 24 -1.29 4.75 -11.89
CA THR A 24 -1.95 4.81 -10.62
C THR A 24 -3.39 5.28 -10.71
N ASN A 25 -3.70 6.01 -11.75
CA ASN A 25 -5.04 6.52 -11.93
C ASN A 25 -5.98 5.44 -12.48
N LYS A 26 -5.42 4.26 -12.77
CA LYS A 26 -6.21 3.12 -13.25
C LYS A 26 -5.82 1.85 -12.51
N LEU A 27 -5.06 2.01 -11.44
CA LEU A 27 -4.55 0.86 -10.70
C LEU A 27 -5.68 0.12 -10.01
N GLU A 28 -5.78 -1.16 -10.27
CA GLU A 28 -6.75 -2.01 -9.62
C GLU A 28 -6.19 -3.41 -9.48
N ASN A 29 -6.78 -4.20 -8.59
CA ASN A 29 -6.26 -5.54 -8.33
C ASN A 29 -7.16 -6.64 -8.90
N ALA A 30 -8.43 -6.64 -8.52
CA ALA A 30 -9.38 -7.65 -8.95
C ALA A 30 -10.76 -7.39 -8.37
N GLY A 31 -10.79 -6.86 -7.15
CA GLY A 31 -12.05 -6.58 -6.49
C GLY A 31 -11.93 -6.59 -4.97
N LYS A 32 -10.72 -6.32 -4.48
CA LYS A 32 -10.45 -6.31 -3.04
C LYS A 32 -9.76 -5.01 -2.66
N PRO A 33 -9.95 -4.55 -1.41
CA PRO A 33 -9.30 -3.32 -0.93
C PRO A 33 -7.79 -3.46 -0.86
N MET A 34 -7.10 -2.35 -0.98
CA MET A 34 -5.65 -2.35 -1.01
C MET A 34 -5.08 -1.25 -0.15
N ILE A 35 -3.86 -1.43 0.30
CA ILE A 35 -3.19 -0.45 1.12
C ILE A 35 -1.84 -0.13 0.50
N ILE A 36 -1.62 1.12 0.20
CA ILE A 36 -0.36 1.53 -0.40
C ILE A 36 0.61 1.99 0.70
N SER A 37 1.78 1.37 0.74
CA SER A 37 2.78 1.69 1.72
C SER A 37 4.01 2.31 1.07
N PHE A 38 4.37 3.49 1.54
CA PHE A 38 5.58 4.14 1.08
C PHE A 38 6.70 3.79 2.02
N PHE A 39 7.75 3.15 1.49
CA PHE A 39 8.83 2.69 2.33
C PHE A 39 10.19 2.95 1.69
N ALA A 40 11.24 2.76 2.48
CA ALA A 40 12.60 2.95 2.03
C ALA A 40 13.37 1.63 2.04
N THR A 41 14.35 1.54 1.17
CA THR A 41 15.12 0.32 0.97
C THR A 41 16.01 -0.06 2.16
N ASN A 42 16.58 0.92 2.83
CA ASN A 42 17.50 0.66 3.92
C ASN A 42 16.87 0.87 5.29
N CYS A 43 15.56 0.90 5.33
CA CYS A 43 14.86 1.11 6.59
C CYS A 43 13.89 -0.03 6.87
N LYS A 44 14.23 -0.88 7.83
CA LYS A 44 13.36 -2.00 8.20
C LYS A 44 12.41 -1.64 9.38
N PRO A 45 12.95 -1.15 10.55
CA PRO A 45 12.12 -0.81 11.74
C PRO A 45 11.18 0.34 11.44
N CYS A 46 11.54 1.13 10.44
CA CYS A 46 10.72 2.23 10.01
C CYS A 46 9.42 1.70 9.43
N LEU A 47 9.48 0.51 8.82
CA LEU A 47 8.31 -0.11 8.21
C LEU A 47 7.49 -0.78 9.28
N ARG A 48 6.94 0.00 10.16
CA ARG A 48 6.18 -0.51 11.27
C ARG A 48 4.93 -1.22 10.78
N GLU A 49 4.30 -0.66 9.76
CA GLU A 49 3.09 -1.24 9.21
C GLU A 49 3.40 -2.56 8.52
N LEU A 50 4.35 -2.55 7.62
CA LEU A 50 4.68 -3.73 6.85
C LEU A 50 5.16 -4.85 7.76
N LYS A 51 5.97 -4.50 8.75
CA LYS A 51 6.47 -5.46 9.72
C LYS A 51 5.33 -6.15 10.48
N ALA A 52 4.43 -5.35 11.01
CA ALA A 52 3.32 -5.87 11.81
C ALA A 52 2.31 -6.61 10.93
N ILE A 53 1.98 -6.02 9.80
CA ILE A 53 1.02 -6.60 8.89
C ILE A 53 1.50 -7.92 8.36
N GLN A 54 2.78 -7.98 8.01
CA GLN A 54 3.36 -9.21 7.45
C GLN A 54 3.09 -10.41 8.37
N GLU A 55 3.20 -10.18 9.67
CA GLU A 55 2.99 -11.24 10.65
C GLU A 55 1.54 -11.69 10.68
N VAL A 56 0.61 -10.73 10.69
CA VAL A 56 -0.83 -11.05 10.78
C VAL A 56 -1.55 -10.86 9.44
N TYR A 57 -0.78 -10.87 8.36
CA TYR A 57 -1.32 -10.65 7.01
C TYR A 57 -2.36 -11.69 6.64
N ALA A 58 -2.18 -12.90 7.13
CA ALA A 58 -3.14 -13.97 6.88
C ALA A 58 -4.51 -13.60 7.46
N ASP A 59 -4.50 -12.98 8.64
CA ASP A 59 -5.73 -12.53 9.29
C ASP A 59 -6.38 -11.39 8.50
N TRP A 60 -5.56 -10.50 7.97
CA TRP A 60 -6.06 -9.40 7.14
C TRP A 60 -6.66 -9.94 5.84
N GLN A 61 -6.04 -10.98 5.32
CA GLN A 61 -6.49 -11.65 4.11
C GLN A 61 -7.60 -12.66 4.41
N ASP A 62 -7.84 -12.90 5.70
CA ASP A 62 -8.85 -13.86 6.14
C ASP A 62 -10.22 -13.53 5.59
N GLU A 63 -10.67 -12.30 5.81
CA GLU A 63 -11.98 -11.89 5.35
C GLU A 63 -11.91 -10.71 4.40
N THR A 64 -11.20 -9.69 4.82
CA THR A 64 -11.07 -8.47 4.07
C THR A 64 -10.41 -8.74 2.71
N GLY A 65 -9.42 -9.62 2.72
CA GLY A 65 -8.69 -9.94 1.49
C GLY A 65 -7.88 -8.76 0.98
N VAL A 66 -7.46 -7.91 1.90
CA VAL A 66 -6.72 -6.70 1.56
C VAL A 66 -5.26 -7.00 1.20
N ARG A 67 -4.82 -6.52 0.03
CA ARG A 67 -3.42 -6.72 -0.35
C ARG A 67 -2.65 -5.42 -0.23
N LEU A 68 -1.43 -5.52 0.25
CA LEU A 68 -0.58 -4.35 0.39
C LEU A 68 0.12 -4.03 -0.93
N ILE A 69 0.28 -2.76 -1.18
CA ILE A 69 1.02 -2.28 -2.31
C ILE A 69 2.18 -1.46 -1.81
N ALA A 70 3.38 -1.98 -1.95
CA ALA A 70 4.54 -1.32 -1.44
C ALA A 70 5.26 -0.60 -2.56
N VAL A 71 5.54 0.67 -2.37
CA VAL A 71 6.16 1.46 -3.40
C VAL A 71 7.47 2.07 -2.93
N SER A 72 8.47 2.00 -3.79
CA SER A 72 9.76 2.54 -3.51
C SER A 72 9.79 4.01 -3.83
N ILE A 73 10.22 4.77 -2.82
CA ILE A 73 10.30 6.23 -2.87
C ILE A 73 11.55 6.73 -3.58
N ASP A 74 12.20 5.87 -4.32
CA ASP A 74 13.38 6.27 -5.05
C ASP A 74 13.26 5.84 -6.47
N GLU A 75 14.12 6.35 -7.33
CA GLU A 75 14.02 6.10 -8.76
C GLU A 75 14.58 4.74 -9.11
N GLY A 76 14.46 4.37 -10.39
CA GLY A 76 14.89 3.07 -10.86
C GLY A 76 16.35 2.77 -10.58
N GLN A 77 17.15 3.81 -10.40
CA GLN A 77 18.57 3.64 -10.11
C GLN A 77 18.77 2.97 -8.75
N ASN A 78 18.24 3.60 -7.72
CA ASN A 78 18.39 3.12 -6.34
C ASN A 78 17.35 2.06 -5.98
N ALA A 79 16.13 2.26 -6.45
CA ALA A 79 15.01 1.39 -6.15
C ALA A 79 15.12 0.04 -6.87
N GLN A 80 16.12 -0.12 -7.67
CA GLN A 80 16.30 -1.36 -8.40
C GLN A 80 16.56 -2.54 -7.44
N LYS A 81 16.83 -2.21 -6.17
CA LYS A 81 17.05 -3.21 -5.13
C LYS A 81 15.77 -3.51 -4.33
N VAL A 82 14.69 -2.80 -4.63
CA VAL A 82 13.43 -2.97 -3.86
C VAL A 82 12.83 -4.34 -4.02
N LYS A 83 12.72 -4.76 -5.25
CA LYS A 83 12.11 -6.03 -5.57
C LYS A 83 12.92 -7.22 -5.03
N PRO A 84 14.26 -7.24 -5.17
CA PRO A 84 15.07 -8.31 -4.59
C PRO A 84 14.94 -8.34 -3.06
N LEU A 85 14.67 -7.16 -2.45
CA LEU A 85 14.41 -7.08 -1.00
C LEU A 85 13.18 -7.88 -0.67
N ALA A 86 12.18 -7.72 -1.53
CA ALA A 86 10.91 -8.42 -1.38
C ALA A 86 11.12 -9.92 -1.41
N ASP A 87 12.00 -10.36 -2.31
CA ASP A 87 12.32 -11.78 -2.43
C ASP A 87 12.99 -12.28 -1.16
N GLY A 88 13.95 -11.51 -0.68
CA GLY A 88 14.71 -11.88 0.50
C GLY A 88 13.92 -11.84 1.80
N ASN A 89 13.08 -10.82 1.97
CA ASN A 89 12.34 -10.64 3.21
C ASN A 89 10.96 -11.29 3.17
N GLY A 90 10.62 -11.90 2.05
CA GLY A 90 9.35 -12.58 1.93
C GLY A 90 8.16 -11.64 1.85
N TRP A 91 8.33 -10.53 1.15
CA TRP A 91 7.25 -9.58 0.99
C TRP A 91 6.30 -10.03 -0.13
N GLU A 92 5.21 -10.69 0.25
CA GLU A 92 4.24 -11.16 -0.74
C GLU A 92 3.18 -10.09 -0.98
N TYR A 93 3.58 -9.01 -1.65
CA TYR A 93 2.69 -7.91 -1.93
C TYR A 93 3.04 -7.33 -3.27
N GLU A 94 2.23 -6.41 -3.76
CA GLU A 94 2.55 -5.72 -4.98
C GLU A 94 3.62 -4.73 -4.69
N VAL A 95 4.73 -4.87 -5.34
CA VAL A 95 5.82 -3.97 -5.13
C VAL A 95 5.98 -3.09 -6.35
N LEU A 96 5.93 -1.80 -6.14
CA LEU A 96 5.98 -0.83 -7.20
C LEU A 96 7.26 -0.07 -7.18
N LEU A 97 7.78 0.12 -8.35
CA LEU A 97 9.01 0.83 -8.54
C LEU A 97 8.70 2.22 -9.07
N ASP A 98 8.89 3.28 -8.27
CA ASP A 98 8.68 4.59 -8.82
C ASP A 98 9.93 5.01 -9.58
N SER A 99 9.79 5.20 -10.87
CA SER A 99 10.92 5.55 -11.70
C SER A 99 10.83 7.00 -12.13
N ASN A 100 9.85 7.69 -11.60
CA ASN A 100 9.62 9.07 -11.92
C ASN A 100 9.94 9.94 -10.71
N GLY A 101 9.49 9.50 -9.56
CA GLY A 101 9.74 10.22 -8.34
C GLY A 101 8.65 11.22 -8.01
N ASP A 102 7.68 11.33 -8.88
CA ASP A 102 6.59 12.28 -8.67
C ASP A 102 5.52 11.72 -7.76
N PHE A 103 5.40 10.40 -7.71
CA PHE A 103 4.34 9.76 -6.93
C PHE A 103 4.49 10.04 -5.43
N LYS A 104 5.71 9.94 -4.91
CA LYS A 104 5.98 10.26 -3.50
C LYS A 104 5.65 11.72 -3.20
N ARG A 105 5.93 12.59 -4.17
CA ARG A 105 5.69 14.02 -4.01
C ARG A 105 4.19 14.30 -4.01
N ALA A 106 3.48 13.62 -4.90
CA ALA A 106 2.04 13.76 -5.02
C ALA A 106 1.36 13.35 -3.72
N MET A 107 1.87 12.30 -3.11
CA MET A 107 1.31 11.80 -1.86
C MET A 107 1.90 12.51 -0.65
N ASN A 108 2.93 13.32 -0.89
CA ASN A 108 3.58 14.11 0.16
C ASN A 108 4.15 13.22 1.25
N VAL A 109 5.20 12.50 0.93
CA VAL A 109 5.81 11.62 1.87
C VAL A 109 7.03 12.27 2.52
N SER A 110 6.82 12.84 3.68
CA SER A 110 7.90 13.45 4.43
C SER A 110 8.55 12.40 5.33
N LEU A 111 7.77 11.87 6.24
CA LEU A 111 8.22 10.85 7.15
C LEU A 111 7.64 9.52 6.74
N ILE A 112 8.48 8.53 6.62
CA ILE A 112 8.01 7.20 6.31
C ILE A 112 7.75 6.46 7.62
N PRO A 113 6.85 5.48 7.63
CA PRO A 113 6.09 5.04 6.47
C PRO A 113 4.85 5.89 6.20
N ALA A 114 4.39 5.90 4.96
CA ALA A 114 3.17 6.60 4.62
C ALA A 114 2.10 5.58 4.24
N VAL A 115 0.92 5.71 4.83
CA VAL A 115 -0.13 4.73 4.61
C VAL A 115 -1.35 5.33 3.91
N PHE A 116 -1.74 4.67 2.83
CA PHE A 116 -2.93 5.05 2.09
C PHE A 116 -3.82 3.83 1.92
N ILE A 117 -4.97 3.83 2.56
CA ILE A 117 -5.86 2.68 2.50
C ILE A 117 -6.99 2.92 1.52
N VAL A 118 -7.18 1.95 0.66
CA VAL A 118 -8.19 1.99 -0.37
C VAL A 118 -9.32 1.03 0.00
N ASP A 119 -10.55 1.51 -0.05
CA ASP A 119 -11.70 0.70 0.34
C ASP A 119 -12.22 -0.12 -0.84
N GLY A 120 -13.33 -0.83 -0.63
CA GLY A 120 -13.91 -1.68 -1.64
C GLY A 120 -14.36 -0.92 -2.89
N ASN A 121 -14.59 0.38 -2.75
CA ASN A 121 -15.00 1.21 -3.88
C ASN A 121 -13.79 1.70 -4.65
N GLY A 122 -12.61 1.35 -4.17
CA GLY A 122 -11.40 1.76 -4.81
C GLY A 122 -11.14 3.22 -4.64
N LYS A 123 -11.35 3.72 -3.44
CA LYS A 123 -11.13 5.11 -3.15
C LYS A 123 -10.22 5.24 -1.94
N ILE A 124 -9.52 6.35 -1.83
CA ILE A 124 -8.69 6.60 -0.66
C ILE A 124 -9.58 6.88 0.55
N VAL A 125 -9.77 5.86 1.38
CA VAL A 125 -10.63 5.98 2.54
C VAL A 125 -9.85 6.44 3.77
N TYR A 126 -8.60 6.02 3.88
CA TYR A 126 -7.78 6.39 5.01
C TYR A 126 -6.41 6.86 4.55
N ASN A 127 -6.00 8.01 5.05
CA ASN A 127 -4.70 8.56 4.69
C ASN A 127 -3.95 8.99 5.93
N HIS A 128 -2.84 8.34 6.17
CA HIS A 128 -1.98 8.71 7.29
C HIS A 128 -0.55 8.78 6.82
N THR A 129 -0.08 9.99 6.64
CA THR A 129 1.25 10.22 6.15
C THR A 129 2.23 10.50 7.27
N GLY A 130 3.20 9.61 7.42
CA GLY A 130 4.24 9.81 8.39
C GLY A 130 3.85 9.48 9.80
N TYR A 131 3.56 8.22 10.08
CA TYR A 131 3.30 7.83 11.45
C TYR A 131 4.50 7.10 11.97
N THR A 132 4.68 7.11 13.27
CA THR A 132 5.83 6.48 13.86
C THR A 132 5.48 5.80 15.18
N GLU A 133 5.18 4.49 15.11
CA GLU A 133 4.82 3.67 16.26
C GLU A 133 3.51 4.13 16.93
N GLY A 134 2.46 3.33 16.77
CA GLY A 134 1.18 3.65 17.36
C GLY A 134 0.14 3.94 16.31
N GLY A 135 0.55 3.92 15.07
CA GLY A 135 -0.35 4.19 13.98
C GLY A 135 -0.97 2.92 13.43
N GLU A 136 -0.34 1.79 13.74
CA GLU A 136 -0.76 0.47 13.26
C GLU A 136 -2.18 0.15 13.71
N ALA A 137 -2.55 0.70 14.85
CA ALA A 137 -3.86 0.46 15.43
C ALA A 137 -4.96 0.95 14.52
N GLU A 138 -4.72 2.08 13.91
CA GLU A 138 -5.69 2.69 13.04
C GLU A 138 -5.85 1.87 11.77
N LEU A 139 -4.75 1.29 11.29
CA LEU A 139 -4.78 0.48 10.08
C LEU A 139 -5.67 -0.75 10.25
N ILE A 140 -5.48 -1.50 11.34
CA ILE A 140 -6.27 -2.71 11.57
C ILE A 140 -7.72 -2.37 11.85
N LYS A 141 -7.94 -1.29 12.59
CA LYS A 141 -9.27 -0.84 12.90
C LYS A 141 -10.00 -0.49 11.61
N LYS A 142 -9.31 0.23 10.74
CA LYS A 142 -9.89 0.66 9.48
C LYS A 142 -10.18 -0.54 8.56
N VAL A 143 -9.31 -1.56 8.60
CA VAL A 143 -9.47 -2.74 7.75
C VAL A 143 -10.81 -3.44 8.05
N ARG A 144 -11.11 -3.62 9.31
CA ARG A 144 -12.38 -4.22 9.71
C ARG A 144 -13.51 -3.21 9.63
N GLU A 145 -13.15 -1.93 9.61
CA GLU A 145 -14.08 -0.86 9.47
C GLU A 145 -14.65 -0.84 8.04
N LEU A 146 -13.79 -1.17 7.07
CA LEU A 146 -14.20 -1.24 5.66
C LEU A 146 -15.23 -2.35 5.46
N VAL A 147 -15.01 -3.47 6.13
CA VAL A 147 -15.87 -4.65 6.01
C VAL A 147 -17.30 -4.33 6.47
N LYS A 148 -17.41 -3.43 7.43
CA LYS A 148 -18.70 -3.05 7.98
C LYS A 148 -19.61 -2.40 6.93
N GLU A 149 -19.06 -1.57 6.07
CA GLU A 149 -19.86 -0.90 5.06
C GLU A 149 -19.80 -1.62 3.70
N GLY A 150 -18.72 -2.33 3.45
CA GLY A 150 -18.57 -3.03 2.20
C GLY A 150 -19.31 -4.36 2.20
N HIS A 151 -20.60 -4.32 1.88
CA HIS A 151 -21.44 -5.52 1.86
C HIS A 151 -21.47 -6.13 0.46
N HIS A 152 -20.31 -6.08 -0.23
CA HIS A 152 -20.13 -6.63 -1.58
C HIS A 152 -20.92 -5.88 -2.64
N HIS A 153 -22.09 -6.37 -2.98
CA HIS A 153 -22.93 -5.75 -4.00
C HIS A 153 -23.92 -4.80 -3.36
N HIS A 154 -24.36 -5.16 -2.19
CA HIS A 154 -25.33 -4.36 -1.46
C HIS A 154 -24.63 -3.34 -0.61
N HIS A 155 -25.23 -2.17 -0.49
CA HIS A 155 -24.68 -1.11 0.31
C HIS A 155 -24.91 -1.40 1.79
N HIS A 156 -26.02 -2.05 2.09
CA HIS A 156 -26.38 -2.40 3.45
C HIS A 156 -27.06 -3.75 3.48
N ASN A 4 -13.73 -3.17 -11.46
CA ASN A 4 -13.29 -1.78 -11.38
C ASN A 4 -13.15 -1.31 -9.95
N THR A 5 -11.95 -1.44 -9.43
CA THR A 5 -11.61 -0.98 -8.10
C THR A 5 -10.18 -0.45 -8.08
N TYR A 6 -10.04 0.86 -8.16
CA TYR A 6 -8.72 1.49 -8.23
C TYR A 6 -8.31 1.96 -6.86
N ALA A 7 -7.79 3.16 -6.81
CA ALA A 7 -7.31 3.71 -5.57
C ALA A 7 -7.35 5.24 -5.57
N GLN A 8 -8.04 5.81 -6.59
CA GLN A 8 -8.18 7.27 -6.73
C GLN A 8 -6.81 8.00 -6.64
N LEU A 9 -5.79 7.34 -7.10
CA LEU A 9 -4.44 7.85 -7.05
C LEU A 9 -4.19 8.85 -8.19
N PRO A 10 -3.15 9.70 -8.07
CA PRO A 10 -2.78 10.65 -9.12
C PRO A 10 -2.35 9.92 -10.39
N ALA A 11 -2.50 10.58 -11.53
CA ALA A 11 -2.14 9.98 -12.80
C ALA A 11 -0.62 9.92 -12.98
N VAL A 12 -0.01 8.96 -12.31
CA VAL A 12 1.42 8.75 -12.38
C VAL A 12 1.69 7.33 -12.82
N SER A 13 2.60 7.16 -13.74
CA SER A 13 2.93 5.84 -14.20
C SER A 13 4.17 5.34 -13.50
N LEU A 14 4.00 4.30 -12.71
CA LEU A 14 5.10 3.71 -11.99
C LEU A 14 5.49 2.40 -12.66
N LYS A 15 6.54 1.80 -12.21
CA LYS A 15 7.01 0.59 -12.83
C LYS A 15 6.87 -0.59 -11.88
N ASN A 16 6.21 -1.65 -12.34
CA ASN A 16 6.01 -2.85 -11.52
C ASN A 16 7.25 -3.70 -11.51
N ILE A 17 7.18 -4.81 -10.77
CA ILE A 17 8.30 -5.76 -10.68
C ILE A 17 8.53 -6.42 -12.03
N GLU A 18 7.48 -6.48 -12.81
CA GLU A 18 7.49 -7.06 -14.14
C GLU A 18 8.21 -6.14 -15.11
N GLY A 19 8.36 -4.89 -14.72
CA GLY A 19 8.86 -3.90 -15.62
C GLY A 19 7.70 -3.37 -16.44
N LYS A 20 6.50 -3.58 -15.91
CA LYS A 20 5.28 -3.19 -16.56
C LYS A 20 5.04 -1.73 -16.34
N THR A 21 4.65 -1.04 -17.37
CA THR A 21 4.29 0.34 -17.25
C THR A 21 2.85 0.38 -16.80
N VAL A 22 2.64 0.78 -15.58
CA VAL A 22 1.31 0.80 -15.03
C VAL A 22 1.03 2.16 -14.41
N GLN A 23 -0.19 2.60 -14.53
CA GLN A 23 -0.57 3.87 -13.97
C GLN A 23 -1.36 3.64 -12.69
N THR A 24 -1.04 4.39 -11.68
CA THR A 24 -1.65 4.24 -10.38
C THR A 24 -3.15 4.56 -10.40
N ASN A 25 -3.54 5.47 -11.28
CA ASN A 25 -4.95 5.86 -11.39
C ASN A 25 -5.78 4.75 -12.08
N LYS A 26 -5.10 3.80 -12.71
CA LYS A 26 -5.78 2.71 -13.41
C LYS A 26 -5.51 1.36 -12.76
N LEU A 27 -4.88 1.38 -11.60
CA LEU A 27 -4.47 0.17 -10.93
C LEU A 27 -5.64 -0.47 -10.18
N GLU A 28 -6.03 -1.67 -10.62
CA GLU A 28 -7.14 -2.40 -10.00
C GLU A 28 -6.77 -3.87 -9.77
N ASN A 29 -7.51 -4.53 -8.89
CA ASN A 29 -7.22 -5.93 -8.58
C ASN A 29 -8.34 -6.86 -9.06
N ALA A 30 -9.55 -6.61 -8.55
CA ALA A 30 -10.73 -7.41 -8.87
C ALA A 30 -11.94 -6.87 -8.12
N GLY A 31 -11.74 -6.59 -6.85
CA GLY A 31 -12.82 -6.09 -6.01
C GLY A 31 -12.50 -6.12 -4.53
N LYS A 32 -11.22 -6.04 -4.21
CA LYS A 32 -10.74 -6.05 -2.84
C LYS A 32 -9.99 -4.75 -2.55
N PRO A 33 -9.96 -4.30 -1.29
CA PRO A 33 -9.24 -3.08 -0.89
C PRO A 33 -7.72 -3.26 -0.90
N MET A 34 -6.99 -2.15 -0.99
CA MET A 34 -5.52 -2.19 -1.03
C MET A 34 -4.91 -1.20 -0.05
N ILE A 35 -3.69 -1.47 0.35
CA ILE A 35 -2.96 -0.57 1.21
C ILE A 35 -1.58 -0.32 0.62
N ILE A 36 -1.25 0.91 0.40
CA ILE A 36 0.02 1.27 -0.17
C ILE A 36 0.95 1.80 0.91
N SER A 37 2.08 1.16 1.08
CA SER A 37 3.07 1.59 2.07
C SER A 37 4.23 2.28 1.38
N PHE A 38 4.48 3.51 1.78
CA PHE A 38 5.57 4.28 1.19
C PHE A 38 6.80 4.18 2.06
N PHE A 39 7.89 3.66 1.50
CA PHE A 39 9.13 3.50 2.26
C PHE A 39 10.37 3.66 1.37
N ALA A 40 11.50 3.92 2.01
CA ALA A 40 12.78 4.07 1.31
C ALA A 40 13.34 2.70 0.96
N THR A 41 14.13 2.66 -0.11
CA THR A 41 14.72 1.41 -0.62
C THR A 41 15.26 0.49 0.49
N ASN A 42 16.47 0.76 0.96
CA ASN A 42 17.04 -0.04 2.02
C ASN A 42 16.83 0.66 3.36
N CYS A 43 15.61 0.55 3.83
CA CYS A 43 15.22 1.19 5.07
C CYS A 43 15.46 0.26 6.28
N LYS A 44 15.04 0.74 7.43
CA LYS A 44 15.21 0.01 8.68
C LYS A 44 13.81 -0.48 9.17
N PRO A 45 13.72 -1.11 10.40
CA PRO A 45 12.42 -1.57 11.00
C PRO A 45 11.40 -0.45 11.21
N CYS A 46 11.60 0.66 10.54
CA CYS A 46 10.66 1.74 10.51
C CYS A 46 9.45 1.30 9.68
N LEU A 47 9.65 0.21 8.90
CA LEU A 47 8.59 -0.39 8.07
C LEU A 47 7.60 -1.11 8.97
N ARG A 48 7.07 -0.40 9.93
CA ARG A 48 6.18 -0.95 10.89
C ARG A 48 4.93 -1.48 10.22
N GLU A 49 4.47 -0.76 9.19
CA GLU A 49 3.30 -1.17 8.41
C GLU A 49 3.47 -2.58 7.91
N LEU A 50 4.43 -2.72 7.02
CA LEU A 50 4.67 -3.94 6.32
C LEU A 50 5.02 -5.07 7.28
N LYS A 51 5.83 -4.80 8.29
CA LYS A 51 6.20 -5.83 9.26
C LYS A 51 4.99 -6.34 10.04
N ALA A 52 4.25 -5.42 10.66
CA ALA A 52 3.12 -5.80 11.51
C ALA A 52 2.03 -6.47 10.69
N ILE A 53 1.75 -5.91 9.53
CA ILE A 53 0.75 -6.46 8.68
C ILE A 53 1.17 -7.83 8.20
N GLN A 54 2.44 -7.99 7.82
CA GLN A 54 2.96 -9.28 7.34
C GLN A 54 2.74 -10.37 8.40
N GLU A 55 2.90 -9.99 9.65
CA GLU A 55 2.73 -10.91 10.77
C GLU A 55 1.28 -11.38 10.91
N VAL A 56 0.32 -10.50 10.62
CA VAL A 56 -1.11 -10.85 10.71
C VAL A 56 -1.84 -10.68 9.36
N TYR A 57 -1.09 -10.77 8.28
CA TYR A 57 -1.62 -10.56 6.93
C TYR A 57 -2.72 -11.54 6.57
N ALA A 58 -2.60 -12.77 7.07
CA ALA A 58 -3.62 -13.76 6.83
C ALA A 58 -4.96 -13.31 7.42
N ASP A 59 -4.89 -12.70 8.61
CA ASP A 59 -6.09 -12.23 9.32
C ASP A 59 -6.77 -11.12 8.53
N TRP A 60 -5.96 -10.21 8.00
CA TRP A 60 -6.46 -9.11 7.18
C TRP A 60 -7.11 -9.67 5.91
N GLN A 61 -6.54 -10.74 5.40
CA GLN A 61 -7.04 -11.42 4.22
C GLN A 61 -8.24 -12.31 4.52
N ASP A 62 -8.45 -12.62 5.81
CA ASP A 62 -9.58 -13.45 6.21
C ASP A 62 -10.91 -12.83 5.88
N GLU A 63 -11.05 -11.55 6.13
CA GLU A 63 -12.31 -10.89 5.90
C GLU A 63 -12.20 -9.79 4.88
N THR A 64 -11.35 -8.85 5.16
CA THR A 64 -11.15 -7.69 4.34
C THR A 64 -10.62 -8.10 2.96
N GLY A 65 -9.73 -9.08 2.95
CA GLY A 65 -9.10 -9.52 1.70
C GLY A 65 -8.22 -8.43 1.10
N VAL A 66 -7.68 -7.59 1.97
CA VAL A 66 -6.88 -6.44 1.55
C VAL A 66 -5.44 -6.85 1.21
N ARG A 67 -4.95 -6.39 0.06
CA ARG A 67 -3.57 -6.69 -0.34
C ARG A 67 -2.70 -5.47 -0.20
N LEU A 68 -1.44 -5.68 0.15
CA LEU A 68 -0.52 -4.57 0.33
C LEU A 68 0.24 -4.27 -0.96
N ILE A 69 0.55 -3.02 -1.12
CA ILE A 69 1.35 -2.57 -2.24
C ILE A 69 2.59 -1.86 -1.69
N ALA A 70 3.75 -2.39 -2.00
CA ALA A 70 4.99 -1.84 -1.53
C ALA A 70 5.57 -0.91 -2.56
N VAL A 71 5.59 0.37 -2.26
CA VAL A 71 6.11 1.33 -3.21
C VAL A 71 7.36 2.01 -2.68
N SER A 72 8.39 1.99 -3.48
CA SER A 72 9.63 2.64 -3.14
C SER A 72 9.57 4.09 -3.54
N ILE A 73 9.99 4.94 -2.62
CA ILE A 73 9.99 6.37 -2.80
C ILE A 73 11.26 6.82 -3.52
N ASP A 74 12.09 5.87 -3.88
CA ASP A 74 13.32 6.16 -4.57
C ASP A 74 13.15 5.85 -6.04
N GLU A 75 13.99 6.47 -6.86
CA GLU A 75 13.95 6.26 -8.32
C GLU A 75 14.10 4.80 -8.66
N GLY A 76 13.61 4.42 -9.84
CA GLY A 76 13.64 3.03 -10.24
C GLY A 76 15.03 2.43 -10.28
N GLN A 77 16.01 3.24 -10.62
CA GLN A 77 17.38 2.79 -10.68
C GLN A 77 17.87 2.30 -9.30
N ASN A 78 17.50 3.02 -8.26
CA ASN A 78 17.86 2.65 -6.92
C ASN A 78 16.85 1.64 -6.35
N ALA A 79 15.60 1.76 -6.78
CA ALA A 79 14.51 0.89 -6.32
C ALA A 79 14.67 -0.54 -6.80
N GLN A 80 15.69 -0.80 -7.60
CA GLN A 80 15.97 -2.16 -8.01
C GLN A 80 16.35 -3.02 -6.79
N LYS A 81 16.54 -2.35 -5.64
CA LYS A 81 16.86 -3.01 -4.38
C LYS A 81 15.59 -3.49 -3.63
N VAL A 82 14.42 -2.95 -4.00
CA VAL A 82 13.17 -3.26 -3.27
C VAL A 82 12.81 -4.73 -3.41
N LYS A 83 12.88 -5.20 -4.61
CA LYS A 83 12.50 -6.55 -4.96
C LYS A 83 13.43 -7.62 -4.36
N PRO A 84 14.79 -7.45 -4.41
CA PRO A 84 15.69 -8.39 -3.76
C PRO A 84 15.42 -8.45 -2.25
N LEU A 85 15.01 -7.31 -1.68
CA LEU A 85 14.59 -7.26 -0.29
C LEU A 85 13.35 -8.11 -0.13
N ALA A 86 12.46 -7.99 -1.09
CA ALA A 86 11.20 -8.73 -1.12
C ALA A 86 11.47 -10.23 -1.16
N ASP A 87 12.44 -10.63 -1.96
CA ASP A 87 12.83 -12.05 -2.08
C ASP A 87 13.39 -12.58 -0.78
N GLY A 88 14.21 -11.79 -0.12
CA GLY A 88 14.83 -12.21 1.12
C GLY A 88 13.88 -12.17 2.31
N ASN A 89 13.24 -11.03 2.50
CA ASN A 89 12.34 -10.82 3.62
C ASN A 89 11.08 -11.68 3.52
N GLY A 90 10.61 -11.88 2.31
CA GLY A 90 9.41 -12.66 2.10
C GLY A 90 8.18 -11.79 1.92
N TRP A 91 8.31 -10.76 1.10
CA TRP A 91 7.21 -9.84 0.84
C TRP A 91 6.34 -10.36 -0.32
N GLU A 92 5.17 -10.90 0.01
CA GLU A 92 4.26 -11.39 -1.02
C GLU A 92 3.21 -10.34 -1.36
N TYR A 93 3.66 -9.23 -1.91
CA TYR A 93 2.76 -8.13 -2.24
C TYR A 93 3.13 -7.54 -3.56
N GLU A 94 2.39 -6.54 -3.99
CA GLU A 94 2.71 -5.87 -5.22
C GLU A 94 3.81 -4.90 -4.95
N VAL A 95 4.90 -5.05 -5.62
CA VAL A 95 6.02 -4.19 -5.38
C VAL A 95 6.18 -3.22 -6.55
N LEU A 96 6.23 -1.95 -6.22
CA LEU A 96 6.28 -0.88 -7.21
C LEU A 96 7.49 -0.02 -7.00
N LEU A 97 8.08 0.35 -8.10
CA LEU A 97 9.22 1.21 -8.09
C LEU A 97 8.80 2.56 -8.67
N ASP A 98 8.89 3.64 -7.90
CA ASP A 98 8.57 4.92 -8.48
C ASP A 98 9.68 5.31 -9.45
N SER A 99 9.32 5.40 -10.71
CA SER A 99 10.27 5.66 -11.77
C SER A 99 10.35 7.16 -12.11
N ASN A 100 9.67 7.96 -11.33
CA ASN A 100 9.68 9.40 -11.57
C ASN A 100 10.12 10.15 -10.32
N GLY A 101 9.67 9.68 -9.18
CA GLY A 101 10.00 10.33 -7.92
C GLY A 101 8.98 11.38 -7.57
N ASP A 102 7.94 11.47 -8.39
CA ASP A 102 6.90 12.47 -8.17
C ASP A 102 5.69 11.87 -7.47
N PHE A 103 5.53 10.55 -7.51
CA PHE A 103 4.38 9.91 -6.89
C PHE A 103 4.40 10.15 -5.39
N LYS A 104 5.56 10.01 -4.79
CA LYS A 104 5.76 10.30 -3.38
C LYS A 104 5.37 11.76 -3.06
N ARG A 105 5.75 12.69 -3.95
CA ARG A 105 5.44 14.09 -3.75
C ARG A 105 3.96 14.35 -3.94
N ALA A 106 3.37 13.69 -4.93
CA ALA A 106 1.95 13.81 -5.23
C ALA A 106 1.09 13.32 -4.07
N MET A 107 1.51 12.22 -3.47
CA MET A 107 0.79 11.64 -2.33
C MET A 107 1.14 12.37 -1.05
N ASN A 108 2.20 13.18 -1.12
CA ASN A 108 2.69 13.97 0.02
C ASN A 108 3.28 13.08 1.10
N VAL A 109 4.51 12.65 0.89
CA VAL A 109 5.18 11.81 1.85
C VAL A 109 6.33 12.58 2.50
N SER A 110 6.03 13.24 3.60
CA SER A 110 7.02 14.00 4.36
C SER A 110 7.93 13.07 5.16
N LEU A 111 7.33 12.12 5.85
CA LEU A 111 8.06 11.18 6.65
C LEU A 111 7.51 9.78 6.43
N ILE A 112 8.40 8.85 6.21
CA ILE A 112 8.00 7.47 6.04
C ILE A 112 7.94 6.79 7.41
N PRO A 113 7.12 5.74 7.57
CA PRO A 113 6.29 5.19 6.49
C PRO A 113 4.99 6.00 6.29
N ALA A 114 4.45 5.96 5.08
CA ALA A 114 3.19 6.64 4.80
C ALA A 114 2.12 5.63 4.42
N VAL A 115 0.99 5.68 5.12
CA VAL A 115 -0.07 4.71 4.92
C VAL A 115 -1.20 5.28 4.06
N PHE A 116 -1.50 4.60 2.99
CA PHE A 116 -2.66 4.93 2.19
C PHE A 116 -3.57 3.71 2.06
N ILE A 117 -4.73 3.80 2.66
CA ILE A 117 -5.68 2.69 2.63
C ILE A 117 -6.76 2.94 1.60
N VAL A 118 -6.98 1.96 0.76
CA VAL A 118 -7.93 2.02 -0.30
C VAL A 118 -9.14 1.18 0.02
N ASP A 119 -10.33 1.77 -0.11
CA ASP A 119 -11.61 1.11 0.13
C ASP A 119 -11.88 0.09 -0.98
N GLY A 120 -12.71 -0.90 -0.69
CA GLY A 120 -13.04 -1.92 -1.68
C GLY A 120 -13.68 -1.34 -2.93
N ASN A 121 -14.32 -0.19 -2.77
CA ASN A 121 -14.95 0.52 -3.89
C ASN A 121 -13.88 1.02 -4.89
N GLY A 122 -12.66 1.22 -4.41
CA GLY A 122 -11.59 1.68 -5.26
C GLY A 122 -11.25 3.14 -5.05
N LYS A 123 -11.54 3.63 -3.87
CA LYS A 123 -11.28 5.02 -3.52
C LYS A 123 -10.44 5.11 -2.25
N ILE A 124 -9.76 6.22 -2.07
CA ILE A 124 -8.92 6.43 -0.89
C ILE A 124 -9.83 6.64 0.32
N VAL A 125 -9.66 5.80 1.34
CA VAL A 125 -10.50 5.86 2.52
C VAL A 125 -9.74 6.39 3.73
N TYR A 126 -8.45 6.09 3.81
CA TYR A 126 -7.67 6.53 4.97
C TYR A 126 -6.23 6.82 4.58
N ASN A 127 -5.73 7.96 4.98
CA ASN A 127 -4.34 8.31 4.75
C ASN A 127 -3.70 8.80 6.03
N HIS A 128 -2.55 8.24 6.34
CA HIS A 128 -1.84 8.61 7.55
C HIS A 128 -0.34 8.59 7.25
N THR A 129 0.24 9.76 7.16
CA THR A 129 1.62 9.88 6.76
C THR A 129 2.55 10.09 7.97
N GLY A 130 3.53 9.21 8.10
CA GLY A 130 4.55 9.33 9.13
C GLY A 130 4.07 9.11 10.55
N TYR A 131 3.55 7.92 10.84
CA TYR A 131 3.16 7.60 12.22
C TYR A 131 4.36 7.07 12.98
N THR A 132 5.13 6.25 12.27
CA THR A 132 6.41 5.66 12.71
C THR A 132 6.24 4.53 13.75
N GLU A 133 5.39 4.75 14.75
CA GLU A 133 5.11 3.72 15.75
C GLU A 133 3.73 3.93 16.35
N GLY A 134 3.00 2.83 16.55
CA GLY A 134 1.65 2.92 17.12
C GLY A 134 0.64 3.34 16.08
N GLY A 135 1.00 3.18 14.83
CA GLY A 135 0.15 3.60 13.73
C GLY A 135 -0.74 2.48 13.21
N GLU A 136 -0.31 1.24 13.40
CA GLU A 136 -1.02 0.08 12.87
C GLU A 136 -2.43 -0.05 13.44
N ALA A 137 -2.64 0.51 14.62
CA ALA A 137 -3.93 0.48 15.28
C ALA A 137 -4.97 1.20 14.44
N GLU A 138 -4.55 2.31 13.86
CA GLU A 138 -5.40 3.13 13.03
C GLU A 138 -5.79 2.35 11.77
N LEU A 139 -4.83 1.59 11.25
CA LEU A 139 -5.04 0.78 10.07
C LEU A 139 -6.08 -0.29 10.34
N ILE A 140 -5.95 -0.98 11.47
CA ILE A 140 -6.89 -2.04 11.86
C ILE A 140 -8.28 -1.50 12.03
N LYS A 141 -8.39 -0.35 12.65
CA LYS A 141 -9.65 0.26 12.88
C LYS A 141 -10.41 0.44 11.56
N LYS A 142 -9.75 1.04 10.57
CA LYS A 142 -10.36 1.23 9.26
C LYS A 142 -10.59 -0.10 8.52
N VAL A 143 -9.64 -1.03 8.65
CA VAL A 143 -9.72 -2.32 7.96
C VAL A 143 -10.98 -3.10 8.36
N ARG A 144 -11.25 -3.15 9.64
CA ARG A 144 -12.39 -3.92 10.10
C ARG A 144 -13.70 -3.15 9.92
N GLU A 145 -13.62 -1.82 9.83
CA GLU A 145 -14.82 -1.02 9.56
C GLU A 145 -15.36 -1.31 8.18
N LEU A 146 -14.44 -1.52 7.23
CA LEU A 146 -14.80 -1.76 5.84
C LEU A 146 -15.64 -3.04 5.73
N VAL A 147 -15.23 -4.06 6.47
CA VAL A 147 -15.92 -5.35 6.45
C VAL A 147 -17.35 -5.22 6.96
N LYS A 148 -17.51 -4.53 8.08
CA LYS A 148 -18.82 -4.35 8.70
C LYS A 148 -19.72 -3.47 7.83
N GLU A 149 -19.16 -2.38 7.33
CA GLU A 149 -19.91 -1.40 6.55
C GLU A 149 -20.35 -1.97 5.20
N GLY A 150 -19.48 -2.74 4.57
CA GLY A 150 -19.80 -3.29 3.27
C GLY A 150 -20.47 -4.65 3.36
N HIS A 151 -21.28 -4.85 4.39
CA HIS A 151 -21.97 -6.12 4.58
C HIS A 151 -23.21 -5.98 5.47
N HIS A 152 -23.08 -5.25 6.57
CA HIS A 152 -24.18 -5.12 7.52
C HIS A 152 -24.93 -3.82 7.35
N HIS A 153 -26.24 -3.88 7.57
CA HIS A 153 -27.13 -2.71 7.54
C HIS A 153 -27.33 -2.17 6.13
N HIS A 154 -26.35 -1.43 5.64
CA HIS A 154 -26.43 -0.88 4.31
C HIS A 154 -25.39 -1.52 3.42
N HIS A 155 -25.80 -2.57 2.73
CA HIS A 155 -24.90 -3.29 1.86
C HIS A 155 -25.34 -3.13 0.41
N HIS A 156 -24.44 -2.71 -0.45
CA HIS A 156 -24.77 -2.54 -1.84
C HIS A 156 -23.52 -2.72 -2.70
N ASN A 4 -14.08 -0.31 -11.39
CA ASN A 4 -14.29 0.83 -10.49
C ASN A 4 -13.44 0.73 -9.24
N THR A 5 -12.67 -0.34 -9.14
CA THR A 5 -11.86 -0.55 -7.96
C THR A 5 -10.40 -0.19 -8.21
N TYR A 6 -10.08 1.08 -7.99
CA TYR A 6 -8.73 1.58 -8.18
C TYR A 6 -8.24 2.22 -6.88
N ALA A 7 -8.06 3.53 -6.93
CA ALA A 7 -7.66 4.32 -5.79
C ALA A 7 -7.76 5.79 -6.16
N GLN A 8 -7.85 6.65 -5.17
CA GLN A 8 -7.87 8.09 -5.42
C GLN A 8 -6.45 8.57 -5.62
N LEU A 9 -5.93 8.38 -6.81
CA LEU A 9 -4.54 8.67 -7.07
C LEU A 9 -4.37 9.70 -8.16
N PRO A 10 -3.27 10.47 -8.11
CA PRO A 10 -2.86 11.35 -9.20
C PRO A 10 -2.46 10.49 -10.38
N ALA A 11 -2.66 10.97 -11.59
CA ALA A 11 -2.34 10.17 -12.78
C ALA A 11 -0.84 10.03 -12.97
N VAL A 12 -0.29 8.94 -12.45
CA VAL A 12 1.13 8.67 -12.53
C VAL A 12 1.37 7.23 -13.01
N SER A 13 2.47 7.01 -13.71
CA SER A 13 2.81 5.69 -14.19
C SER A 13 4.02 5.14 -13.44
N LEU A 14 3.82 4.05 -12.72
CA LEU A 14 4.88 3.45 -11.92
C LEU A 14 5.30 2.11 -12.50
N LYS A 15 6.33 1.50 -11.92
CA LYS A 15 6.78 0.19 -12.38
C LYS A 15 6.37 -0.89 -11.41
N ASN A 16 5.89 -2.00 -11.97
CA ASN A 16 5.62 -3.18 -11.18
C ASN A 16 6.95 -3.86 -10.87
N ILE A 17 6.88 -5.02 -10.28
CA ILE A 17 8.07 -5.79 -9.99
C ILE A 17 8.72 -6.27 -11.29
N GLU A 18 7.92 -6.31 -12.33
CA GLU A 18 8.36 -6.76 -13.64
C GLU A 18 8.99 -5.59 -14.44
N GLY A 19 8.76 -4.36 -13.99
CA GLY A 19 9.21 -3.21 -14.74
C GLY A 19 8.18 -2.80 -15.77
N LYS A 20 6.95 -3.23 -15.53
CA LYS A 20 5.85 -2.95 -16.41
C LYS A 20 5.23 -1.64 -16.01
N THR A 21 4.85 -0.84 -16.98
CA THR A 21 4.30 0.45 -16.69
C THR A 21 2.85 0.34 -16.30
N VAL A 22 2.56 0.69 -15.08
CA VAL A 22 1.23 0.68 -14.58
C VAL A 22 0.82 2.07 -14.15
N GLN A 23 -0.32 2.50 -14.60
CA GLN A 23 -0.82 3.79 -14.23
C GLN A 23 -1.62 3.68 -12.97
N THR A 24 -1.38 4.58 -12.06
CA THR A 24 -2.02 4.58 -10.78
C THR A 24 -3.54 4.78 -10.89
N ASN A 25 -3.96 5.50 -11.91
CA ASN A 25 -5.38 5.78 -12.12
C ASN A 25 -6.11 4.60 -12.74
N LYS A 26 -5.37 3.55 -13.07
CA LYS A 26 -5.94 2.34 -13.62
C LYS A 26 -5.47 1.14 -12.81
N LEU A 27 -4.91 1.44 -11.65
CA LEU A 27 -4.35 0.42 -10.79
C LEU A 27 -5.46 -0.40 -10.16
N GLU A 28 -5.53 -1.65 -10.56
CA GLU A 28 -6.54 -2.58 -10.11
C GLU A 28 -5.85 -3.90 -9.84
N ASN A 29 -6.28 -4.59 -8.82
CA ASN A 29 -5.63 -5.83 -8.44
C ASN A 29 -6.51 -7.05 -8.68
N ALA A 30 -7.81 -6.91 -8.43
CA ALA A 30 -8.78 -8.04 -8.51
C ALA A 30 -10.13 -7.66 -7.89
N GLY A 31 -10.44 -6.39 -7.83
CA GLY A 31 -11.67 -5.95 -7.21
C GLY A 31 -11.60 -6.06 -5.70
N LYS A 32 -10.42 -5.85 -5.16
CA LYS A 32 -10.18 -5.96 -3.73
C LYS A 32 -9.57 -4.69 -3.19
N PRO A 33 -9.81 -4.39 -1.90
CA PRO A 33 -9.24 -3.21 -1.25
C PRO A 33 -7.72 -3.30 -1.23
N MET A 34 -7.07 -2.16 -1.27
CA MET A 34 -5.62 -2.12 -1.39
C MET A 34 -5.02 -1.11 -0.44
N ILE A 35 -3.86 -1.42 0.09
CA ILE A 35 -3.16 -0.51 0.97
C ILE A 35 -1.82 -0.17 0.37
N ILE A 36 -1.59 1.09 0.16
CA ILE A 36 -0.35 1.54 -0.42
C ILE A 36 0.57 2.02 0.68
N SER A 37 1.65 1.30 0.89
CA SER A 37 2.61 1.65 1.93
C SER A 37 3.86 2.27 1.32
N PHE A 38 4.19 3.47 1.78
CA PHE A 38 5.35 4.19 1.28
C PHE A 38 6.55 3.99 2.18
N PHE A 39 7.62 3.41 1.62
CA PHE A 39 8.82 3.13 2.39
C PHE A 39 10.09 3.35 1.54
N ALA A 40 11.25 3.16 2.15
CA ALA A 40 12.53 3.32 1.47
C ALA A 40 13.23 1.99 1.34
N THR A 41 14.09 1.88 0.37
CA THR A 41 14.87 0.68 0.22
C THR A 41 15.94 0.67 1.33
N ASN A 42 16.41 -0.52 1.65
CA ASN A 42 17.43 -0.72 2.67
C ASN A 42 16.98 -0.22 4.05
N CYS A 43 15.70 -0.37 4.34
CA CYS A 43 15.18 0.06 5.61
C CYS A 43 14.34 -1.03 6.28
N LYS A 44 14.31 -0.98 7.60
CA LYS A 44 13.53 -1.92 8.42
C LYS A 44 12.70 -1.21 9.54
N PRO A 45 13.30 -0.21 10.27
CA PRO A 45 12.62 0.46 11.39
C PRO A 45 11.29 1.12 10.99
N CYS A 46 11.24 1.68 9.79
CA CYS A 46 10.04 2.34 9.30
C CYS A 46 9.10 1.33 8.62
N LEU A 47 9.45 0.06 8.71
CA LEU A 47 8.69 -1.00 8.05
C LEU A 47 7.73 -1.65 9.04
N ARG A 48 7.41 -0.92 10.11
CA ARG A 48 6.53 -1.43 11.17
C ARG A 48 5.18 -1.85 10.61
N GLU A 49 4.65 -1.00 9.77
CA GLU A 49 3.37 -1.19 9.12
C GLU A 49 3.36 -2.50 8.36
N LEU A 50 4.28 -2.60 7.41
CA LEU A 50 4.36 -3.75 6.54
C LEU A 50 4.68 -5.01 7.35
N LYS A 51 5.58 -4.90 8.32
CA LYS A 51 5.97 -6.04 9.16
C LYS A 51 4.79 -6.56 10.02
N ALA A 52 4.09 -5.65 10.67
CA ALA A 52 2.97 -6.03 11.53
C ALA A 52 1.85 -6.65 10.70
N ILE A 53 1.59 -6.04 9.57
CA ILE A 53 0.60 -6.56 8.68
C ILE A 53 1.03 -7.92 8.14
N GLN A 54 2.32 -8.05 7.82
CA GLN A 54 2.88 -9.31 7.33
C GLN A 54 2.58 -10.46 8.28
N GLU A 55 2.66 -10.18 9.58
CA GLU A 55 2.40 -11.17 10.61
C GLU A 55 0.92 -11.58 10.63
N VAL A 56 0.03 -10.63 10.45
CA VAL A 56 -1.41 -10.89 10.49
C VAL A 56 -2.06 -10.82 9.10
N TYR A 57 -1.25 -10.91 8.07
CA TYR A 57 -1.72 -10.77 6.68
C TYR A 57 -2.74 -11.83 6.32
N ALA A 58 -2.54 -13.04 6.82
CA ALA A 58 -3.48 -14.13 6.58
C ALA A 58 -4.85 -13.79 7.16
N ASP A 59 -4.84 -13.13 8.32
CA ASP A 59 -6.07 -12.69 8.98
C ASP A 59 -6.82 -11.70 8.12
N TRP A 60 -6.08 -10.77 7.55
CA TRP A 60 -6.67 -9.74 6.69
C TRP A 60 -7.17 -10.35 5.38
N GLN A 61 -6.38 -11.24 4.82
CA GLN A 61 -6.74 -11.93 3.58
C GLN A 61 -7.83 -12.95 3.79
N ASP A 62 -8.07 -13.29 5.05
CA ASP A 62 -9.09 -14.25 5.42
C ASP A 62 -10.47 -13.79 4.97
N GLU A 63 -10.78 -12.55 5.25
CA GLU A 63 -12.10 -12.03 4.97
C GLU A 63 -12.06 -10.76 4.15
N THR A 64 -11.26 -9.82 4.57
CA THR A 64 -11.13 -8.57 3.87
C THR A 64 -10.60 -8.78 2.46
N GLY A 65 -9.63 -9.68 2.34
CA GLY A 65 -9.01 -9.94 1.04
C GLY A 65 -8.23 -8.75 0.53
N VAL A 66 -7.68 -7.98 1.46
CA VAL A 66 -6.93 -6.78 1.13
C VAL A 66 -5.47 -7.11 0.81
N ARG A 67 -4.97 -6.54 -0.28
CA ARG A 67 -3.57 -6.74 -0.65
C ARG A 67 -2.77 -5.50 -0.33
N LEU A 68 -1.48 -5.65 -0.19
CA LEU A 68 -0.61 -4.53 0.11
C LEU A 68 0.20 -4.15 -1.11
N ILE A 69 0.28 -2.88 -1.35
CA ILE A 69 1.06 -2.35 -2.43
C ILE A 69 2.29 -1.71 -1.83
N ALA A 70 3.43 -2.31 -2.06
CA ALA A 70 4.66 -1.82 -1.50
C ALA A 70 5.34 -0.92 -2.49
N VAL A 71 5.28 0.37 -2.25
CA VAL A 71 5.85 1.32 -3.16
C VAL A 71 7.07 1.99 -2.56
N SER A 72 8.16 1.95 -3.29
CA SER A 72 9.38 2.56 -2.86
C SER A 72 9.47 3.99 -3.35
N ILE A 73 9.91 4.87 -2.47
CA ILE A 73 10.11 6.28 -2.81
C ILE A 73 11.35 6.42 -3.70
N ASP A 74 12.21 5.43 -3.65
CA ASP A 74 13.43 5.42 -4.42
C ASP A 74 13.14 5.30 -5.90
N GLU A 75 13.93 6.01 -6.70
CA GLU A 75 13.75 6.05 -8.15
C GLU A 75 14.00 4.68 -8.76
N GLY A 76 13.81 4.56 -10.06
CA GLY A 76 13.91 3.26 -10.72
C GLY A 76 15.25 2.58 -10.54
N GLN A 77 16.32 3.32 -10.72
CA GLN A 77 17.66 2.77 -10.58
C GLN A 77 17.99 2.45 -9.12
N ASN A 78 17.46 3.23 -8.21
CA ASN A 78 17.71 3.05 -6.78
C ASN A 78 16.76 2.02 -6.17
N ALA A 79 15.61 1.85 -6.80
CA ALA A 79 14.57 0.93 -6.34
C ALA A 79 14.79 -0.49 -6.82
N GLN A 80 15.80 -0.71 -7.63
CA GLN A 80 16.10 -2.05 -8.08
C GLN A 80 16.53 -2.94 -6.89
N LYS A 81 16.64 -2.34 -5.72
CA LYS A 81 17.01 -3.04 -4.51
C LYS A 81 15.76 -3.40 -3.66
N VAL A 82 14.60 -2.85 -4.03
CA VAL A 82 13.35 -3.11 -3.28
C VAL A 82 12.96 -4.57 -3.36
N LYS A 83 12.99 -5.08 -4.56
CA LYS A 83 12.60 -6.43 -4.85
C LYS A 83 13.51 -7.48 -4.19
N PRO A 84 14.85 -7.36 -4.28
CA PRO A 84 15.75 -8.31 -3.63
C PRO A 84 15.53 -8.33 -2.12
N LEU A 85 15.08 -7.20 -1.55
CA LEU A 85 14.71 -7.16 -0.14
C LEU A 85 13.56 -8.13 0.09
N ALA A 86 12.59 -8.05 -0.81
CA ALA A 86 11.35 -8.85 -0.75
C ALA A 86 11.65 -10.34 -0.82
N ASP A 87 12.68 -10.70 -1.57
CA ASP A 87 13.09 -12.09 -1.73
C ASP A 87 13.62 -12.66 -0.41
N GLY A 88 14.18 -11.79 0.43
CA GLY A 88 14.74 -12.25 1.68
C GLY A 88 13.74 -12.25 2.83
N ASN A 89 13.03 -11.15 2.99
CA ASN A 89 12.06 -11.01 4.08
C ASN A 89 10.75 -11.74 3.80
N GLY A 90 10.43 -11.90 2.53
CA GLY A 90 9.22 -12.60 2.17
C GLY A 90 8.03 -11.68 2.04
N TRP A 91 8.20 -10.56 1.37
CA TRP A 91 7.09 -9.65 1.14
C TRP A 91 6.17 -10.17 0.03
N GLU A 92 5.12 -10.86 0.45
CA GLU A 92 4.14 -11.48 -0.48
C GLU A 92 3.17 -10.44 -1.03
N TYR A 93 3.67 -9.27 -1.40
CA TYR A 93 2.81 -8.18 -1.85
C TYR A 93 3.28 -7.67 -3.17
N GLU A 94 2.46 -6.86 -3.80
CA GLU A 94 2.80 -6.28 -5.07
C GLU A 94 3.69 -5.07 -4.86
N VAL A 95 4.93 -5.18 -5.29
CA VAL A 95 5.91 -4.15 -5.07
C VAL A 95 6.03 -3.24 -6.31
N LEU A 96 6.10 -1.95 -6.06
CA LEU A 96 6.11 -0.93 -7.10
C LEU A 96 7.25 0.04 -6.90
N LEU A 97 7.75 0.53 -7.99
CA LEU A 97 8.86 1.47 -8.00
C LEU A 97 8.40 2.82 -8.52
N ASP A 98 8.48 3.86 -7.70
CA ASP A 98 8.21 5.20 -8.21
C ASP A 98 9.49 5.83 -8.71
N SER A 99 9.58 6.06 -10.00
CA SER A 99 10.77 6.62 -10.58
C SER A 99 10.68 8.15 -10.69
N ASN A 100 10.14 8.64 -11.80
CA ASN A 100 9.98 10.07 -12.00
C ASN A 100 8.53 10.43 -12.01
N GLY A 101 7.73 9.56 -11.46
CA GLY A 101 6.33 9.78 -11.39
C GLY A 101 5.99 10.86 -10.41
N ASP A 102 6.96 11.19 -9.57
CA ASP A 102 6.77 12.15 -8.49
C ASP A 102 5.59 11.71 -7.61
N PHE A 103 5.30 10.42 -7.64
CA PHE A 103 4.17 9.84 -6.92
C PHE A 103 4.34 10.05 -5.42
N LYS A 104 5.55 9.84 -4.95
CA LYS A 104 5.85 10.05 -3.52
C LYS A 104 5.47 11.48 -3.09
N ARG A 105 5.93 12.46 -3.85
CA ARG A 105 5.68 13.85 -3.55
C ARG A 105 4.22 14.19 -3.78
N ALA A 106 3.64 13.58 -4.81
CA ALA A 106 2.25 13.77 -5.16
C ALA A 106 1.34 13.34 -4.02
N MET A 107 1.69 12.24 -3.36
CA MET A 107 0.89 11.76 -2.25
C MET A 107 1.24 12.50 -0.96
N ASN A 108 2.31 13.31 -1.03
CA ASN A 108 2.74 14.18 0.08
C ASN A 108 3.43 13.38 1.17
N VAL A 109 4.44 12.63 0.78
CA VAL A 109 5.22 11.86 1.74
C VAL A 109 6.50 12.61 2.06
N SER A 110 6.78 12.77 3.34
CA SER A 110 7.96 13.49 3.78
C SER A 110 8.77 12.71 4.81
N LEU A 111 8.23 12.62 6.02
CA LEU A 111 8.88 11.96 7.12
C LEU A 111 9.07 10.47 6.87
N ILE A 112 8.04 9.85 6.24
CA ILE A 112 7.98 8.39 5.96
C ILE A 112 7.93 7.56 7.25
N PRO A 113 7.20 6.45 7.25
CA PRO A 113 6.44 5.97 6.10
C PRO A 113 5.07 6.66 5.94
N ALA A 114 4.33 6.28 4.90
CA ALA A 114 3.00 6.84 4.66
C ALA A 114 2.01 5.75 4.33
N VAL A 115 0.77 5.90 4.82
CA VAL A 115 -0.27 4.89 4.64
C VAL A 115 -1.45 5.42 3.83
N PHE A 116 -1.81 4.72 2.76
CA PHE A 116 -2.99 5.05 1.99
C PHE A 116 -3.86 3.81 1.87
N ILE A 117 -5.05 3.85 2.45
CA ILE A 117 -5.92 2.69 2.44
C ILE A 117 -7.08 2.86 1.48
N VAL A 118 -7.21 1.90 0.60
CA VAL A 118 -8.29 1.84 -0.37
C VAL A 118 -9.31 0.85 0.12
N ASP A 119 -10.57 1.27 0.11
CA ASP A 119 -11.66 0.48 0.65
C ASP A 119 -12.13 -0.58 -0.34
N GLY A 120 -13.22 -1.25 0.02
CA GLY A 120 -13.78 -2.29 -0.83
C GLY A 120 -14.26 -1.76 -2.16
N ASN A 121 -14.77 -0.53 -2.16
CA ASN A 121 -15.24 0.09 -3.38
C ASN A 121 -14.07 0.30 -4.32
N GLY A 122 -12.95 0.71 -3.76
CA GLY A 122 -11.78 0.92 -4.54
C GLY A 122 -11.38 2.36 -4.57
N LYS A 123 -11.61 3.05 -3.48
CA LYS A 123 -11.22 4.44 -3.36
C LYS A 123 -10.45 4.64 -2.06
N ILE A 124 -9.60 5.64 -2.01
CA ILE A 124 -8.84 5.88 -0.79
C ILE A 124 -9.74 6.49 0.27
N VAL A 125 -10.04 5.70 1.27
CA VAL A 125 -10.92 6.11 2.33
C VAL A 125 -10.13 6.59 3.54
N TYR A 126 -8.94 6.05 3.73
CA TYR A 126 -8.13 6.42 4.87
C TYR A 126 -6.72 6.80 4.45
N ASN A 127 -6.26 7.91 4.96
CA ASN A 127 -4.93 8.39 4.68
C ASN A 127 -4.23 8.72 5.98
N HIS A 128 -3.05 8.18 6.14
CA HIS A 128 -2.27 8.41 7.34
C HIS A 128 -0.84 8.72 6.95
N THR A 129 -0.50 9.98 6.99
CA THR A 129 0.82 10.40 6.61
C THR A 129 1.61 10.87 7.81
N GLY A 130 2.69 10.17 8.12
CA GLY A 130 3.54 10.59 9.20
C GLY A 130 3.51 9.68 10.41
N TYR A 131 3.07 8.42 10.27
CA TYR A 131 3.16 7.51 11.40
C TYR A 131 4.61 7.08 11.52
N THR A 132 5.10 6.90 12.73
CA THR A 132 6.49 6.50 12.91
C THR A 132 6.61 5.16 13.64
N GLU A 133 5.83 4.99 14.69
CA GLU A 133 5.81 3.75 15.47
C GLU A 133 4.51 3.65 16.26
N GLY A 134 3.78 2.56 16.09
CA GLY A 134 2.52 2.41 16.77
C GLY A 134 1.35 2.87 15.93
N GLY A 135 1.59 2.99 14.64
CA GLY A 135 0.55 3.42 13.74
C GLY A 135 -0.19 2.23 13.15
N GLU A 136 0.40 1.06 13.30
CA GLU A 136 -0.18 -0.19 12.77
C GLU A 136 -1.56 -0.46 13.37
N ALA A 137 -1.77 0.06 14.57
CA ALA A 137 -3.03 -0.11 15.28
C ALA A 137 -4.17 0.56 14.52
N GLU A 138 -3.84 1.71 13.94
CA GLU A 138 -4.79 2.47 13.17
C GLU A 138 -5.12 1.72 11.87
N LEU A 139 -4.14 0.98 11.37
CA LEU A 139 -4.29 0.18 10.16
C LEU A 139 -5.39 -0.87 10.32
N ILE A 140 -5.25 -1.72 11.33
CA ILE A 140 -6.21 -2.81 11.54
C ILE A 140 -7.58 -2.27 11.91
N LYS A 141 -7.59 -1.23 12.72
CA LYS A 141 -8.81 -0.62 13.19
C LYS A 141 -9.64 -0.12 12.01
N LYS A 142 -9.00 0.62 11.11
CA LYS A 142 -9.70 1.18 9.97
C LYS A 142 -10.14 0.07 8.99
N VAL A 143 -9.36 -1.02 8.93
CA VAL A 143 -9.71 -2.14 8.05
C VAL A 143 -11.07 -2.69 8.46
N ARG A 144 -11.28 -2.84 9.76
CA ARG A 144 -12.57 -3.28 10.26
C ARG A 144 -13.65 -2.21 10.03
N GLU A 145 -13.25 -0.94 10.10
CA GLU A 145 -14.16 0.17 9.81
C GLU A 145 -14.77 0.01 8.42
N LEU A 146 -13.97 -0.56 7.51
CA LEU A 146 -14.39 -0.77 6.13
C LEU A 146 -15.57 -1.74 6.05
N VAL A 147 -15.49 -2.83 6.83
CA VAL A 147 -16.52 -3.86 6.84
C VAL A 147 -17.78 -3.33 7.53
N LYS A 148 -17.59 -2.30 8.34
CA LYS A 148 -18.65 -1.71 9.13
C LYS A 148 -19.53 -0.77 8.28
N GLU A 149 -19.16 -0.55 7.00
CA GLU A 149 -19.87 0.40 6.14
C GLU A 149 -21.37 0.06 5.99
N GLY A 150 -21.73 -1.17 6.36
CA GLY A 150 -23.12 -1.58 6.27
C GLY A 150 -24.03 -0.66 7.06
N HIS A 151 -23.61 -0.33 8.27
CA HIS A 151 -24.35 0.59 9.10
C HIS A 151 -23.52 1.85 9.30
N HIS A 152 -24.06 2.95 8.83
CA HIS A 152 -23.35 4.22 8.81
C HIS A 152 -23.08 4.75 10.23
N HIS A 153 -24.02 4.57 11.14
CA HIS A 153 -23.86 5.09 12.49
C HIS A 153 -23.70 3.99 13.52
N HIS A 154 -24.70 3.11 13.63
CA HIS A 154 -24.66 2.04 14.63
C HIS A 154 -24.83 0.68 13.97
N HIS A 155 -23.87 -0.21 14.19
CA HIS A 155 -23.90 -1.55 13.60
C HIS A 155 -25.06 -2.38 14.16
N HIS A 156 -25.40 -2.12 15.42
CA HIS A 156 -26.50 -2.84 16.09
C HIS A 156 -26.91 -2.09 17.35
N ASN A 4 -13.98 0.00 -11.18
CA ASN A 4 -13.70 1.33 -10.61
C ASN A 4 -12.96 1.17 -9.29
N THR A 5 -12.37 -0.02 -9.09
CA THR A 5 -11.71 -0.37 -7.85
C THR A 5 -10.21 -0.07 -7.94
N TYR A 6 -9.88 1.18 -8.19
CA TYR A 6 -8.48 1.58 -8.31
C TYR A 6 -7.93 1.94 -6.93
N ALA A 7 -7.63 3.22 -6.75
CA ALA A 7 -7.14 3.70 -5.48
C ALA A 7 -7.28 5.23 -5.40
N GLN A 8 -8.01 5.81 -6.37
CA GLN A 8 -8.24 7.27 -6.44
C GLN A 8 -6.89 8.04 -6.40
N LEU A 9 -5.93 7.51 -7.13
CA LEU A 9 -4.57 8.05 -7.13
C LEU A 9 -4.36 8.99 -8.31
N PRO A 10 -3.27 9.81 -8.26
CA PRO A 10 -2.90 10.71 -9.37
C PRO A 10 -2.45 9.89 -10.59
N ALA A 11 -2.53 10.50 -11.77
CA ALA A 11 -2.14 9.82 -12.99
C ALA A 11 -0.62 9.73 -13.12
N VAL A 12 -0.04 8.73 -12.48
CA VAL A 12 1.40 8.52 -12.51
C VAL A 12 1.70 7.09 -12.94
N SER A 13 2.65 6.92 -13.84
CA SER A 13 3.03 5.61 -14.31
C SER A 13 4.23 5.08 -13.52
N LEU A 14 4.01 4.01 -12.77
CA LEU A 14 5.06 3.41 -11.96
C LEU A 14 5.40 2.04 -12.51
N LYS A 15 6.43 1.43 -11.97
CA LYS A 15 6.82 0.10 -12.40
C LYS A 15 6.28 -0.96 -11.50
N ASN A 16 5.71 -1.96 -12.12
CA ASN A 16 5.19 -3.13 -11.45
C ASN A 16 6.33 -4.15 -11.29
N ILE A 17 6.14 -5.16 -10.46
CA ILE A 17 7.17 -6.17 -10.23
C ILE A 17 7.53 -6.92 -11.50
N GLU A 18 6.60 -6.95 -12.44
CA GLU A 18 6.81 -7.60 -13.71
C GLU A 18 7.67 -6.73 -14.64
N GLY A 19 7.99 -5.51 -14.17
CA GLY A 19 8.75 -4.59 -14.97
C GLY A 19 7.86 -3.90 -15.97
N LYS A 20 6.57 -3.99 -15.71
CA LYS A 20 5.58 -3.42 -16.56
C LYS A 20 5.19 -2.06 -16.06
N THR A 21 4.99 -1.13 -16.96
CA THR A 21 4.55 0.17 -16.59
C THR A 21 3.07 0.13 -16.22
N VAL A 22 2.77 0.50 -15.01
CA VAL A 22 1.42 0.53 -14.54
C VAL A 22 1.08 1.88 -13.97
N GLN A 23 -0.05 2.40 -14.38
CA GLN A 23 -0.49 3.67 -13.88
C GLN A 23 -1.36 3.46 -12.67
N THR A 24 -1.11 4.26 -11.67
CA THR A 24 -1.80 4.16 -10.40
C THR A 24 -3.29 4.45 -10.50
N ASN A 25 -3.66 5.33 -11.42
CA ASN A 25 -5.06 5.71 -11.59
C ASN A 25 -5.84 4.62 -12.36
N LYS A 26 -5.15 3.64 -12.93
CA LYS A 26 -5.81 2.58 -13.69
C LYS A 26 -5.54 1.21 -13.07
N LEU A 27 -4.84 1.21 -11.96
CA LEU A 27 -4.44 -0.02 -11.34
C LEU A 27 -5.50 -0.56 -10.39
N GLU A 28 -6.12 -1.65 -10.82
CA GLU A 28 -7.09 -2.36 -10.03
C GLU A 28 -6.55 -3.75 -9.76
N ASN A 29 -6.61 -4.19 -8.52
CA ASN A 29 -6.15 -5.53 -8.21
C ASN A 29 -7.13 -6.57 -8.73
N ALA A 30 -8.28 -6.65 -8.10
CA ALA A 30 -9.32 -7.60 -8.51
C ALA A 30 -10.64 -7.27 -7.84
N GLY A 31 -10.91 -6.00 -7.66
CA GLY A 31 -12.13 -5.60 -6.97
C GLY A 31 -11.96 -5.70 -5.47
N LYS A 32 -10.73 -5.63 -5.04
CA LYS A 32 -10.38 -5.76 -3.63
C LYS A 32 -9.74 -4.48 -3.12
N PRO A 33 -9.87 -4.19 -1.82
CA PRO A 33 -9.25 -3.03 -1.22
C PRO A 33 -7.72 -3.19 -1.11
N MET A 34 -7.00 -2.08 -1.13
CA MET A 34 -5.55 -2.11 -1.07
C MET A 34 -5.00 -1.08 -0.10
N ILE A 35 -3.81 -1.32 0.38
CA ILE A 35 -3.12 -0.39 1.24
C ILE A 35 -1.75 -0.13 0.64
N ILE A 36 -1.43 1.13 0.44
CA ILE A 36 -0.15 1.49 -0.14
C ILE A 36 0.82 1.90 0.96
N SER A 37 1.96 1.25 0.99
CA SER A 37 2.97 1.52 1.99
C SER A 37 4.18 2.21 1.34
N PHE A 38 4.49 3.42 1.81
CA PHE A 38 5.62 4.18 1.28
C PHE A 38 6.82 3.98 2.15
N PHE A 39 7.92 3.49 1.56
CA PHE A 39 9.13 3.24 2.32
C PHE A 39 10.37 3.46 1.44
N ALA A 40 11.53 3.48 2.07
CA ALA A 40 12.80 3.67 1.36
C ALA A 40 13.45 2.32 1.11
N THR A 41 14.04 2.15 -0.07
CA THR A 41 14.70 0.88 -0.41
C THR A 41 15.93 0.66 0.48
N ASN A 42 16.59 1.74 0.83
CA ASN A 42 17.75 1.69 1.70
C ASN A 42 17.33 2.03 3.12
N CYS A 43 16.58 1.14 3.73
CA CYS A 43 16.09 1.36 5.07
C CYS A 43 16.34 0.14 5.95
N LYS A 44 16.02 0.29 7.23
CA LYS A 44 16.18 -0.74 8.23
C LYS A 44 14.92 -0.81 9.11
N PRO A 45 14.76 -1.87 9.95
CA PRO A 45 13.57 -2.06 10.83
C PRO A 45 13.09 -0.82 11.56
N CYS A 46 12.30 -0.06 10.84
CA CYS A 46 11.58 1.08 11.34
C CYS A 46 10.27 1.17 10.57
N LEU A 47 10.03 0.17 9.72
CA LEU A 47 8.87 0.15 8.86
C LEU A 47 7.58 0.02 9.67
N ARG A 48 7.61 -0.83 10.73
CA ARG A 48 6.46 -1.03 11.64
C ARG A 48 5.23 -1.60 10.90
N GLU A 49 4.52 -0.72 10.22
CA GLU A 49 3.30 -1.00 9.44
C GLU A 49 3.43 -2.27 8.63
N LEU A 50 4.39 -2.30 7.75
CA LEU A 50 4.60 -3.41 6.85
C LEU A 50 4.89 -4.70 7.64
N LYS A 51 5.67 -4.55 8.71
CA LYS A 51 6.03 -5.69 9.58
C LYS A 51 4.82 -6.25 10.33
N ALA A 52 4.03 -5.37 10.95
CA ALA A 52 2.87 -5.79 11.74
C ALA A 52 1.84 -6.47 10.87
N ILE A 53 1.61 -5.91 9.70
CA ILE A 53 0.68 -6.47 8.78
C ILE A 53 1.16 -7.83 8.33
N GLN A 54 2.46 -7.96 8.07
CA GLN A 54 3.04 -9.25 7.66
C GLN A 54 2.67 -10.36 8.65
N GLU A 55 2.67 -10.03 9.93
CA GLU A 55 2.36 -10.98 10.99
C GLU A 55 0.90 -11.44 10.92
N VAL A 56 -0.01 -10.52 10.58
CA VAL A 56 -1.45 -10.85 10.52
C VAL A 56 -2.06 -10.64 9.11
N TYR A 57 -1.22 -10.69 8.09
CA TYR A 57 -1.64 -10.42 6.71
C TYR A 57 -2.67 -11.44 6.20
N ALA A 58 -2.49 -12.71 6.52
CA ALA A 58 -3.43 -13.74 6.11
C ALA A 58 -4.80 -13.51 6.75
N ASP A 59 -4.78 -13.05 8.00
CA ASP A 59 -5.99 -12.74 8.74
C ASP A 59 -6.77 -11.64 8.03
N TRP A 60 -6.06 -10.63 7.58
CA TRP A 60 -6.67 -9.54 6.85
C TRP A 60 -7.23 -10.03 5.50
N GLN A 61 -6.52 -10.95 4.87
CA GLN A 61 -6.96 -11.53 3.61
C GLN A 61 -8.10 -12.52 3.78
N ASP A 62 -8.42 -12.88 5.03
CA ASP A 62 -9.50 -13.84 5.29
C ASP A 62 -10.82 -13.43 4.62
N GLU A 63 -11.38 -12.31 5.05
CA GLU A 63 -12.64 -11.82 4.48
C GLU A 63 -12.47 -10.51 3.74
N THR A 64 -11.67 -9.64 4.30
CA THR A 64 -11.45 -8.34 3.72
C THR A 64 -10.81 -8.47 2.34
N GLY A 65 -9.87 -9.41 2.23
CA GLY A 65 -9.17 -9.62 0.96
C GLY A 65 -8.32 -8.42 0.58
N VAL A 66 -7.77 -7.76 1.59
CA VAL A 66 -6.98 -6.56 1.37
C VAL A 66 -5.53 -6.93 1.09
N ARG A 67 -4.91 -6.25 0.13
CA ARG A 67 -3.52 -6.51 -0.18
C ARG A 67 -2.70 -5.24 -0.07
N LEU A 68 -1.42 -5.40 0.22
CA LEU A 68 -0.53 -4.28 0.38
C LEU A 68 0.23 -4.01 -0.91
N ILE A 69 0.46 -2.75 -1.16
CA ILE A 69 1.25 -2.34 -2.27
C ILE A 69 2.45 -1.56 -1.75
N ALA A 70 3.62 -2.12 -1.91
CA ALA A 70 4.81 -1.51 -1.40
C ALA A 70 5.46 -0.68 -2.48
N VAL A 71 5.60 0.59 -2.23
CA VAL A 71 6.17 1.48 -3.22
C VAL A 71 7.44 2.14 -2.70
N SER A 72 8.46 2.08 -3.52
CA SER A 72 9.72 2.67 -3.18
C SER A 72 9.77 4.11 -3.63
N ILE A 73 10.27 4.94 -2.75
CA ILE A 73 10.40 6.36 -2.99
C ILE A 73 11.67 6.64 -3.80
N ASP A 74 12.51 5.62 -3.90
CA ASP A 74 13.77 5.71 -4.61
C ASP A 74 13.59 5.51 -6.11
N GLU A 75 14.46 6.16 -6.88
CA GLU A 75 14.43 6.11 -8.35
C GLU A 75 14.58 4.68 -8.85
N GLY A 76 14.32 4.48 -10.14
CA GLY A 76 14.32 3.15 -10.72
C GLY A 76 15.62 2.39 -10.57
N GLN A 77 16.74 3.09 -10.64
CA GLN A 77 18.04 2.45 -10.49
C GLN A 77 18.18 1.83 -9.10
N ASN A 78 17.96 2.65 -8.09
CA ASN A 78 18.06 2.20 -6.72
C ASN A 78 16.96 1.21 -6.36
N ALA A 79 15.76 1.48 -6.90
CA ALA A 79 14.59 0.66 -6.63
C ALA A 79 14.70 -0.74 -7.19
N GLN A 80 15.75 -0.98 -7.95
CA GLN A 80 15.97 -2.29 -8.50
C GLN A 80 16.21 -3.30 -7.36
N LYS A 81 16.51 -2.75 -6.17
CA LYS A 81 16.79 -3.54 -4.99
C LYS A 81 15.53 -3.76 -4.12
N VAL A 82 14.44 -3.08 -4.44
CA VAL A 82 13.20 -3.19 -3.64
C VAL A 82 12.62 -4.58 -3.73
N LYS A 83 12.56 -5.06 -4.95
CA LYS A 83 11.98 -6.36 -5.24
C LYS A 83 12.75 -7.51 -4.57
N PRO A 84 14.10 -7.57 -4.68
CA PRO A 84 14.87 -8.60 -4.02
C PRO A 84 14.70 -8.54 -2.51
N LEU A 85 14.45 -7.34 -1.97
CA LEU A 85 14.14 -7.18 -0.54
C LEU A 85 12.85 -7.91 -0.24
N ALA A 86 11.88 -7.71 -1.12
CA ALA A 86 10.57 -8.32 -0.99
C ALA A 86 10.68 -9.83 -1.08
N ASP A 87 11.52 -10.27 -2.01
CA ASP A 87 11.74 -11.69 -2.23
C ASP A 87 12.42 -12.33 -1.02
N GLY A 88 13.50 -11.71 -0.56
CA GLY A 88 14.25 -12.24 0.57
C GLY A 88 13.48 -12.21 1.87
N ASN A 89 12.81 -11.11 2.16
CA ASN A 89 12.05 -10.97 3.40
C ASN A 89 10.76 -11.79 3.35
N GLY A 90 10.29 -12.07 2.14
CA GLY A 90 9.07 -12.82 2.00
C GLY A 90 7.84 -11.96 2.22
N TRP A 91 7.90 -10.73 1.71
CA TRP A 91 6.80 -9.79 1.85
C TRP A 91 5.54 -10.26 1.12
N GLU A 92 5.72 -10.70 -0.12
CA GLU A 92 4.64 -11.28 -0.97
C GLU A 92 3.62 -10.21 -1.48
N TYR A 93 3.84 -8.95 -1.16
CA TYR A 93 2.91 -7.92 -1.60
C TYR A 93 3.31 -7.40 -2.96
N GLU A 94 2.49 -6.55 -3.53
CA GLU A 94 2.81 -5.94 -4.78
C GLU A 94 3.88 -4.92 -4.54
N VAL A 95 4.85 -4.87 -5.40
CA VAL A 95 5.93 -3.94 -5.22
C VAL A 95 6.05 -3.04 -6.44
N LEU A 96 6.06 -1.76 -6.20
CA LEU A 96 6.11 -0.76 -7.24
C LEU A 96 7.27 0.16 -7.05
N LEU A 97 7.94 0.45 -8.13
CA LEU A 97 9.09 1.32 -8.06
C LEU A 97 8.74 2.64 -8.70
N ASP A 98 8.76 3.72 -7.94
CA ASP A 98 8.55 5.02 -8.56
C ASP A 98 9.89 5.53 -9.08
N SER A 99 10.00 5.63 -10.38
CA SER A 99 11.22 6.08 -11.00
C SER A 99 11.12 7.56 -11.33
N ASN A 100 9.92 8.08 -11.20
CA ASN A 100 9.65 9.46 -11.48
C ASN A 100 10.02 10.29 -10.26
N GLY A 101 9.55 9.84 -9.11
CA GLY A 101 9.79 10.54 -7.88
C GLY A 101 8.71 11.55 -7.60
N ASP A 102 7.73 11.60 -8.51
CA ASP A 102 6.64 12.56 -8.41
C ASP A 102 5.45 11.98 -7.67
N PHE A 103 5.32 10.65 -7.67
CA PHE A 103 4.18 10.00 -7.03
C PHE A 103 4.14 10.31 -5.53
N LYS A 104 5.29 10.20 -4.89
CA LYS A 104 5.40 10.52 -3.47
C LYS A 104 5.11 12.00 -3.21
N ARG A 105 5.49 12.86 -4.15
CA ARG A 105 5.24 14.29 -4.02
C ARG A 105 3.76 14.59 -4.12
N ALA A 106 3.11 13.95 -5.08
CA ALA A 106 1.68 14.11 -5.32
C ALA A 106 0.87 13.60 -4.13
N MET A 107 1.32 12.50 -3.55
CA MET A 107 0.66 11.90 -2.40
C MET A 107 0.97 12.69 -1.13
N ASN A 108 2.09 13.42 -1.16
CA ASN A 108 2.56 14.22 -0.03
C ASN A 108 3.10 13.35 1.08
N VAL A 109 4.35 12.97 0.95
CA VAL A 109 4.99 12.14 1.95
C VAL A 109 5.97 12.97 2.78
N SER A 110 5.51 13.41 3.95
CA SER A 110 6.34 14.19 4.85
C SER A 110 7.39 13.31 5.51
N LEU A 111 6.91 12.25 6.14
CA LEU A 111 7.77 11.31 6.80
C LEU A 111 7.28 9.90 6.54
N ILE A 112 8.21 9.00 6.28
CA ILE A 112 7.88 7.61 6.08
C ILE A 112 7.92 6.89 7.41
N PRO A 113 7.17 5.79 7.56
CA PRO A 113 6.33 5.22 6.50
C PRO A 113 5.03 6.01 6.29
N ALA A 114 4.53 5.99 5.06
CA ALA A 114 3.26 6.66 4.76
C ALA A 114 2.20 5.63 4.45
N VAL A 115 1.00 5.81 4.98
CA VAL A 115 -0.07 4.85 4.80
C VAL A 115 -1.26 5.43 4.05
N PHE A 116 -1.64 4.77 2.97
CA PHE A 116 -2.83 5.12 2.21
C PHE A 116 -3.72 3.89 2.09
N ILE A 117 -4.91 3.94 2.65
CA ILE A 117 -5.81 2.79 2.62
C ILE A 117 -6.94 3.02 1.61
N VAL A 118 -7.14 2.02 0.80
CA VAL A 118 -8.15 2.01 -0.24
C VAL A 118 -9.22 0.98 0.10
N ASP A 119 -10.47 1.41 0.04
CA ASP A 119 -11.59 0.52 0.38
C ASP A 119 -12.05 -0.31 -0.83
N GLY A 120 -13.13 -1.07 -0.63
CA GLY A 120 -13.65 -1.96 -1.67
C GLY A 120 -14.10 -1.24 -2.94
N ASN A 121 -14.28 0.07 -2.85
CA ASN A 121 -14.69 0.85 -4.02
C ASN A 121 -13.47 1.32 -4.78
N GLY A 122 -12.29 0.99 -4.29
CA GLY A 122 -11.07 1.43 -4.92
C GLY A 122 -10.84 2.91 -4.75
N LYS A 123 -11.25 3.42 -3.61
CA LYS A 123 -11.11 4.82 -3.32
C LYS A 123 -10.34 4.98 -2.02
N ILE A 124 -9.73 6.13 -1.82
CA ILE A 124 -8.95 6.37 -0.62
C ILE A 124 -9.89 6.60 0.57
N VAL A 125 -9.84 5.69 1.53
CA VAL A 125 -10.70 5.76 2.70
C VAL A 125 -9.94 6.28 3.92
N TYR A 126 -8.63 6.06 3.95
CA TYR A 126 -7.82 6.49 5.08
C TYR A 126 -6.42 6.88 4.64
N ASN A 127 -5.94 8.00 5.17
CA ASN A 127 -4.59 8.45 4.89
C ASN A 127 -3.89 8.88 6.17
N HIS A 128 -2.78 8.26 6.45
CA HIS A 128 -1.98 8.61 7.60
C HIS A 128 -0.53 8.69 7.19
N THR A 129 -0.05 9.89 7.02
CA THR A 129 1.32 10.08 6.61
C THR A 129 2.06 10.84 7.69
N GLY A 130 3.14 10.28 8.16
CA GLY A 130 3.89 10.92 9.20
C GLY A 130 3.96 10.09 10.46
N TYR A 131 3.20 9.00 10.52
CA TYR A 131 3.25 8.13 11.69
C TYR A 131 4.63 7.48 11.74
N THR A 132 5.12 7.21 12.93
CA THR A 132 6.43 6.62 13.05
C THR A 132 6.36 5.23 13.68
N GLU A 133 5.62 5.11 14.78
CA GLU A 133 5.44 3.82 15.45
C GLU A 133 4.16 3.81 16.27
N GLY A 134 3.36 2.76 16.12
CA GLY A 134 2.13 2.65 16.85
C GLY A 134 0.97 3.25 16.09
N GLY A 135 1.18 3.48 14.81
CA GLY A 135 0.14 4.05 13.97
C GLY A 135 -0.69 2.96 13.32
N GLU A 136 -0.16 1.74 13.37
CA GLU A 136 -0.77 0.55 12.76
C GLU A 136 -2.16 0.26 13.34
N ALA A 137 -2.43 0.83 14.50
CA ALA A 137 -3.68 0.59 15.20
C ALA A 137 -4.86 1.08 14.40
N GLU A 138 -4.68 2.21 13.77
CA GLU A 138 -5.71 2.79 12.96
C GLU A 138 -5.93 1.99 11.69
N LEU A 139 -4.84 1.40 11.17
CA LEU A 139 -4.90 0.61 9.95
C LEU A 139 -5.81 -0.59 10.11
N ILE A 140 -5.63 -1.34 11.21
CA ILE A 140 -6.46 -2.51 11.46
C ILE A 140 -7.90 -2.09 11.71
N LYS A 141 -8.08 -0.97 12.39
CA LYS A 141 -9.40 -0.47 12.68
C LYS A 141 -10.16 -0.18 11.38
N LYS A 142 -9.50 0.49 10.43
CA LYS A 142 -10.14 0.80 9.15
C LYS A 142 -10.48 -0.47 8.37
N VAL A 143 -9.62 -1.47 8.48
CA VAL A 143 -9.84 -2.76 7.83
C VAL A 143 -11.14 -3.35 8.33
N ARG A 144 -11.33 -3.28 9.63
CA ARG A 144 -12.50 -3.81 10.27
C ARG A 144 -13.74 -3.00 9.91
N GLU A 145 -13.55 -1.68 9.76
CA GLU A 145 -14.63 -0.77 9.38
C GLU A 145 -15.28 -1.23 8.08
N LEU A 146 -14.43 -1.63 7.14
CA LEU A 146 -14.88 -2.10 5.84
C LEU A 146 -15.77 -3.33 6.02
N VAL A 147 -15.33 -4.21 6.91
CA VAL A 147 -16.07 -5.42 7.23
C VAL A 147 -17.39 -5.09 7.93
N LYS A 148 -17.31 -4.13 8.86
CA LYS A 148 -18.46 -3.71 9.65
C LYS A 148 -19.59 -3.12 8.80
N GLU A 149 -19.25 -2.22 7.90
CA GLU A 149 -20.27 -1.60 7.06
C GLU A 149 -20.85 -2.63 6.10
N GLY A 150 -19.99 -3.50 5.57
CA GLY A 150 -20.42 -4.61 4.74
C GLY A 150 -20.95 -4.24 3.37
N HIS A 151 -21.87 -3.26 3.33
CA HIS A 151 -22.54 -2.85 2.08
C HIS A 151 -23.49 -3.95 1.62
N HIS A 152 -24.63 -4.03 2.27
CA HIS A 152 -25.63 -5.04 1.96
C HIS A 152 -26.94 -4.72 2.67
N HIS A 153 -26.84 -4.28 3.92
CA HIS A 153 -28.02 -3.91 4.69
C HIS A 153 -27.65 -2.87 5.75
N HIS A 154 -26.78 -3.27 6.67
CA HIS A 154 -26.34 -2.38 7.74
C HIS A 154 -25.24 -1.45 7.25
N HIS A 155 -24.94 -0.44 8.05
CA HIS A 155 -23.88 0.50 7.72
C HIS A 155 -23.03 0.79 8.94
N HIS A 156 -23.68 0.95 10.08
CA HIS A 156 -23.00 1.26 11.33
C HIS A 156 -23.74 0.66 12.51
N ASN A 4 -12.89 -1.58 -11.81
CA ASN A 4 -13.39 -0.41 -11.11
C ASN A 4 -12.85 -0.31 -9.70
N THR A 5 -11.83 -1.09 -9.39
CA THR A 5 -11.28 -1.09 -8.04
C THR A 5 -9.85 -0.54 -8.02
N TYR A 6 -9.73 0.75 -8.34
CA TYR A 6 -8.43 1.41 -8.35
C TYR A 6 -8.14 1.95 -6.96
N ALA A 7 -7.62 3.15 -6.92
CA ALA A 7 -7.28 3.77 -5.67
C ALA A 7 -7.75 5.22 -5.61
N GLN A 8 -7.93 5.81 -6.78
CA GLN A 8 -8.31 7.23 -6.89
C GLN A 8 -7.18 8.14 -6.41
N LEU A 9 -6.11 8.19 -7.19
CA LEU A 9 -4.96 9.00 -6.87
C LEU A 9 -4.25 9.43 -8.14
N PRO A 10 -3.38 10.48 -8.06
CA PRO A 10 -2.62 11.01 -9.19
C PRO A 10 -2.07 9.93 -10.11
N ALA A 11 -2.16 10.16 -11.40
CA ALA A 11 -1.72 9.22 -12.39
C ALA A 11 -0.23 9.35 -12.63
N VAL A 12 0.54 8.52 -11.98
CA VAL A 12 1.97 8.51 -12.16
C VAL A 12 2.38 7.15 -12.72
N SER A 13 3.23 7.15 -13.71
CA SER A 13 3.68 5.92 -14.35
C SER A 13 4.78 5.26 -13.52
N LEU A 14 4.46 4.11 -12.94
CA LEU A 14 5.42 3.37 -12.13
C LEU A 14 5.61 1.97 -12.71
N LYS A 15 6.60 1.25 -12.21
CA LYS A 15 6.86 -0.12 -12.68
C LYS A 15 6.40 -1.15 -11.66
N ASN A 16 5.63 -2.13 -12.11
CA ASN A 16 5.16 -3.20 -11.23
C ASN A 16 6.22 -4.29 -11.09
N ILE A 17 5.86 -5.43 -10.53
CA ILE A 17 6.82 -6.53 -10.33
C ILE A 17 7.20 -7.17 -11.65
N GLU A 18 6.40 -6.95 -12.68
CA GLU A 18 6.68 -7.52 -14.00
C GLU A 18 7.66 -6.63 -14.76
N GLY A 19 7.86 -5.42 -14.28
CA GLY A 19 8.70 -4.48 -14.99
C GLY A 19 7.90 -3.81 -16.08
N LYS A 20 6.60 -3.97 -15.97
CA LYS A 20 5.67 -3.43 -16.93
C LYS A 20 5.18 -2.07 -16.45
N THR A 21 4.94 -1.19 -17.38
CA THR A 21 4.49 0.13 -17.07
C THR A 21 3.04 0.13 -16.63
N VAL A 22 2.81 0.55 -15.42
CA VAL A 22 1.51 0.66 -14.87
C VAL A 22 1.30 2.03 -14.28
N GLN A 23 0.19 2.64 -14.61
CA GLN A 23 -0.13 3.94 -14.09
C GLN A 23 -1.02 3.76 -12.87
N THR A 24 -0.72 4.48 -11.82
CA THR A 24 -1.41 4.33 -10.55
C THR A 24 -2.91 4.62 -10.63
N ASN A 25 -3.29 5.57 -11.46
CA ASN A 25 -4.69 5.95 -11.60
C ASN A 25 -5.50 4.83 -12.31
N LYS A 26 -4.80 3.98 -13.04
CA LYS A 26 -5.46 2.87 -13.76
C LYS A 26 -5.08 1.53 -13.14
N LEU A 27 -4.47 1.57 -11.99
CA LEU A 27 -4.01 0.36 -11.35
C LEU A 27 -5.01 -0.12 -10.32
N GLU A 28 -5.43 -1.35 -10.47
CA GLU A 28 -6.35 -1.96 -9.56
C GLU A 28 -5.79 -3.25 -9.02
N ASN A 29 -6.26 -3.64 -7.86
CA ASN A 29 -5.79 -4.84 -7.21
C ASN A 29 -6.43 -6.09 -7.82
N ALA A 30 -7.69 -6.32 -7.49
CA ALA A 30 -8.42 -7.50 -8.00
C ALA A 30 -9.88 -7.42 -7.60
N GLY A 31 -10.36 -6.22 -7.31
CA GLY A 31 -11.72 -6.04 -6.83
C GLY A 31 -11.74 -5.94 -5.32
N LYS A 32 -10.60 -6.23 -4.74
CA LYS A 32 -10.42 -6.17 -3.31
C LYS A 32 -9.61 -4.93 -2.93
N PRO A 33 -9.83 -4.40 -1.71
CA PRO A 33 -9.12 -3.22 -1.22
C PRO A 33 -7.62 -3.48 -1.04
N MET A 34 -6.86 -2.40 -1.00
CA MET A 34 -5.42 -2.49 -0.92
C MET A 34 -4.84 -1.32 -0.18
N ILE A 35 -3.59 -1.46 0.23
CA ILE A 35 -2.92 -0.42 0.97
C ILE A 35 -1.58 -0.11 0.32
N ILE A 36 -1.34 1.13 0.04
CA ILE A 36 -0.07 1.55 -0.53
C ILE A 36 0.83 2.11 0.56
N SER A 37 1.94 1.43 0.80
CA SER A 37 2.88 1.83 1.84
C SER A 37 4.12 2.47 1.22
N PHE A 38 4.49 3.63 1.73
CA PHE A 38 5.67 4.34 1.25
C PHE A 38 6.85 4.03 2.14
N PHE A 39 7.91 3.48 1.52
CA PHE A 39 9.11 3.12 2.26
C PHE A 39 10.35 3.42 1.41
N ALA A 40 11.51 3.44 2.07
CA ALA A 40 12.77 3.71 1.38
C ALA A 40 13.40 2.41 0.90
N THR A 41 14.28 2.50 -0.09
CA THR A 41 14.92 1.33 -0.68
C THR A 41 15.84 0.59 0.31
N ASN A 42 16.22 1.25 1.38
CA ASN A 42 17.09 0.63 2.37
C ASN A 42 16.54 0.86 3.77
N CYS A 43 15.63 -0.01 4.18
CA CYS A 43 15.02 0.07 5.51
C CYS A 43 14.33 -1.26 5.86
N LYS A 44 13.99 -1.44 7.14
CA LYS A 44 13.31 -2.67 7.58
C LYS A 44 12.47 -2.46 8.87
N PRO A 45 13.09 -2.08 10.03
CA PRO A 45 12.34 -1.93 11.32
C PRO A 45 11.41 -0.74 11.32
N CYS A 46 11.75 0.29 10.57
CA CYS A 46 10.93 1.49 10.50
C CYS A 46 9.61 1.18 9.82
N LEU A 47 9.58 0.06 9.09
CA LEU A 47 8.38 -0.36 8.40
C LEU A 47 7.46 -1.05 9.39
N ARG A 48 7.02 -0.29 10.40
CA ARG A 48 6.17 -0.82 11.46
C ARG A 48 4.88 -1.40 10.89
N GLU A 49 4.27 -0.65 9.99
CA GLU A 49 3.01 -1.05 9.36
C GLU A 49 3.19 -2.32 8.57
N LEU A 50 4.20 -2.35 7.73
CA LEU A 50 4.44 -3.48 6.87
C LEU A 50 4.73 -4.72 7.69
N LYS A 51 5.51 -4.54 8.75
CA LYS A 51 5.84 -5.63 9.64
C LYS A 51 4.60 -6.18 10.33
N ALA A 52 3.79 -5.28 10.91
CA ALA A 52 2.60 -5.67 11.63
C ALA A 52 1.59 -6.37 10.74
N ILE A 53 1.40 -5.81 9.56
CA ILE A 53 0.47 -6.38 8.62
C ILE A 53 0.97 -7.75 8.18
N GLN A 54 2.26 -7.87 7.91
CA GLN A 54 2.85 -9.14 7.48
C GLN A 54 2.61 -10.24 8.53
N GLU A 55 2.65 -9.85 9.80
CA GLU A 55 2.44 -10.78 10.91
C GLU A 55 1.00 -11.30 10.94
N VAL A 56 0.04 -10.43 10.65
CA VAL A 56 -1.38 -10.80 10.69
C VAL A 56 -2.04 -10.69 9.30
N TYR A 57 -1.24 -10.80 8.27
CA TYR A 57 -1.71 -10.64 6.89
C TYR A 57 -2.80 -11.65 6.55
N ALA A 58 -2.64 -12.86 7.02
CA ALA A 58 -3.64 -13.90 6.78
C ALA A 58 -4.97 -13.51 7.43
N ASP A 59 -4.90 -12.93 8.61
CA ASP A 59 -6.09 -12.49 9.33
C ASP A 59 -6.82 -11.38 8.57
N TRP A 60 -6.05 -10.49 7.96
CA TRP A 60 -6.62 -9.43 7.14
C TRP A 60 -7.25 -10.04 5.87
N GLN A 61 -6.60 -11.06 5.35
CA GLN A 61 -7.08 -11.77 4.17
C GLN A 61 -8.25 -12.68 4.50
N ASP A 62 -8.53 -12.83 5.79
CA ASP A 62 -9.65 -13.63 6.25
C ASP A 62 -10.94 -13.23 5.60
N GLU A 63 -11.18 -11.93 5.51
CA GLU A 63 -12.43 -11.46 4.92
C GLU A 63 -12.22 -10.21 4.08
N THR A 64 -11.40 -9.30 4.58
CA THR A 64 -11.15 -8.06 3.89
C THR A 64 -10.52 -8.32 2.51
N GLY A 65 -9.61 -9.29 2.45
CA GLY A 65 -8.94 -9.61 1.20
C GLY A 65 -8.03 -8.49 0.75
N VAL A 66 -7.60 -7.69 1.72
CA VAL A 66 -6.79 -6.52 1.45
C VAL A 66 -5.32 -6.89 1.19
N ARG A 67 -4.79 -6.46 0.07
CA ARG A 67 -3.39 -6.73 -0.24
C ARG A 67 -2.56 -5.48 -0.08
N LEU A 68 -1.26 -5.63 -0.03
CA LEU A 68 -0.37 -4.50 0.16
C LEU A 68 0.37 -4.16 -1.09
N ILE A 69 0.62 -2.88 -1.26
CA ILE A 69 1.41 -2.39 -2.34
C ILE A 69 2.59 -1.63 -1.78
N ALA A 70 3.76 -2.20 -1.96
CA ALA A 70 4.98 -1.60 -1.47
C ALA A 70 5.60 -0.74 -2.55
N VAL A 71 5.73 0.55 -2.30
CA VAL A 71 6.27 1.45 -3.28
C VAL A 71 7.54 2.13 -2.80
N SER A 72 8.54 2.12 -3.66
CA SER A 72 9.80 2.75 -3.37
C SER A 72 9.74 4.22 -3.69
N ILE A 73 10.14 5.03 -2.70
CA ILE A 73 10.15 6.49 -2.80
C ILE A 73 11.33 6.99 -3.64
N ASP A 74 12.28 6.10 -3.87
CA ASP A 74 13.45 6.43 -4.67
C ASP A 74 13.09 6.38 -6.15
N GLU A 75 14.04 6.75 -6.98
CA GLU A 75 13.83 6.73 -8.41
C GLU A 75 14.18 5.37 -9.00
N GLY A 76 13.99 5.24 -10.31
CA GLY A 76 14.23 3.98 -10.98
C GLY A 76 15.64 3.44 -10.82
N GLN A 77 16.57 4.31 -10.53
CA GLN A 77 17.96 3.92 -10.33
C GLN A 77 18.12 3.11 -9.04
N ASN A 78 17.86 3.75 -7.92
CA ASN A 78 18.00 3.12 -6.60
C ASN A 78 16.98 1.99 -6.40
N ALA A 79 15.79 2.19 -6.94
CA ALA A 79 14.68 1.27 -6.76
C ALA A 79 14.90 -0.12 -7.39
N GLN A 80 15.99 -0.31 -8.10
CA GLN A 80 16.29 -1.62 -8.67
C GLN A 80 16.52 -2.66 -7.55
N LYS A 81 16.61 -2.17 -6.33
CA LYS A 81 16.85 -3.00 -5.15
C LYS A 81 15.51 -3.43 -4.50
N VAL A 82 14.42 -2.78 -4.90
CA VAL A 82 13.10 -2.99 -4.26
C VAL A 82 12.56 -4.39 -4.43
N LYS A 83 12.56 -4.87 -5.64
CA LYS A 83 12.00 -6.17 -5.93
C LYS A 83 12.82 -7.33 -5.33
N PRO A 84 14.17 -7.29 -5.39
CA PRO A 84 14.99 -8.33 -4.74
C PRO A 84 14.73 -8.35 -3.22
N LEU A 85 14.41 -7.18 -2.64
CA LEU A 85 14.04 -7.08 -1.23
C LEU A 85 12.78 -7.85 -0.96
N ALA A 86 11.84 -7.74 -1.88
CA ALA A 86 10.55 -8.40 -1.75
C ALA A 86 10.74 -9.89 -1.53
N ASP A 87 11.57 -10.49 -2.36
CA ASP A 87 11.85 -11.92 -2.25
C ASP A 87 12.61 -12.24 -0.96
N GLY A 88 13.58 -11.40 -0.65
CA GLY A 88 14.40 -11.61 0.53
C GLY A 88 13.65 -11.44 1.85
N ASN A 89 12.69 -10.54 1.87
CA ASN A 89 11.95 -10.24 3.10
C ASN A 89 10.60 -10.95 3.12
N GLY A 90 10.32 -11.76 2.11
CA GLY A 90 9.08 -12.51 2.07
C GLY A 90 7.85 -11.64 1.94
N TRP A 91 7.91 -10.65 1.07
CA TRP A 91 6.78 -9.77 0.85
C TRP A 91 5.79 -10.42 -0.13
N GLU A 92 4.75 -11.02 0.43
CA GLU A 92 3.75 -11.75 -0.35
C GLU A 92 2.64 -10.80 -0.88
N TYR A 93 3.05 -9.67 -1.39
CA TYR A 93 2.11 -8.68 -1.91
C TYR A 93 2.69 -7.94 -3.12
N GLU A 94 1.95 -6.98 -3.63
CA GLU A 94 2.36 -6.22 -4.80
C GLU A 94 3.50 -5.28 -4.48
N VAL A 95 4.48 -5.24 -5.36
CA VAL A 95 5.62 -4.38 -5.19
C VAL A 95 5.78 -3.45 -6.40
N LEU A 96 5.94 -2.18 -6.12
CA LEU A 96 6.05 -1.15 -7.14
C LEU A 96 7.34 -0.39 -7.03
N LEU A 97 7.75 0.15 -8.13
CA LEU A 97 8.97 0.89 -8.23
C LEU A 97 8.66 2.26 -8.80
N ASP A 98 8.84 3.33 -8.02
CA ASP A 98 8.67 4.64 -8.60
C ASP A 98 9.90 4.97 -9.42
N SER A 99 9.69 5.13 -10.71
CA SER A 99 10.78 5.40 -11.62
C SER A 99 11.04 6.89 -11.71
N ASN A 100 9.99 7.66 -11.57
CA ASN A 100 10.09 9.10 -11.66
C ASN A 100 10.61 9.69 -10.37
N GLY A 101 10.17 9.11 -9.27
CA GLY A 101 10.55 9.60 -7.95
C GLY A 101 9.65 10.71 -7.53
N ASP A 102 8.55 10.90 -8.25
CA ASP A 102 7.64 11.99 -7.99
C ASP A 102 6.33 11.51 -7.40
N PHE A 103 6.15 10.19 -7.32
CA PHE A 103 4.93 9.63 -6.75
C PHE A 103 4.82 9.99 -5.27
N LYS A 104 5.96 9.95 -4.59
CA LYS A 104 6.00 10.34 -3.18
C LYS A 104 5.56 11.81 -3.03
N ARG A 105 5.93 12.64 -4.00
CA ARG A 105 5.55 14.05 -4.00
C ARG A 105 4.06 14.17 -4.29
N ALA A 106 3.60 13.36 -5.24
CA ALA A 106 2.22 13.37 -5.69
C ALA A 106 1.26 13.03 -4.56
N MET A 107 1.62 12.07 -3.72
CA MET A 107 0.76 11.71 -2.60
C MET A 107 1.09 12.56 -1.37
N ASN A 108 2.22 13.27 -1.45
CA ASN A 108 2.69 14.16 -0.40
C ASN A 108 3.02 13.41 0.88
N VAL A 109 4.22 12.87 0.92
CA VAL A 109 4.67 12.14 2.09
C VAL A 109 5.41 13.08 3.03
N SER A 110 4.79 13.39 4.16
CA SER A 110 5.41 14.26 5.14
C SER A 110 6.59 13.54 5.81
N LEU A 111 6.30 12.41 6.42
CA LEU A 111 7.31 11.59 7.04
C LEU A 111 6.96 10.13 6.84
N ILE A 112 7.95 9.33 6.49
CA ILE A 112 7.75 7.91 6.30
C ILE A 112 7.80 7.19 7.66
N PRO A 113 7.13 6.05 7.79
CA PRO A 113 6.36 5.42 6.70
C PRO A 113 5.03 6.14 6.43
N ALA A 114 4.51 5.99 5.21
CA ALA A 114 3.23 6.62 4.86
C ALA A 114 2.21 5.57 4.46
N VAL A 115 1.02 5.66 5.04
CA VAL A 115 -0.03 4.66 4.81
C VAL A 115 -1.20 5.24 4.04
N PHE A 116 -1.58 4.55 2.98
CA PHE A 116 -2.77 4.91 2.22
C PHE A 116 -3.66 3.68 2.04
N ILE A 117 -4.84 3.70 2.64
CA ILE A 117 -5.75 2.57 2.58
C ILE A 117 -6.87 2.83 1.58
N VAL A 118 -7.08 1.88 0.70
CA VAL A 118 -8.10 1.96 -0.32
C VAL A 118 -9.18 0.92 -0.05
N ASP A 119 -10.43 1.36 -0.09
CA ASP A 119 -11.58 0.48 0.14
C ASP A 119 -11.88 -0.37 -1.10
N GLY A 120 -12.69 -1.41 -0.92
CA GLY A 120 -13.06 -2.30 -2.01
C GLY A 120 -13.74 -1.59 -3.17
N ASN A 121 -14.30 -0.41 -2.91
CA ASN A 121 -14.95 0.38 -3.97
C ASN A 121 -13.92 1.02 -4.91
N GLY A 122 -12.64 0.93 -4.54
CA GLY A 122 -11.58 1.45 -5.39
C GLY A 122 -11.21 2.89 -5.11
N LYS A 123 -11.58 3.38 -3.94
CA LYS A 123 -11.27 4.76 -3.57
C LYS A 123 -10.54 4.79 -2.23
N ILE A 124 -9.70 5.79 -2.06
CA ILE A 124 -8.96 5.98 -0.80
C ILE A 124 -9.92 6.29 0.34
N VAL A 125 -9.83 5.51 1.41
CA VAL A 125 -10.70 5.70 2.55
C VAL A 125 -9.90 6.18 3.77
N TYR A 126 -8.59 6.00 3.75
CA TYR A 126 -7.76 6.42 4.87
C TYR A 126 -6.36 6.79 4.42
N ASN A 127 -5.90 7.92 4.88
CA ASN A 127 -4.56 8.39 4.59
C ASN A 127 -3.86 8.77 5.89
N HIS A 128 -2.67 8.25 6.09
CA HIS A 128 -1.92 8.53 7.30
C HIS A 128 -0.48 8.89 6.98
N THR A 129 -0.15 10.14 7.17
CA THR A 129 1.19 10.62 6.93
C THR A 129 1.75 11.22 8.21
N GLY A 130 3.00 10.88 8.53
CA GLY A 130 3.61 11.44 9.72
C GLY A 130 3.67 10.46 10.88
N TYR A 131 3.18 9.24 10.67
CA TYR A 131 3.25 8.23 11.71
C TYR A 131 4.62 7.58 11.70
N THR A 132 5.08 7.14 12.86
CA THR A 132 6.40 6.51 12.95
C THR A 132 6.29 5.12 13.57
N GLU A 133 5.56 5.03 14.68
CA GLU A 133 5.29 3.75 15.32
C GLU A 133 4.09 3.88 16.24
N GLY A 134 3.30 2.83 16.32
CA GLY A 134 2.11 2.86 17.15
C GLY A 134 0.92 3.36 16.36
N GLY A 135 1.13 3.56 15.07
CA GLY A 135 0.10 4.04 14.20
C GLY A 135 -0.65 2.90 13.55
N GLU A 136 -0.06 1.70 13.64
CA GLU A 136 -0.61 0.50 13.01
C GLU A 136 -2.01 0.19 13.55
N ALA A 137 -2.26 0.63 14.76
CA ALA A 137 -3.53 0.39 15.43
C ALA A 137 -4.67 1.03 14.65
N GLU A 138 -4.41 2.20 14.13
CA GLU A 138 -5.39 2.94 13.35
C GLU A 138 -5.69 2.20 12.06
N LEU A 139 -4.65 1.63 11.48
CA LEU A 139 -4.75 0.90 10.22
C LEU A 139 -5.67 -0.30 10.35
N ILE A 140 -5.41 -1.13 11.35
CA ILE A 140 -6.14 -2.37 11.53
C ILE A 140 -7.61 -2.07 11.88
N LYS A 141 -7.81 -1.04 12.69
CA LYS A 141 -9.13 -0.66 13.15
C LYS A 141 -10.03 -0.33 11.97
N LYS A 142 -9.56 0.58 11.12
CA LYS A 142 -10.36 1.06 10.01
C LYS A 142 -10.56 -0.03 8.93
N VAL A 143 -9.57 -0.92 8.81
CA VAL A 143 -9.67 -2.02 7.85
C VAL A 143 -10.89 -2.87 8.15
N ARG A 144 -11.08 -3.21 9.41
CA ARG A 144 -12.20 -4.04 9.79
C ARG A 144 -13.51 -3.27 9.68
N GLU A 145 -13.46 -1.96 9.99
CA GLU A 145 -14.64 -1.10 9.92
C GLU A 145 -15.28 -1.16 8.53
N LEU A 146 -14.43 -1.30 7.51
CA LEU A 146 -14.89 -1.39 6.12
C LEU A 146 -15.78 -2.63 5.97
N VAL A 147 -15.34 -3.72 6.56
CA VAL A 147 -16.08 -4.98 6.47
C VAL A 147 -17.31 -4.98 7.39
N LYS A 148 -17.08 -4.60 8.64
CA LYS A 148 -18.10 -4.66 9.68
C LYS A 148 -19.29 -3.75 9.42
N GLU A 149 -19.03 -2.51 9.04
CA GLU A 149 -20.10 -1.57 8.80
C GLU A 149 -20.21 -1.16 7.34
N GLY A 150 -19.08 -0.99 6.69
CA GLY A 150 -19.11 -0.54 5.31
C GLY A 150 -19.66 0.87 5.21
N HIS A 151 -19.29 1.71 6.18
CA HIS A 151 -19.77 3.07 6.27
C HIS A 151 -19.43 3.88 5.03
N HIS A 152 -20.35 4.70 4.62
CA HIS A 152 -20.15 5.54 3.45
C HIS A 152 -19.90 6.98 3.86
N HIS A 153 -20.75 7.51 4.74
CA HIS A 153 -20.61 8.90 5.18
C HIS A 153 -20.11 8.99 6.62
N HIS A 154 -20.48 8.03 7.45
CA HIS A 154 -20.05 8.02 8.85
C HIS A 154 -19.92 6.60 9.36
N HIS A 155 -18.86 6.34 10.11
CA HIS A 155 -18.62 5.01 10.68
C HIS A 155 -19.41 4.82 11.97
N HIS A 156 -19.76 5.93 12.61
CA HIS A 156 -20.49 5.91 13.86
C HIS A 156 -21.21 7.23 14.03
N ASN A 4 -14.55 -2.76 -10.12
CA ASN A 4 -14.05 -1.38 -10.03
C ASN A 4 -13.31 -1.13 -8.71
N THR A 5 -12.00 -0.83 -8.81
CA THR A 5 -11.15 -0.55 -7.65
C THR A 5 -9.71 -0.15 -8.10
N TYR A 6 -9.43 1.16 -8.14
CA TYR A 6 -8.10 1.67 -8.61
C TYR A 6 -7.39 2.42 -7.52
N ALA A 7 -8.04 2.46 -6.39
CA ALA A 7 -7.52 3.12 -5.20
C ALA A 7 -7.62 4.64 -5.33
N GLN A 8 -8.36 5.11 -6.35
CA GLN A 8 -8.60 6.56 -6.59
C GLN A 8 -7.25 7.31 -6.69
N LEU A 9 -6.28 6.65 -7.28
CA LEU A 9 -4.92 7.19 -7.39
C LEU A 9 -4.78 8.20 -8.53
N PRO A 10 -3.80 9.14 -8.41
CA PRO A 10 -3.50 10.12 -9.46
C PRO A 10 -2.92 9.46 -10.69
N ALA A 11 -3.03 10.11 -11.83
CA ALA A 11 -2.51 9.57 -13.07
C ALA A 11 -0.99 9.68 -13.12
N VAL A 12 -0.34 8.73 -12.50
CA VAL A 12 1.11 8.66 -12.48
C VAL A 12 1.56 7.30 -12.98
N SER A 13 2.53 7.28 -13.87
CA SER A 13 2.99 6.05 -14.45
C SER A 13 4.16 5.47 -13.63
N LEU A 14 3.88 4.44 -12.85
CA LEU A 14 4.87 3.81 -11.99
C LEU A 14 5.42 2.55 -12.62
N LYS A 15 6.39 1.95 -11.95
CA LYS A 15 7.00 0.74 -12.44
C LYS A 15 6.69 -0.40 -11.49
N ASN A 16 6.12 -1.48 -12.01
CA ASN A 16 5.71 -2.61 -11.18
C ASN A 16 6.83 -3.65 -11.03
N ILE A 17 6.49 -4.79 -10.41
CA ILE A 17 7.45 -5.87 -10.22
C ILE A 17 7.89 -6.46 -11.54
N GLU A 18 7.02 -6.39 -12.54
CA GLU A 18 7.30 -6.91 -13.87
C GLU A 18 8.36 -6.07 -14.55
N GLY A 19 8.44 -4.81 -14.15
CA GLY A 19 9.32 -3.87 -14.80
C GLY A 19 8.61 -3.19 -15.92
N LYS A 20 7.30 -3.26 -15.85
CA LYS A 20 6.43 -2.70 -16.84
C LYS A 20 5.88 -1.37 -16.37
N THR A 21 5.72 -0.45 -17.30
CA THR A 21 5.20 0.85 -16.97
C THR A 21 3.68 0.80 -16.87
N VAL A 22 3.19 0.85 -15.66
CA VAL A 22 1.76 0.81 -15.43
C VAL A 22 1.33 2.01 -14.58
N GLN A 23 0.22 2.61 -14.95
CA GLN A 23 -0.24 3.80 -14.28
C GLN A 23 -1.14 3.46 -13.10
N THR A 24 -0.96 4.19 -12.02
CA THR A 24 -1.72 3.95 -10.79
C THR A 24 -3.21 4.22 -10.95
N ASN A 25 -3.55 5.19 -11.80
CA ASN A 25 -4.94 5.54 -12.02
C ASN A 25 -5.69 4.45 -12.81
N LYS A 26 -4.94 3.52 -13.40
CA LYS A 26 -5.53 2.44 -14.18
C LYS A 26 -5.24 1.08 -13.56
N LEU A 27 -4.64 1.07 -12.40
CA LEU A 27 -4.25 -0.17 -11.77
C LEU A 27 -5.34 -0.64 -10.84
N GLU A 28 -5.86 -1.82 -11.10
CA GLU A 28 -6.93 -2.37 -10.30
C GLU A 28 -6.54 -3.67 -9.63
N ASN A 29 -7.04 -3.86 -8.44
CA ASN A 29 -6.76 -5.05 -7.65
C ASN A 29 -7.56 -6.23 -8.19
N ALA A 30 -8.87 -6.15 -8.03
CA ALA A 30 -9.81 -7.20 -8.43
C ALA A 30 -11.18 -6.88 -7.84
N GLY A 31 -11.16 -6.14 -6.75
CA GLY A 31 -12.40 -5.78 -6.06
C GLY A 31 -12.18 -5.72 -4.57
N LYS A 32 -11.00 -6.13 -4.16
CA LYS A 32 -10.64 -6.17 -2.76
C LYS A 32 -9.86 -4.92 -2.36
N PRO A 33 -9.96 -4.51 -1.08
CA PRO A 33 -9.27 -3.32 -0.56
C PRO A 33 -7.76 -3.48 -0.56
N MET A 34 -7.06 -2.37 -0.54
CA MET A 34 -5.61 -2.37 -0.59
C MET A 34 -5.02 -1.21 0.20
N ILE A 35 -3.79 -1.38 0.66
CA ILE A 35 -3.08 -0.39 1.44
C ILE A 35 -1.75 -0.11 0.79
N ILE A 36 -1.45 1.15 0.60
CA ILE A 36 -0.18 1.54 -0.02
C ILE A 36 0.82 1.93 1.05
N SER A 37 1.98 1.29 1.03
CA SER A 37 3.01 1.55 2.03
C SER A 37 4.21 2.26 1.37
N PHE A 38 4.50 3.46 1.84
CA PHE A 38 5.65 4.21 1.34
C PHE A 38 6.83 3.99 2.24
N PHE A 39 7.89 3.42 1.69
CA PHE A 39 9.07 3.12 2.46
C PHE A 39 10.32 3.31 1.61
N ALA A 40 11.46 3.30 2.25
CA ALA A 40 12.72 3.44 1.57
C ALA A 40 13.44 2.11 1.51
N THR A 41 14.16 1.87 0.44
CA THR A 41 14.87 0.61 0.28
C THR A 41 16.02 0.51 1.29
N ASN A 42 16.40 1.64 1.86
CA ASN A 42 17.49 1.69 2.82
C ASN A 42 17.01 1.36 4.25
N CYS A 43 15.82 1.83 4.60
CA CYS A 43 15.30 1.65 5.96
C CYS A 43 14.77 0.24 6.17
N LYS A 44 15.00 -0.29 7.36
CA LYS A 44 14.55 -1.62 7.71
C LYS A 44 13.59 -1.60 8.94
N PRO A 45 14.01 -1.01 10.11
CA PRO A 45 13.17 -0.96 11.32
C PRO A 45 11.95 -0.07 11.14
N CYS A 46 12.04 0.84 10.19
CA CYS A 46 10.98 1.78 9.92
C CYS A 46 9.76 1.09 9.32
N LEU A 47 9.95 -0.14 8.84
CA LEU A 47 8.86 -0.88 8.21
C LEU A 47 7.94 -1.54 9.25
N ARG A 48 7.57 -0.76 10.26
CA ARG A 48 6.68 -1.23 11.33
C ARG A 48 5.37 -1.71 10.76
N GLU A 49 4.83 -0.94 9.84
CA GLU A 49 3.57 -1.20 9.21
C GLU A 49 3.64 -2.50 8.42
N LEU A 50 4.59 -2.57 7.53
CA LEU A 50 4.73 -3.70 6.66
C LEU A 50 5.09 -4.97 7.46
N LYS A 51 5.97 -4.83 8.45
CA LYS A 51 6.39 -5.96 9.28
C LYS A 51 5.24 -6.56 10.07
N ALA A 52 4.47 -5.70 10.76
CA ALA A 52 3.36 -6.16 11.58
C ALA A 52 2.28 -6.81 10.72
N ILE A 53 1.96 -6.16 9.60
CA ILE A 53 0.98 -6.70 8.70
C ILE A 53 1.45 -8.01 8.13
N GLN A 54 2.73 -8.07 7.79
CA GLN A 54 3.33 -9.31 7.25
C GLN A 54 3.01 -10.51 8.14
N GLU A 55 3.06 -10.30 9.44
CA GLU A 55 2.80 -11.35 10.41
C GLU A 55 1.31 -11.77 10.44
N VAL A 56 0.42 -10.78 10.36
CA VAL A 56 -1.03 -11.06 10.42
C VAL A 56 -1.74 -10.84 9.07
N TYR A 57 -0.97 -10.86 8.01
CA TYR A 57 -1.48 -10.59 6.66
C TYR A 57 -2.53 -11.60 6.26
N ALA A 58 -2.31 -12.86 6.58
CA ALA A 58 -3.28 -13.91 6.30
C ALA A 58 -4.59 -13.63 7.03
N ASP A 59 -4.49 -13.11 8.26
CA ASP A 59 -5.66 -12.75 9.06
C ASP A 59 -6.46 -11.66 8.37
N TRP A 60 -5.75 -10.70 7.82
CA TRP A 60 -6.38 -9.60 7.11
C TRP A 60 -7.00 -10.09 5.81
N GLN A 61 -6.31 -11.00 5.13
CA GLN A 61 -6.81 -11.57 3.89
C GLN A 61 -7.86 -12.64 4.13
N ASP A 62 -8.06 -13.01 5.40
CA ASP A 62 -8.99 -14.06 5.76
C ASP A 62 -10.39 -13.79 5.22
N GLU A 63 -10.91 -12.60 5.44
CA GLU A 63 -12.23 -12.27 4.94
C GLU A 63 -12.24 -10.94 4.22
N THR A 64 -11.48 -10.00 4.74
CA THR A 64 -11.37 -8.68 4.16
C THR A 64 -10.74 -8.78 2.76
N GLY A 65 -9.71 -9.62 2.65
CA GLY A 65 -9.02 -9.79 1.37
C GLY A 65 -8.15 -8.59 0.98
N VAL A 66 -7.75 -7.82 1.97
CA VAL A 66 -6.95 -6.62 1.71
C VAL A 66 -5.49 -6.97 1.35
N ARG A 67 -4.94 -6.28 0.35
CA ARG A 67 -3.54 -6.48 -0.04
C ARG A 67 -2.72 -5.23 0.20
N LEU A 68 -1.43 -5.36 0.10
CA LEU A 68 -0.55 -4.23 0.31
C LEU A 68 0.18 -3.86 -0.97
N ILE A 69 0.30 -2.58 -1.19
CA ILE A 69 1.05 -2.06 -2.30
C ILE A 69 2.28 -1.37 -1.76
N ALA A 70 3.40 -2.06 -1.80
CA ALA A 70 4.62 -1.53 -1.27
C ALA A 70 5.33 -0.71 -2.32
N VAL A 71 5.46 0.57 -2.07
CA VAL A 71 6.09 1.43 -3.05
C VAL A 71 7.33 2.07 -2.48
N SER A 72 8.40 1.97 -3.22
CA SER A 72 9.64 2.54 -2.80
C SER A 72 9.76 3.97 -3.29
N ILE A 73 10.23 4.82 -2.40
CA ILE A 73 10.43 6.23 -2.69
C ILE A 73 11.68 6.42 -3.55
N ASP A 74 12.53 5.42 -3.54
CA ASP A 74 13.75 5.43 -4.33
C ASP A 74 13.41 5.26 -5.80
N GLU A 75 14.14 5.95 -6.67
CA GLU A 75 13.88 5.90 -8.10
C GLU A 75 14.21 4.53 -8.66
N GLY A 76 13.84 4.30 -9.91
CA GLY A 76 13.96 2.98 -10.53
C GLY A 76 15.33 2.35 -10.43
N GLN A 77 16.37 3.14 -10.64
CA GLN A 77 17.73 2.61 -10.58
C GLN A 77 18.08 2.07 -9.20
N ASN A 78 17.91 2.89 -8.19
CA ASN A 78 18.22 2.49 -6.81
C ASN A 78 17.20 1.48 -6.30
N ALA A 79 15.95 1.65 -6.68
CA ALA A 79 14.85 0.81 -6.24
C ALA A 79 14.95 -0.63 -6.77
N GLN A 80 15.93 -0.89 -7.61
CA GLN A 80 16.14 -2.25 -8.10
C GLN A 80 16.44 -3.21 -6.95
N LYS A 81 16.67 -2.66 -5.75
CA LYS A 81 16.96 -3.45 -4.56
C LYS A 81 15.67 -3.75 -3.76
N VAL A 82 14.57 -3.06 -4.10
CA VAL A 82 13.30 -3.24 -3.35
C VAL A 82 12.74 -4.62 -3.55
N LYS A 83 12.74 -5.06 -4.79
CA LYS A 83 12.13 -6.31 -5.15
C LYS A 83 12.94 -7.55 -4.71
N PRO A 84 14.30 -7.54 -4.77
CA PRO A 84 15.07 -8.64 -4.20
C PRO A 84 14.80 -8.74 -2.69
N LEU A 85 14.53 -7.58 -2.05
CA LEU A 85 14.11 -7.56 -0.65
C LEU A 85 12.79 -8.26 -0.51
N ALA A 86 11.91 -7.98 -1.47
CA ALA A 86 10.59 -8.56 -1.50
C ALA A 86 10.67 -10.08 -1.53
N ASP A 87 11.51 -10.59 -2.41
CA ASP A 87 11.68 -12.04 -2.55
C ASP A 87 12.37 -12.64 -1.33
N GLY A 88 13.45 -11.98 -0.89
CA GLY A 88 14.22 -12.47 0.25
C GLY A 88 13.44 -12.45 1.55
N ASN A 89 12.75 -11.36 1.80
CA ASN A 89 11.94 -11.22 2.99
C ASN A 89 10.69 -12.07 2.91
N GLY A 90 10.17 -12.22 1.71
CA GLY A 90 8.98 -13.02 1.52
C GLY A 90 7.73 -12.17 1.62
N TRP A 91 7.70 -11.07 0.89
CA TRP A 91 6.55 -10.18 0.90
C TRP A 91 5.46 -10.73 -0.03
N GLU A 92 4.27 -10.96 0.53
CA GLU A 92 3.15 -11.57 -0.21
C GLU A 92 2.25 -10.50 -0.84
N TYR A 93 2.84 -9.38 -1.24
CA TYR A 93 2.05 -8.27 -1.78
C TYR A 93 2.76 -7.65 -2.97
N GLU A 94 2.07 -6.75 -3.66
CA GLU A 94 2.64 -6.13 -4.84
C GLU A 94 3.61 -5.02 -4.47
N VAL A 95 4.75 -4.98 -5.14
CA VAL A 95 5.77 -4.00 -4.86
C VAL A 95 5.99 -3.10 -6.08
N LEU A 96 6.00 -1.81 -5.87
CA LEU A 96 6.14 -0.84 -6.94
C LEU A 96 7.34 0.03 -6.72
N LEU A 97 7.96 0.41 -7.79
CA LEU A 97 9.11 1.28 -7.76
C LEU A 97 8.72 2.58 -8.41
N ASP A 98 8.79 3.68 -7.67
CA ASP A 98 8.48 4.94 -8.32
C ASP A 98 9.73 5.47 -9.00
N SER A 99 9.66 5.53 -10.31
CA SER A 99 10.77 5.99 -11.11
C SER A 99 10.66 7.48 -11.38
N ASN A 100 9.55 8.05 -10.93
CA ASN A 100 9.26 9.44 -11.17
C ASN A 100 9.53 10.26 -9.92
N GLY A 101 8.84 9.89 -8.85
CA GLY A 101 8.89 10.63 -7.61
C GLY A 101 7.67 11.50 -7.48
N ASP A 102 6.95 11.64 -8.59
CA ASP A 102 5.73 12.43 -8.68
C ASP A 102 4.65 11.86 -7.79
N PHE A 103 4.58 10.53 -7.74
CA PHE A 103 3.58 9.83 -6.94
C PHE A 103 3.75 10.19 -5.46
N LYS A 104 5.00 10.23 -5.02
CA LYS A 104 5.34 10.63 -3.65
C LYS A 104 4.84 12.06 -3.38
N ARG A 105 5.04 12.95 -4.35
CA ARG A 105 4.63 14.33 -4.22
C ARG A 105 3.11 14.45 -4.24
N ALA A 106 2.48 13.63 -5.08
CA ALA A 106 1.03 13.58 -5.18
C ALA A 106 0.39 13.21 -3.85
N MET A 107 1.04 12.31 -3.13
CA MET A 107 0.55 11.87 -1.83
C MET A 107 1.10 12.76 -0.71
N ASN A 108 2.02 13.66 -1.07
CA ASN A 108 2.62 14.59 -0.12
C ASN A 108 3.30 13.83 1.02
N VAL A 109 4.16 12.90 0.65
CA VAL A 109 4.88 12.09 1.62
C VAL A 109 5.96 12.91 2.31
N SER A 110 5.59 13.54 3.41
CA SER A 110 6.52 14.33 4.19
C SER A 110 7.43 13.44 5.04
N LEU A 111 6.82 12.51 5.74
CA LEU A 111 7.53 11.61 6.61
C LEU A 111 7.17 10.18 6.30
N ILE A 112 8.16 9.32 6.30
CA ILE A 112 7.95 7.91 6.09
C ILE A 112 8.00 7.20 7.44
N PRO A 113 7.35 6.05 7.58
CA PRO A 113 6.55 5.44 6.52
C PRO A 113 5.17 6.11 6.36
N ALA A 114 4.68 6.14 5.14
CA ALA A 114 3.36 6.74 4.89
C ALA A 114 2.36 5.65 4.54
N VAL A 115 1.16 5.76 5.08
CA VAL A 115 0.15 4.73 4.89
C VAL A 115 -1.10 5.31 4.27
N PHE A 116 -1.58 4.65 3.24
CA PHE A 116 -2.80 5.03 2.58
C PHE A 116 -3.70 3.82 2.47
N ILE A 117 -4.88 3.89 3.09
CA ILE A 117 -5.79 2.76 3.08
C ILE A 117 -6.89 2.97 2.07
N VAL A 118 -7.13 1.96 1.27
CA VAL A 118 -8.13 1.99 0.22
C VAL A 118 -9.22 0.95 0.52
N ASP A 119 -10.48 1.37 0.38
CA ASP A 119 -11.64 0.51 0.71
C ASP A 119 -11.92 -0.49 -0.41
N GLY A 120 -13.02 -1.24 -0.25
CA GLY A 120 -13.41 -2.25 -1.22
C GLY A 120 -13.74 -1.68 -2.59
N ASN A 121 -14.32 -0.48 -2.61
CA ASN A 121 -14.68 0.18 -3.87
C ASN A 121 -13.43 0.69 -4.58
N GLY A 122 -12.35 0.73 -3.84
CA GLY A 122 -11.12 1.14 -4.42
C GLY A 122 -10.96 2.63 -4.40
N LYS A 123 -11.35 3.21 -3.29
CA LYS A 123 -11.22 4.63 -3.11
C LYS A 123 -10.37 4.90 -1.85
N ILE A 124 -9.74 6.05 -1.79
CA ILE A 124 -8.87 6.39 -0.65
C ILE A 124 -9.72 6.79 0.56
N VAL A 125 -9.50 6.13 1.69
CA VAL A 125 -10.25 6.42 2.92
C VAL A 125 -9.32 6.87 4.07
N TYR A 126 -8.09 6.38 4.08
CA TYR A 126 -7.14 6.73 5.13
C TYR A 126 -5.91 7.36 4.52
N ASN A 127 -5.56 8.52 5.01
CA ASN A 127 -4.39 9.24 4.54
C ASN A 127 -3.56 9.72 5.71
N HIS A 128 -2.41 9.11 5.89
CA HIS A 128 -1.53 9.52 6.97
C HIS A 128 -0.07 9.34 6.60
N THR A 129 0.61 10.44 6.38
CA THR A 129 2.00 10.40 6.03
C THR A 129 2.88 10.48 7.27
N GLY A 130 3.47 9.34 7.63
CA GLY A 130 4.34 9.30 8.78
C GLY A 130 3.61 9.08 10.10
N TYR A 131 3.10 7.86 10.31
CA TYR A 131 2.47 7.53 11.58
C TYR A 131 3.55 7.45 12.67
N THR A 132 4.64 6.80 12.29
CA THR A 132 5.81 6.59 13.12
C THR A 132 5.47 6.01 14.52
N GLU A 133 5.35 4.67 14.56
CA GLU A 133 5.07 3.91 15.79
C GLU A 133 3.68 4.22 16.38
N GLY A 134 2.80 3.23 16.34
CA GLY A 134 1.45 3.40 16.86
C GLY A 134 0.45 3.56 15.74
N GLY A 135 0.97 3.71 14.54
CA GLY A 135 0.15 3.85 13.37
C GLY A 135 -0.59 2.59 13.03
N GLU A 136 0.09 1.46 13.23
CA GLU A 136 -0.42 0.13 12.89
C GLU A 136 -1.80 -0.11 13.50
N ALA A 137 -2.03 0.49 14.65
CA ALA A 137 -3.25 0.30 15.40
C ALA A 137 -4.47 0.78 14.61
N GLU A 138 -4.33 1.92 13.98
CA GLU A 138 -5.41 2.49 13.21
C GLU A 138 -5.64 1.74 11.92
N LEU A 139 -4.58 1.16 11.38
CA LEU A 139 -4.68 0.40 10.15
C LEU A 139 -5.61 -0.78 10.32
N ILE A 140 -5.42 -1.55 11.39
CA ILE A 140 -6.29 -2.69 11.66
C ILE A 140 -7.71 -2.23 11.99
N LYS A 141 -7.79 -1.09 12.69
CA LYS A 141 -9.07 -0.51 13.04
C LYS A 141 -9.89 -0.22 11.80
N LYS A 142 -9.26 0.41 10.81
CA LYS A 142 -9.94 0.78 9.59
C LYS A 142 -10.16 -0.36 8.65
N VAL A 143 -9.38 -1.42 8.78
CA VAL A 143 -9.62 -2.62 8.00
C VAL A 143 -11.00 -3.14 8.35
N ARG A 144 -11.29 -3.16 9.65
CA ARG A 144 -12.59 -3.58 10.15
C ARG A 144 -13.68 -2.56 9.75
N GLU A 145 -13.34 -1.27 9.77
CA GLU A 145 -14.29 -0.23 9.39
C GLU A 145 -14.70 -0.39 7.92
N LEU A 146 -13.78 -0.90 7.09
CA LEU A 146 -14.05 -1.14 5.67
C LEU A 146 -15.19 -2.13 5.52
N VAL A 147 -15.19 -3.13 6.37
CA VAL A 147 -16.22 -4.16 6.38
C VAL A 147 -17.59 -3.55 6.72
N LYS A 148 -17.55 -2.43 7.42
CA LYS A 148 -18.76 -1.77 7.87
C LYS A 148 -19.33 -0.80 6.81
N GLU A 149 -18.62 -0.63 5.71
CA GLU A 149 -19.08 0.29 4.66
C GLU A 149 -20.03 -0.41 3.70
N GLY A 150 -19.92 -1.72 3.60
CA GLY A 150 -20.72 -2.50 2.69
C GLY A 150 -20.11 -3.84 2.41
N HIS A 151 -20.33 -4.78 3.30
CA HIS A 151 -19.69 -6.09 3.18
C HIS A 151 -20.72 -7.18 2.94
N HIS A 152 -21.12 -7.31 1.68
CA HIS A 152 -22.09 -8.30 1.23
C HIS A 152 -22.45 -7.98 -0.21
N HIS A 153 -23.27 -6.94 -0.37
CA HIS A 153 -23.67 -6.40 -1.68
C HIS A 153 -24.71 -5.31 -1.45
N HIS A 154 -25.53 -5.51 -0.43
CA HIS A 154 -26.54 -4.55 -0.05
C HIS A 154 -26.19 -3.98 1.33
N HIS A 155 -25.61 -2.79 1.35
CA HIS A 155 -25.20 -2.16 2.61
C HIS A 155 -26.38 -1.45 3.29
N HIS A 156 -27.28 -0.90 2.50
CA HIS A 156 -28.43 -0.17 3.02
C HIS A 156 -29.61 -0.33 2.08
N ASN A 4 -13.44 -1.84 -12.17
CA ASN A 4 -13.51 -0.72 -11.24
C ASN A 4 -12.77 -1.05 -9.94
N THR A 5 -12.95 -0.20 -8.94
CA THR A 5 -12.30 -0.39 -7.65
C THR A 5 -10.78 -0.26 -7.79
N TYR A 6 -10.32 0.98 -7.92
CA TYR A 6 -8.90 1.28 -8.07
C TYR A 6 -8.34 1.67 -6.72
N ALA A 7 -7.76 2.86 -6.64
CA ALA A 7 -7.20 3.36 -5.40
C ALA A 7 -7.22 4.90 -5.36
N GLN A 8 -8.00 5.52 -6.28
CA GLN A 8 -8.14 6.99 -6.37
C GLN A 8 -6.75 7.69 -6.40
N LEU A 9 -5.80 7.04 -7.01
CA LEU A 9 -4.43 7.54 -7.05
C LEU A 9 -4.23 8.55 -8.17
N PRO A 10 -3.28 9.50 -7.97
CA PRO A 10 -2.92 10.49 -8.99
C PRO A 10 -2.40 9.80 -10.24
N ALA A 11 -2.60 10.41 -11.38
CA ALA A 11 -2.19 9.82 -12.64
C ALA A 11 -0.68 9.89 -12.83
N VAL A 12 0.02 8.91 -12.27
CA VAL A 12 1.46 8.80 -12.41
C VAL A 12 1.81 7.41 -12.94
N SER A 13 2.67 7.37 -13.93
CA SER A 13 3.07 6.11 -14.52
C SER A 13 4.23 5.48 -13.76
N LEU A 14 3.94 4.47 -12.97
CA LEU A 14 4.97 3.78 -12.22
C LEU A 14 5.36 2.50 -12.93
N LYS A 15 6.33 1.80 -12.40
CA LYS A 15 6.79 0.60 -13.05
C LYS A 15 6.48 -0.64 -12.23
N ASN A 16 5.97 -1.64 -12.91
CA ASN A 16 5.63 -2.93 -12.31
C ASN A 16 6.85 -3.84 -12.29
N ILE A 17 6.80 -4.93 -11.51
CA ILE A 17 7.93 -5.87 -11.39
C ILE A 17 8.16 -6.62 -12.71
N GLU A 18 7.16 -6.59 -13.56
CA GLU A 18 7.24 -7.23 -14.87
C GLU A 18 7.93 -6.27 -15.86
N GLY A 19 8.23 -5.06 -15.40
CA GLY A 19 8.83 -4.05 -16.26
C GLY A 19 7.79 -3.36 -17.10
N LYS A 20 6.55 -3.54 -16.72
CA LYS A 20 5.43 -2.98 -17.42
C LYS A 20 5.06 -1.64 -16.83
N THR A 21 4.67 -0.71 -17.68
CA THR A 21 4.27 0.60 -17.23
C THR A 21 2.82 0.56 -16.77
N VAL A 22 2.64 0.73 -15.48
CA VAL A 22 1.33 0.73 -14.90
C VAL A 22 1.03 2.07 -14.30
N GLN A 23 -0.10 2.60 -14.67
CA GLN A 23 -0.52 3.88 -14.15
C GLN A 23 -1.32 3.66 -12.89
N THR A 24 -1.03 4.43 -11.89
CA THR A 24 -1.67 4.30 -10.61
C THR A 24 -3.16 4.64 -10.64
N ASN A 25 -3.54 5.53 -11.53
CA ASN A 25 -4.95 5.92 -11.66
C ASN A 25 -5.81 4.75 -12.20
N LYS A 26 -5.15 3.81 -12.86
CA LYS A 26 -5.83 2.65 -13.42
C LYS A 26 -5.45 1.38 -12.69
N LEU A 27 -4.82 1.53 -11.54
CA LEU A 27 -4.33 0.39 -10.79
C LEU A 27 -5.46 -0.39 -10.13
N GLU A 28 -5.80 -1.52 -10.74
CA GLU A 28 -6.78 -2.44 -10.20
C GLU A 28 -6.10 -3.75 -9.83
N ASN A 29 -5.89 -3.95 -8.55
CA ASN A 29 -5.23 -5.17 -8.06
C ASN A 29 -6.12 -6.40 -8.18
N ALA A 30 -7.38 -6.28 -7.78
CA ALA A 30 -8.32 -7.41 -7.84
C ALA A 30 -9.73 -6.98 -7.45
N GLY A 31 -10.02 -5.69 -7.56
CA GLY A 31 -11.33 -5.21 -7.15
C GLY A 31 -11.54 -5.40 -5.65
N LYS A 32 -10.45 -5.33 -4.91
CA LYS A 32 -10.45 -5.54 -3.48
C LYS A 32 -9.77 -4.39 -2.79
N PRO A 33 -10.11 -4.11 -1.52
CA PRO A 33 -9.49 -3.02 -0.76
C PRO A 33 -7.97 -3.19 -0.69
N MET A 34 -7.29 -2.08 -0.67
CA MET A 34 -5.84 -2.09 -0.76
C MET A 34 -5.23 -1.18 0.23
N ILE A 35 -3.96 -1.28 0.34
CA ILE A 35 -3.21 -0.47 1.23
C ILE A 35 -1.81 -0.27 0.65
N ILE A 36 -1.41 0.94 0.55
CA ILE A 36 -0.13 1.25 -0.03
C ILE A 36 0.87 1.56 1.06
N SER A 37 1.97 0.85 1.02
CA SER A 37 3.02 1.03 1.99
C SER A 37 4.16 1.81 1.36
N PHE A 38 4.36 3.03 1.83
CA PHE A 38 5.41 3.89 1.32
C PHE A 38 6.65 3.76 2.16
N PHE A 39 7.73 3.34 1.53
CA PHE A 39 8.98 3.17 2.23
C PHE A 39 10.16 3.51 1.32
N ALA A 40 11.34 3.61 1.90
CA ALA A 40 12.55 3.96 1.16
C ALA A 40 13.06 2.77 0.34
N THR A 41 14.28 2.86 -0.17
CA THR A 41 14.84 1.76 -0.92
C THR A 41 15.86 0.99 -0.09
N ASN A 42 16.08 1.45 1.13
CA ASN A 42 17.00 0.79 2.05
C ASN A 42 16.52 0.95 3.48
N CYS A 43 15.66 0.04 3.92
CA CYS A 43 15.13 0.10 5.28
C CYS A 43 14.33 -1.16 5.62
N LYS A 44 14.29 -1.51 6.91
CA LYS A 44 13.51 -2.65 7.39
C LYS A 44 12.96 -2.40 8.81
N PRO A 45 13.83 -2.03 9.81
CA PRO A 45 13.36 -1.71 11.18
C PRO A 45 12.41 -0.53 11.20
N CYS A 46 12.54 0.33 10.20
CA CYS A 46 11.67 1.48 10.08
C CYS A 46 10.32 1.06 9.49
N LEU A 47 10.23 -0.19 9.02
CA LEU A 47 9.00 -0.69 8.42
C LEU A 47 8.11 -1.30 9.49
N ARG A 48 7.71 -0.47 10.43
CA ARG A 48 6.80 -0.89 11.50
C ARG A 48 5.51 -1.43 10.91
N GLU A 49 5.04 -0.73 9.90
CA GLU A 49 3.80 -1.06 9.21
C GLU A 49 3.89 -2.42 8.55
N LEU A 50 4.85 -2.57 7.66
CA LEU A 50 5.01 -3.81 6.92
C LEU A 50 5.34 -4.97 7.85
N LYS A 51 6.19 -4.72 8.84
CA LYS A 51 6.56 -5.76 9.79
C LYS A 51 5.35 -6.23 10.60
N ALA A 52 4.57 -5.30 11.11
CA ALA A 52 3.39 -5.65 11.90
C ALA A 52 2.36 -6.38 11.05
N ILE A 53 2.18 -5.89 9.83
CA ILE A 53 1.24 -6.51 8.92
C ILE A 53 1.77 -7.86 8.47
N GLN A 54 3.08 -8.00 8.36
CA GLN A 54 3.70 -9.27 7.99
C GLN A 54 3.27 -10.39 8.96
N GLU A 55 2.96 -9.99 10.19
CA GLU A 55 2.51 -10.93 11.21
C GLU A 55 0.99 -11.19 11.12
N VAL A 56 0.21 -10.12 10.89
CA VAL A 56 -1.27 -10.23 10.89
C VAL A 56 -1.90 -10.11 9.50
N TYR A 57 -1.11 -10.24 8.46
CA TYR A 57 -1.59 -10.08 7.08
C TYR A 57 -2.66 -11.10 6.75
N ALA A 58 -2.47 -12.32 7.20
CA ALA A 58 -3.44 -13.39 6.98
C ALA A 58 -4.77 -13.04 7.63
N ASP A 59 -4.69 -12.40 8.79
CA ASP A 59 -5.88 -11.99 9.53
C ASP A 59 -6.68 -10.97 8.71
N TRP A 60 -5.96 -10.05 8.08
CA TRP A 60 -6.58 -9.05 7.22
C TRP A 60 -7.14 -9.69 5.93
N GLN A 61 -6.42 -10.70 5.44
CA GLN A 61 -6.80 -11.44 4.24
C GLN A 61 -7.89 -12.46 4.53
N ASP A 62 -8.23 -12.63 5.80
CA ASP A 62 -9.23 -13.61 6.22
C ASP A 62 -10.55 -13.41 5.48
N GLU A 63 -11.07 -12.19 5.45
CA GLU A 63 -12.29 -11.92 4.73
C GLU A 63 -12.22 -10.61 3.95
N THR A 64 -11.48 -9.65 4.48
CA THR A 64 -11.36 -8.36 3.84
C THR A 64 -10.72 -8.46 2.45
N GLY A 65 -9.68 -9.29 2.34
CA GLY A 65 -9.00 -9.47 1.06
C GLY A 65 -8.13 -8.27 0.69
N VAL A 66 -7.70 -7.51 1.69
CA VAL A 66 -6.88 -6.33 1.48
C VAL A 66 -5.42 -6.71 1.19
N ARG A 67 -4.82 -6.09 0.15
CA ARG A 67 -3.42 -6.41 -0.18
C ARG A 67 -2.50 -5.20 -0.04
N LEU A 68 -1.24 -5.48 0.33
CA LEU A 68 -0.21 -4.46 0.48
C LEU A 68 0.48 -4.15 -0.82
N ILE A 69 0.66 -2.88 -1.07
CA ILE A 69 1.40 -2.41 -2.20
C ILE A 69 2.67 -1.75 -1.69
N ALA A 70 3.76 -2.46 -1.77
CA ALA A 70 5.03 -1.95 -1.27
C ALA A 70 5.71 -1.11 -2.34
N VAL A 71 5.65 0.19 -2.18
CA VAL A 71 6.20 1.09 -3.17
C VAL A 71 7.37 1.89 -2.63
N SER A 72 8.47 1.85 -3.35
CA SER A 72 9.62 2.60 -3.01
C SER A 72 9.55 3.97 -3.66
N ILE A 73 9.95 4.97 -2.89
CA ILE A 73 9.80 6.37 -3.25
C ILE A 73 11.02 6.95 -4.00
N ASP A 74 12.06 6.15 -4.15
CA ASP A 74 13.26 6.59 -4.87
C ASP A 74 13.09 6.35 -6.35
N GLU A 75 14.07 6.77 -7.14
CA GLU A 75 14.02 6.56 -8.57
C GLU A 75 14.38 5.12 -8.92
N GLY A 76 14.29 4.78 -10.19
CA GLY A 76 14.52 3.42 -10.64
C GLY A 76 15.91 2.91 -10.33
N GLN A 77 16.91 3.80 -10.38
CA GLN A 77 18.29 3.42 -10.09
C GLN A 77 18.41 2.85 -8.68
N ASN A 78 17.96 3.63 -7.71
CA ASN A 78 17.99 3.21 -6.32
C ASN A 78 17.03 2.06 -6.07
N ALA A 79 15.89 2.12 -6.74
CA ALA A 79 14.83 1.14 -6.55
C ALA A 79 15.15 -0.24 -7.12
N GLN A 80 16.29 -0.38 -7.79
CA GLN A 80 16.72 -1.67 -8.30
C GLN A 80 16.93 -2.67 -7.15
N LYS A 81 17.09 -2.14 -5.94
CA LYS A 81 17.34 -2.94 -4.76
C LYS A 81 16.01 -3.36 -4.06
N VAL A 82 14.90 -2.76 -4.48
CA VAL A 82 13.60 -2.99 -3.84
C VAL A 82 13.12 -4.41 -3.97
N LYS A 83 13.21 -4.93 -5.17
CA LYS A 83 12.69 -6.24 -5.45
C LYS A 83 13.56 -7.38 -4.88
N PRO A 84 14.92 -7.27 -4.90
CA PRO A 84 15.75 -8.26 -4.23
C PRO A 84 15.44 -8.29 -2.73
N LEU A 85 15.08 -7.13 -2.17
CA LEU A 85 14.64 -7.05 -0.78
C LEU A 85 13.36 -7.81 -0.61
N ALA A 86 12.48 -7.65 -1.59
CA ALA A 86 11.19 -8.31 -1.59
C ALA A 86 11.35 -9.82 -1.50
N ASP A 87 12.20 -10.35 -2.37
CA ASP A 87 12.46 -11.80 -2.38
C ASP A 87 13.21 -12.25 -1.14
N GLY A 88 14.22 -11.48 -0.77
CA GLY A 88 15.05 -11.83 0.38
C GLY A 88 14.28 -11.83 1.68
N ASN A 89 13.40 -10.87 1.84
CA ASN A 89 12.60 -10.76 3.05
C ASN A 89 11.42 -11.73 3.04
N GLY A 90 10.88 -11.98 1.84
CA GLY A 90 9.75 -12.87 1.72
C GLY A 90 8.42 -12.14 1.79
N TRP A 91 8.33 -11.04 1.07
CA TRP A 91 7.12 -10.22 1.07
C TRP A 91 6.07 -10.79 0.09
N GLU A 92 4.94 -11.26 0.64
CA GLU A 92 3.85 -11.86 -0.16
C GLU A 92 2.89 -10.78 -0.67
N TYR A 93 3.42 -9.65 -1.05
CA TYR A 93 2.57 -8.53 -1.48
C TYR A 93 3.09 -7.98 -2.79
N GLU A 94 2.29 -7.16 -3.44
CA GLU A 94 2.72 -6.58 -4.69
C GLU A 94 3.67 -5.43 -4.43
N VAL A 95 4.87 -5.60 -4.89
CA VAL A 95 5.91 -4.63 -4.70
C VAL A 95 6.04 -3.77 -5.95
N LEU A 96 6.09 -2.48 -5.76
CA LEU A 96 6.06 -1.54 -6.86
C LEU A 96 7.40 -0.87 -7.04
N LEU A 97 7.59 -0.28 -8.18
CA LEU A 97 8.81 0.44 -8.49
C LEU A 97 8.48 1.85 -8.95
N ASP A 98 8.59 2.87 -8.07
CA ASP A 98 8.42 4.22 -8.58
C ASP A 98 9.68 4.60 -9.34
N SER A 99 9.55 4.85 -10.62
CA SER A 99 10.68 5.19 -11.45
C SER A 99 10.80 6.68 -11.63
N ASN A 100 9.84 7.41 -11.11
CA ASN A 100 9.79 8.84 -11.24
C ASN A 100 10.28 9.48 -9.95
N GLY A 101 9.83 8.91 -8.84
CA GLY A 101 10.16 9.45 -7.54
C GLY A 101 9.23 10.59 -7.19
N ASP A 102 8.25 10.81 -8.05
CA ASP A 102 7.31 11.90 -7.89
C ASP A 102 6.02 11.43 -7.24
N PHE A 103 5.82 10.12 -7.20
CA PHE A 103 4.61 9.56 -6.64
C PHE A 103 4.50 9.87 -5.15
N LYS A 104 5.63 9.82 -4.44
CA LYS A 104 5.66 10.20 -3.03
C LYS A 104 5.11 11.63 -2.84
N ARG A 105 5.54 12.56 -3.70
CA ARG A 105 5.10 13.94 -3.63
C ARG A 105 3.62 14.03 -3.92
N ALA A 106 3.21 13.28 -4.94
CA ALA A 106 1.83 13.25 -5.38
C ALA A 106 0.91 12.74 -4.27
N MET A 107 1.39 11.76 -3.52
CA MET A 107 0.63 11.19 -2.41
C MET A 107 0.83 11.99 -1.13
N ASN A 108 1.70 12.99 -1.19
CA ASN A 108 1.95 13.89 -0.06
C ASN A 108 2.68 13.19 1.07
N VAL A 109 3.58 12.29 0.70
CA VAL A 109 4.35 11.54 1.69
C VAL A 109 5.41 12.43 2.34
N SER A 110 5.00 13.09 3.42
CA SER A 110 5.88 13.95 4.17
C SER A 110 6.87 13.13 5.00
N LEU A 111 6.35 12.10 5.66
CA LEU A 111 7.15 11.24 6.51
C LEU A 111 6.78 9.79 6.24
N ILE A 112 7.76 8.90 6.42
CA ILE A 112 7.52 7.48 6.27
C ILE A 112 7.50 6.81 7.65
N PRO A 113 6.82 5.66 7.80
CA PRO A 113 6.10 4.99 6.70
C PRO A 113 4.76 5.66 6.42
N ALA A 114 4.38 5.74 5.17
CA ALA A 114 3.09 6.34 4.83
C ALA A 114 2.12 5.27 4.42
N VAL A 115 0.92 5.32 4.98
CA VAL A 115 -0.09 4.31 4.74
C VAL A 115 -1.30 4.91 4.06
N PHE A 116 -1.71 4.29 2.98
CA PHE A 116 -2.91 4.69 2.27
C PHE A 116 -3.84 3.50 2.14
N ILE A 117 -5.00 3.59 2.76
CA ILE A 117 -5.96 2.50 2.72
C ILE A 117 -7.06 2.79 1.72
N VAL A 118 -7.31 1.82 0.88
CA VAL A 118 -8.29 1.90 -0.17
C VAL A 118 -9.52 1.09 0.23
N ASP A 119 -10.68 1.71 0.10
CA ASP A 119 -11.95 1.08 0.48
C ASP A 119 -12.50 0.18 -0.61
N GLY A 120 -13.69 -0.35 -0.37
CA GLY A 120 -14.32 -1.25 -1.33
C GLY A 120 -14.95 -0.53 -2.51
N ASN A 121 -14.69 0.75 -2.62
CA ASN A 121 -15.18 1.55 -3.71
C ASN A 121 -14.01 1.99 -4.60
N GLY A 122 -12.81 1.58 -4.19
CA GLY A 122 -11.62 1.92 -4.93
C GLY A 122 -11.16 3.33 -4.68
N LYS A 123 -11.55 3.87 -3.53
CA LYS A 123 -11.20 5.22 -3.15
C LYS A 123 -10.32 5.21 -1.91
N ILE A 124 -9.65 6.31 -1.66
CA ILE A 124 -8.77 6.43 -0.52
C ILE A 124 -9.57 6.80 0.72
N VAL A 125 -9.81 5.82 1.56
CA VAL A 125 -10.58 6.00 2.77
C VAL A 125 -9.72 6.51 3.93
N TYR A 126 -8.48 6.04 3.99
CA TYR A 126 -7.58 6.44 5.07
C TYR A 126 -6.20 6.74 4.54
N ASN A 127 -5.64 7.84 4.96
CA ASN A 127 -4.30 8.21 4.57
C ASN A 127 -3.54 8.83 5.73
N HIS A 128 -2.41 8.27 6.04
CA HIS A 128 -1.59 8.76 7.13
C HIS A 128 -0.12 8.68 6.75
N THR A 129 0.53 9.81 6.65
CA THR A 129 1.92 9.83 6.27
C THR A 129 2.84 9.91 7.48
N GLY A 130 3.53 8.81 7.76
CA GLY A 130 4.47 8.77 8.85
C GLY A 130 3.84 8.78 10.21
N TYR A 131 3.08 7.74 10.53
CA TYR A 131 2.48 7.63 11.86
C TYR A 131 3.58 7.51 12.91
N THR A 132 4.58 6.72 12.57
CA THR A 132 5.76 6.49 13.39
C THR A 132 5.40 5.95 14.80
N GLU A 133 5.11 4.64 14.83
CA GLU A 133 4.78 3.89 16.06
C GLU A 133 3.40 4.26 16.62
N GLY A 134 2.48 3.29 16.58
CA GLY A 134 1.13 3.52 17.09
C GLY A 134 0.16 3.89 15.99
N GLY A 135 0.59 3.68 14.77
CA GLY A 135 -0.21 4.01 13.63
C GLY A 135 -1.06 2.87 13.16
N GLU A 136 -0.50 1.67 13.24
CA GLU A 136 -1.15 0.43 12.77
C GLU A 136 -2.46 0.17 13.49
N ALA A 137 -2.64 0.80 14.65
CA ALA A 137 -3.86 0.64 15.42
C ALA A 137 -5.04 1.21 14.66
N GLU A 138 -4.82 2.35 14.05
CA GLU A 138 -5.83 3.02 13.28
C GLU A 138 -6.10 2.27 11.98
N LEU A 139 -5.04 1.67 11.44
CA LEU A 139 -5.14 0.91 10.20
C LEU A 139 -6.10 -0.26 10.33
N ILE A 140 -5.91 -1.05 11.39
CA ILE A 140 -6.74 -2.22 11.61
C ILE A 140 -8.18 -1.81 11.92
N LYS A 141 -8.33 -0.75 12.68
CA LYS A 141 -9.64 -0.24 13.03
C LYS A 141 -10.41 0.15 11.76
N LYS A 142 -9.75 0.90 10.89
CA LYS A 142 -10.39 1.37 9.66
C LYS A 142 -10.73 0.20 8.72
N VAL A 143 -9.87 -0.83 8.72
CA VAL A 143 -10.09 -2.02 7.88
C VAL A 143 -11.41 -2.67 8.26
N ARG A 144 -11.63 -2.79 9.55
CA ARG A 144 -12.84 -3.43 10.04
C ARG A 144 -14.05 -2.53 9.80
N GLU A 145 -13.80 -1.22 9.67
CA GLU A 145 -14.86 -0.27 9.34
C GLU A 145 -15.43 -0.60 7.97
N LEU A 146 -14.55 -1.00 7.06
CA LEU A 146 -14.95 -1.40 5.71
C LEU A 146 -15.85 -2.63 5.75
N VAL A 147 -15.50 -3.57 6.61
CA VAL A 147 -16.26 -4.80 6.79
C VAL A 147 -17.64 -4.48 7.40
N LYS A 148 -17.64 -3.58 8.38
CA LYS A 148 -18.85 -3.18 9.10
C LYS A 148 -19.90 -2.53 8.17
N GLU A 149 -19.52 -2.29 6.90
CA GLU A 149 -20.44 -1.72 5.93
C GLU A 149 -21.66 -2.61 5.77
N GLY A 150 -21.42 -3.92 5.82
CA GLY A 150 -22.50 -4.86 5.71
C GLY A 150 -22.06 -6.16 5.09
N HIS A 151 -22.99 -7.06 4.91
CA HIS A 151 -22.70 -8.34 4.28
C HIS A 151 -23.25 -8.36 2.87
N HIS A 152 -22.56 -9.06 1.99
CA HIS A 152 -22.97 -9.11 0.58
C HIS A 152 -24.32 -9.76 0.42
N HIS A 153 -24.54 -10.81 1.20
CA HIS A 153 -25.81 -11.51 1.19
C HIS A 153 -26.38 -11.50 2.59
N HIS A 154 -27.59 -10.93 2.75
CA HIS A 154 -28.29 -10.80 4.05
C HIS A 154 -27.38 -10.18 5.13
N HIS A 155 -27.83 -10.21 6.37
CA HIS A 155 -27.03 -9.69 7.46
C HIS A 155 -27.03 -10.68 8.61
N HIS A 156 -25.84 -11.13 9.00
CA HIS A 156 -25.67 -12.08 10.11
C HIS A 156 -26.37 -11.57 11.36
N ASN A 4 -14.12 1.64 -11.74
CA ASN A 4 -13.86 0.33 -11.16
C ASN A 4 -13.14 0.44 -9.83
N THR A 5 -12.71 -0.69 -9.29
CA THR A 5 -12.06 -0.73 -8.00
C THR A 5 -10.54 -0.44 -8.11
N TYR A 6 -10.19 0.84 -8.11
CA TYR A 6 -8.79 1.24 -8.15
C TYR A 6 -8.36 1.66 -6.77
N ALA A 7 -7.68 2.77 -6.71
CA ALA A 7 -7.25 3.32 -5.46
C ALA A 7 -7.45 4.82 -5.44
N GLN A 8 -7.91 5.39 -6.56
CA GLN A 8 -8.06 6.84 -6.72
C GLN A 8 -6.76 7.55 -6.41
N LEU A 9 -5.83 7.45 -7.34
CA LEU A 9 -4.51 7.99 -7.17
C LEU A 9 -4.20 8.97 -8.29
N PRO A 10 -3.18 9.84 -8.11
CA PRO A 10 -2.76 10.77 -9.16
C PRO A 10 -2.29 10.00 -10.38
N ALA A 11 -2.47 10.58 -11.55
CA ALA A 11 -2.08 9.91 -12.78
C ALA A 11 -0.56 9.90 -12.95
N VAL A 12 0.07 8.96 -12.26
CA VAL A 12 1.50 8.80 -12.33
C VAL A 12 1.82 7.39 -12.79
N SER A 13 2.74 7.28 -13.73
CA SER A 13 3.11 6.00 -14.25
C SER A 13 4.30 5.44 -13.48
N LEU A 14 4.06 4.36 -12.77
CA LEU A 14 5.10 3.70 -12.01
C LEU A 14 5.41 2.35 -12.65
N LYS A 15 6.38 1.66 -12.11
CA LYS A 15 6.75 0.37 -12.65
C LYS A 15 6.39 -0.76 -11.72
N ASN A 16 5.81 -1.79 -12.30
CA ASN A 16 5.43 -2.99 -11.58
C ASN A 16 6.68 -3.83 -11.28
N ILE A 17 6.51 -4.94 -10.57
CA ILE A 17 7.65 -5.81 -10.24
C ILE A 17 8.42 -6.26 -11.48
N GLU A 18 7.69 -6.59 -12.53
CA GLU A 18 8.29 -7.07 -13.77
C GLU A 18 8.81 -5.93 -14.65
N GLY A 19 8.49 -4.69 -14.26
CA GLY A 19 8.87 -3.56 -15.09
C GLY A 19 7.76 -3.16 -16.02
N LYS A 20 6.55 -3.59 -15.68
CA LYS A 20 5.38 -3.29 -16.50
C LYS A 20 4.95 -1.87 -16.21
N THR A 21 4.54 -1.18 -17.24
CA THR A 21 4.11 0.17 -17.10
C THR A 21 2.70 0.23 -16.54
N VAL A 22 2.60 0.64 -15.30
CA VAL A 22 1.33 0.72 -14.64
C VAL A 22 1.08 2.10 -14.09
N GLN A 23 -0.09 2.60 -14.33
CA GLN A 23 -0.45 3.90 -13.83
C GLN A 23 -1.29 3.73 -12.60
N THR A 24 -0.99 4.50 -11.59
CA THR A 24 -1.68 4.41 -10.32
C THR A 24 -3.15 4.81 -10.43
N ASN A 25 -3.46 5.69 -11.36
CA ASN A 25 -4.84 6.13 -11.57
C ASN A 25 -5.69 5.02 -12.23
N LYS A 26 -5.01 3.99 -12.74
CA LYS A 26 -5.69 2.88 -13.39
C LYS A 26 -5.30 1.55 -12.76
N LEU A 27 -4.70 1.62 -11.60
CA LEU A 27 -4.21 0.43 -10.94
C LEU A 27 -5.35 -0.37 -10.34
N GLU A 28 -5.43 -1.62 -10.72
CA GLU A 28 -6.45 -2.51 -10.24
C GLU A 28 -5.83 -3.85 -9.89
N ASN A 29 -6.27 -4.44 -8.82
CA ASN A 29 -5.74 -5.71 -8.36
C ASN A 29 -6.65 -6.86 -8.73
N ALA A 30 -7.94 -6.70 -8.43
CA ALA A 30 -8.95 -7.76 -8.62
C ALA A 30 -10.26 -7.38 -7.93
N GLY A 31 -10.56 -6.08 -7.88
CA GLY A 31 -11.76 -5.64 -7.22
C GLY A 31 -11.67 -5.79 -5.72
N LYS A 32 -10.48 -5.55 -5.20
CA LYS A 32 -10.21 -5.75 -3.77
C LYS A 32 -9.56 -4.52 -3.16
N PRO A 33 -9.79 -4.27 -1.85
CA PRO A 33 -9.20 -3.13 -1.13
C PRO A 33 -7.67 -3.22 -1.11
N MET A 34 -7.03 -2.07 -1.04
CA MET A 34 -5.58 -2.01 -1.18
C MET A 34 -4.95 -1.17 -0.08
N ILE A 35 -3.72 -1.47 0.26
CA ILE A 35 -2.97 -0.66 1.20
C ILE A 35 -1.62 -0.34 0.59
N ILE A 36 -1.36 0.92 0.38
CA ILE A 36 -0.08 1.34 -0.17
C ILE A 36 0.87 1.68 0.95
N SER A 37 2.01 1.03 0.96
CA SER A 37 3.00 1.29 1.97
C SER A 37 4.22 1.94 1.35
N PHE A 38 4.50 3.16 1.78
CA PHE A 38 5.69 3.85 1.33
C PHE A 38 6.81 3.50 2.25
N PHE A 39 7.76 2.75 1.74
CA PHE A 39 8.84 2.29 2.55
C PHE A 39 10.17 2.71 1.98
N ALA A 40 11.15 2.82 2.83
CA ALA A 40 12.46 3.22 2.43
C ALA A 40 13.26 2.05 1.91
N THR A 41 14.18 2.35 1.04
CA THR A 41 15.00 1.35 0.41
C THR A 41 15.97 0.70 1.42
N ASN A 42 15.55 -0.46 1.98
CA ASN A 42 16.35 -1.29 2.94
C ASN A 42 17.04 -0.47 4.03
N CYS A 43 16.38 0.59 4.48
CA CYS A 43 16.95 1.47 5.50
C CYS A 43 16.88 0.86 6.90
N LYS A 44 15.73 0.97 7.54
CA LYS A 44 15.55 0.47 8.89
C LYS A 44 14.15 -0.12 9.07
N PRO A 45 13.97 -1.00 10.08
CA PRO A 45 12.66 -1.60 10.45
C PRO A 45 11.65 -0.57 10.96
N CYS A 46 11.56 0.55 10.28
CA CYS A 46 10.56 1.54 10.56
C CYS A 46 9.27 1.08 9.90
N LEU A 47 9.38 -0.02 9.15
CA LEU A 47 8.25 -0.65 8.46
C LEU A 47 7.41 -1.40 9.49
N ARG A 48 6.95 -0.68 10.47
CA ARG A 48 6.19 -1.24 11.57
C ARG A 48 4.86 -1.80 11.07
N GLU A 49 4.26 -1.09 10.14
CA GLU A 49 2.99 -1.48 9.57
C GLU A 49 3.12 -2.79 8.80
N LEU A 50 4.13 -2.86 7.95
CA LEU A 50 4.39 -4.04 7.15
C LEU A 50 4.73 -5.24 8.03
N LYS A 51 5.54 -5.01 9.04
CA LYS A 51 5.93 -6.06 9.97
C LYS A 51 4.73 -6.60 10.72
N ALA A 52 3.89 -5.69 11.22
CA ALA A 52 2.69 -6.09 11.95
C ALA A 52 1.77 -6.88 11.06
N ILE A 53 1.65 -6.45 9.82
CA ILE A 53 0.81 -7.14 8.86
C ILE A 53 1.34 -8.53 8.56
N GLN A 54 2.65 -8.69 8.42
CA GLN A 54 3.20 -10.04 8.17
C GLN A 54 2.76 -11.02 9.27
N GLU A 55 2.55 -10.52 10.46
CA GLU A 55 2.13 -11.34 11.59
C GLU A 55 0.62 -11.64 11.54
N VAL A 56 -0.16 -10.71 11.01
CA VAL A 56 -1.63 -10.88 10.95
C VAL A 56 -2.20 -10.80 9.52
N TYR A 57 -1.37 -11.07 8.54
CA TYR A 57 -1.78 -10.97 7.13
C TYR A 57 -2.90 -11.95 6.81
N ALA A 58 -2.77 -13.17 7.33
CA ALA A 58 -3.81 -14.18 7.15
C ALA A 58 -5.10 -13.73 7.84
N ASP A 59 -4.94 -13.06 8.97
CA ASP A 59 -6.06 -12.55 9.74
C ASP A 59 -6.80 -11.47 8.94
N TRP A 60 -6.04 -10.59 8.30
CA TRP A 60 -6.60 -9.53 7.46
C TRP A 60 -7.21 -10.11 6.18
N GLN A 61 -6.54 -11.12 5.63
CA GLN A 61 -7.01 -11.82 4.44
C GLN A 61 -8.11 -12.82 4.75
N ASP A 62 -8.39 -13.01 6.05
CA ASP A 62 -9.41 -13.96 6.50
C ASP A 62 -10.74 -13.68 5.82
N GLU A 63 -11.16 -12.43 5.83
CA GLU A 63 -12.38 -12.03 5.16
C GLU A 63 -12.38 -10.53 4.93
N THR A 64 -11.58 -10.11 3.98
CA THR A 64 -11.47 -8.71 3.58
C THR A 64 -10.90 -8.62 2.17
N GLY A 65 -9.89 -9.45 1.91
CA GLY A 65 -9.27 -9.47 0.60
C GLY A 65 -8.43 -8.25 0.32
N VAL A 66 -7.84 -7.71 1.38
CA VAL A 66 -7.02 -6.52 1.24
C VAL A 66 -5.55 -6.89 1.02
N ARG A 67 -4.98 -6.42 -0.09
CA ARG A 67 -3.59 -6.71 -0.40
C ARG A 67 -2.73 -5.49 -0.18
N LEU A 68 -1.43 -5.71 -0.11
CA LEU A 68 -0.50 -4.63 0.14
C LEU A 68 0.24 -4.23 -1.13
N ILE A 69 0.32 -2.94 -1.34
CA ILE A 69 1.07 -2.41 -2.44
C ILE A 69 2.30 -1.72 -1.88
N ALA A 70 3.44 -2.30 -2.10
CA ALA A 70 4.67 -1.75 -1.57
C ALA A 70 5.35 -0.90 -2.63
N VAL A 71 5.61 0.36 -2.30
CA VAL A 71 6.23 1.26 -3.24
C VAL A 71 7.52 1.86 -2.67
N SER A 72 8.56 1.80 -3.48
CA SER A 72 9.83 2.35 -3.13
C SER A 72 9.86 3.83 -3.41
N ILE A 73 10.38 4.57 -2.43
CA ILE A 73 10.50 6.01 -2.48
C ILE A 73 11.70 6.45 -3.32
N ASP A 74 12.58 5.52 -3.61
CA ASP A 74 13.78 5.83 -4.41
C ASP A 74 13.41 5.98 -5.86
N GLU A 75 14.39 6.29 -6.68
CA GLU A 75 14.16 6.41 -8.12
C GLU A 75 14.49 5.12 -8.81
N GLY A 76 14.32 5.08 -10.13
CA GLY A 76 14.54 3.86 -10.88
C GLY A 76 15.93 3.31 -10.77
N GLN A 77 16.91 4.19 -10.63
CA GLN A 77 18.30 3.77 -10.54
C GLN A 77 18.56 2.92 -9.29
N ASN A 78 18.09 3.37 -8.15
CA ASN A 78 18.35 2.69 -6.88
C ASN A 78 17.29 1.63 -6.57
N ALA A 79 16.09 1.87 -7.04
CA ALA A 79 14.95 1.01 -6.73
C ALA A 79 15.04 -0.37 -7.40
N GLN A 80 16.06 -0.59 -8.21
CA GLN A 80 16.22 -1.89 -8.86
C GLN A 80 16.38 -3.02 -7.80
N LYS A 81 16.81 -2.65 -6.59
CA LYS A 81 16.99 -3.62 -5.50
C LYS A 81 15.72 -3.79 -4.66
N VAL A 82 14.66 -3.07 -4.99
CA VAL A 82 13.40 -3.15 -4.23
C VAL A 82 12.74 -4.50 -4.32
N LYS A 83 12.67 -4.99 -5.52
CA LYS A 83 12.01 -6.24 -5.78
C LYS A 83 12.74 -7.45 -5.17
N PRO A 84 14.10 -7.53 -5.26
CA PRO A 84 14.82 -8.61 -4.60
C PRO A 84 14.63 -8.56 -3.08
N LEU A 85 14.43 -7.33 -2.54
CA LEU A 85 14.12 -7.16 -1.11
C LEU A 85 12.82 -7.84 -0.80
N ALA A 86 11.86 -7.68 -1.69
CA ALA A 86 10.55 -8.25 -1.54
C ALA A 86 10.63 -9.76 -1.44
N ASP A 87 11.46 -10.35 -2.28
CA ASP A 87 11.65 -11.80 -2.28
C ASP A 87 12.39 -12.25 -1.02
N GLY A 88 13.46 -11.54 -0.69
CA GLY A 88 14.29 -11.88 0.46
C GLY A 88 13.58 -11.75 1.80
N ASN A 89 12.72 -10.75 1.94
CA ASN A 89 12.04 -10.50 3.21
C ASN A 89 10.69 -11.20 3.27
N GLY A 90 10.38 -11.98 2.25
CA GLY A 90 9.13 -12.72 2.24
C GLY A 90 7.91 -11.82 2.13
N TRP A 91 8.00 -10.80 1.29
CA TRP A 91 6.88 -9.91 1.08
C TRP A 91 5.99 -10.46 -0.04
N GLU A 92 4.95 -11.20 0.33
CA GLU A 92 4.07 -11.81 -0.65
C GLU A 92 2.96 -10.85 -1.08
N TYR A 93 3.36 -9.72 -1.63
CA TYR A 93 2.41 -8.71 -2.08
C TYR A 93 2.85 -8.17 -3.43
N GLU A 94 2.17 -7.14 -3.89
CA GLU A 94 2.54 -6.49 -5.12
C GLU A 94 3.48 -5.33 -4.82
N VAL A 95 4.54 -5.24 -5.57
CA VAL A 95 5.55 -4.22 -5.33
C VAL A 95 5.70 -3.31 -6.54
N LEU A 96 5.71 -2.04 -6.26
CA LEU A 96 5.78 -1.00 -7.28
C LEU A 96 7.01 -0.15 -7.07
N LEU A 97 7.48 0.39 -8.14
CA LEU A 97 8.68 1.18 -8.13
C LEU A 97 8.39 2.58 -8.62
N ASP A 98 8.60 3.59 -7.76
CA ASP A 98 8.45 4.97 -8.22
C ASP A 98 9.71 5.42 -8.95
N SER A 99 9.58 5.72 -10.22
CA SER A 99 10.72 6.14 -11.01
C SER A 99 10.59 7.60 -11.44
N ASN A 100 9.41 8.15 -11.24
CA ASN A 100 9.15 9.55 -11.56
C ASN A 100 9.57 10.45 -10.43
N GLY A 101 9.26 10.02 -9.21
CA GLY A 101 9.63 10.78 -8.05
C GLY A 101 8.53 11.69 -7.58
N ASP A 102 7.57 11.96 -8.44
CA ASP A 102 6.49 12.86 -8.09
C ASP A 102 5.30 12.13 -7.49
N PHE A 103 5.30 10.79 -7.52
CA PHE A 103 4.19 10.05 -6.91
C PHE A 103 4.15 10.30 -5.41
N LYS A 104 5.30 10.16 -4.77
CA LYS A 104 5.42 10.46 -3.35
C LYS A 104 5.13 11.95 -3.07
N ARG A 105 5.53 12.82 -4.00
CA ARG A 105 5.31 14.25 -3.84
C ARG A 105 3.82 14.56 -3.92
N ALA A 106 3.16 13.91 -4.87
CA ALA A 106 1.72 14.06 -5.08
C ALA A 106 0.95 13.50 -3.90
N MET A 107 1.46 12.41 -3.34
CA MET A 107 0.84 11.77 -2.18
C MET A 107 1.16 12.52 -0.90
N ASN A 108 2.07 13.51 -1.00
CA ASN A 108 2.44 14.37 0.14
C ASN A 108 3.14 13.56 1.24
N VAL A 109 4.04 12.69 0.83
CA VAL A 109 4.78 11.86 1.77
C VAL A 109 5.88 12.70 2.45
N SER A 110 5.59 13.17 3.64
CA SER A 110 6.52 13.98 4.40
C SER A 110 7.48 13.09 5.19
N LEU A 111 6.96 12.38 6.18
CA LEU A 111 7.76 11.50 7.00
C LEU A 111 7.46 10.06 6.65
N ILE A 112 8.49 9.30 6.41
CA ILE A 112 8.34 7.89 6.12
C ILE A 112 8.28 7.12 7.43
N PRO A 113 7.54 6.01 7.49
CA PRO A 113 6.78 5.47 6.36
C PRO A 113 5.40 6.15 6.18
N ALA A 114 4.77 5.92 5.04
CA ALA A 114 3.45 6.50 4.76
C ALA A 114 2.45 5.40 4.38
N VAL A 115 1.19 5.57 4.80
CA VAL A 115 0.17 4.55 4.57
C VAL A 115 -1.07 5.13 3.88
N PHE A 116 -1.51 4.46 2.84
CA PHE A 116 -2.76 4.79 2.16
C PHE A 116 -3.64 3.55 2.09
N ILE A 117 -4.86 3.66 2.60
CA ILE A 117 -5.76 2.52 2.58
C ILE A 117 -6.91 2.76 1.61
N VAL A 118 -7.11 1.79 0.75
CA VAL A 118 -8.12 1.86 -0.28
C VAL A 118 -9.33 1.03 0.09
N ASP A 119 -10.50 1.65 0.02
CA ASP A 119 -11.77 1.02 0.32
C ASP A 119 -12.20 0.09 -0.80
N GLY A 120 -13.15 -0.82 -0.51
CA GLY A 120 -13.64 -1.76 -1.50
C GLY A 120 -14.24 -1.09 -2.73
N ASN A 121 -14.65 0.17 -2.57
CA ASN A 121 -15.20 0.94 -3.67
C ASN A 121 -14.11 1.30 -4.70
N GLY A 122 -12.85 1.22 -4.27
CA GLY A 122 -11.75 1.54 -5.15
C GLY A 122 -11.31 2.98 -5.01
N LYS A 123 -11.46 3.50 -3.81
CA LYS A 123 -11.08 4.87 -3.52
C LYS A 123 -10.32 4.90 -2.21
N ILE A 124 -9.47 5.90 -2.01
CA ILE A 124 -8.72 6.03 -0.77
C ILE A 124 -9.66 6.42 0.37
N VAL A 125 -9.67 5.62 1.43
CA VAL A 125 -10.52 5.88 2.59
C VAL A 125 -9.69 6.41 3.76
N TYR A 126 -8.43 6.01 3.83
CA TYR A 126 -7.53 6.45 4.87
C TYR A 126 -6.21 6.87 4.27
N ASN A 127 -5.80 8.08 4.55
CA ASN A 127 -4.53 8.58 4.06
C ASN A 127 -3.74 9.21 5.20
N HIS A 128 -2.55 8.71 5.43
CA HIS A 128 -1.71 9.25 6.48
C HIS A 128 -0.26 9.20 6.09
N THR A 129 0.31 10.34 5.80
CA THR A 129 1.69 10.42 5.44
C THR A 129 2.51 10.94 6.61
N GLY A 130 3.27 10.05 7.22
CA GLY A 130 4.09 10.46 8.30
C GLY A 130 3.71 9.84 9.62
N TYR A 131 4.02 8.58 9.79
CA TYR A 131 3.82 7.92 11.07
C TYR A 131 5.13 7.30 11.45
N THR A 132 5.35 7.07 12.72
CA THR A 132 6.60 6.47 13.14
C THR A 132 6.34 5.21 13.96
N GLU A 133 5.62 5.35 15.06
CA GLU A 133 5.23 4.22 15.88
C GLU A 133 3.84 4.44 16.46
N GLY A 134 3.01 3.41 16.43
CA GLY A 134 1.68 3.50 16.98
C GLY A 134 0.64 3.88 15.94
N GLY A 135 1.09 4.00 14.70
CA GLY A 135 0.19 4.38 13.64
C GLY A 135 -0.54 3.20 13.05
N GLU A 136 0.02 2.01 13.25
CA GLU A 136 -0.55 0.76 12.72
C GLU A 136 -1.94 0.50 13.28
N ALA A 137 -2.23 1.10 14.43
CA ALA A 137 -3.48 0.92 15.13
C ALA A 137 -4.64 1.42 14.29
N GLU A 138 -4.44 2.52 13.62
CA GLU A 138 -5.48 3.10 12.81
C GLU A 138 -5.71 2.27 11.56
N LEU A 139 -4.64 1.63 11.08
CA LEU A 139 -4.72 0.79 9.88
C LEU A 139 -5.68 -0.38 10.08
N ILE A 140 -5.52 -1.09 11.20
CA ILE A 140 -6.39 -2.23 11.48
C ILE A 140 -7.81 -1.77 11.76
N LYS A 141 -7.94 -0.64 12.45
CA LYS A 141 -9.24 -0.10 12.78
C LYS A 141 -10.02 0.23 11.50
N LYS A 142 -9.35 0.82 10.52
CA LYS A 142 -9.98 1.14 9.24
C LYS A 142 -10.38 -0.11 8.47
N VAL A 143 -9.53 -1.15 8.51
CA VAL A 143 -9.82 -2.40 7.80
C VAL A 143 -11.10 -3.01 8.30
N ARG A 144 -11.22 -3.06 9.61
CA ARG A 144 -12.38 -3.65 10.22
C ARG A 144 -13.64 -2.85 9.94
N GLU A 145 -13.50 -1.52 9.91
CA GLU A 145 -14.62 -0.64 9.61
C GLU A 145 -15.19 -0.93 8.22
N LEU A 146 -14.32 -1.30 7.29
CA LEU A 146 -14.75 -1.66 5.96
C LEU A 146 -15.64 -2.90 6.00
N VAL A 147 -15.23 -3.87 6.81
CA VAL A 147 -15.95 -5.14 6.94
C VAL A 147 -17.31 -4.97 7.64
N LYS A 148 -17.30 -4.27 8.78
CA LYS A 148 -18.53 -4.08 9.58
C LYS A 148 -19.57 -3.25 8.87
N GLU A 149 -19.12 -2.32 8.04
CA GLU A 149 -20.03 -1.47 7.28
C GLU A 149 -20.66 -2.27 6.12
N GLY A 150 -19.99 -3.34 5.73
CA GLY A 150 -20.50 -4.17 4.65
C GLY A 150 -21.56 -5.14 5.13
N HIS A 151 -22.79 -4.66 5.22
CA HIS A 151 -23.91 -5.50 5.63
C HIS A 151 -24.45 -6.26 4.44
N HIS A 152 -24.49 -7.58 4.55
CA HIS A 152 -24.99 -8.40 3.45
C HIS A 152 -26.52 -8.51 3.48
N HIS A 153 -27.10 -8.22 4.64
CA HIS A 153 -28.55 -8.30 4.83
C HIS A 153 -29.30 -7.37 3.88
N HIS A 154 -28.90 -6.12 3.84
CA HIS A 154 -29.59 -5.13 3.01
C HIS A 154 -28.62 -4.22 2.29
N HIS A 155 -27.33 -4.55 2.36
CA HIS A 155 -26.26 -3.75 1.71
C HIS A 155 -26.17 -2.34 2.29
N HIS A 156 -26.83 -2.15 3.45
CA HIS A 156 -26.86 -0.86 4.16
C HIS A 156 -27.52 0.22 3.30
N ASN A 4 -13.67 -2.31 -10.91
CA ASN A 4 -13.75 -0.99 -10.27
C ASN A 4 -13.24 -1.11 -8.85
N THR A 5 -11.93 -1.14 -8.73
CA THR A 5 -11.28 -1.25 -7.44
C THR A 5 -9.87 -0.69 -7.54
N TYR A 6 -9.76 0.58 -7.87
CA TYR A 6 -8.45 1.22 -8.02
C TYR A 6 -7.94 1.64 -6.67
N ALA A 7 -7.34 2.80 -6.64
CA ALA A 7 -6.78 3.33 -5.44
C ALA A 7 -6.90 4.84 -5.46
N GLN A 8 -7.71 5.36 -6.41
CA GLN A 8 -7.92 6.81 -6.58
C GLN A 8 -6.58 7.55 -6.61
N LEU A 9 -5.78 7.21 -7.58
CA LEU A 9 -4.45 7.75 -7.68
C LEU A 9 -4.30 8.67 -8.89
N PRO A 10 -3.30 9.57 -8.88
CA PRO A 10 -2.98 10.44 -10.02
C PRO A 10 -2.45 9.63 -11.19
N ALA A 11 -2.53 10.17 -12.38
CA ALA A 11 -2.04 9.47 -13.55
C ALA A 11 -0.50 9.49 -13.59
N VAL A 12 0.11 8.58 -12.86
CA VAL A 12 1.56 8.46 -12.81
C VAL A 12 1.97 7.09 -13.32
N SER A 13 2.99 7.06 -14.16
CA SER A 13 3.46 5.81 -14.71
C SER A 13 4.60 5.24 -13.87
N LEU A 14 4.30 4.16 -13.16
CA LEU A 14 5.29 3.49 -12.33
C LEU A 14 5.60 2.12 -12.92
N LYS A 15 6.55 1.43 -12.33
CA LYS A 15 6.90 0.10 -12.78
C LYS A 15 6.47 -0.94 -11.77
N ASN A 16 5.90 -2.02 -12.27
CA ASN A 16 5.48 -3.11 -11.40
C ASN A 16 6.61 -4.12 -11.25
N ILE A 17 6.31 -5.27 -10.64
CA ILE A 17 7.32 -6.30 -10.43
C ILE A 17 7.84 -6.85 -11.75
N GLU A 18 7.08 -6.67 -12.82
CA GLU A 18 7.47 -7.17 -14.13
C GLU A 18 8.37 -6.18 -14.86
N GLY A 19 8.32 -4.92 -14.46
CA GLY A 19 9.06 -3.89 -15.16
C GLY A 19 8.18 -3.22 -16.20
N LYS A 20 6.91 -3.54 -16.13
CA LYS A 20 5.92 -3.02 -17.03
C LYS A 20 5.42 -1.69 -16.51
N THR A 21 5.10 -0.80 -17.41
CA THR A 21 4.58 0.47 -17.03
C THR A 21 3.14 0.30 -16.58
N VAL A 22 2.91 0.61 -15.33
CA VAL A 22 1.62 0.57 -14.76
C VAL A 22 1.23 1.94 -14.32
N GLN A 23 0.10 2.38 -14.74
CA GLN A 23 -0.35 3.67 -14.35
C GLN A 23 -1.13 3.54 -13.09
N THR A 24 -0.83 4.38 -12.14
CA THR A 24 -1.44 4.32 -10.85
C THR A 24 -2.93 4.64 -10.89
N ASN A 25 -3.32 5.45 -11.85
CA ASN A 25 -4.71 5.82 -12.01
C ASN A 25 -5.57 4.59 -12.38
N LYS A 26 -4.98 3.67 -13.16
CA LYS A 26 -5.70 2.47 -13.63
C LYS A 26 -5.42 1.23 -12.78
N LEU A 27 -4.68 1.39 -11.71
CA LEU A 27 -4.34 0.25 -10.86
C LEU A 27 -5.52 -0.21 -10.06
N GLU A 28 -5.95 -1.43 -10.32
CA GLU A 28 -7.05 -2.01 -9.59
C GLU A 28 -6.69 -3.41 -9.15
N ASN A 29 -7.32 -3.85 -8.10
CA ASN A 29 -7.03 -5.15 -7.54
C ASN A 29 -7.91 -6.24 -8.16
N ALA A 30 -9.15 -6.35 -7.66
CA ALA A 30 -10.09 -7.41 -8.09
C ALA A 30 -11.35 -7.39 -7.22
N GLY A 31 -11.74 -6.22 -6.76
CA GLY A 31 -12.90 -6.13 -5.88
C GLY A 31 -12.50 -6.07 -4.42
N LYS A 32 -11.25 -6.40 -4.16
CA LYS A 32 -10.71 -6.39 -2.81
C LYS A 32 -9.90 -5.12 -2.58
N PRO A 33 -9.97 -4.55 -1.37
CA PRO A 33 -9.31 -3.31 -1.03
C PRO A 33 -7.79 -3.46 -0.92
N MET A 34 -7.08 -2.32 -0.92
CA MET A 34 -5.61 -2.34 -0.92
C MET A 34 -5.05 -1.28 0.01
N ILE A 35 -3.79 -1.45 0.40
CA ILE A 35 -3.10 -0.50 1.24
C ILE A 35 -1.76 -0.16 0.60
N ILE A 36 -1.51 1.10 0.39
CA ILE A 36 -0.26 1.53 -0.20
C ILE A 36 0.71 1.95 0.89
N SER A 37 1.90 1.38 0.87
CA SER A 37 2.91 1.71 1.84
C SER A 37 4.10 2.38 1.16
N PHE A 38 4.41 3.60 1.60
CA PHE A 38 5.55 4.33 1.05
C PHE A 38 6.74 4.15 1.95
N PHE A 39 7.78 3.50 1.43
CA PHE A 39 8.95 3.22 2.24
C PHE A 39 10.24 3.52 1.48
N ALA A 40 11.32 3.63 2.24
CA ALA A 40 12.63 3.93 1.68
C ALA A 40 13.41 2.65 1.37
N THR A 41 14.44 2.80 0.55
CA THR A 41 15.27 1.67 0.14
C THR A 41 16.06 1.07 1.31
N ASN A 42 16.60 1.93 2.17
CA ASN A 42 17.34 1.48 3.32
C ASN A 42 16.47 1.59 4.53
N CYS A 43 15.70 0.55 4.76
CA CYS A 43 14.79 0.50 5.87
C CYS A 43 15.52 0.44 7.21
N LYS A 44 15.24 1.42 8.05
CA LYS A 44 15.83 1.50 9.38
C LYS A 44 14.84 1.06 10.51
N PRO A 45 13.50 1.37 10.41
CA PRO A 45 12.54 0.98 11.44
C PRO A 45 12.05 -0.44 11.23
N CYS A 46 12.74 -1.15 10.32
CA CYS A 46 12.40 -2.52 9.94
C CYS A 46 11.01 -2.57 9.32
N LEU A 47 10.52 -1.39 8.92
CA LEU A 47 9.21 -1.22 8.30
C LEU A 47 8.11 -1.77 9.22
N ARG A 48 7.66 -0.94 10.14
CA ARG A 48 6.67 -1.34 11.15
C ARG A 48 5.38 -1.82 10.51
N GLU A 49 4.86 -1.05 9.59
CA GLU A 49 3.60 -1.36 8.97
C GLU A 49 3.69 -2.60 8.09
N LEU A 50 4.65 -2.60 7.19
CA LEU A 50 4.78 -3.66 6.22
C LEU A 50 5.08 -5.00 6.91
N LYS A 51 5.96 -4.96 7.91
CA LYS A 51 6.32 -6.15 8.67
C LYS A 51 5.13 -6.67 9.49
N ALA A 52 4.49 -5.77 10.25
CA ALA A 52 3.40 -6.15 11.13
C ALA A 52 2.23 -6.72 10.34
N ILE A 53 1.91 -6.07 9.24
CA ILE A 53 0.83 -6.53 8.41
C ILE A 53 1.13 -7.90 7.82
N GLN A 54 2.36 -8.10 7.37
CA GLN A 54 2.74 -9.39 6.79
C GLN A 54 2.56 -10.52 7.82
N GLU A 55 2.92 -10.26 9.07
CA GLU A 55 2.80 -11.25 10.13
C GLU A 55 1.34 -11.60 10.42
N VAL A 56 0.46 -10.60 10.37
CA VAL A 56 -0.97 -10.83 10.64
C VAL A 56 -1.80 -10.77 9.36
N TYR A 57 -1.12 -10.93 8.23
CA TYR A 57 -1.72 -10.85 6.91
C TYR A 57 -2.84 -11.87 6.76
N ALA A 58 -2.64 -13.06 7.28
CA ALA A 58 -3.67 -14.10 7.22
C ALA A 58 -4.94 -13.65 7.95
N ASP A 59 -4.75 -12.94 9.05
CA ASP A 59 -5.87 -12.43 9.84
C ASP A 59 -6.68 -11.42 9.05
N TRP A 60 -5.98 -10.56 8.30
CA TRP A 60 -6.65 -9.55 7.49
C TRP A 60 -7.29 -10.20 6.26
N GLN A 61 -6.56 -11.12 5.63
CA GLN A 61 -7.02 -11.84 4.45
C GLN A 61 -8.12 -12.83 4.79
N ASP A 62 -8.35 -13.03 6.07
CA ASP A 62 -9.37 -13.95 6.55
C ASP A 62 -10.71 -13.64 5.90
N GLU A 63 -11.12 -12.39 5.93
CA GLU A 63 -12.37 -12.02 5.31
C GLU A 63 -12.27 -10.74 4.51
N THR A 64 -11.49 -9.79 4.97
CA THR A 64 -11.33 -8.53 4.27
C THR A 64 -10.64 -8.74 2.92
N GLY A 65 -9.60 -9.56 2.92
CA GLY A 65 -8.82 -9.78 1.70
C GLY A 65 -8.14 -8.51 1.19
N VAL A 66 -7.59 -7.73 2.10
CA VAL A 66 -6.94 -6.46 1.76
C VAL A 66 -5.44 -6.65 1.47
N ARG A 67 -5.01 -6.35 0.25
CA ARG A 67 -3.60 -6.55 -0.11
C ARG A 67 -2.79 -5.28 0.07
N LEU A 68 -1.47 -5.45 0.10
CA LEU A 68 -0.56 -4.34 0.27
C LEU A 68 0.14 -4.02 -1.04
N ILE A 69 0.43 -2.76 -1.21
CA ILE A 69 1.20 -2.30 -2.34
C ILE A 69 2.44 -1.58 -1.82
N ALA A 70 3.59 -2.18 -2.04
CA ALA A 70 4.83 -1.65 -1.55
C ALA A 70 5.49 -0.78 -2.60
N VAL A 71 5.53 0.51 -2.38
CA VAL A 71 6.11 1.40 -3.36
C VAL A 71 7.35 2.11 -2.82
N SER A 72 8.45 1.95 -3.53
CA SER A 72 9.67 2.60 -3.15
C SER A 72 9.65 4.03 -3.61
N ILE A 73 10.01 4.91 -2.67
CA ILE A 73 10.01 6.34 -2.85
C ILE A 73 11.23 6.84 -3.62
N ASP A 74 12.22 5.99 -3.74
CA ASP A 74 13.42 6.35 -4.46
C ASP A 74 13.23 6.04 -5.93
N GLU A 75 14.25 6.26 -6.74
CA GLU A 75 14.16 6.00 -8.15
C GLU A 75 14.71 4.63 -8.50
N GLY A 76 14.61 4.25 -9.79
CA GLY A 76 15.01 2.92 -10.23
C GLY A 76 16.45 2.56 -9.92
N GLN A 77 17.32 3.55 -9.95
CA GLN A 77 18.75 3.33 -9.63
C GLN A 77 18.93 2.72 -8.24
N ASN A 78 18.29 3.30 -7.27
CA ASN A 78 18.42 2.85 -5.89
C ASN A 78 17.38 1.80 -5.55
N ALA A 79 16.18 1.98 -6.08
CA ALA A 79 15.06 1.13 -5.77
C ALA A 79 15.10 -0.24 -6.46
N GLN A 80 16.08 -0.47 -7.30
CA GLN A 80 16.20 -1.78 -7.95
C GLN A 80 16.45 -2.89 -6.90
N LYS A 81 16.80 -2.48 -5.68
CA LYS A 81 17.02 -3.40 -4.57
C LYS A 81 15.71 -3.74 -3.83
N VAL A 82 14.64 -3.06 -4.19
CA VAL A 82 13.33 -3.27 -3.54
C VAL A 82 12.78 -4.64 -3.85
N LYS A 83 12.84 -5.00 -5.10
CA LYS A 83 12.30 -6.24 -5.56
C LYS A 83 13.06 -7.48 -5.02
N PRO A 84 14.42 -7.47 -4.95
CA PRO A 84 15.16 -8.56 -4.31
C PRO A 84 14.78 -8.65 -2.83
N LEU A 85 14.44 -7.50 -2.22
CA LEU A 85 13.92 -7.50 -0.86
C LEU A 85 12.60 -8.23 -0.82
N ALA A 86 11.80 -7.95 -1.84
CA ALA A 86 10.48 -8.55 -1.98
C ALA A 86 10.57 -10.06 -2.02
N ASP A 87 11.47 -10.57 -2.82
CA ASP A 87 11.66 -12.01 -2.95
C ASP A 87 12.38 -12.59 -1.75
N GLY A 88 13.44 -11.92 -1.33
CA GLY A 88 14.25 -12.40 -0.22
C GLY A 88 13.50 -12.43 1.08
N ASN A 89 12.81 -11.36 1.41
CA ASN A 89 12.04 -11.28 2.64
C ASN A 89 10.78 -12.12 2.57
N GLY A 90 10.18 -12.17 1.38
CA GLY A 90 8.96 -12.92 1.20
C GLY A 90 7.73 -12.03 1.28
N TRP A 91 7.75 -10.93 0.55
CA TRP A 91 6.63 -10.01 0.53
C TRP A 91 5.52 -10.56 -0.35
N GLU A 92 4.44 -10.97 0.28
CA GLU A 92 3.32 -11.62 -0.38
C GLU A 92 2.34 -10.58 -0.96
N TYR A 93 2.87 -9.53 -1.55
CA TYR A 93 2.03 -8.46 -2.10
C TYR A 93 2.72 -7.75 -3.25
N GLU A 94 2.04 -6.75 -3.80
CA GLU A 94 2.52 -6.03 -4.95
C GLU A 94 3.67 -5.11 -4.59
N VAL A 95 4.65 -5.05 -5.47
CA VAL A 95 5.80 -4.19 -5.27
C VAL A 95 5.92 -3.26 -6.47
N LEU A 96 6.05 -1.98 -6.19
CA LEU A 96 6.13 -0.96 -7.22
C LEU A 96 7.44 -0.21 -7.15
N LEU A 97 8.01 -0.01 -8.29
CA LEU A 97 9.26 0.68 -8.43
C LEU A 97 9.03 2.08 -9.00
N ASP A 98 9.14 3.12 -8.17
CA ASP A 98 9.01 4.45 -8.74
C ASP A 98 10.36 4.93 -9.25
N SER A 99 10.37 5.54 -10.41
CA SER A 99 11.59 6.08 -10.98
C SER A 99 11.42 7.57 -11.25
N ASN A 100 10.24 8.06 -10.92
CA ASN A 100 9.89 9.45 -11.14
C ASN A 100 10.14 10.26 -9.89
N GLY A 101 9.45 9.88 -8.81
CA GLY A 101 9.56 10.57 -7.54
C GLY A 101 8.40 11.54 -7.33
N ASP A 102 7.64 11.79 -8.39
CA ASP A 102 6.53 12.74 -8.31
C ASP A 102 5.29 12.13 -7.66
N PHE A 103 5.17 10.80 -7.70
CA PHE A 103 4.02 10.12 -7.09
C PHE A 103 3.99 10.38 -5.58
N LYS A 104 5.15 10.30 -4.94
CA LYS A 104 5.26 10.60 -3.51
C LYS A 104 4.83 12.05 -3.25
N ARG A 105 5.27 12.95 -4.12
CA ARG A 105 4.90 14.36 -4.01
C ARG A 105 3.42 14.56 -4.23
N ALA A 106 2.86 13.79 -5.15
CA ALA A 106 1.43 13.83 -5.44
C ALA A 106 0.61 13.51 -4.20
N MET A 107 1.13 12.60 -3.39
CA MET A 107 0.47 12.23 -2.15
C MET A 107 0.93 13.09 -0.97
N ASN A 108 1.97 13.88 -1.20
CA ASN A 108 2.52 14.81 -0.19
C ASN A 108 3.06 14.04 1.01
N VAL A 109 4.03 13.18 0.75
CA VAL A 109 4.64 12.40 1.80
C VAL A 109 5.62 13.27 2.61
N SER A 110 5.14 13.85 3.70
CA SER A 110 5.97 14.68 4.56
C SER A 110 6.84 13.82 5.46
N LEU A 111 6.20 12.99 6.26
CA LEU A 111 6.89 12.12 7.17
C LEU A 111 6.75 10.68 6.73
N ILE A 112 7.82 9.94 6.81
CA ILE A 112 7.79 8.54 6.46
C ILE A 112 7.70 7.73 7.74
N PRO A 113 7.14 6.52 7.69
CA PRO A 113 6.56 5.93 6.46
C PRO A 113 5.13 6.42 6.20
N ALA A 114 4.70 6.41 4.95
CA ALA A 114 3.35 6.89 4.63
C ALA A 114 2.40 5.74 4.33
N VAL A 115 1.18 5.85 4.83
CA VAL A 115 0.18 4.82 4.67
C VAL A 115 -1.11 5.35 4.08
N PHE A 116 -1.60 4.69 3.04
CA PHE A 116 -2.86 5.03 2.42
C PHE A 116 -3.70 3.77 2.28
N ILE A 117 -4.92 3.79 2.78
CA ILE A 117 -5.80 2.63 2.72
C ILE A 117 -6.89 2.86 1.70
N VAL A 118 -7.10 1.88 0.85
CA VAL A 118 -8.08 1.95 -0.21
C VAL A 118 -9.26 1.03 0.07
N ASP A 119 -10.46 1.58 -0.04
CA ASP A 119 -11.71 0.85 0.15
C ASP A 119 -12.00 -0.05 -1.07
N GLY A 120 -12.95 -0.97 -0.92
CA GLY A 120 -13.32 -1.87 -2.02
C GLY A 120 -13.82 -1.11 -3.25
N ASN A 121 -14.31 0.11 -3.02
CA ASN A 121 -14.80 0.97 -4.10
C ASN A 121 -13.59 1.48 -4.93
N GLY A 122 -12.40 1.26 -4.42
CA GLY A 122 -11.21 1.68 -5.11
C GLY A 122 -10.90 3.12 -4.86
N LYS A 123 -11.29 3.60 -3.70
CA LYS A 123 -11.06 4.98 -3.35
C LYS A 123 -10.23 5.04 -2.08
N ILE A 124 -9.50 6.13 -1.90
CA ILE A 124 -8.66 6.31 -0.71
C ILE A 124 -9.53 6.67 0.49
N VAL A 125 -9.52 5.82 1.49
CA VAL A 125 -10.35 6.02 2.68
C VAL A 125 -9.50 6.46 3.88
N TYR A 126 -8.21 6.19 3.82
CA TYR A 126 -7.30 6.55 4.90
C TYR A 126 -6.02 7.12 4.33
N ASN A 127 -5.66 8.29 4.78
CA ASN A 127 -4.43 8.92 4.34
C ASN A 127 -3.67 9.50 5.54
N HIS A 128 -2.51 8.95 5.80
CA HIS A 128 -1.69 9.43 6.90
C HIS A 128 -0.22 9.30 6.54
N THR A 129 0.46 10.41 6.46
CA THR A 129 1.86 10.40 6.11
C THR A 129 2.73 10.44 7.37
N GLY A 130 3.33 9.31 7.70
CA GLY A 130 4.22 9.23 8.85
C GLY A 130 3.50 8.92 10.14
N TYR A 131 3.00 7.69 10.26
CA TYR A 131 2.33 7.27 11.49
C TYR A 131 3.34 7.23 12.65
N THR A 132 4.51 6.65 12.37
CA THR A 132 5.61 6.50 13.31
C THR A 132 5.16 5.93 14.67
N GLU A 133 5.11 4.58 14.74
CA GLU A 133 4.67 3.82 15.92
C GLU A 133 3.18 4.00 16.22
N GLY A 134 2.50 2.89 16.42
CA GLY A 134 1.08 2.93 16.73
C GLY A 134 0.24 3.09 15.49
N GLY A 135 0.91 3.12 14.36
CA GLY A 135 0.24 3.27 13.10
C GLY A 135 -0.54 2.04 12.71
N GLU A 136 0.07 0.87 12.94
CA GLU A 136 -0.53 -0.40 12.58
C GLU A 136 -1.87 -0.60 13.27
N ALA A 137 -2.04 0.07 14.40
CA ALA A 137 -3.26 -0.02 15.16
C ALA A 137 -4.42 0.53 14.34
N GLU A 138 -4.17 1.66 13.70
CA GLU A 138 -5.17 2.31 12.89
C GLU A 138 -5.41 1.55 11.61
N LEU A 139 -4.37 0.87 11.10
CA LEU A 139 -4.51 0.08 9.87
C LEU A 139 -5.56 -1.00 10.03
N ILE A 140 -5.46 -1.78 11.10
CA ILE A 140 -6.41 -2.86 11.34
C ILE A 140 -7.78 -2.29 11.71
N LYS A 141 -7.77 -1.19 12.45
CA LYS A 141 -8.98 -0.54 12.88
C LYS A 141 -9.78 -0.06 11.66
N LYS A 142 -9.08 0.55 10.70
CA LYS A 142 -9.73 1.04 9.49
C LYS A 142 -10.25 -0.14 8.66
N VAL A 143 -9.56 -1.27 8.75
CA VAL A 143 -9.99 -2.49 8.08
C VAL A 143 -11.39 -2.88 8.59
N ARG A 144 -11.56 -2.80 9.90
CA ARG A 144 -12.84 -3.08 10.53
C ARG A 144 -13.89 -2.04 10.13
N GLU A 145 -13.43 -0.82 9.83
CA GLU A 145 -14.33 0.23 9.36
C GLU A 145 -14.95 -0.15 8.01
N LEU A 146 -14.21 -0.92 7.22
CA LEU A 146 -14.70 -1.38 5.92
C LEU A 146 -15.70 -2.53 6.11
N VAL A 147 -15.69 -3.12 7.30
CA VAL A 147 -16.59 -4.21 7.67
C VAL A 147 -17.79 -3.66 8.48
N LYS A 148 -17.82 -2.34 8.62
CA LYS A 148 -18.76 -1.65 9.50
C LYS A 148 -20.24 -1.93 9.17
N GLU A 149 -20.57 -2.00 7.89
CA GLU A 149 -21.94 -2.27 7.49
C GLU A 149 -22.22 -3.76 7.39
N GLY A 150 -21.16 -4.54 7.43
CA GLY A 150 -21.28 -5.97 7.29
C GLY A 150 -21.70 -6.66 8.58
N HIS A 151 -21.29 -7.91 8.74
CA HIS A 151 -21.64 -8.72 9.92
C HIS A 151 -20.86 -8.31 11.18
N HIS A 152 -20.73 -7.00 11.39
CA HIS A 152 -19.98 -6.45 12.54
C HIS A 152 -20.53 -6.95 13.88
N HIS A 153 -21.83 -6.93 14.04
CA HIS A 153 -22.46 -7.37 15.28
C HIS A 153 -22.84 -8.85 15.22
N HIS A 154 -23.14 -9.32 14.03
CA HIS A 154 -23.55 -10.70 13.79
C HIS A 154 -23.75 -10.91 12.30
N HIS A 155 -24.72 -10.19 11.76
CA HIS A 155 -25.04 -10.20 10.34
C HIS A 155 -26.18 -9.25 10.08
N HIS A 156 -27.34 -9.60 10.57
CA HIS A 156 -28.53 -8.78 10.46
C HIS A 156 -29.20 -8.67 11.81
#